data_7E8E
#
_entry.id   7E8E
#
_cell.length_a   1.00
_cell.length_b   1.00
_cell.length_c   1.00
_cell.angle_alpha   90.00
_cell.angle_beta   90.00
_cell.angle_gamma   90.00
#
_symmetry.space_group_name_H-M   'P 1'
#
loop_
_entity.id
_entity.type
_entity.pdbx_description
1 polymer 'Kv channel-interacting protein 1'
2 polymer 'Potassium voltage-gated channel subfamily D member 2'
3 polymer 'Dipeptidyl aminopeptidase-like protein 6'
4 polymer 'Kv channel-interacting protein 1'
5 polymer 'Dipeptidyl aminopeptidase-like protein 6'
#
loop_
_entity_poly.entity_id
_entity_poly.type
_entity_poly.pdbx_seq_one_letter_code
_entity_poly.pdbx_strand_id
1 'polypeptide(L)'
;PEGLEQLEAQTNFTKRELQVLYRGFKNECPSGVVNEDTFKQIYAQFFPHGDASTYAHYLFNAFDTTQTGSVKFEDFVTAL
SILLRGTVHEKLRWTFNLYDINKDGYINKEEMMDIVKAIYDMMGKYTYPVLKEDTPRQHVDVFFQKMDKNKDGIVTLDEF
LESCQEDDNIMRSLQLFQNVM
;
G,E
2 'polypeptide(L)'
;AAGVAAWLPFARAAAIGWMPVASGPMPAPPRQERKRTQDALIVLNVSGTRFQTWQDTLERYPDTLLGSSERDFFYHPETQ
QYFFDRDPDIFRHILNFYRTGKLHYPRHECISAYDEELAFFGLIPEIIGDCCYEEYKDRRRENAERLQDDADTDTAGESA
LPTMTARQRVWRAFENPHTSTMALVFYYVTGFFIAVSVIANVVETVPCGSSPGHIKELPCGERYAVAFFCLDTACVMIFT
VEYLLRLAAAPSRYRFVRSVMSIIDVVAILPYYIGLVMTDNEDVSGAFVTLRVFRVFRIFKFSRHSQGLRILGYTLKSCA
SELGFLLFSLTMAIIIFATVMFYAEKGSSASKFTSIPAAFWYTIVTMTTLGYGDMVPKTIAGKIFGSICSLSGVLVIALP
VPVIVSNFSRIYHQNQRADKRRAQKKARLARIRAAKSGSANAYMQSKRSGLLSNQLQSSEDEQAFVSKSGSSFETQHHHL
LHCLEKTTNHEFVD
;
C,D,A,B
3 'polypeptide(L)' AAAAKGIAIALLVILVICSLIVTSVILLTPA K,I
4 'polypeptide(L)'
;EGLEQLEAQTNFTKRELQVLYRGFKNECPSGVVNEDTFKQIYAQFFPHGDASTYAHYLFNAFDTTQTGSVKFEDFVTALS
ILLRGTVHEKLRWTFNLYDINKDGYINKEEMMDIVKAIYDMMGKYTYPVLKEDTPRQHVDVFFQKMDKNKDGIVTLDEFL
ESCQEDDNIMRSLQLFQNVM
;
H,F
5 'polypeptide(L)' AKGIAIALLVILVICSLIVTSVILLTPA L,J
#
# COMPACT_ATOMS: atom_id res chain seq x y z
N PRO A 1 -12.85 3.60 46.23
CA PRO A 1 -11.89 3.79 45.15
C PRO A 1 -12.34 4.86 44.16
N GLU A 2 -13.14 5.80 44.64
CA GLU A 2 -13.73 6.83 43.78
C GLU A 2 -12.86 8.08 43.67
N GLY A 3 -11.72 8.13 44.36
CA GLY A 3 -10.89 9.30 44.36
C GLY A 3 -11.33 10.39 45.32
N LEU A 4 -12.53 10.28 45.87
CA LEU A 4 -13.00 11.18 46.91
C LEU A 4 -13.55 10.35 48.06
N GLU A 5 -13.95 9.11 47.76
CA GLU A 5 -14.36 8.19 48.81
C GLU A 5 -13.15 7.68 49.58
N GLN A 6 -12.07 7.36 48.88
CA GLN A 6 -10.85 6.88 49.53
C GLN A 6 -9.86 8.03 49.74
N LEU A 7 -10.35 9.05 50.43
CA LEU A 7 -9.51 10.16 50.88
C LEU A 7 -8.87 9.80 52.21
N GLU A 8 -8.40 10.81 52.95
CA GLU A 8 -7.83 10.59 54.28
C GLU A 8 -8.66 9.60 55.09
N ALA A 9 -9.96 9.51 54.83
CA ALA A 9 -10.77 8.44 55.40
C ALA A 9 -10.31 7.11 54.82
N GLN A 10 -9.70 6.28 55.68
CA GLN A 10 -9.24 4.92 55.38
C GLN A 10 -7.99 4.90 54.51
N THR A 11 -7.57 6.06 54.00
CA THR A 11 -6.35 6.17 53.20
C THR A 11 -5.70 7.51 53.54
N ASN A 12 -4.77 7.50 54.49
CA ASN A 12 -4.25 8.75 55.01
C ASN A 12 -3.30 9.46 54.05
N PHE A 13 -3.84 9.86 52.90
CA PHE A 13 -3.14 10.69 51.93
C PHE A 13 -3.99 11.91 51.61
N THR A 14 -3.33 13.02 51.31
CA THR A 14 -4.03 14.15 50.73
C THR A 14 -4.45 13.81 49.31
N LYS A 15 -5.62 14.33 48.91
CA LYS A 15 -6.14 14.01 47.58
C LYS A 15 -5.23 14.51 46.47
N ARG A 16 -4.51 15.61 46.72
CA ARG A 16 -3.57 16.11 45.72
C ARG A 16 -2.47 15.10 45.43
N GLU A 17 -1.95 14.46 46.47
CA GLU A 17 -0.94 13.43 46.27
C GLU A 17 -1.56 12.13 45.75
N LEU A 18 -2.78 11.82 46.21
CA LEU A 18 -3.42 10.58 45.78
C LEU A 18 -3.70 10.58 44.29
N GLN A 19 -4.09 11.74 43.74
CA GLN A 19 -4.29 11.83 42.30
C GLN A 19 -3.00 11.52 41.55
N VAL A 20 -1.87 12.06 42.03
CA VAL A 20 -0.60 11.80 41.37
C VAL A 20 -0.22 10.33 41.49
N LEU A 21 -0.49 9.72 42.65
CA LEU A 21 -0.19 8.30 42.81
C LEU A 21 -0.99 7.45 41.84
N TYR A 22 -2.29 7.76 41.69
CA TYR A 22 -3.10 7.00 40.74
C TYR A 22 -2.62 7.25 39.30
N ARG A 23 -2.28 8.49 38.98
CA ARG A 23 -1.80 8.78 37.63
C ARG A 23 -0.54 7.99 37.32
N GLY A 24 0.39 7.93 38.26
CA GLY A 24 1.58 7.12 38.07
C GLY A 24 1.36 5.63 38.13
N PHE A 25 0.29 5.20 38.78
CA PHE A 25 -0.02 3.78 38.88
C PHE A 25 -0.62 3.26 37.57
N LYS A 26 -1.67 3.90 37.09
CA LYS A 26 -2.29 3.47 35.84
C LYS A 26 -1.37 3.67 34.65
N ASN A 27 -0.42 4.61 34.75
CA ASN A 27 0.53 4.83 33.66
C ASN A 27 1.42 3.63 33.42
N GLU A 28 1.59 2.75 34.40
CA GLU A 28 2.38 1.55 34.25
C GLU A 28 1.54 0.28 34.15
N CYS A 29 0.36 0.28 34.75
CA CYS A 29 -0.58 -0.83 34.64
C CYS A 29 -1.91 -0.27 34.18
N PRO A 30 -2.08 -0.08 32.87
CA PRO A 30 -3.31 0.57 32.38
C PRO A 30 -4.58 -0.15 32.76
N SER A 31 -4.57 -1.48 32.79
CA SER A 31 -5.79 -2.22 33.12
C SER A 31 -6.25 -1.96 34.55
N GLY A 32 -5.38 -1.39 35.39
CA GLY A 32 -5.76 -1.04 36.74
C GLY A 32 -5.59 -2.15 37.76
N VAL A 33 -5.23 -3.36 37.33
CA VAL A 33 -5.01 -4.49 38.23
C VAL A 33 -3.63 -5.05 37.91
N VAL A 34 -2.69 -4.89 38.84
CA VAL A 34 -1.30 -5.30 38.60
C VAL A 34 -1.15 -6.78 38.92
N ASN A 35 -0.53 -7.52 38.00
CA ASN A 35 -0.21 -8.91 38.24
C ASN A 35 1.22 -9.02 38.77
N GLU A 36 1.50 -10.16 39.40
CA GLU A 36 2.82 -10.37 40.00
C GLU A 36 3.92 -10.34 38.97
N ASP A 37 3.63 -10.74 37.72
CA ASP A 37 4.65 -10.70 36.68
C ASP A 37 5.11 -9.27 36.43
N THR A 38 4.17 -8.33 36.34
CA THR A 38 4.52 -6.93 36.22
C THR A 38 5.19 -6.44 37.50
N PHE A 39 4.84 -7.02 38.64
CA PHE A 39 5.35 -6.56 39.93
C PHE A 39 6.85 -6.77 40.06
N LYS A 40 7.44 -7.56 39.17
CA LYS A 40 8.86 -7.91 39.25
C LYS A 40 9.75 -6.87 38.56
N GLN A 41 9.48 -6.59 37.28
CA GLN A 41 10.37 -5.71 36.52
C GLN A 41 10.17 -4.24 36.85
N ILE A 42 9.00 -3.88 37.40
CA ILE A 42 8.81 -2.50 37.85
C ILE A 42 9.67 -2.22 39.07
N TYR A 43 10.17 -3.25 39.72
CA TYR A 43 10.93 -3.14 40.96
C TYR A 43 12.40 -3.41 40.74
N ALA A 44 12.72 -4.47 39.99
CA ALA A 44 14.11 -4.87 39.81
C ALA A 44 14.93 -3.80 39.11
N GLN A 45 14.27 -2.98 38.29
CA GLN A 45 14.97 -1.91 37.58
C GLN A 45 15.34 -0.74 38.50
N PHE A 46 14.90 -0.76 39.76
CA PHE A 46 15.47 0.17 40.73
C PHE A 46 16.91 -0.16 41.05
N PHE A 47 17.25 -1.45 41.12
CA PHE A 47 18.59 -1.86 41.53
C PHE A 47 19.38 -2.36 40.32
N PRO A 48 20.36 -1.60 39.82
CA PRO A 48 21.22 -2.12 38.76
C PRO A 48 22.13 -3.26 39.20
N HIS A 49 22.05 -3.69 40.45
CA HIS A 49 22.81 -4.83 40.93
C HIS A 49 21.98 -6.10 40.69
N GLY A 50 22.32 -7.19 41.36
CA GLY A 50 21.64 -8.47 41.17
C GLY A 50 20.13 -8.41 41.25
N ASP A 51 19.46 -9.44 40.73
CA ASP A 51 18.01 -9.40 40.56
C ASP A 51 17.29 -9.36 41.91
N ALA A 52 16.03 -8.93 41.85
CA ALA A 52 15.21 -8.75 43.04
C ALA A 52 13.84 -9.42 42.91
N SER A 53 13.65 -10.27 41.91
CA SER A 53 12.34 -10.91 41.71
C SER A 53 11.96 -11.78 42.90
N THR A 54 12.95 -12.36 43.58
CA THR A 54 12.66 -13.21 44.73
C THR A 54 11.94 -12.43 45.82
N TYR A 55 12.46 -11.25 46.16
CA TYR A 55 11.82 -10.43 47.17
C TYR A 55 10.46 -9.93 46.70
N ALA A 56 10.36 -9.54 45.44
CA ALA A 56 9.10 -9.03 44.92
C ALA A 56 8.01 -10.10 44.94
N HIS A 57 8.37 -11.36 44.71
CA HIS A 57 7.38 -12.43 44.79
C HIS A 57 6.79 -12.51 46.20
N TYR A 58 7.64 -12.42 47.22
CA TYR A 58 7.14 -12.46 48.58
C TYR A 58 6.40 -11.18 48.94
N LEU A 59 6.71 -10.08 48.28
CA LEU A 59 5.96 -8.84 48.49
C LEU A 59 4.55 -8.95 47.91
N PHE A 60 4.41 -9.59 46.75
CA PHE A 60 3.15 -9.57 46.03
C PHE A 60 2.05 -10.28 46.80
N ASN A 61 2.31 -11.52 47.24
CA ASN A 61 1.25 -12.27 47.92
C ASN A 61 0.90 -11.64 49.26
N ALA A 62 1.84 -10.94 49.88
CA ALA A 62 1.51 -10.13 51.04
C ALA A 62 0.61 -8.96 50.67
N PHE A 63 0.89 -8.33 49.53
CA PHE A 63 0.02 -7.29 49.02
C PHE A 63 -1.35 -7.85 48.66
N ASP A 64 -1.38 -9.01 48.02
CA ASP A 64 -2.62 -9.59 47.49
C ASP A 64 -3.19 -10.56 48.52
N THR A 65 -4.18 -10.09 49.27
CA THR A 65 -4.89 -10.96 50.20
C THR A 65 -5.87 -11.84 49.43
N THR A 66 -6.25 -12.95 50.07
CA THR A 66 -7.21 -13.93 49.55
C THR A 66 -6.75 -14.57 48.23
N GLN A 67 -5.48 -14.40 47.86
CA GLN A 67 -4.89 -15.07 46.70
C GLN A 67 -5.69 -14.81 45.43
N THR A 68 -6.00 -13.52 45.19
CA THR A 68 -6.70 -13.16 43.95
C THR A 68 -5.82 -13.34 42.73
N GLY A 69 -4.51 -13.42 42.90
CA GLY A 69 -3.59 -13.51 41.78
C GLY A 69 -3.20 -12.19 41.17
N SER A 70 -3.80 -11.09 41.62
CA SER A 70 -3.46 -9.76 41.14
C SER A 70 -4.06 -8.74 42.10
N VAL A 71 -3.42 -7.57 42.16
CA VAL A 71 -3.75 -6.54 43.14
C VAL A 71 -4.47 -5.40 42.44
N LYS A 72 -5.58 -4.95 43.04
CA LYS A 72 -6.28 -3.77 42.56
C LYS A 72 -5.75 -2.53 43.27
N PHE A 73 -6.19 -1.37 42.80
CA PHE A 73 -5.65 -0.12 43.33
C PHE A 73 -6.01 0.10 44.78
N GLU A 74 -7.19 -0.37 45.22
CA GLU A 74 -7.63 -0.11 46.58
C GLU A 74 -6.69 -0.73 47.62
N ASP A 75 -6.38 -2.02 47.46
CA ASP A 75 -5.46 -2.68 48.38
C ASP A 75 -4.05 -2.10 48.28
N PHE A 76 -3.61 -1.80 47.06
CA PHE A 76 -2.28 -1.22 46.87
C PHE A 76 -2.15 0.09 47.63
N VAL A 77 -3.13 0.98 47.48
CA VAL A 77 -3.03 2.27 48.15
C VAL A 77 -3.23 2.12 49.64
N THR A 78 -4.05 1.15 50.08
CA THR A 78 -4.19 0.92 51.52
C THR A 78 -2.86 0.53 52.14
N ALA A 79 -2.17 -0.44 51.51
CA ALA A 79 -0.88 -0.87 52.05
C ALA A 79 0.15 0.25 51.96
N LEU A 80 0.18 0.97 50.85
CA LEU A 80 1.12 2.07 50.72
C LEU A 80 0.87 3.13 51.79
N SER A 81 -0.41 3.38 52.11
CA SER A 81 -0.73 4.33 53.16
C SER A 81 -0.24 3.86 54.52
N ILE A 82 -0.59 2.63 54.89
CA ILE A 82 -0.23 2.15 56.23
C ILE A 82 1.28 2.06 56.37
N LEU A 83 1.98 1.95 55.24
CA LEU A 83 3.45 1.97 55.32
C LEU A 83 3.99 3.39 55.42
N LEU A 84 3.77 4.19 54.37
CA LEU A 84 4.43 5.48 54.28
C LEU A 84 3.98 6.41 55.39
N ARG A 85 2.67 6.48 55.65
CA ARG A 85 2.15 7.44 56.61
C ARG A 85 1.18 6.76 57.58
N GLY A 86 1.42 5.49 57.86
CA GLY A 86 0.57 4.72 58.74
C GLY A 86 1.00 4.79 60.19
N THR A 87 0.47 3.84 60.98
CA THR A 87 0.77 3.77 62.41
C THR A 87 1.98 2.88 62.65
N VAL A 88 2.82 3.29 63.61
CA VAL A 88 4.02 2.53 63.94
C VAL A 88 3.64 1.13 64.39
N HIS A 89 2.60 1.02 65.23
CA HIS A 89 2.10 -0.30 65.60
C HIS A 89 1.60 -1.06 64.38
N GLU A 90 0.76 -0.41 63.57
CA GLU A 90 0.18 -1.08 62.41
C GLU A 90 1.20 -1.28 61.29
N LYS A 91 2.30 -0.53 61.30
CA LYS A 91 3.32 -0.72 60.27
C LYS A 91 3.92 -2.12 60.35
N LEU A 92 4.16 -2.62 61.56
CA LEU A 92 4.89 -3.86 61.73
C LEU A 92 4.00 -5.09 61.72
N ARG A 93 2.68 -4.93 61.87
CA ARG A 93 1.79 -6.08 61.79
C ARG A 93 1.82 -6.69 60.41
N TRP A 94 1.75 -5.86 59.36
CA TRP A 94 1.77 -6.43 58.03
C TRP A 94 3.10 -7.14 57.84
N THR A 95 4.18 -6.50 58.28
CA THR A 95 5.52 -7.06 58.08
C THR A 95 5.67 -8.40 58.79
N PHE A 96 5.00 -8.55 59.94
CA PHE A 96 4.95 -9.87 60.56
C PHE A 96 4.22 -10.86 59.68
N ASN A 97 3.12 -10.43 59.06
CA ASN A 97 2.45 -11.30 58.09
C ASN A 97 3.36 -11.62 56.91
N LEU A 98 4.18 -10.65 56.50
CA LEU A 98 5.12 -10.84 55.40
C LEU A 98 6.16 -11.90 55.74
N TYR A 99 6.78 -11.76 56.91
CA TYR A 99 7.81 -12.72 57.32
C TYR A 99 7.21 -14.11 57.47
N ASP A 100 5.99 -14.19 57.97
CA ASP A 100 5.30 -15.47 58.06
C ASP A 100 4.98 -15.99 56.66
N ILE A 101 5.34 -17.24 56.41
CA ILE A 101 5.06 -17.89 55.14
C ILE A 101 4.22 -19.16 55.30
N ASN A 102 4.18 -19.74 56.50
CA ASN A 102 3.40 -20.93 56.80
C ASN A 102 1.93 -20.62 57.04
N LYS A 103 1.45 -19.46 56.57
CA LYS A 103 0.07 -19.02 56.70
C LYS A 103 -0.26 -18.63 58.13
N ASP A 104 -0.40 -19.61 59.02
CA ASP A 104 -0.71 -19.31 60.40
C ASP A 104 0.49 -18.60 61.06
N GLY A 105 0.17 -17.68 61.97
CA GLY A 105 1.18 -16.80 62.52
C GLY A 105 2.13 -17.47 63.49
N TYR A 106 2.97 -18.36 62.98
CA TYR A 106 3.92 -19.10 63.80
C TYR A 106 5.31 -19.03 63.17
N ILE A 107 6.32 -19.14 64.02
CA ILE A 107 7.72 -19.04 63.61
C ILE A 107 8.38 -20.39 63.88
N ASN A 108 8.94 -20.99 62.83
CA ASN A 108 9.67 -22.26 62.95
C ASN A 108 11.05 -22.16 62.33
N LYS A 109 11.63 -20.96 62.32
CA LYS A 109 13.02 -20.68 61.97
C LYS A 109 13.33 -20.87 60.50
N GLU A 110 12.37 -21.30 59.67
CA GLU A 110 12.65 -21.52 58.25
C GLU A 110 12.12 -20.41 57.37
N GLU A 111 11.14 -19.63 57.83
CA GLU A 111 10.62 -18.54 57.03
C GLU A 111 11.56 -17.34 56.94
N MET A 112 12.64 -17.32 57.72
CA MET A 112 13.57 -16.20 57.68
C MET A 112 14.79 -16.47 56.81
N MET A 113 15.20 -17.73 56.65
CA MET A 113 16.33 -18.05 55.79
C MET A 113 16.12 -17.53 54.38
N ASP A 114 14.99 -17.89 53.77
CA ASP A 114 14.72 -17.48 52.40
C ASP A 114 14.59 -15.97 52.28
N ILE A 115 13.91 -15.33 53.24
CA ILE A 115 13.70 -13.89 53.15
C ILE A 115 15.02 -13.14 53.26
N VAL A 116 15.87 -13.53 54.22
CA VAL A 116 17.13 -12.83 54.41
C VAL A 116 18.07 -13.11 53.24
N LYS A 117 18.07 -14.33 52.70
CA LYS A 117 18.91 -14.60 51.54
C LYS A 117 18.43 -13.84 50.32
N ALA A 118 17.11 -13.67 50.17
CA ALA A 118 16.60 -12.85 49.07
C ALA A 118 17.00 -11.41 49.24
N ILE A 119 16.94 -10.89 50.46
CA ILE A 119 17.36 -9.52 50.71
C ILE A 119 18.84 -9.36 50.40
N TYR A 120 19.66 -10.34 50.80
CA TYR A 120 21.08 -10.31 50.49
C TYR A 120 21.37 -10.58 49.02
N ASP A 121 20.37 -11.01 48.26
CA ASP A 121 20.58 -11.27 46.84
C ASP A 121 20.68 -10.00 46.00
N MET A 122 20.38 -8.84 46.57
CA MET A 122 20.37 -7.61 45.79
C MET A 122 21.76 -7.24 45.29
N MET A 123 22.76 -7.28 46.18
CA MET A 123 24.07 -6.73 45.84
C MET A 123 24.73 -7.49 44.69
N GLY A 124 24.59 -8.81 44.66
CA GLY A 124 25.09 -9.59 43.52
C GLY A 124 26.55 -10.04 43.73
N LYS A 125 27.46 -9.41 42.99
CA LYS A 125 28.86 -9.82 43.00
C LYS A 125 29.84 -8.70 43.34
N TYR A 126 29.43 -7.43 43.28
CA TYR A 126 30.35 -6.31 43.47
C TYR A 126 30.30 -5.77 44.90
N THR A 127 30.11 -6.64 45.87
CA THR A 127 30.08 -6.27 47.27
C THR A 127 31.50 -6.15 47.81
N TYR A 128 31.70 -5.28 48.82
CA TYR A 128 33.02 -5.12 49.41
C TYR A 128 33.39 -6.35 50.24
N PRO A 129 32.63 -6.75 51.29
CA PRO A 129 32.88 -8.06 51.89
C PRO A 129 32.16 -9.14 51.09
N VAL A 130 32.94 -9.96 50.39
CA VAL A 130 32.35 -10.92 49.45
C VAL A 130 31.46 -11.89 50.19
N LEU A 131 30.23 -12.04 49.70
CA LEU A 131 29.28 -12.95 50.34
C LEU A 131 29.77 -14.38 50.27
N LYS A 132 29.54 -15.12 51.36
CA LYS A 132 29.81 -16.54 51.41
C LYS A 132 28.54 -17.24 51.87
N GLU A 133 28.47 -18.55 51.59
CA GLU A 133 27.25 -19.30 51.88
C GLU A 133 26.88 -19.25 53.36
N ASP A 134 27.87 -19.00 54.22
CA ASP A 134 27.60 -18.91 55.65
C ASP A 134 27.06 -17.53 56.05
N THR A 135 27.32 -16.50 55.24
CA THR A 135 26.85 -15.16 55.60
C THR A 135 25.33 -15.03 55.71
N PRO A 136 24.51 -15.56 54.79
CA PRO A 136 23.06 -15.40 54.97
C PRO A 136 22.54 -16.11 56.21
N ARG A 137 23.00 -17.33 56.47
CA ARG A 137 22.55 -18.02 57.67
C ARG A 137 23.10 -17.35 58.93
N GLN A 138 24.26 -16.71 58.83
CA GLN A 138 24.78 -15.94 59.96
C GLN A 138 23.88 -14.74 60.27
N HIS A 139 23.44 -14.04 59.22
CA HIS A 139 22.51 -12.93 59.44
C HIS A 139 21.16 -13.44 59.93
N VAL A 140 20.74 -14.61 59.47
CA VAL A 140 19.52 -15.23 59.97
C VAL A 140 19.66 -15.54 61.47
N ASP A 141 20.84 -16.00 61.88
CA ASP A 141 21.08 -16.21 63.30
C ASP A 141 21.11 -14.89 64.08
N VAL A 142 21.62 -13.83 63.45
CA VAL A 142 21.56 -12.51 64.08
C VAL A 142 20.12 -12.11 64.32
N PHE A 143 19.24 -12.34 63.34
CA PHE A 143 17.82 -12.09 63.53
C PHE A 143 17.22 -13.03 64.58
N PHE A 144 17.68 -14.28 64.62
CA PHE A 144 17.23 -15.23 65.62
C PHE A 144 17.63 -14.80 67.03
N GLN A 145 18.67 -13.98 67.15
CA GLN A 145 19.08 -13.48 68.46
C GLN A 145 17.96 -12.65 69.08
N LYS A 146 17.28 -11.82 68.30
CA LYS A 146 16.27 -10.92 68.83
C LYS A 146 14.88 -11.54 68.89
N MET A 147 14.67 -12.71 68.29
CA MET A 147 13.38 -13.37 68.43
C MET A 147 13.32 -14.15 69.74
N ASP A 148 12.13 -14.67 70.05
CA ASP A 148 11.89 -15.30 71.35
C ASP A 148 12.76 -16.53 71.56
N LYS A 149 13.67 -16.45 72.52
CA LYS A 149 14.41 -17.64 72.94
C LYS A 149 13.46 -18.69 73.50
N ASN A 150 12.52 -18.27 74.33
CA ASN A 150 11.48 -19.16 74.82
C ASN A 150 10.51 -19.52 73.72
N LYS A 151 9.95 -20.72 73.80
CA LYS A 151 9.00 -21.20 72.81
C LYS A 151 7.59 -21.25 73.39
N THR A 156 7.68 -15.30 67.95
CA THR A 156 6.34 -15.01 68.45
C THR A 156 5.97 -13.56 68.15
N LEU A 157 4.72 -13.34 67.76
CA LEU A 157 4.28 -12.00 67.38
C LEU A 157 4.31 -11.04 68.57
N ASP A 158 3.91 -11.52 69.75
CA ASP A 158 3.80 -10.63 70.90
C ASP A 158 5.18 -10.14 71.34
N GLU A 159 6.16 -11.04 71.44
CA GLU A 159 7.49 -10.64 71.85
C GLU A 159 8.14 -9.73 70.82
N PHE A 160 7.91 -10.00 69.53
CA PHE A 160 8.46 -9.14 68.49
C PHE A 160 7.84 -7.74 68.56
N LEU A 161 6.52 -7.66 68.75
CA LEU A 161 5.84 -6.38 68.85
C LEU A 161 6.23 -5.62 70.11
N GLU A 162 6.59 -6.31 71.18
CA GLU A 162 7.01 -5.66 72.41
C GLU A 162 8.49 -5.34 72.44
N SER A 163 9.30 -5.99 71.61
CA SER A 163 10.74 -5.75 71.60
C SER A 163 11.18 -4.87 70.44
N CYS A 164 10.31 -4.60 69.48
CA CYS A 164 10.67 -3.68 68.41
C CYS A 164 10.92 -2.29 68.96
N GLN A 165 10.14 -1.88 69.98
CA GLN A 165 10.44 -0.61 70.65
C GLN A 165 11.71 -0.70 71.47
N GLU A 166 12.02 -1.89 72.00
CA GLU A 166 13.24 -2.07 72.76
C GLU A 166 14.47 -1.82 71.88
N ASP A 167 14.41 -2.25 70.63
CA ASP A 167 15.47 -1.99 69.66
C ASP A 167 15.17 -0.67 68.97
N ASP A 168 15.89 0.39 69.37
CA ASP A 168 15.62 1.71 68.81
C ASP A 168 15.98 1.80 67.34
N ASN A 169 16.72 0.83 66.80
CA ASN A 169 16.99 0.81 65.38
C ASN A 169 15.69 0.77 64.59
N ILE A 170 14.79 -0.13 64.97
CA ILE A 170 13.46 -0.19 64.35
C ILE A 170 12.73 1.13 64.53
N MET A 171 12.82 1.71 65.74
CA MET A 171 12.03 2.89 66.06
C MET A 171 12.42 4.08 65.20
N ARG A 172 13.72 4.36 65.05
CA ARG A 172 14.02 5.50 64.19
C ARG A 172 14.31 5.10 62.76
N SER A 173 14.15 3.82 62.41
CA SER A 173 14.19 3.45 61.00
C SER A 173 12.79 3.55 60.38
N LEU A 174 11.76 3.18 61.13
CA LEU A 174 10.39 3.35 60.64
C LEU A 174 10.03 4.79 60.40
N GLN A 175 10.67 5.73 61.09
CA GLN A 175 10.33 7.14 60.99
C GLN A 175 11.06 7.85 59.85
N LEU A 176 11.89 7.14 59.09
CA LEU A 176 12.55 7.77 57.95
C LEU A 176 11.55 8.23 56.91
N PHE A 177 10.53 7.41 56.63
CA PHE A 177 9.54 7.73 55.63
C PHE A 177 8.18 8.08 56.21
N GLN A 178 8.00 7.96 57.53
CA GLN A 178 6.72 8.33 58.13
C GLN A 178 6.50 9.83 58.03
N ASN A 179 7.50 10.62 58.41
CA ASN A 179 7.37 12.08 58.33
C ASN A 179 7.42 12.56 56.88
N VAL A 180 8.36 12.04 56.10
CA VAL A 180 8.52 12.47 54.71
C VAL A 180 7.36 11.93 53.88
N MET A 181 6.92 12.72 52.92
CA MET A 181 5.85 12.33 51.99
C MET A 181 4.56 12.03 52.75
N ALA B 1 -31.63 0.98 26.15
CA ALA B 1 -30.37 0.92 26.88
C ALA B 1 -29.83 2.33 27.12
N ALA B 2 -28.71 2.40 27.82
CA ALA B 2 -28.12 3.69 28.16
C ALA B 2 -27.47 4.38 26.97
N GLY B 3 -27.28 3.68 25.85
CA GLY B 3 -26.64 4.28 24.70
C GLY B 3 -27.50 5.26 23.94
N VAL B 4 -28.81 5.28 24.21
CA VAL B 4 -29.73 6.19 23.55
C VAL B 4 -30.45 7.03 24.59
N ALA B 5 -29.75 7.37 25.67
CA ALA B 5 -30.37 8.11 26.76
C ALA B 5 -30.85 9.48 26.32
N ALA B 6 -30.45 9.95 25.14
CA ALA B 6 -30.99 11.21 24.63
C ALA B 6 -32.45 11.10 24.20
N TRP B 7 -33.02 9.89 24.16
CA TRP B 7 -34.36 9.69 23.64
C TRP B 7 -35.34 9.15 24.68
N LEU B 8 -35.14 9.51 25.95
CA LEU B 8 -36.17 9.22 26.94
C LEU B 8 -37.49 9.91 26.67
N PRO B 9 -37.56 11.21 26.31
CA PRO B 9 -38.87 11.82 26.07
C PRO B 9 -39.70 11.08 25.06
N PHE B 10 -39.09 10.55 24.00
CA PHE B 10 -39.78 9.69 23.07
C PHE B 10 -40.59 8.62 23.79
N ALA B 11 -39.91 7.75 24.54
CA ALA B 11 -40.61 6.69 25.26
C ALA B 11 -41.61 7.28 26.25
N ARG B 12 -41.31 8.45 26.81
CA ARG B 12 -42.27 9.11 27.69
C ARG B 12 -43.59 9.30 26.97
N ALA B 13 -43.55 9.86 25.76
CA ALA B 13 -44.76 9.95 24.96
C ALA B 13 -45.35 8.57 24.72
N ALA B 14 -44.49 7.59 24.43
CA ALA B 14 -44.95 6.23 24.23
C ALA B 14 -45.71 5.72 25.45
N ALA B 15 -45.31 6.16 26.65
CA ALA B 15 -46.01 5.74 27.85
C ALA B 15 -47.47 6.14 27.78
N ILE B 16 -47.75 7.38 27.35
CA ILE B 16 -49.10 7.88 27.24
C ILE B 16 -49.96 6.97 26.37
N GLY B 17 -49.32 6.15 25.52
CA GLY B 17 -50.07 5.22 24.70
C GLY B 17 -50.90 4.24 25.51
N TRP B 18 -50.33 3.68 26.58
CA TRP B 18 -51.01 2.63 27.33
C TRP B 18 -51.59 3.11 28.65
N MET B 19 -52.10 4.35 28.69
CA MET B 19 -52.74 4.84 29.91
C MET B 19 -54.15 4.31 30.09
N PRO B 20 -55.06 4.40 29.12
CA PRO B 20 -56.43 3.92 29.37
C PRO B 20 -56.51 2.44 29.66
N VAL B 21 -55.54 1.66 29.23
CA VAL B 21 -55.56 0.22 29.41
C VAL B 21 -54.80 -0.15 30.67
N ALA B 22 -54.49 0.84 31.50
CA ALA B 22 -53.74 0.59 32.72
C ALA B 22 -54.66 0.30 33.88
N SER B 23 -54.13 -0.44 34.87
CA SER B 23 -54.86 -0.76 36.08
C SER B 23 -53.84 -0.95 37.20
N GLY B 24 -53.66 0.08 38.02
CA GLY B 24 -52.69 0.04 39.09
C GLY B 24 -52.58 1.35 39.85
N PRO B 25 -51.51 1.49 40.64
CA PRO B 25 -51.31 2.73 41.40
C PRO B 25 -50.49 3.81 40.71
N MET B 26 -49.86 3.51 39.56
CA MET B 26 -49.03 4.48 38.84
C MET B 26 -47.96 5.05 39.76
N PRO B 27 -46.90 4.29 40.06
CA PRO B 27 -46.03 4.59 41.21
C PRO B 27 -45.27 5.91 41.15
N ALA B 28 -45.54 6.75 40.13
CA ALA B 28 -45.07 8.12 40.06
C ALA B 28 -43.56 8.20 39.79
N PRO B 29 -43.06 9.34 39.31
CA PRO B 29 -41.64 9.45 38.97
C PRO B 29 -40.75 9.30 40.20
N PRO B 30 -39.55 8.75 40.01
CA PRO B 30 -38.60 8.64 41.13
C PRO B 30 -37.84 9.93 41.41
N ARG B 31 -38.39 11.06 40.95
CA ARG B 31 -37.85 12.42 41.08
C ARG B 31 -36.45 12.52 40.47
N GLN B 32 -35.86 13.70 40.54
CA GLN B 32 -34.62 13.96 39.81
C GLN B 32 -33.90 15.15 40.45
N GLU B 33 -32.60 15.26 40.12
CA GLU B 33 -31.85 16.45 40.50
C GLU B 33 -32.19 17.64 39.62
N ARG B 34 -32.45 17.39 38.34
CA ARG B 34 -32.81 18.45 37.41
C ARG B 34 -33.51 17.83 36.21
N LYS B 35 -34.67 18.36 35.86
CA LYS B 35 -35.41 17.88 34.68
C LYS B 35 -35.06 18.69 33.44
N ARG B 36 -33.76 18.85 33.19
CA ARG B 36 -33.28 19.68 32.10
C ARG B 36 -32.03 19.03 31.53
N THR B 37 -31.41 19.72 30.57
CA THR B 37 -30.14 19.29 29.99
C THR B 37 -29.20 20.48 29.90
N GLN B 38 -29.06 21.23 30.99
CA GLN B 38 -28.14 22.36 31.04
C GLN B 38 -26.73 21.95 31.38
N ASP B 39 -26.47 20.65 31.56
CA ASP B 39 -25.13 20.17 31.87
C ASP B 39 -24.15 20.67 30.82
N ALA B 40 -23.25 21.56 31.24
CA ALA B 40 -22.40 22.26 30.30
C ALA B 40 -21.28 21.36 29.79
N LEU B 41 -20.69 21.78 28.68
CA LEU B 41 -19.51 21.11 28.15
C LEU B 41 -18.40 21.14 29.18
N ILE B 42 -17.76 19.98 29.39
CA ILE B 42 -16.68 19.84 30.35
C ILE B 42 -15.38 19.73 29.60
N VAL B 43 -14.49 20.72 29.80
CA VAL B 43 -13.23 20.77 29.08
C VAL B 43 -12.35 19.67 29.64
N LEU B 44 -12.22 18.57 28.90
CA LEU B 44 -11.27 17.52 29.24
C LEU B 44 -10.09 17.63 28.31
N ASN B 45 -8.90 17.68 28.88
CA ASN B 45 -7.68 17.96 28.16
C ASN B 45 -6.87 16.68 28.00
N VAL B 46 -6.20 16.56 26.85
CA VAL B 46 -5.30 15.45 26.59
C VAL B 46 -3.97 16.05 26.11
N SER B 47 -2.96 16.01 26.97
CA SER B 47 -1.60 16.43 26.65
C SER B 47 -1.58 17.77 25.90
N GLY B 48 -2.48 18.66 26.25
CA GLY B 48 -2.47 20.00 25.71
C GLY B 48 -3.51 20.32 24.66
N THR B 49 -4.40 19.39 24.35
CA THR B 49 -5.48 19.65 23.40
C THR B 49 -6.81 19.46 24.12
N ARG B 50 -7.69 20.45 24.02
CA ARG B 50 -8.94 20.43 24.76
C ARG B 50 -10.04 19.79 23.92
N PHE B 51 -10.65 18.73 24.42
CA PHE B 51 -11.70 18.02 23.72
C PHE B 51 -12.99 18.22 24.51
N GLN B 52 -13.69 19.31 24.20
CA GLN B 52 -14.92 19.63 24.90
C GLN B 52 -16.02 18.67 24.50
N THR B 53 -16.80 18.24 25.48
CA THR B 53 -17.92 17.34 25.22
C THR B 53 -18.89 17.45 26.39
N TRP B 54 -20.08 16.92 26.19
CA TRP B 54 -21.18 17.07 27.13
C TRP B 54 -21.16 15.94 28.15
N GLN B 55 -21.58 16.27 29.37
CA GLN B 55 -21.53 15.31 30.47
C GLN B 55 -22.37 14.08 30.16
N ASP B 56 -23.61 14.29 29.72
CA ASP B 56 -24.52 13.19 29.46
C ASP B 56 -23.93 12.18 28.50
N THR B 57 -23.18 12.65 27.49
CA THR B 57 -22.52 11.73 26.58
C THR B 57 -21.51 10.87 27.33
N LEU B 58 -20.77 11.47 28.27
CA LEU B 58 -19.75 10.71 28.98
C LEU B 58 -20.38 9.65 29.90
N GLU B 59 -21.41 10.02 30.65
CA GLU B 59 -22.06 8.97 31.43
C GLU B 59 -23.09 8.18 30.64
N ARG B 60 -23.11 8.31 29.31
CA ARG B 60 -23.91 7.39 28.51
C ARG B 60 -23.44 5.95 28.69
N TYR B 61 -22.12 5.74 28.64
CA TYR B 61 -21.54 4.42 28.87
C TYR B 61 -20.84 4.41 30.22
N PRO B 62 -21.35 3.72 31.22
CA PRO B 62 -20.79 3.83 32.57
C PRO B 62 -19.46 3.13 32.77
N ASP B 63 -19.33 1.91 32.25
CA ASP B 63 -18.23 1.04 32.65
C ASP B 63 -16.87 1.51 32.17
N THR B 64 -16.82 2.43 31.21
CA THR B 64 -15.55 2.92 30.72
C THR B 64 -14.92 3.88 31.72
N LEU B 65 -13.65 4.21 31.49
CA LEU B 65 -12.95 5.12 32.40
C LEU B 65 -13.59 6.50 32.43
N LEU B 66 -13.91 7.04 31.26
CA LEU B 66 -14.51 8.37 31.23
C LEU B 66 -15.89 8.37 31.85
N GLY B 67 -16.59 7.24 31.78
CA GLY B 67 -17.80 7.06 32.53
C GLY B 67 -17.50 6.65 33.97
N SER B 68 -18.57 6.44 34.72
CA SER B 68 -18.47 6.05 36.15
C SER B 68 -17.74 7.17 36.90
N SER B 69 -16.98 6.81 37.93
CA SER B 69 -16.36 7.78 38.80
C SER B 69 -14.85 7.80 38.74
N GLU B 70 -14.22 6.82 38.10
CA GLU B 70 -12.77 6.76 38.11
C GLU B 70 -12.11 7.89 37.34
N ARG B 71 -12.88 8.84 36.81
CA ARG B 71 -12.28 10.02 36.21
C ARG B 71 -11.91 11.08 37.24
N ASP B 72 -12.33 10.90 38.49
CA ASP B 72 -12.05 11.92 39.50
C ASP B 72 -10.57 12.08 39.76
N PHE B 73 -9.80 10.99 39.65
CA PHE B 73 -8.36 11.09 39.85
C PHE B 73 -7.73 12.03 38.83
N PHE B 74 -8.21 12.00 37.59
CA PHE B 74 -7.70 12.88 36.56
C PHE B 74 -8.29 14.28 36.63
N TYR B 75 -9.26 14.51 37.50
CA TYR B 75 -9.83 15.83 37.65
C TYR B 75 -8.77 16.79 38.19
N HIS B 76 -8.84 18.05 37.76
CA HIS B 76 -7.84 19.05 38.09
C HIS B 76 -8.56 20.26 38.67
N PRO B 77 -8.91 20.21 39.96
CA PRO B 77 -9.79 21.24 40.53
C PRO B 77 -9.20 22.64 40.50
N GLU B 78 -7.87 22.77 40.63
CA GLU B 78 -7.28 24.11 40.71
C GLU B 78 -7.41 24.89 39.42
N THR B 79 -7.81 24.25 38.32
CA THR B 79 -8.17 24.97 37.11
C THR B 79 -9.47 24.49 36.50
N GLN B 80 -10.15 23.53 37.14
CA GLN B 80 -11.52 23.14 36.78
C GLN B 80 -11.61 22.62 35.35
N GLN B 81 -10.82 21.59 35.06
CA GLN B 81 -10.88 20.93 33.76
C GLN B 81 -10.13 19.61 33.85
N TYR B 82 -10.74 18.54 33.33
CA TYR B 82 -10.09 17.24 33.36
C TYR B 82 -8.78 17.26 32.60
N PHE B 83 -7.79 16.53 33.09
CA PHE B 83 -6.51 16.42 32.40
C PHE B 83 -6.14 14.95 32.25
N PHE B 84 -5.70 14.59 31.05
CA PHE B 84 -5.17 13.28 30.75
C PHE B 84 -3.80 13.44 30.11
N ASP B 85 -2.93 12.47 30.33
CA ASP B 85 -1.56 12.52 29.83
C ASP B 85 -1.38 11.71 28.56
N ARG B 86 -2.46 11.27 27.94
CA ARG B 86 -2.41 10.32 26.83
C ARG B 86 -2.11 11.05 25.52
N ASP B 87 -2.30 10.36 24.42
CA ASP B 87 -2.05 10.81 23.05
C ASP B 87 -3.31 11.46 22.50
N PRO B 88 -3.24 12.67 21.94
CA PRO B 88 -4.47 13.32 21.44
C PRO B 88 -5.14 12.58 20.30
N ASP B 89 -4.41 12.30 19.22
CA ASP B 89 -5.03 11.71 18.03
C ASP B 89 -5.65 10.35 18.35
N ILE B 90 -5.00 9.56 19.20
CA ILE B 90 -5.60 8.30 19.61
C ILE B 90 -6.88 8.55 20.38
N PHE B 91 -6.83 9.48 21.34
CA PHE B 91 -7.98 9.71 22.20
C PHE B 91 -9.18 10.24 21.44
N ARG B 92 -8.96 10.83 20.26
CA ARG B 92 -10.09 11.33 19.47
C ARG B 92 -11.06 10.21 19.13
N HIS B 93 -10.54 9.02 18.80
CA HIS B 93 -11.41 7.90 18.46
C HIS B 93 -12.22 7.43 19.67
N ILE B 94 -11.60 7.40 20.85
CA ILE B 94 -12.36 7.05 22.04
C ILE B 94 -13.46 8.07 22.28
N LEU B 95 -13.16 9.35 22.04
CA LEU B 95 -14.20 10.36 22.15
C LEU B 95 -15.34 10.08 21.18
N ASN B 96 -15.01 9.73 19.94
CA ASN B 96 -16.03 9.41 18.94
C ASN B 96 -16.87 8.22 19.37
N PHE B 97 -16.29 7.28 20.11
CA PHE B 97 -17.03 6.10 20.54
C PHE B 97 -18.25 6.49 21.36
N TYR B 98 -18.08 7.40 22.32
CA TYR B 98 -19.21 7.82 23.13
C TYR B 98 -20.28 8.49 22.29
N ARG B 99 -19.87 9.30 21.31
CA ARG B 99 -20.83 9.98 20.45
C ARG B 99 -21.66 8.99 19.64
N THR B 100 -21.01 7.97 19.08
CA THR B 100 -21.70 7.02 18.21
C THR B 100 -22.10 5.75 18.95
N GLY B 101 -21.14 5.03 19.49
CA GLY B 101 -21.42 3.75 20.10
C GLY B 101 -20.59 2.63 19.49
N LYS B 102 -19.67 3.00 18.61
CA LYS B 102 -18.78 2.03 17.98
C LYS B 102 -17.49 2.75 17.60
N LEU B 103 -16.36 2.15 17.96
CA LEU B 103 -15.08 2.76 17.67
C LEU B 103 -14.74 2.65 16.19
N HIS B 104 -13.52 3.05 15.87
CA HIS B 104 -12.92 2.82 14.56
C HIS B 104 -11.45 2.53 14.77
N TYR B 105 -10.74 2.34 13.67
CA TYR B 105 -9.30 2.14 13.78
C TYR B 105 -8.61 2.89 12.65
N PRO B 106 -7.70 3.81 12.97
CA PRO B 106 -6.97 4.50 11.92
C PRO B 106 -6.15 3.53 11.09
N ARG B 107 -6.06 3.84 9.79
CA ARG B 107 -5.33 2.98 8.87
C ARG B 107 -3.85 2.92 9.18
N HIS B 108 -3.35 3.90 9.93
CA HIS B 108 -1.96 4.33 9.80
C HIS B 108 -1.32 4.65 11.15
N GLU B 109 -1.74 3.97 12.21
CA GLU B 109 -1.23 4.27 13.54
C GLU B 109 -0.89 2.98 14.26
N CYS B 110 0.18 3.03 15.04
CA CYS B 110 0.75 1.82 15.62
C CYS B 110 -0.26 1.07 16.47
N ILE B 111 -0.37 -0.23 16.22
CA ILE B 111 -1.39 -1.01 16.91
C ILE B 111 -1.05 -1.19 18.39
N SER B 112 0.24 -1.19 18.72
CA SER B 112 0.62 -1.33 20.12
C SER B 112 0.16 -0.12 20.92
N ALA B 113 0.49 1.07 20.44
CA ALA B 113 0.07 2.29 21.13
C ALA B 113 -1.45 2.42 21.16
N TYR B 114 -2.09 2.16 20.02
CA TYR B 114 -3.54 2.27 19.96
C TYR B 114 -4.21 1.30 20.93
N ASP B 115 -3.72 0.07 20.98
CA ASP B 115 -4.35 -0.93 21.84
C ASP B 115 -4.10 -0.59 23.31
N GLU B 116 -2.91 -0.12 23.66
CA GLU B 116 -2.67 0.22 25.05
C GLU B 116 -3.50 1.43 25.48
N GLU B 117 -3.69 2.40 24.58
CA GLU B 117 -4.58 3.51 24.89
C GLU B 117 -6.02 3.03 25.04
N LEU B 118 -6.45 2.15 24.14
CA LEU B 118 -7.80 1.61 24.18
C LEU B 118 -8.06 0.88 25.49
N ALA B 119 -7.09 0.10 25.96
CA ALA B 119 -7.24 -0.59 27.23
C ALA B 119 -7.12 0.36 28.40
N PHE B 120 -6.38 1.47 28.23
CA PHE B 120 -6.21 2.41 29.34
C PHE B 120 -7.53 3.01 29.76
N PHE B 121 -8.38 3.39 28.80
CA PHE B 121 -9.67 3.96 29.12
C PHE B 121 -10.71 2.90 29.45
N GLY B 122 -10.27 1.66 29.69
CA GLY B 122 -11.14 0.63 30.21
C GLY B 122 -12.32 0.29 29.32
N LEU B 123 -12.10 0.18 28.02
CA LEU B 123 -13.15 -0.22 27.11
C LEU B 123 -12.67 -1.43 26.31
N ILE B 124 -13.58 -2.36 26.08
CA ILE B 124 -13.23 -3.70 25.58
C ILE B 124 -12.70 -3.58 24.16
N PRO B 125 -11.71 -4.38 23.77
CA PRO B 125 -11.15 -4.23 22.41
C PRO B 125 -12.14 -4.45 21.28
N GLU B 126 -13.10 -5.36 21.44
CA GLU B 126 -13.95 -5.78 20.32
C GLU B 126 -15.20 -4.93 20.18
N ILE B 127 -15.17 -3.68 20.66
CA ILE B 127 -16.28 -2.77 20.42
C ILE B 127 -16.32 -2.29 18.98
N ILE B 128 -15.26 -2.55 18.21
CA ILE B 128 -15.15 -2.04 16.84
C ILE B 128 -16.40 -2.37 16.06
N GLY B 129 -16.87 -1.41 15.27
CA GLY B 129 -18.13 -1.56 14.56
C GLY B 129 -18.00 -2.26 13.22
N ASP B 130 -17.17 -3.30 13.16
CA ASP B 130 -17.02 -4.19 12.00
C ASP B 130 -16.78 -3.41 10.69
N CYS B 131 -16.45 -2.14 10.81
CA CYS B 131 -16.01 -1.33 9.68
C CYS B 131 -14.50 -1.27 9.57
N CYS B 132 -13.82 -1.20 10.71
CA CYS B 132 -12.38 -1.30 10.77
C CYS B 132 -11.93 -2.60 11.42
N TYR B 133 -12.87 -3.46 11.84
CA TYR B 133 -12.50 -4.71 12.49
C TYR B 133 -11.65 -5.58 11.58
N GLU B 134 -12.01 -5.63 10.28
CA GLU B 134 -11.25 -6.40 9.30
C GLU B 134 -9.79 -5.96 9.24
N GLU B 135 -9.50 -4.71 9.61
CA GLU B 135 -8.13 -4.22 9.62
C GLU B 135 -7.51 -4.22 11.01
N TYR B 136 -8.27 -3.86 12.04
CA TYR B 136 -7.72 -3.87 13.39
C TYR B 136 -7.30 -5.27 13.78
N LYS B 137 -8.17 -6.27 13.53
CA LYS B 137 -7.81 -7.62 13.90
C LYS B 137 -6.65 -8.14 13.05
N ASP B 138 -6.59 -7.72 11.78
CA ASP B 138 -5.46 -8.07 10.92
C ASP B 138 -4.16 -7.57 11.51
N ARG B 139 -4.09 -6.27 11.84
CA ARG B 139 -2.86 -5.72 12.37
C ARG B 139 -2.55 -6.28 13.75
N ARG B 140 -3.58 -6.55 14.55
CA ARG B 140 -3.36 -7.12 15.88
C ARG B 140 -2.77 -8.52 15.78
N ARG B 141 -3.29 -9.35 14.87
CA ARG B 141 -2.73 -10.68 14.67
C ARG B 141 -1.29 -10.58 14.17
N GLU B 142 -1.03 -9.64 13.25
CA GLU B 142 0.33 -9.47 12.77
C GLU B 142 1.29 -9.10 13.89
N ASN B 143 0.88 -8.18 14.76
CA ASN B 143 1.71 -7.81 15.89
C ASN B 143 1.87 -8.98 16.86
N ALA B 144 0.81 -9.75 17.07
CA ALA B 144 0.88 -10.89 17.99
C ALA B 144 1.89 -11.91 17.50
N GLU B 145 1.88 -12.20 16.20
CA GLU B 145 2.86 -13.14 15.67
C GLU B 145 4.26 -12.53 15.66
N ARG B 146 4.36 -11.22 15.49
CA ARG B 146 5.66 -10.56 15.57
C ARG B 146 6.27 -10.75 16.97
N LEU B 147 5.48 -10.54 18.00
CA LEU B 147 5.98 -10.75 19.37
C LEU B 147 6.14 -12.22 19.71
N GLN B 148 5.38 -13.10 19.06
CA GLN B 148 5.62 -14.53 19.24
C GLN B 148 6.97 -14.94 18.68
N ASP B 149 7.33 -14.40 17.51
CA ASP B 149 8.69 -14.59 17.00
C ASP B 149 9.71 -13.83 17.83
N ASP B 150 9.27 -12.80 18.56
CA ASP B 150 10.13 -12.17 19.55
C ASP B 150 10.40 -13.09 20.73
N ALA B 151 9.56 -14.10 20.92
CA ALA B 151 9.64 -15.02 22.05
C ALA B 151 10.22 -16.37 21.67
N ASP B 152 11.22 -16.38 20.79
CA ASP B 152 11.86 -17.64 20.42
C ASP B 152 12.60 -18.27 21.58
N THR B 153 12.97 -17.47 22.59
CA THR B 153 13.59 -17.93 23.85
C THR B 153 14.57 -19.08 23.64
N ASP B 154 15.43 -18.92 22.63
CA ASP B 154 16.44 -19.94 22.35
C ASP B 154 17.48 -19.95 23.46
N THR B 155 17.90 -21.15 23.85
CA THR B 155 18.84 -21.32 24.95
C THR B 155 20.21 -21.74 24.41
N ALA B 156 21.11 -22.04 25.34
CA ALA B 156 22.47 -22.45 24.99
C ALA B 156 22.91 -23.65 25.82
N ALA B 166 24.02 -31.21 32.56
CA ALA B 166 25.24 -31.72 31.94
C ALA B 166 25.05 -31.91 30.45
N ARG B 167 24.51 -33.06 30.06
CA ARG B 167 24.29 -33.37 28.64
C ARG B 167 23.15 -32.56 28.05
N GLN B 168 22.33 -31.89 28.88
CA GLN B 168 21.21 -31.11 28.37
C GLN B 168 21.69 -29.99 27.45
N ARG B 169 22.76 -29.31 27.85
CA ARG B 169 23.39 -28.32 27.00
C ARG B 169 24.32 -28.95 25.96
N VAL B 170 24.89 -30.12 26.24
CA VAL B 170 25.81 -30.76 25.30
C VAL B 170 25.09 -31.15 24.02
N TRP B 171 23.92 -31.79 24.15
CA TRP B 171 23.19 -32.22 22.97
C TRP B 171 22.68 -31.02 22.17
N ARG B 172 22.28 -29.95 22.86
CA ARG B 172 21.86 -28.73 22.16
C ARG B 172 23.03 -28.11 21.40
N ALA B 173 24.21 -28.07 22.02
CA ALA B 173 25.38 -27.54 21.33
C ALA B 173 25.74 -28.40 20.13
N PHE B 174 25.53 -29.71 20.24
CA PHE B 174 25.67 -30.58 19.07
C PHE B 174 24.66 -30.21 18.00
N GLU B 175 23.43 -29.92 18.41
CA GLU B 175 22.40 -29.48 17.48
C GLU B 175 22.66 -28.06 16.98
N ASN B 176 23.43 -27.28 17.72
CA ASN B 176 23.75 -25.92 17.31
C ASN B 176 24.46 -25.95 15.95
N PRO B 177 23.94 -25.26 14.94
CA PRO B 177 24.57 -25.34 13.61
C PRO B 177 26.01 -24.86 13.56
N HIS B 178 26.37 -23.84 14.35
CA HIS B 178 27.69 -23.22 14.25
C HIS B 178 28.26 -23.06 15.66
N THR B 179 29.10 -24.01 16.07
CA THR B 179 29.96 -23.87 17.24
C THR B 179 31.42 -23.79 16.82
N SER B 180 31.67 -23.17 15.66
CA SER B 180 32.99 -22.99 15.11
C SER B 180 33.71 -24.32 14.91
N THR B 181 34.53 -24.73 15.88
CA THR B 181 35.38 -25.90 15.69
C THR B 181 34.59 -27.21 15.81
N MET B 182 33.61 -27.28 16.69
CA MET B 182 32.97 -28.56 17.01
C MET B 182 31.83 -28.88 16.05
N ALA B 183 30.81 -28.02 16.01
CA ALA B 183 29.62 -28.33 15.23
C ALA B 183 29.92 -28.39 13.74
N LEU B 184 30.85 -27.56 13.27
CA LEU B 184 31.21 -27.61 11.86
C LEU B 184 31.78 -28.97 11.48
N VAL B 185 32.68 -29.51 12.31
CA VAL B 185 33.18 -30.86 12.05
C VAL B 185 32.04 -31.86 12.11
N PHE B 186 31.20 -31.74 13.14
CA PHE B 186 30.12 -32.72 13.36
C PHE B 186 29.16 -32.75 12.18
N TYR B 187 28.96 -31.63 11.51
CA TYR B 187 28.09 -31.58 10.35
C TYR B 187 28.79 -31.96 9.06
N TYR B 188 30.05 -31.52 8.89
CA TYR B 188 30.76 -31.82 7.65
C TYR B 188 31.00 -33.32 7.49
N VAL B 189 31.33 -34.02 8.59
CA VAL B 189 31.55 -35.46 8.46
C VAL B 189 30.29 -36.15 7.96
N THR B 190 29.14 -35.80 8.56
CA THR B 190 27.88 -36.42 8.15
C THR B 190 27.54 -36.05 6.71
N GLY B 191 27.76 -34.79 6.32
CA GLY B 191 27.45 -34.39 4.96
C GLY B 191 28.27 -35.14 3.94
N PHE B 192 29.59 -35.23 4.17
CA PHE B 192 30.44 -35.98 3.26
C PHE B 192 30.03 -37.43 3.20
N PHE B 193 29.69 -38.03 4.34
CA PHE B 193 29.41 -39.45 4.37
C PHE B 193 28.07 -39.78 3.72
N ILE B 194 27.04 -38.96 3.91
CA ILE B 194 25.80 -39.18 3.19
C ILE B 194 26.00 -38.95 1.69
N ALA B 195 26.82 -37.97 1.32
CA ALA B 195 27.09 -37.74 -0.09
C ALA B 195 27.78 -38.93 -0.73
N VAL B 196 28.77 -39.50 -0.04
CA VAL B 196 29.46 -40.64 -0.64
C VAL B 196 28.55 -41.86 -0.66
N SER B 197 27.67 -42.00 0.33
CA SER B 197 26.73 -43.12 0.31
C SER B 197 25.82 -43.03 -0.91
N VAL B 198 25.23 -41.86 -1.15
CA VAL B 198 24.29 -41.74 -2.28
C VAL B 198 25.02 -41.84 -3.61
N ILE B 199 26.22 -41.27 -3.71
CA ILE B 199 26.97 -41.40 -4.95
C ILE B 199 27.41 -42.83 -5.18
N ALA B 200 27.64 -43.60 -4.10
CA ALA B 200 27.92 -45.02 -4.26
C ALA B 200 26.70 -45.76 -4.80
N ASN B 201 25.53 -45.46 -4.24
CA ASN B 201 24.31 -46.06 -4.79
C ASN B 201 24.12 -45.68 -6.25
N VAL B 202 24.52 -44.48 -6.65
CA VAL B 202 24.43 -44.09 -8.04
C VAL B 202 25.41 -44.89 -8.89
N VAL B 203 26.67 -44.98 -8.46
CA VAL B 203 27.70 -45.61 -9.29
C VAL B 203 27.71 -47.11 -9.18
N GLU B 204 26.94 -47.69 -8.28
CA GLU B 204 26.91 -49.15 -8.18
C GLU B 204 26.12 -49.79 -9.31
N THR B 205 25.80 -49.00 -10.33
CA THR B 205 25.00 -49.44 -11.45
C THR B 205 25.71 -49.32 -12.79
N VAL B 206 26.66 -48.39 -12.92
CA VAL B 206 27.38 -48.20 -14.18
C VAL B 206 28.07 -49.51 -14.56
N PRO B 207 28.09 -49.90 -15.85
CA PRO B 207 28.63 -51.22 -16.22
C PRO B 207 30.01 -51.53 -15.66
N CYS B 208 30.99 -50.67 -15.92
CA CYS B 208 32.35 -50.96 -15.44
C CYS B 208 32.43 -50.89 -13.92
N GLY B 209 31.53 -50.16 -13.28
CA GLY B 209 31.56 -50.00 -11.84
C GLY B 209 31.22 -51.26 -11.08
N SER B 210 29.95 -51.66 -11.10
CA SER B 210 29.56 -52.93 -10.48
C SER B 210 28.37 -53.49 -11.26
N SER B 211 28.67 -54.29 -12.28
CA SER B 211 27.71 -55.07 -13.06
C SER B 211 28.48 -55.82 -14.14
N PRO B 212 27.91 -56.87 -14.74
CA PRO B 212 28.65 -57.59 -15.78
C PRO B 212 28.82 -56.77 -17.05
N GLY B 213 29.73 -55.80 -17.01
CA GLY B 213 29.96 -54.93 -18.15
C GLY B 213 31.20 -55.28 -18.93
N HIS B 214 32.24 -55.78 -18.26
CA HIS B 214 33.48 -56.14 -18.93
C HIS B 214 34.05 -57.45 -18.41
N ILE B 215 33.23 -58.29 -17.77
CA ILE B 215 33.67 -59.56 -17.22
C ILE B 215 33.20 -60.74 -18.05
N LYS B 216 32.36 -60.50 -19.05
CA LYS B 216 31.89 -61.59 -19.91
C LYS B 216 33.05 -62.31 -20.58
N GLU B 217 34.09 -61.57 -20.95
CA GLU B 217 35.28 -62.19 -21.51
C GLU B 217 35.98 -63.09 -20.50
N LEU B 218 36.09 -62.63 -19.25
CA LEU B 218 36.78 -63.38 -18.22
C LEU B 218 35.84 -63.72 -17.07
N ARG B 223 37.42 -53.04 -12.50
CA ARG B 223 36.97 -54.42 -12.32
C ARG B 223 35.70 -54.46 -11.49
N TYR B 224 34.99 -55.58 -11.57
CA TYR B 224 33.75 -55.76 -10.81
C TYR B 224 34.10 -55.94 -9.34
N ALA B 225 34.53 -54.84 -8.72
CA ALA B 225 34.98 -54.84 -7.34
C ALA B 225 33.77 -54.62 -6.43
N VAL B 226 33.32 -55.67 -5.76
CA VAL B 226 32.18 -55.55 -4.84
C VAL B 226 32.74 -55.12 -3.49
N ALA B 227 33.02 -53.82 -3.38
CA ALA B 227 33.35 -53.19 -2.13
C ALA B 227 32.29 -52.19 -1.70
N PHE B 228 31.32 -51.90 -2.56
CA PHE B 228 30.23 -51.02 -2.20
C PHE B 228 29.42 -51.58 -1.05
N PHE B 229 29.43 -52.91 -0.88
CA PHE B 229 28.83 -53.50 0.29
C PHE B 229 29.56 -53.05 1.56
N CYS B 230 30.89 -53.06 1.52
CA CYS B 230 31.66 -52.61 2.66
C CYS B 230 31.42 -51.13 2.94
N LEU B 231 31.39 -50.31 1.89
CA LEU B 231 31.13 -48.88 2.07
C LEU B 231 29.74 -48.65 2.64
N ASP B 232 28.75 -49.39 2.14
CA ASP B 232 27.38 -49.27 2.66
C ASP B 232 27.32 -49.66 4.13
N THR B 233 28.00 -50.75 4.50
CA THR B 233 28.01 -51.17 5.89
C THR B 233 28.64 -50.11 6.77
N ALA B 234 29.77 -49.56 6.35
CA ALA B 234 30.42 -48.51 7.12
C ALA B 234 29.50 -47.31 7.29
N CYS B 235 28.94 -46.83 6.17
CA CYS B 235 28.08 -45.66 6.21
C CYS B 235 26.90 -45.87 7.13
N VAL B 236 26.21 -47.01 6.99
CA VAL B 236 25.02 -47.24 7.81
C VAL B 236 25.40 -47.42 9.27
N MET B 237 26.59 -47.94 9.56
CA MET B 237 27.07 -47.95 10.93
C MET B 237 27.21 -46.54 11.47
N ILE B 238 27.70 -45.63 10.63
CA ILE B 238 27.82 -44.23 11.01
C ILE B 238 26.44 -43.62 11.26
N PHE B 239 25.48 -43.91 10.40
CA PHE B 239 24.11 -43.44 10.62
C PHE B 239 23.55 -43.96 11.93
N THR B 240 23.74 -45.25 12.22
CA THR B 240 23.09 -45.80 13.40
C THR B 240 23.77 -45.31 14.67
N VAL B 241 25.09 -45.09 14.65
CA VAL B 241 25.72 -44.52 15.84
C VAL B 241 25.29 -43.06 16.01
N GLU B 242 25.14 -42.32 14.91
CA GLU B 242 24.64 -40.95 15.01
C GLU B 242 23.23 -40.93 15.59
N TYR B 243 22.38 -41.87 15.17
CA TYR B 243 21.02 -41.90 15.68
C TYR B 243 20.96 -42.40 17.12
N LEU B 244 21.88 -43.27 17.54
CA LEU B 244 21.94 -43.62 18.95
C LEU B 244 22.35 -42.42 19.79
N LEU B 245 23.29 -41.61 19.28
CA LEU B 245 23.64 -40.37 19.95
C LEU B 245 22.43 -39.45 20.05
N ARG B 246 21.65 -39.37 18.96
CA ARG B 246 20.44 -38.56 18.99
C ARG B 246 19.41 -39.10 19.99
N LEU B 247 19.25 -40.43 20.04
CA LEU B 247 18.31 -41.05 20.97
C LEU B 247 18.69 -40.78 22.42
N ALA B 248 19.99 -40.84 22.73
CA ALA B 248 20.45 -40.40 24.04
C ALA B 248 20.40 -38.89 24.21
N ALA B 249 20.30 -38.14 23.11
CA ALA B 249 20.26 -36.68 23.17
C ALA B 249 18.85 -36.14 23.24
N ALA B 250 17.84 -36.98 23.05
CA ALA B 250 16.46 -36.50 23.04
C ALA B 250 16.00 -36.18 24.46
N PRO B 251 15.49 -34.97 24.72
CA PRO B 251 14.90 -34.70 26.04
C PRO B 251 13.76 -35.64 26.38
N SER B 252 12.94 -35.99 25.39
CA SER B 252 11.92 -37.01 25.54
C SER B 252 12.22 -38.10 24.53
N ARG B 253 12.57 -39.29 25.04
CA ARG B 253 13.09 -40.34 24.19
C ARG B 253 12.07 -40.77 23.15
N TYR B 254 10.95 -41.35 23.59
CA TYR B 254 9.94 -41.82 22.64
C TYR B 254 9.10 -40.68 22.08
N ARG B 255 8.87 -39.62 22.85
CA ARG B 255 7.95 -38.58 22.42
C ARG B 255 8.48 -37.80 21.22
N PHE B 256 9.80 -37.65 21.13
CA PHE B 256 10.42 -36.91 20.03
C PHE B 256 10.87 -37.83 18.89
N VAL B 257 10.56 -39.12 18.98
CA VAL B 257 10.84 -40.03 17.86
C VAL B 257 9.96 -39.69 16.66
N ARG B 258 8.70 -39.36 16.92
CA ARG B 258 7.73 -39.10 15.85
C ARG B 258 8.06 -37.87 15.01
N SER B 259 9.16 -37.15 15.26
CA SER B 259 9.46 -35.97 14.48
C SER B 259 9.78 -36.34 13.04
N VAL B 260 9.65 -35.34 12.16
CA VAL B 260 9.86 -35.58 10.73
C VAL B 260 11.31 -35.95 10.46
N MET B 261 12.25 -35.17 10.97
CA MET B 261 13.65 -35.47 10.75
C MET B 261 14.04 -36.80 11.38
N SER B 262 13.51 -37.09 12.58
CA SER B 262 13.81 -38.35 13.25
C SER B 262 13.27 -39.53 12.45
N ILE B 263 12.05 -39.43 11.92
CA ILE B 263 11.51 -40.54 11.15
C ILE B 263 12.26 -40.71 9.83
N ILE B 264 12.71 -39.62 9.21
CA ILE B 264 13.57 -39.74 8.05
C ILE B 264 14.86 -40.49 8.41
N ASP B 265 15.45 -40.14 9.56
CA ASP B 265 16.67 -40.82 9.97
C ASP B 265 16.44 -42.31 10.21
N VAL B 266 15.34 -42.65 10.87
CA VAL B 266 15.10 -44.05 11.21
C VAL B 266 14.78 -44.86 9.96
N VAL B 267 14.11 -44.23 8.98
CA VAL B 267 13.90 -44.93 7.71
C VAL B 267 15.10 -44.83 6.79
N ALA B 268 16.09 -44.01 7.13
CA ALA B 268 17.36 -43.99 6.42
C ALA B 268 18.31 -45.07 6.92
N ILE B 269 17.95 -45.78 7.99
CA ILE B 269 18.79 -46.84 8.53
C ILE B 269 18.10 -48.19 8.53
N LEU B 270 16.77 -48.24 8.62
CA LEU B 270 16.07 -49.52 8.67
C LEU B 270 16.32 -50.42 7.47
N PRO B 271 16.35 -49.93 6.22
CA PRO B 271 16.49 -50.86 5.08
C PRO B 271 17.72 -51.75 5.15
N TYR B 272 18.85 -51.24 5.65
CA TYR B 272 20.05 -52.07 5.73
C TYR B 272 19.86 -53.22 6.71
N TYR B 273 19.35 -52.93 7.90
CA TYR B 273 19.12 -53.98 8.89
C TYR B 273 18.09 -54.99 8.38
N ILE B 274 17.02 -54.50 7.75
CA ILE B 274 15.99 -55.40 7.24
C ILE B 274 16.54 -56.27 6.13
N GLY B 275 17.43 -55.70 5.30
CA GLY B 275 18.09 -56.51 4.28
C GLY B 275 18.96 -57.59 4.88
N LEU B 276 19.72 -57.26 5.93
CA LEU B 276 20.52 -58.27 6.59
C LEU B 276 19.65 -59.37 7.15
N VAL B 277 18.53 -59.00 7.79
CA VAL B 277 17.62 -60.01 8.35
C VAL B 277 17.02 -60.86 7.26
N MET B 278 16.76 -60.27 6.09
CA MET B 278 16.22 -61.04 4.97
C MET B 278 17.24 -62.01 4.40
N THR B 279 18.53 -61.62 4.40
CA THR B 279 19.55 -62.46 3.81
C THR B 279 19.61 -63.83 4.48
N ASP B 280 19.57 -63.87 5.80
CA ASP B 280 19.59 -65.15 6.52
C ASP B 280 18.18 -65.68 6.80
N ASN B 281 17.14 -65.00 6.31
CA ASN B 281 15.79 -65.53 6.38
C ASN B 281 15.46 -66.26 5.07
N GLU B 282 14.22 -66.74 4.97
CA GLU B 282 13.80 -67.39 3.74
C GLU B 282 13.80 -66.39 2.58
N ASP B 283 14.34 -66.82 1.44
CA ASP B 283 14.48 -65.92 0.30
C ASP B 283 13.18 -65.88 -0.49
N VAL B 284 12.70 -64.67 -0.74
CA VAL B 284 11.47 -64.44 -1.50
C VAL B 284 11.86 -63.75 -2.81
N SER B 285 11.43 -64.34 -3.92
CA SER B 285 11.79 -63.79 -5.22
C SER B 285 11.06 -62.47 -5.46
N GLY B 286 11.75 -61.55 -6.14
CA GLY B 286 11.16 -60.25 -6.45
C GLY B 286 10.86 -59.40 -5.25
N ALA B 287 11.77 -59.37 -4.27
CA ALA B 287 11.59 -58.53 -3.09
C ALA B 287 12.81 -57.70 -2.75
N PHE B 288 14.01 -58.10 -3.18
CA PHE B 288 15.20 -57.32 -2.87
C PHE B 288 15.22 -55.99 -3.63
N VAL B 289 14.52 -55.90 -4.76
CA VAL B 289 14.50 -54.67 -5.53
C VAL B 289 13.88 -53.54 -4.71
N THR B 290 12.79 -53.86 -3.99
CA THR B 290 12.17 -52.85 -3.13
C THR B 290 13.13 -52.39 -2.06
N LEU B 291 13.90 -53.31 -1.48
CA LEU B 291 14.89 -52.93 -0.47
C LEU B 291 15.95 -52.03 -1.06
N ARG B 292 16.45 -52.36 -2.25
CA ARG B 292 17.49 -51.54 -2.87
C ARG B 292 16.96 -50.17 -3.26
N VAL B 293 15.66 -50.06 -3.53
CA VAL B 293 15.09 -48.76 -3.86
C VAL B 293 15.26 -47.80 -2.70
N PHE B 294 15.05 -48.27 -1.48
CA PHE B 294 15.14 -47.40 -0.31
C PHE B 294 16.55 -46.94 -0.02
N ARG B 295 17.55 -47.51 -0.69
CA ARG B 295 18.93 -47.03 -0.53
C ARG B 295 19.07 -45.58 -0.95
N VAL B 296 18.17 -45.07 -1.80
CA VAL B 296 18.29 -43.69 -2.26
C VAL B 296 17.80 -42.70 -1.22
N PHE B 297 16.99 -43.13 -0.25
CA PHE B 297 16.42 -42.20 0.71
C PHE B 297 17.45 -41.57 1.62
N ARG B 298 18.69 -42.07 1.62
CA ARG B 298 19.74 -41.42 2.40
C ARG B 298 19.91 -39.97 1.98
N ILE B 299 19.61 -39.66 0.72
CA ILE B 299 19.73 -38.29 0.23
C ILE B 299 18.79 -37.36 0.97
N PHE B 300 17.69 -37.88 1.52
CA PHE B 300 16.77 -37.05 2.28
C PHE B 300 17.41 -36.47 3.53
N LYS B 301 18.48 -37.09 4.04
CA LYS B 301 19.12 -36.59 5.24
C LYS B 301 19.72 -35.20 5.03
N PHE B 302 19.88 -34.77 3.79
CA PHE B 302 20.41 -33.44 3.50
C PHE B 302 19.50 -32.32 4.00
N SER B 303 18.37 -32.64 4.66
CA SER B 303 17.49 -31.61 5.17
C SER B 303 18.22 -30.72 6.18
N ARG B 304 19.03 -31.32 7.04
CA ARG B 304 19.82 -30.55 7.99
C ARG B 304 20.94 -29.77 7.32
N HIS B 305 21.35 -30.17 6.11
CA HIS B 305 22.42 -29.46 5.42
C HIS B 305 21.97 -28.06 4.99
N SER B 306 20.97 -27.99 4.13
CA SER B 306 20.47 -26.71 3.62
C SER B 306 19.06 -26.48 4.13
N GLN B 307 18.80 -25.28 4.64
CA GLN B 307 17.49 -24.93 5.18
C GLN B 307 16.40 -24.88 4.13
N GLY B 308 16.77 -24.82 2.84
CA GLY B 308 15.75 -24.76 1.80
C GLY B 308 14.82 -25.95 1.83
N LEU B 309 15.35 -27.14 2.14
CA LEU B 309 14.50 -28.31 2.26
C LEU B 309 13.48 -28.15 3.38
N ARG B 310 13.90 -27.58 4.51
CA ARG B 310 12.96 -27.35 5.61
C ARG B 310 11.91 -26.31 5.22
N ILE B 311 12.32 -25.26 4.49
CA ILE B 311 11.35 -24.28 4.02
C ILE B 311 10.35 -24.94 3.08
N LEU B 312 10.83 -25.82 2.20
CA LEU B 312 9.94 -26.52 1.29
C LEU B 312 8.98 -27.42 2.04
N GLY B 313 9.46 -28.12 3.06
CA GLY B 313 8.58 -28.95 3.87
C GLY B 313 7.51 -28.11 4.56
N TYR B 314 7.91 -26.96 5.11
CA TYR B 314 6.94 -26.07 5.73
C TYR B 314 5.93 -25.55 4.72
N THR B 315 6.37 -25.29 3.49
CA THR B 315 5.46 -24.85 2.45
C THR B 315 4.45 -25.93 2.12
N LEU B 316 4.94 -27.14 1.84
CA LEU B 316 4.04 -28.22 1.44
C LEU B 316 3.11 -28.65 2.57
N LYS B 317 3.50 -28.46 3.82
CA LYS B 317 2.60 -28.75 4.92
C LYS B 317 1.90 -27.50 5.46
N SER B 318 2.07 -26.35 4.81
CA SER B 318 1.31 -25.16 5.12
C SER B 318 0.17 -24.98 4.13
N CYS B 319 0.50 -24.96 2.84
CA CYS B 319 -0.53 -25.00 1.80
C CYS B 319 -0.83 -26.43 1.40
N ALA B 320 -1.12 -27.26 2.40
CA ALA B 320 -1.51 -28.64 2.17
C ALA B 320 -3.00 -28.80 1.88
N SER B 321 -3.76 -27.70 1.94
CA SER B 321 -5.18 -27.75 1.63
C SER B 321 -5.41 -27.87 0.13
N GLU B 322 -4.88 -26.90 -0.63
CA GLU B 322 -5.14 -26.86 -2.07
C GLU B 322 -4.36 -27.91 -2.84
N LEU B 323 -3.37 -28.56 -2.22
CA LEU B 323 -2.70 -29.65 -2.91
C LEU B 323 -3.66 -30.83 -3.10
N GLY B 324 -4.52 -31.08 -2.12
CA GLY B 324 -5.56 -32.06 -2.31
C GLY B 324 -6.47 -31.70 -3.46
N PHE B 325 -6.79 -30.41 -3.60
CA PHE B 325 -7.60 -29.97 -4.72
C PHE B 325 -6.86 -30.18 -6.04
N LEU B 326 -5.55 -29.91 -6.06
CA LEU B 326 -4.76 -30.19 -7.25
C LEU B 326 -4.89 -31.65 -7.65
N LEU B 327 -4.69 -32.56 -6.69
CA LEU B 327 -4.75 -33.98 -7.01
C LEU B 327 -6.14 -34.38 -7.48
N PHE B 328 -7.18 -33.86 -6.82
CA PHE B 328 -8.54 -34.25 -7.16
C PHE B 328 -8.94 -33.73 -8.53
N SER B 329 -8.65 -32.47 -8.82
CA SER B 329 -8.98 -31.91 -10.12
C SER B 329 -8.14 -32.55 -11.22
N LEU B 330 -6.89 -32.91 -10.93
CA LEU B 330 -6.09 -33.63 -11.91
C LEU B 330 -6.71 -34.99 -12.22
N THR B 331 -7.19 -35.70 -11.18
CA THR B 331 -7.87 -36.97 -11.44
C THR B 331 -9.13 -36.77 -12.26
N MET B 332 -9.91 -35.73 -11.95
CA MET B 332 -11.09 -35.42 -12.75
C MET B 332 -10.72 -35.22 -14.20
N ALA B 333 -9.75 -34.36 -14.47
CA ALA B 333 -9.37 -34.06 -15.85
C ALA B 333 -8.84 -35.30 -16.54
N ILE B 334 -8.01 -36.08 -15.85
CA ILE B 334 -7.44 -37.28 -16.44
C ILE B 334 -8.55 -38.25 -16.84
N ILE B 335 -9.47 -38.51 -15.93
CA ILE B 335 -10.55 -39.45 -16.22
C ILE B 335 -11.41 -38.94 -17.37
N ILE B 336 -11.78 -37.66 -17.32
CA ILE B 336 -12.70 -37.12 -18.31
C ILE B 336 -12.08 -37.16 -19.70
N PHE B 337 -10.81 -36.77 -19.81
CA PHE B 337 -10.19 -36.76 -21.13
C PHE B 337 -9.80 -38.14 -21.60
N ALA B 338 -9.44 -39.05 -20.70
CA ALA B 338 -9.11 -40.40 -21.12
C ALA B 338 -10.35 -41.14 -21.62
N THR B 339 -11.49 -40.96 -20.94
CA THR B 339 -12.69 -41.69 -21.33
C THR B 339 -13.21 -41.22 -22.68
N VAL B 340 -12.84 -40.02 -23.12
CA VAL B 340 -13.19 -39.59 -24.46
C VAL B 340 -12.10 -39.92 -25.47
N MET B 341 -10.84 -39.98 -25.04
CA MET B 341 -9.77 -40.39 -25.94
C MET B 341 -9.96 -41.83 -26.39
N PHE B 342 -10.20 -42.73 -25.43
CA PHE B 342 -10.28 -44.15 -25.77
C PHE B 342 -11.45 -44.42 -26.70
N TYR B 343 -12.63 -43.90 -26.38
CA TYR B 343 -13.77 -44.05 -27.27
C TYR B 343 -13.61 -43.27 -28.56
N ALA B 344 -12.75 -42.25 -28.57
CA ALA B 344 -12.57 -41.45 -29.78
C ALA B 344 -11.85 -42.24 -30.85
N GLU B 345 -10.83 -43.01 -30.49
CA GLU B 345 -10.08 -43.78 -31.47
C GLU B 345 -9.75 -45.16 -30.94
N LYS B 346 -10.74 -45.83 -30.34
CA LYS B 346 -10.57 -47.23 -29.96
C LYS B 346 -10.31 -48.09 -31.19
N GLY B 347 -11.04 -47.83 -32.27
CA GLY B 347 -10.84 -48.56 -33.52
C GLY B 347 -10.03 -47.78 -34.51
N SER B 348 -8.79 -48.21 -34.75
CA SER B 348 -7.91 -47.55 -35.71
C SER B 348 -6.90 -48.57 -36.19
N SER B 349 -5.94 -48.11 -37.00
CA SER B 349 -4.92 -49.00 -37.54
C SER B 349 -4.08 -49.61 -36.42
N ALA B 350 -3.31 -48.76 -35.73
CA ALA B 350 -2.54 -49.24 -34.59
C ALA B 350 -3.43 -49.45 -33.37
N SER B 351 -4.41 -48.57 -33.18
CA SER B 351 -5.32 -48.63 -32.04
C SER B 351 -4.55 -48.71 -30.74
N LYS B 352 -3.58 -47.82 -30.59
CA LYS B 352 -2.71 -47.84 -29.41
C LYS B 352 -3.52 -47.68 -28.13
N PHE B 353 -4.63 -46.94 -28.18
CA PHE B 353 -5.44 -46.70 -26.99
C PHE B 353 -6.27 -47.94 -26.74
N THR B 354 -5.60 -48.98 -26.25
CA THR B 354 -6.27 -50.27 -26.07
C THR B 354 -7.34 -50.19 -25.01
N SER B 355 -7.11 -49.42 -23.94
CA SER B 355 -8.06 -49.35 -22.85
C SER B 355 -7.84 -48.06 -22.08
N ILE B 356 -8.79 -47.76 -21.20
CA ILE B 356 -8.71 -46.52 -20.42
C ILE B 356 -7.46 -46.45 -19.57
N PRO B 357 -7.07 -47.48 -18.81
CA PRO B 357 -5.79 -47.41 -18.11
C PRO B 357 -4.60 -47.30 -19.05
N ALA B 358 -4.75 -47.71 -20.31
CA ALA B 358 -3.73 -47.46 -21.31
C ALA B 358 -3.85 -46.07 -21.92
N ALA B 359 -4.95 -45.37 -21.67
CA ALA B 359 -5.08 -43.98 -22.10
C ALA B 359 -4.77 -42.99 -20.99
N PHE B 360 -4.69 -43.45 -19.74
CA PHE B 360 -4.21 -42.59 -18.66
C PHE B 360 -2.85 -42.04 -19.01
N TRP B 361 -1.98 -42.89 -19.54
CA TRP B 361 -0.63 -42.47 -19.89
C TRP B 361 -0.66 -41.39 -20.95
N TYR B 362 -1.51 -41.51 -21.96
CA TYR B 362 -1.59 -40.45 -22.95
C TYR B 362 -2.15 -39.18 -22.36
N THR B 363 -3.28 -39.27 -21.65
CA THR B 363 -3.88 -38.06 -21.14
C THR B 363 -3.06 -37.40 -20.05
N ILE B 364 -2.04 -38.08 -19.52
CA ILE B 364 -1.13 -37.44 -18.57
C ILE B 364 0.18 -37.01 -19.20
N VAL B 365 0.59 -37.62 -20.32
CA VAL B 365 1.80 -37.16 -20.99
C VAL B 365 1.50 -35.92 -21.81
N THR B 366 0.22 -35.63 -22.07
CA THR B 366 -0.15 -34.43 -22.80
C THR B 366 -0.85 -33.39 -21.94
N MET B 367 -1.41 -33.78 -20.79
CA MET B 367 -1.92 -32.78 -19.86
C MET B 367 -0.77 -31.98 -19.27
N THR B 368 0.38 -32.59 -19.08
CA THR B 368 1.54 -31.95 -18.51
C THR B 368 2.31 -31.15 -19.55
N THR B 369 1.84 -31.12 -20.80
CA THR B 369 2.53 -30.49 -21.91
C THR B 369 3.91 -31.10 -22.10
N LEU B 370 4.02 -32.40 -21.86
CA LEU B 370 5.32 -33.06 -21.97
C LEU B 370 5.60 -33.44 -23.41
N GLY B 371 4.85 -34.40 -23.95
CA GLY B 371 4.92 -34.64 -25.38
C GLY B 371 5.98 -35.64 -25.75
N TYR B 372 5.60 -36.88 -26.05
CA TYR B 372 6.56 -37.91 -26.44
C TYR B 372 6.40 -38.35 -27.88
N GLY B 373 5.21 -38.77 -28.28
CA GLY B 373 5.01 -39.39 -29.56
C GLY B 373 4.90 -40.89 -29.52
N ASP B 374 4.97 -41.50 -28.34
CA ASP B 374 4.75 -42.94 -28.25
C ASP B 374 3.33 -43.30 -28.67
N MET B 375 2.35 -42.53 -28.23
CA MET B 375 0.98 -42.69 -28.67
C MET B 375 0.37 -41.31 -28.92
N VAL B 376 -0.15 -41.11 -30.12
CA VAL B 376 -0.71 -39.83 -30.54
C VAL B 376 -2.09 -40.11 -31.15
N PRO B 377 -3.01 -39.15 -31.14
CA PRO B 377 -4.32 -39.40 -31.74
C PRO B 377 -4.22 -39.58 -33.25
N LYS B 378 -5.14 -40.39 -33.78
CA LYS B 378 -5.18 -40.69 -35.21
C LYS B 378 -6.44 -40.16 -35.88
N THR B 379 -7.61 -40.43 -35.31
CA THR B 379 -8.84 -39.93 -35.88
C THR B 379 -8.93 -38.41 -35.69
N ILE B 380 -9.77 -37.78 -36.53
CA ILE B 380 -9.95 -36.34 -36.41
C ILE B 380 -10.52 -35.98 -35.04
N ALA B 381 -11.51 -36.74 -34.58
CA ALA B 381 -12.07 -36.50 -33.26
C ALA B 381 -11.02 -36.62 -32.17
N GLY B 382 -9.92 -37.32 -32.43
CA GLY B 382 -8.83 -37.33 -31.47
C GLY B 382 -8.12 -36.00 -31.36
N LYS B 383 -7.90 -35.33 -32.50
CA LYS B 383 -7.09 -34.10 -32.50
C LYS B 383 -7.73 -33.00 -31.67
N ILE B 384 -9.03 -32.75 -31.88
CA ILE B 384 -9.68 -31.63 -31.19
C ILE B 384 -9.58 -31.82 -29.69
N PHE B 385 -9.93 -33.02 -29.22
CA PHE B 385 -9.94 -33.23 -27.78
C PHE B 385 -8.53 -33.34 -27.23
N GLY B 386 -7.55 -33.74 -28.03
CA GLY B 386 -6.17 -33.71 -27.56
C GLY B 386 -5.68 -32.29 -27.34
N SER B 387 -5.96 -31.39 -28.28
CA SER B 387 -5.58 -29.99 -28.07
C SER B 387 -6.33 -29.38 -26.89
N ILE B 388 -7.61 -29.70 -26.76
CA ILE B 388 -8.37 -29.23 -25.61
C ILE B 388 -7.75 -29.74 -24.33
N CYS B 389 -7.32 -31.00 -24.32
CA CYS B 389 -6.67 -31.57 -23.15
C CYS B 389 -5.38 -30.85 -22.82
N SER B 390 -4.58 -30.52 -23.85
CA SER B 390 -3.33 -29.82 -23.58
C SER B 390 -3.58 -28.46 -22.93
N LEU B 391 -4.55 -27.72 -23.47
CA LEU B 391 -4.85 -26.42 -22.87
C LEU B 391 -5.40 -26.56 -21.46
N SER B 392 -6.29 -27.52 -21.24
CA SER B 392 -6.82 -27.72 -19.90
C SER B 392 -5.72 -28.14 -18.94
N GLY B 393 -4.74 -28.89 -19.42
CA GLY B 393 -3.62 -29.25 -18.58
C GLY B 393 -2.79 -28.06 -18.20
N VAL B 394 -2.51 -27.17 -19.15
CA VAL B 394 -1.82 -25.93 -18.81
C VAL B 394 -2.57 -25.21 -17.70
N LEU B 395 -3.89 -25.07 -17.88
CA LEU B 395 -4.68 -24.33 -16.90
C LEU B 395 -4.62 -24.98 -15.53
N VAL B 396 -4.92 -26.27 -15.45
CA VAL B 396 -5.04 -26.92 -14.14
C VAL B 396 -3.68 -27.02 -13.46
N ILE B 397 -2.62 -27.23 -14.25
CA ILE B 397 -1.29 -27.36 -13.65
C ILE B 397 -0.82 -26.01 -13.12
N ALA B 398 -0.98 -24.94 -13.91
CA ALA B 398 -0.48 -23.65 -13.49
C ALA B 398 -1.42 -22.94 -12.52
N LEU B 399 -2.62 -23.46 -12.29
CA LEU B 399 -3.53 -22.82 -11.34
C LEU B 399 -3.00 -22.80 -9.91
N PRO B 400 -2.60 -23.91 -9.30
CA PRO B 400 -2.10 -23.86 -7.92
C PRO B 400 -0.60 -23.64 -7.78
N VAL B 401 0.09 -23.20 -8.83
CA VAL B 401 1.52 -22.89 -8.70
C VAL B 401 1.73 -21.68 -7.81
N PRO B 402 1.16 -20.50 -8.12
CA PRO B 402 1.53 -19.32 -7.32
C PRO B 402 1.19 -19.45 -5.85
N VAL B 403 0.12 -20.17 -5.50
CA VAL B 403 -0.19 -20.39 -4.10
C VAL B 403 0.90 -21.19 -3.40
N ILE B 404 1.75 -21.88 -4.16
CA ILE B 404 2.87 -22.60 -3.56
C ILE B 404 4.14 -21.76 -3.58
N VAL B 405 4.48 -21.17 -4.72
CA VAL B 405 5.75 -20.44 -4.80
C VAL B 405 5.69 -19.16 -3.99
N SER B 406 4.57 -18.44 -4.03
CA SER B 406 4.42 -17.25 -3.21
C SER B 406 4.43 -17.60 -1.73
N ASN B 407 3.77 -18.70 -1.36
CA ASN B 407 3.81 -19.15 0.02
C ASN B 407 5.23 -19.47 0.45
N PHE B 408 6.00 -20.13 -0.42
CA PHE B 408 7.39 -20.46 -0.12
C PHE B 408 8.22 -19.20 0.06
N SER B 409 8.05 -18.22 -0.83
CA SER B 409 8.80 -16.97 -0.70
C SER B 409 8.43 -16.23 0.58
N ARG B 410 7.14 -16.23 0.93
CA ARG B 410 6.72 -15.58 2.16
C ARG B 410 7.32 -16.26 3.38
N ILE B 411 7.35 -17.61 3.37
CA ILE B 411 7.93 -18.32 4.50
C ILE B 411 9.42 -18.06 4.60
N TYR B 412 10.10 -18.00 3.45
CA TYR B 412 11.53 -17.67 3.47
C TYR B 412 11.78 -16.27 4.02
N HIS B 413 10.94 -15.32 3.63
CA HIS B 413 11.08 -13.97 4.18
C HIS B 413 10.82 -13.96 5.68
N GLN B 414 9.84 -14.75 6.14
CA GLN B 414 9.61 -14.87 7.57
C GLN B 414 10.85 -15.39 8.29
N ASN B 415 11.48 -16.41 7.72
CA ASN B 415 12.65 -17.01 8.37
C ASN B 415 13.86 -16.10 8.32
N GLN B 416 13.94 -15.20 7.34
CA GLN B 416 14.99 -14.18 7.37
C GLN B 416 14.69 -13.09 8.40
N ARG B 417 13.44 -12.66 8.46
CA ARG B 417 13.04 -11.64 9.43
C ARG B 417 13.24 -12.11 10.85
N ALA B 418 13.01 -13.40 11.11
CA ALA B 418 13.21 -13.92 12.45
C ALA B 418 14.65 -13.77 12.89
N ASP B 419 15.60 -14.10 12.01
CA ASP B 419 17.01 -13.94 12.35
C ASP B 419 17.36 -12.47 12.54
N LYS B 420 16.85 -11.60 11.67
CA LYS B 420 17.16 -10.18 11.82
C LYS B 420 16.68 -9.65 13.15
N ARG B 421 15.44 -9.98 13.54
CA ARG B 421 14.92 -9.51 14.81
C ARG B 421 15.58 -10.18 15.99
N ARG B 422 16.07 -11.42 15.85
CA ARG B 422 16.83 -12.01 16.93
C ARG B 422 18.14 -11.26 17.17
N ALA B 423 18.83 -10.88 16.09
CA ALA B 423 20.03 -10.07 16.25
C ALA B 423 19.72 -8.72 16.88
N GLN B 424 18.65 -8.08 16.43
CA GLN B 424 18.26 -6.79 17.00
C GLN B 424 17.90 -6.92 18.48
N LYS B 425 17.19 -7.99 18.84
CA LYS B 425 16.81 -8.20 20.23
C LYS B 425 18.04 -8.42 21.11
N LYS B 426 19.01 -9.18 20.62
CA LYS B 426 20.24 -9.36 21.38
C LYS B 426 20.99 -8.04 21.54
N ALA B 427 21.04 -7.21 20.50
CA ALA B 427 21.67 -5.90 20.64
C ALA B 427 20.93 -5.03 21.66
N ARG B 428 19.60 -5.08 21.65
CA ARG B 428 18.83 -4.32 22.62
C ARG B 428 19.10 -4.81 24.04
N LEU B 429 19.18 -6.12 24.24
CA LEU B 429 19.48 -6.65 25.56
C LEU B 429 20.87 -6.22 26.03
N ALA B 430 21.84 -6.21 25.11
CA ALA B 430 23.16 -5.72 25.45
C ALA B 430 23.10 -4.25 25.86
N ARG B 431 22.30 -3.45 25.17
CA ARG B 431 22.14 -2.05 25.55
C ARG B 431 21.48 -1.91 26.92
N ILE B 432 20.53 -2.79 27.24
CA ILE B 432 19.91 -2.78 28.57
C ILE B 432 20.96 -3.06 29.63
N ARG B 433 21.79 -4.08 29.39
CA ARG B 433 22.86 -4.38 30.35
C ARG B 433 23.82 -3.21 30.48
N ALA B 434 24.14 -2.54 29.37
CA ALA B 434 25.03 -1.38 29.42
C ALA B 434 24.42 -0.25 30.24
N ALA B 435 23.11 0.00 30.07
CA ALA B 435 22.45 1.03 30.85
C ALA B 435 22.43 0.68 32.33
N LYS B 436 22.22 -0.59 32.65
CA LYS B 436 22.26 -1.02 34.04
C LYS B 436 23.65 -0.81 34.65
N SER B 437 24.69 -1.16 33.90
CA SER B 437 26.06 -0.93 34.36
C SER B 437 26.32 0.56 34.53
N GLY B 438 25.77 1.39 33.64
CA GLY B 438 25.90 2.82 33.79
C GLY B 438 25.21 3.34 35.04
N SER B 439 24.06 2.75 35.38
CA SER B 439 23.38 3.12 36.62
C SER B 439 24.24 2.77 37.83
N ALA B 440 24.83 1.59 37.83
CA ALA B 440 25.72 1.21 38.93
C ALA B 440 26.91 2.15 39.02
N ASN B 441 27.48 2.52 37.86
CA ASN B 441 28.59 3.46 37.82
C ASN B 441 28.18 4.81 38.39
N ALA B 442 26.98 5.27 38.02
CA ALA B 442 26.50 6.55 38.54
C ALA B 442 26.33 6.50 40.06
N TYR B 443 25.81 5.39 40.58
CA TYR B 443 25.69 5.27 42.03
C TYR B 443 27.05 5.29 42.70
N MET B 444 28.03 4.59 42.14
CA MET B 444 29.37 4.60 42.72
C MET B 444 29.97 6.01 42.68
N GLN B 445 29.76 6.72 41.58
CA GLN B 445 30.25 8.10 41.48
C GLN B 445 29.60 8.98 42.54
N SER B 446 28.29 8.79 42.75
CA SER B 446 27.61 9.55 43.79
C SER B 446 28.16 9.24 45.17
N LYS B 447 28.44 7.96 45.43
CA LYS B 447 29.02 7.57 46.72
C LYS B 447 30.40 8.22 46.92
N ARG B 448 31.23 8.22 45.88
CA ARG B 448 32.56 8.80 46.02
C ARG B 448 32.48 10.31 46.30
N SER B 449 31.64 11.02 45.56
CA SER B 449 31.52 12.47 45.74
C SER B 449 30.32 12.80 46.61
N SER B 471 16.55 16.82 38.86
CA SER B 471 17.84 16.23 39.20
C SER B 471 17.82 15.67 40.62
N SER B 472 16.62 15.49 41.16
CA SER B 472 16.49 15.00 42.53
C SER B 472 16.28 13.50 42.59
N PHE B 473 15.71 12.90 41.54
CA PHE B 473 15.39 11.48 41.58
C PHE B 473 16.66 10.64 41.73
N GLU B 474 17.74 11.02 41.05
CA GLU B 474 18.99 10.30 41.22
C GLU B 474 19.49 10.39 42.65
N THR B 475 19.35 11.56 43.27
CA THR B 475 19.74 11.71 44.66
C THR B 475 18.94 10.79 45.56
N GLN B 476 17.62 10.74 45.38
CA GLN B 476 16.79 9.89 46.22
C GLN B 476 17.05 8.41 45.96
N HIS B 477 17.33 8.04 44.72
CA HIS B 477 17.66 6.65 44.40
C HIS B 477 18.98 6.25 45.07
N HIS B 478 19.99 7.12 44.97
CA HIS B 478 21.24 6.85 45.67
C HIS B 478 21.02 6.74 47.17
N HIS B 479 20.13 7.58 47.71
CA HIS B 479 19.82 7.50 49.13
C HIS B 479 19.19 6.17 49.50
N LEU B 480 18.27 5.68 48.66
CA LEU B 480 17.65 4.39 48.95
C LEU B 480 18.69 3.28 48.91
N LEU B 481 19.58 3.31 47.91
CA LEU B 481 20.63 2.31 47.87
C LEU B 481 21.56 2.43 49.07
N HIS B 482 21.79 3.65 49.55
CA HIS B 482 22.57 3.83 50.77
C HIS B 482 21.88 3.18 51.96
N CYS B 483 20.55 3.30 52.03
CA CYS B 483 19.80 2.60 53.06
C CYS B 483 19.96 1.09 52.94
N LEU B 484 19.94 0.57 51.72
CA LEU B 484 20.24 -0.85 51.52
C LEU B 484 21.63 -1.20 52.06
N GLU B 485 22.61 -0.32 51.83
CA GLU B 485 23.95 -0.58 52.33
C GLU B 485 23.94 -0.79 53.84
N LYS B 486 23.21 0.06 54.57
CA LYS B 486 23.21 -0.06 56.03
C LYS B 486 22.41 -1.26 56.49
N THR B 487 21.27 -1.54 55.85
CA THR B 487 20.44 -2.65 56.34
C THR B 487 21.07 -4.01 56.06
N THR B 488 22.02 -4.10 55.14
CA THR B 488 22.70 -5.35 54.83
C THR B 488 24.20 -5.27 55.02
N ASN B 489 24.69 -4.21 55.67
CA ASN B 489 26.08 -3.96 56.03
C ASN B 489 27.08 -4.44 54.98
N HIS B 490 26.83 -4.10 53.72
CA HIS B 490 27.75 -4.40 52.63
C HIS B 490 27.89 -3.16 51.75
N GLU B 491 29.08 -2.99 51.17
CA GLU B 491 29.40 -1.83 50.37
C GLU B 491 29.59 -2.20 48.91
N PHE B 492 29.53 -1.19 48.05
CA PHE B 492 29.49 -1.37 46.60
C PHE B 492 30.76 -0.83 45.98
N VAL B 493 31.44 -1.65 45.19
CA VAL B 493 32.69 -1.29 44.54
C VAL B 493 32.61 -1.70 43.07
N ASP B 494 33.17 -0.86 42.21
CA ASP B 494 33.23 -1.13 40.77
C ASP B 494 33.83 -2.50 40.46
N ALA C 1 36.69 -17.90 8.51
CA ALA C 1 37.47 -17.88 7.29
C ALA C 1 38.73 -18.72 7.43
N ALA C 2 39.87 -18.06 7.59
CA ALA C 2 41.13 -18.78 7.76
C ALA C 2 41.12 -19.64 9.01
N ALA C 3 40.60 -19.10 10.12
CA ALA C 3 40.43 -19.92 11.32
C ALA C 3 39.47 -21.07 11.05
N ALA C 4 38.38 -20.80 10.33
CA ALA C 4 37.48 -21.88 9.91
C ALA C 4 38.15 -22.79 8.90
N LYS C 5 39.03 -22.23 8.05
CA LYS C 5 39.74 -23.06 7.07
C LYS C 5 40.65 -24.07 7.76
N GLY C 6 41.28 -23.68 8.87
CA GLY C 6 42.14 -24.61 9.58
C GLY C 6 41.39 -25.83 10.09
N ILE C 7 40.25 -25.60 10.74
CA ILE C 7 39.47 -26.73 11.22
C ILE C 7 38.81 -27.45 10.06
N ALA C 8 38.58 -26.76 8.93
CA ALA C 8 38.09 -27.45 7.74
C ALA C 8 39.11 -28.45 7.23
N ILE C 9 40.39 -28.06 7.19
CA ILE C 9 41.43 -29.02 6.81
C ILE C 9 41.55 -30.11 7.86
N ALA C 10 41.41 -29.75 9.14
CA ALA C 10 41.49 -30.74 10.21
C ALA C 10 40.42 -31.82 10.05
N LEU C 11 39.19 -31.41 9.74
CA LEU C 11 38.13 -32.37 9.50
C LEU C 11 38.29 -33.09 8.18
N LEU C 12 38.84 -32.44 7.16
CA LEU C 12 39.16 -33.16 5.93
C LEU C 12 40.09 -34.32 6.24
N VAL C 13 41.06 -34.10 7.12
CA VAL C 13 42.00 -35.16 7.47
C VAL C 13 41.29 -36.32 8.17
N ILE C 14 40.36 -36.03 9.08
CA ILE C 14 39.69 -37.12 9.77
C ILE C 14 38.74 -37.87 8.84
N LEU C 15 38.10 -37.17 7.91
CA LEU C 15 37.32 -37.86 6.88
C LEU C 15 38.22 -38.76 6.03
N VAL C 16 39.41 -38.28 5.68
CA VAL C 16 40.34 -39.08 4.89
C VAL C 16 40.78 -40.32 5.67
N ILE C 17 41.06 -40.17 6.97
CA ILE C 17 41.53 -41.33 7.71
C ILE C 17 40.40 -42.33 7.92
N CYS C 18 39.15 -41.85 8.05
CA CYS C 18 38.03 -42.79 8.07
C CYS C 18 37.92 -43.54 6.75
N SER C 19 38.08 -42.84 5.63
CA SER C 19 38.03 -43.53 4.34
C SER C 19 39.19 -44.52 4.19
N LEU C 20 40.36 -44.18 4.75
CA LEU C 20 41.48 -45.11 4.70
C LEU C 20 41.24 -46.32 5.59
N ILE C 21 40.53 -46.14 6.70
CA ILE C 21 40.10 -47.29 7.49
C ILE C 21 39.20 -48.19 6.65
N VAL C 22 38.28 -47.58 5.89
CA VAL C 22 37.41 -48.36 5.01
C VAL C 22 38.23 -49.10 3.97
N THR C 23 39.24 -48.44 3.39
CA THR C 23 40.09 -49.10 2.41
C THR C 23 40.86 -50.25 3.03
N SER C 24 41.32 -50.10 4.27
CA SER C 24 41.96 -51.20 4.96
C SER C 24 41.00 -52.37 5.13
N VAL C 25 39.74 -52.07 5.47
CA VAL C 25 38.75 -53.14 5.65
C VAL C 25 38.51 -53.86 4.32
N ILE C 26 38.41 -53.12 3.21
CA ILE C 26 38.15 -53.80 1.94
C ILE C 26 39.38 -54.59 1.50
N LEU C 27 40.58 -54.07 1.75
CA LEU C 27 41.79 -54.84 1.43
C LEU C 27 41.93 -56.05 2.33
N LEU C 28 41.28 -56.06 3.49
CA LEU C 28 41.29 -57.23 4.35
C LEU C 28 40.64 -58.43 3.68
N THR C 29 39.74 -58.19 2.72
CA THR C 29 39.03 -59.26 2.02
C THR C 29 39.20 -59.07 0.52
N PRO C 30 40.38 -59.43 -0.02
CA PRO C 30 40.56 -59.37 -1.47
C PRO C 30 40.16 -60.66 -2.16
N ALA C 31 40.34 -60.73 -3.47
CA ALA C 31 40.01 -61.94 -4.22
C ALA C 31 40.77 -61.98 -5.54
N GLU D 1 -37.98 25.56 11.60
CA GLU D 1 -36.89 26.46 11.25
C GLU D 1 -35.87 26.55 12.38
N GLY D 2 -36.35 26.65 13.62
CA GLY D 2 -35.50 26.75 14.78
C GLY D 2 -35.19 28.16 15.21
N LEU D 3 -35.36 29.14 14.34
CA LEU D 3 -35.22 30.55 14.69
C LEU D 3 -36.55 31.21 15.03
N GLU D 4 -37.63 30.79 14.39
CA GLU D 4 -38.97 31.24 14.73
C GLU D 4 -39.77 30.21 15.50
N GLN D 5 -39.39 28.93 15.40
CA GLN D 5 -40.13 27.86 16.07
C GLN D 5 -39.66 27.83 17.52
N LEU D 6 -40.06 28.84 18.29
CA LEU D 6 -39.76 28.83 19.72
C LEU D 6 -40.90 28.22 20.51
N GLU D 7 -42.11 28.73 20.31
CA GLU D 7 -43.30 28.16 20.92
C GLU D 7 -44.49 28.13 19.97
N ALA D 8 -44.32 28.57 18.72
CA ALA D 8 -45.45 28.61 17.80
C ALA D 8 -45.98 27.21 17.50
N GLN D 9 -45.09 26.24 17.34
CA GLN D 9 -45.47 24.87 17.02
C GLN D 9 -45.10 23.90 18.12
N THR D 10 -44.74 24.41 19.30
CA THR D 10 -44.23 23.55 20.36
C THR D 10 -44.44 24.22 21.71
N ASN D 11 -44.29 23.42 22.76
CA ASN D 11 -44.33 23.89 24.14
C ASN D 11 -42.99 23.69 24.83
N PHE D 12 -41.91 23.80 24.07
CA PHE D 12 -40.57 23.51 24.56
C PHE D 12 -39.72 24.78 24.59
N THR D 13 -38.86 24.86 25.59
CA THR D 13 -37.92 25.96 25.67
C THR D 13 -36.86 25.82 24.58
N LYS D 14 -36.17 26.94 24.31
CA LYS D 14 -35.19 26.96 23.23
C LYS D 14 -34.06 25.97 23.49
N ARG D 15 -33.53 25.96 24.72
CA ARG D 15 -32.45 25.04 25.06
C ARG D 15 -32.92 23.59 24.98
N GLU D 16 -34.10 23.30 25.55
CA GLU D 16 -34.65 21.95 25.46
C GLU D 16 -34.89 21.56 24.00
N LEU D 17 -35.39 22.51 23.20
CA LEU D 17 -35.63 22.21 21.79
C LEU D 17 -34.33 21.84 21.08
N GLN D 18 -33.28 22.62 21.27
CA GLN D 18 -32.05 22.36 20.53
C GLN D 18 -31.36 21.10 21.03
N VAL D 19 -31.41 20.82 22.34
CA VAL D 19 -30.78 19.59 22.82
C VAL D 19 -31.57 18.37 22.33
N LEU D 20 -32.90 18.47 22.29
CA LEU D 20 -33.69 17.37 21.73
C LEU D 20 -33.39 17.19 20.26
N TYR D 21 -33.20 18.30 19.54
CA TYR D 21 -32.84 18.19 18.13
C TYR D 21 -31.51 17.49 17.94
N ARG D 22 -30.52 17.82 18.76
CA ARG D 22 -29.22 17.15 18.64
C ARG D 22 -29.34 15.67 18.98
N GLY D 23 -30.13 15.34 20.00
CA GLY D 23 -30.36 13.94 20.30
C GLY D 23 -31.01 13.19 19.15
N PHE D 24 -31.99 13.83 18.49
CA PHE D 24 -32.64 13.22 17.34
C PHE D 24 -31.64 13.06 16.19
N LYS D 25 -30.83 14.09 15.94
CA LYS D 25 -29.94 14.07 14.80
C LYS D 25 -28.83 13.04 14.97
N ASN D 26 -28.35 12.83 16.20
CA ASN D 26 -27.31 11.84 16.42
C ASN D 26 -27.74 10.44 16.01
N GLU D 27 -29.04 10.18 15.97
CA GLU D 27 -29.56 8.88 15.57
C GLU D 27 -29.93 8.81 14.09
N CYS D 28 -30.46 9.89 13.53
CA CYS D 28 -30.86 9.93 12.12
C CYS D 28 -30.24 11.17 11.49
N PRO D 29 -28.97 11.10 11.10
CA PRO D 29 -28.29 12.30 10.59
C PRO D 29 -28.95 12.90 9.36
N SER D 30 -29.68 12.11 8.58
CA SER D 30 -30.40 12.66 7.43
C SER D 30 -31.53 13.59 7.85
N GLY D 31 -31.90 13.61 9.12
CA GLY D 31 -32.93 14.50 9.62
C GLY D 31 -34.33 13.94 9.60
N VAL D 32 -34.54 12.77 9.00
CA VAL D 32 -35.86 12.15 8.91
C VAL D 32 -35.72 10.70 9.37
N VAL D 33 -36.57 10.31 10.33
CA VAL D 33 -36.51 8.98 10.94
C VAL D 33 -37.49 8.06 10.23
N ASN D 34 -37.06 6.83 9.99
CA ASN D 34 -37.90 5.80 9.39
C ASN D 34 -38.43 4.86 10.47
N GLU D 35 -39.14 3.83 10.02
CA GLU D 35 -39.75 2.88 10.96
C GLU D 35 -38.74 1.92 11.56
N ASP D 36 -37.70 1.55 10.80
CA ASP D 36 -36.69 0.63 11.32
C ASP D 36 -35.96 1.24 12.51
N THR D 37 -35.60 2.52 12.42
CA THR D 37 -35.03 3.21 13.56
C THR D 37 -35.99 3.18 14.74
N PHE D 38 -37.30 3.24 14.47
CA PHE D 38 -38.28 3.16 15.54
C PHE D 38 -38.21 1.82 16.25
N LYS D 39 -38.18 0.72 15.48
CA LYS D 39 -38.05 -0.58 16.16
C LYS D 39 -36.76 -0.62 16.95
N GLN D 40 -35.67 -0.15 16.36
CA GLN D 40 -34.38 -0.23 17.02
C GLN D 40 -34.41 0.48 18.37
N ILE D 41 -34.84 1.74 18.38
CA ILE D 41 -34.83 2.51 19.61
C ILE D 41 -35.80 1.92 20.63
N TYR D 42 -37.03 1.63 20.19
CA TYR D 42 -38.04 1.20 21.15
C TYR D 42 -37.68 -0.15 21.75
N ALA D 43 -37.14 -1.06 20.95
CA ALA D 43 -36.68 -2.33 21.49
C ALA D 43 -35.48 -2.15 22.40
N GLN D 44 -34.57 -1.23 22.04
CA GLN D 44 -33.40 -1.02 22.87
C GLN D 44 -33.78 -0.46 24.23
N PHE D 45 -34.90 0.27 24.31
CA PHE D 45 -35.39 0.69 25.63
C PHE D 45 -35.90 -0.49 26.46
N PHE D 46 -36.39 -1.55 25.80
CA PHE D 46 -36.97 -2.70 26.48
C PHE D 46 -36.26 -3.97 26.03
N PRO D 47 -35.06 -4.22 26.52
CA PRO D 47 -34.27 -5.38 26.09
C PRO D 47 -34.65 -6.68 26.78
N HIS D 48 -35.96 -6.95 26.85
CA HIS D 48 -36.47 -8.15 27.48
C HIS D 48 -37.54 -8.87 26.68
N GLY D 49 -38.23 -8.20 25.77
CA GLY D 49 -39.21 -8.84 24.91
C GLY D 49 -39.17 -8.29 23.50
N ASP D 50 -40.29 -8.39 22.78
CA ASP D 50 -40.39 -7.87 21.43
C ASP D 50 -41.59 -6.93 21.37
N ALA D 51 -41.38 -5.73 20.86
CA ALA D 51 -42.44 -4.73 20.74
C ALA D 51 -42.36 -4.02 19.39
N SER D 52 -42.08 -4.77 18.33
CA SER D 52 -41.97 -4.15 17.01
C SER D 52 -43.30 -3.60 16.54
N THR D 53 -44.40 -4.33 16.78
CA THR D 53 -45.70 -3.90 16.30
C THR D 53 -46.20 -2.65 17.03
N TYR D 54 -45.92 -2.53 18.33
CA TYR D 54 -46.30 -1.32 19.04
C TYR D 54 -45.55 -0.12 18.51
N ALA D 55 -44.25 -0.28 18.23
CA ALA D 55 -43.48 0.80 17.62
C ALA D 55 -44.02 1.12 16.23
N HIS D 56 -44.50 0.11 15.49
CA HIS D 56 -45.13 0.35 14.21
C HIS D 56 -46.35 1.25 14.37
N TYR D 57 -47.19 0.93 15.35
CA TYR D 57 -48.37 1.76 15.61
C TYR D 57 -47.96 3.17 16.02
N LEU D 58 -46.93 3.29 16.84
CA LEU D 58 -46.46 4.60 17.28
C LEU D 58 -45.98 5.44 16.12
N PHE D 59 -45.22 4.84 15.20
CA PHE D 59 -44.75 5.58 14.03
C PHE D 59 -45.92 5.96 13.14
N ASN D 60 -46.87 5.04 12.94
CA ASN D 60 -48.02 5.34 12.09
C ASN D 60 -48.81 6.51 12.66
N ALA D 61 -48.94 6.57 13.99
CA ALA D 61 -49.51 7.76 14.61
C ALA D 61 -48.62 8.99 14.37
N PHE D 62 -47.31 8.83 14.52
CA PHE D 62 -46.38 9.92 14.29
C PHE D 62 -46.39 10.36 12.84
N ASP D 63 -46.40 9.41 11.91
CA ASP D 63 -46.25 9.70 10.49
C ASP D 63 -47.59 10.22 10.01
N THR D 64 -47.74 11.54 10.03
CA THR D 64 -48.90 12.16 9.39
C THR D 64 -48.70 12.18 7.87
N THR D 65 -49.82 12.32 7.16
CA THR D 65 -49.87 12.36 5.70
C THR D 65 -49.37 11.06 5.05
N GLN D 66 -49.11 10.02 5.84
CA GLN D 66 -48.68 8.72 5.34
C GLN D 66 -47.47 8.85 4.41
N THR D 67 -46.53 9.71 4.80
CA THR D 67 -45.37 9.98 3.96
C THR D 67 -44.38 8.81 3.98
N GLY D 68 -44.43 7.97 5.00
CA GLY D 68 -43.52 6.87 5.14
C GLY D 68 -42.27 7.16 5.95
N SER D 69 -42.02 8.43 6.28
CA SER D 69 -40.88 8.80 7.12
C SER D 69 -41.10 10.22 7.61
N VAL D 70 -41.20 10.40 8.92
CA VAL D 70 -41.58 11.69 9.50
C VAL D 70 -40.36 12.56 9.66
N LYS D 71 -40.51 13.85 9.32
CA LYS D 71 -39.46 14.83 9.52
C LYS D 71 -39.47 15.30 10.98
N PHE D 72 -38.60 16.25 11.30
CA PHE D 72 -38.49 16.70 12.68
C PHE D 72 -39.64 17.60 13.09
N GLU D 73 -40.25 18.32 12.14
CA GLU D 73 -41.30 19.28 12.49
C GLU D 73 -42.46 18.57 13.16
N ASP D 74 -43.00 17.54 12.49
CA ASP D 74 -44.14 16.82 13.04
C ASP D 74 -43.76 16.04 14.29
N PHE D 75 -42.52 15.52 14.33
CA PHE D 75 -42.07 14.77 15.50
C PHE D 75 -42.05 15.65 16.74
N VAL D 76 -41.46 16.85 16.63
CA VAL D 76 -41.41 17.74 17.77
C VAL D 76 -42.80 18.28 18.10
N THR D 77 -43.65 18.49 17.09
CA THR D 77 -45.03 18.90 17.39
C THR D 77 -45.74 17.84 18.20
N ALA D 78 -45.59 16.57 17.82
CA ALA D 78 -46.21 15.48 18.57
C ALA D 78 -45.65 15.41 19.99
N LEU D 79 -44.33 15.55 20.13
CA LEU D 79 -43.75 15.53 21.48
C LEU D 79 -44.31 16.67 22.33
N SER D 80 -44.42 17.87 21.75
CA SER D 80 -44.92 19.00 22.52
C SER D 80 -46.36 18.77 22.96
N ILE D 81 -47.22 18.32 22.04
CA ILE D 81 -48.61 18.11 22.40
C ILE D 81 -48.75 16.96 23.38
N LEU D 82 -47.83 15.99 23.33
CA LEU D 82 -47.91 14.85 24.23
C LEU D 82 -47.43 15.20 25.64
N LEU D 83 -46.38 16.02 25.74
CA LEU D 83 -45.69 16.20 27.02
C LEU D 83 -45.95 17.53 27.70
N ARG D 84 -46.31 18.59 26.95
CA ARG D 84 -46.47 19.89 27.56
C ARG D 84 -47.66 20.65 26.98
N GLY D 85 -48.70 19.93 26.55
CA GLY D 85 -49.91 20.52 26.05
C GLY D 85 -51.06 20.41 27.03
N THR D 86 -52.28 20.43 26.47
CA THR D 86 -53.49 20.25 27.26
C THR D 86 -53.97 18.82 27.13
N VAL D 87 -54.78 18.40 28.11
CA VAL D 87 -55.24 17.01 28.16
C VAL D 87 -56.08 16.67 26.94
N HIS D 88 -56.79 17.66 26.38
CA HIS D 88 -57.56 17.41 25.16
C HIS D 88 -56.64 17.01 24.01
N GLU D 89 -55.46 17.63 23.93
CA GLU D 89 -54.51 17.25 22.88
C GLU D 89 -54.04 15.81 23.07
N LYS D 90 -53.78 15.41 24.32
CA LYS D 90 -53.40 14.01 24.56
C LYS D 90 -54.53 13.06 24.16
N LEU D 91 -55.77 13.41 24.47
CA LEU D 91 -56.88 12.54 24.08
C LEU D 91 -57.05 12.47 22.57
N ARG D 92 -56.84 13.59 21.87
CA ARG D 92 -56.87 13.57 20.42
C ARG D 92 -55.76 12.67 19.86
N TRP D 93 -54.57 12.73 20.46
CA TRP D 93 -53.50 11.87 20.01
C TRP D 93 -53.81 10.41 20.27
N THR D 94 -54.45 10.10 21.40
CA THR D 94 -54.87 8.73 21.65
C THR D 94 -55.90 8.27 20.63
N PHE D 95 -56.83 9.16 20.25
CA PHE D 95 -57.74 8.87 19.15
C PHE D 95 -56.97 8.50 17.90
N ASN D 96 -56.01 9.34 17.51
CA ASN D 96 -55.27 9.09 16.27
C ASN D 96 -54.48 7.79 16.32
N LEU D 97 -53.85 7.52 17.47
CA LEU D 97 -53.03 6.31 17.59
C LEU D 97 -53.90 5.06 17.56
N TYR D 98 -55.01 5.06 18.31
CA TYR D 98 -55.87 3.89 18.37
C TYR D 98 -56.65 3.67 17.08
N ASP D 99 -56.71 4.67 16.20
CA ASP D 99 -57.55 4.59 15.01
C ASP D 99 -56.61 4.16 13.88
N ILE D 100 -56.32 2.85 13.83
CA ILE D 100 -55.34 2.32 12.89
C ILE D 100 -55.72 2.59 11.44
N ASN D 101 -56.99 2.85 11.18
CA ASN D 101 -57.53 3.19 9.86
C ASN D 101 -57.93 4.67 9.89
N LYS D 102 -58.76 5.08 8.94
CA LYS D 102 -59.40 6.39 8.99
C LYS D 102 -60.89 6.31 9.31
N ASP D 103 -61.28 5.43 10.24
CA ASP D 103 -62.68 5.29 10.61
C ASP D 103 -63.02 6.16 11.82
N GLY D 104 -64.26 6.07 12.28
CA GLY D 104 -64.66 6.76 13.48
C GLY D 104 -64.79 5.84 14.67
N TYR D 105 -65.47 4.72 14.48
CA TYR D 105 -65.72 3.78 15.56
C TYR D 105 -64.50 2.87 15.78
N ILE D 106 -64.48 2.26 16.96
CA ILE D 106 -63.40 1.38 17.39
C ILE D 106 -63.99 -0.02 17.61
N ASN D 107 -63.35 -1.03 17.00
CA ASN D 107 -63.88 -2.38 17.03
C ASN D 107 -62.99 -3.31 17.87
N LYS D 108 -63.33 -4.59 17.85
CA LYS D 108 -62.67 -5.58 18.70
C LYS D 108 -61.20 -5.75 18.32
N GLU D 109 -60.91 -5.85 17.03
CA GLU D 109 -59.57 -6.20 16.58
C GLU D 109 -58.55 -5.12 16.89
N GLU D 110 -58.97 -3.86 17.00
CA GLU D 110 -58.04 -2.80 17.36
C GLU D 110 -57.52 -3.00 18.78
N MET D 111 -58.41 -3.23 19.73
CA MET D 111 -57.95 -3.62 21.06
C MET D 111 -57.20 -4.94 21.04
N MET D 112 -57.56 -5.86 20.14
CA MET D 112 -56.80 -7.10 20.03
C MET D 112 -55.33 -6.83 19.72
N ASP D 113 -55.04 -6.08 18.66
CA ASP D 113 -53.64 -5.96 18.28
C ASP D 113 -52.90 -4.98 19.20
N ILE D 114 -53.61 -4.01 19.78
CA ILE D 114 -52.96 -3.16 20.78
C ILE D 114 -52.58 -3.98 22.01
N VAL D 115 -53.49 -4.82 22.51
CA VAL D 115 -53.17 -5.59 23.71
C VAL D 115 -52.11 -6.64 23.40
N LYS D 116 -52.05 -7.13 22.15
CA LYS D 116 -50.91 -7.99 21.78
C LYS D 116 -49.60 -7.19 21.78
N ALA D 117 -49.63 -5.97 21.24
CA ALA D 117 -48.45 -5.13 21.25
C ALA D 117 -48.00 -4.82 22.67
N ILE D 118 -48.93 -4.83 23.61
CA ILE D 118 -48.56 -4.62 25.01
C ILE D 118 -48.04 -5.91 25.64
N TYR D 119 -48.71 -7.03 25.39
CA TYR D 119 -48.41 -8.26 26.10
C TYR D 119 -47.14 -8.94 25.58
N ASP D 120 -46.80 -8.77 24.31
CA ASP D 120 -45.56 -9.33 23.80
C ASP D 120 -44.33 -8.61 24.32
N MET D 121 -44.52 -7.47 24.99
CA MET D 121 -43.38 -6.72 25.50
C MET D 121 -42.63 -7.47 26.58
N MET D 122 -43.35 -8.25 27.40
CA MET D 122 -42.74 -8.89 28.56
C MET D 122 -41.86 -10.06 28.16
N GLY D 123 -42.47 -11.09 27.55
CA GLY D 123 -41.79 -12.34 27.25
C GLY D 123 -42.42 -13.50 28.00
N LYS D 124 -41.57 -14.43 28.45
CA LYS D 124 -42.01 -15.62 29.16
C LYS D 124 -41.31 -15.79 30.50
N TYR D 125 -41.02 -14.68 31.18
CA TYR D 125 -40.36 -14.69 32.48
C TYR D 125 -41.11 -13.82 33.49
N THR D 126 -42.42 -14.01 33.56
CA THR D 126 -43.25 -13.32 34.54
C THR D 126 -44.00 -14.35 35.38
N TYR D 127 -44.20 -14.01 36.66
CA TYR D 127 -44.85 -14.96 37.58
C TYR D 127 -46.28 -15.29 37.18
N PRO D 128 -47.16 -14.33 36.86
CA PRO D 128 -48.54 -14.70 36.52
C PRO D 128 -48.67 -15.58 35.29
N VAL D 129 -47.64 -15.63 34.44
CA VAL D 129 -47.64 -16.44 33.23
C VAL D 129 -48.79 -16.01 32.34
N LEU D 130 -48.59 -14.92 31.60
CA LEU D 130 -49.61 -14.41 30.71
C LEU D 130 -49.88 -15.39 29.58
N LYS D 131 -51.13 -15.45 29.14
CA LYS D 131 -51.54 -16.32 28.05
C LYS D 131 -52.55 -15.56 27.18
N GLU D 132 -53.24 -16.27 26.32
CA GLU D 132 -54.27 -15.64 25.49
C GLU D 132 -55.52 -15.30 26.28
N ASP D 133 -55.68 -15.84 27.48
CA ASP D 133 -56.88 -15.58 28.27
C ASP D 133 -56.94 -14.12 28.72
N THR D 134 -55.86 -13.63 29.32
CA THR D 134 -55.87 -12.29 29.92
C THR D 134 -56.17 -11.15 28.95
N PRO D 135 -55.64 -11.12 27.71
CA PRO D 135 -55.87 -9.94 26.87
C PRO D 135 -57.34 -9.63 26.63
N ARG D 136 -58.18 -10.64 26.43
CA ARG D 136 -59.56 -10.32 26.14
C ARG D 136 -60.46 -10.24 27.37
N GLN D 137 -60.04 -10.70 28.55
CA GLN D 137 -60.63 -10.10 29.75
C GLN D 137 -60.33 -8.62 29.84
N HIS D 138 -59.09 -8.22 29.56
CA HIS D 138 -58.76 -6.79 29.62
C HIS D 138 -59.60 -6.00 28.62
N VAL D 139 -59.71 -6.51 27.40
CA VAL D 139 -60.49 -5.82 26.37
C VAL D 139 -61.97 -5.82 26.73
N ASP D 140 -62.47 -6.92 27.30
CA ASP D 140 -63.87 -6.94 27.73
C ASP D 140 -64.13 -5.89 28.79
N VAL D 141 -63.25 -5.79 29.79
CA VAL D 141 -63.43 -4.79 30.85
C VAL D 141 -63.39 -3.39 30.25
N PHE D 142 -62.46 -3.14 29.34
CA PHE D 142 -62.48 -1.90 28.58
C PHE D 142 -63.84 -1.67 27.93
N PHE D 143 -64.46 -2.75 27.42
CA PHE D 143 -65.72 -2.60 26.71
C PHE D 143 -66.88 -2.29 27.65
N GLN D 144 -66.91 -2.88 28.86
CA GLN D 144 -67.93 -2.42 29.80
C GLN D 144 -67.66 -1.00 30.25
N LYS D 145 -66.39 -0.58 30.33
CA LYS D 145 -66.15 0.83 30.56
C LYS D 145 -66.49 1.63 29.31
N MET D 146 -66.39 1.00 28.14
CA MET D 146 -66.84 1.59 26.89
C MET D 146 -68.37 1.60 26.85
N ASP D 147 -68.93 2.28 25.85
CA ASP D 147 -70.38 2.36 25.74
C ASP D 147 -70.98 1.00 25.44
N LYS D 148 -72.15 0.75 26.04
CA LYS D 148 -72.88 -0.48 25.73
C LYS D 148 -73.32 -0.51 24.28
N ASN D 149 -73.75 0.63 23.75
CA ASN D 149 -74.18 0.71 22.36
C ASN D 149 -73.02 0.48 21.42
N LYS D 150 -73.27 -0.24 20.33
CA LYS D 150 -72.26 -0.50 19.32
C LYS D 150 -72.37 0.49 18.18
N THR D 155 -67.36 4.59 20.46
CA THR D 155 -67.64 6.01 20.29
C THR D 155 -66.51 6.85 20.87
N LEU D 156 -65.88 7.64 20.01
CA LEU D 156 -64.73 8.45 20.43
C LEU D 156 -65.14 9.45 21.50
N ASP D 157 -66.31 10.07 21.35
CA ASP D 157 -66.78 11.00 22.37
C ASP D 157 -67.07 10.27 23.68
N GLU D 158 -67.61 9.06 23.60
CA GLU D 158 -67.85 8.27 24.82
C GLU D 158 -66.54 7.90 25.49
N PHE D 159 -65.52 7.53 24.70
CA PHE D 159 -64.21 7.23 25.27
C PHE D 159 -63.63 8.48 25.94
N LEU D 160 -63.80 9.64 25.30
CA LEU D 160 -63.37 10.90 25.90
C LEU D 160 -64.04 11.12 27.25
N GLU D 161 -65.38 11.15 27.26
CA GLU D 161 -66.09 11.44 28.50
C GLU D 161 -65.79 10.42 29.58
N SER D 162 -65.48 9.18 29.19
CA SER D 162 -65.00 8.22 30.17
C SER D 162 -63.61 8.60 30.69
N CYS D 163 -62.78 9.18 29.83
CA CYS D 163 -61.46 9.62 30.28
C CYS D 163 -61.55 10.76 31.28
N GLN D 164 -62.42 11.73 31.03
CA GLN D 164 -62.62 12.78 32.04
C GLN D 164 -63.67 12.42 33.09
N GLU D 165 -64.12 11.17 33.15
CA GLU D 165 -64.96 10.73 34.26
C GLU D 165 -64.20 9.92 35.29
N ASP D 166 -62.97 9.51 35.01
CA ASP D 166 -62.15 8.73 35.92
C ASP D 166 -60.94 9.55 36.36
N ASP D 167 -60.70 9.57 37.67
CA ASP D 167 -59.60 10.37 38.21
C ASP D 167 -58.24 9.71 37.98
N ASN D 168 -58.18 8.37 38.01
CA ASN D 168 -56.90 7.69 37.89
C ASN D 168 -56.23 7.98 36.55
N ILE D 169 -57.01 7.92 35.47
CA ILE D 169 -56.45 8.21 34.16
C ILE D 169 -56.05 9.68 34.04
N MET D 170 -56.83 10.58 34.66
CA MET D 170 -56.50 11.99 34.59
C MET D 170 -55.19 12.28 35.31
N ARG D 171 -54.96 11.66 36.47
CA ARG D 171 -53.73 11.87 37.19
C ARG D 171 -52.57 11.06 36.62
N SER D 172 -52.85 10.14 35.68
CA SER D 172 -51.83 9.34 35.03
C SER D 172 -51.12 10.08 33.91
N LEU D 173 -51.26 11.39 33.85
CA LEU D 173 -50.74 12.14 32.72
C LEU D 173 -49.83 13.28 33.11
N GLN D 174 -50.08 13.92 34.26
CA GLN D 174 -49.26 15.06 34.65
C GLN D 174 -47.88 14.64 35.14
N LEU D 175 -47.75 13.42 35.66
CA LEU D 175 -46.49 12.99 36.25
C LEU D 175 -45.38 12.95 35.20
N PHE D 176 -45.74 12.79 33.93
CA PHE D 176 -44.79 12.99 32.84
C PHE D 176 -44.82 14.40 32.29
N GLN D 177 -45.89 15.15 32.55
CA GLN D 177 -46.01 16.50 31.99
C GLN D 177 -44.93 17.43 32.56
N ASN D 178 -44.74 17.41 33.87
CA ASN D 178 -43.82 18.35 34.49
C ASN D 178 -42.37 18.03 34.17
N VAL D 179 -41.98 16.77 34.29
CA VAL D 179 -40.58 16.37 34.17
C VAL D 179 -40.20 16.25 32.71
N MET D 180 -39.04 16.82 32.36
CA MET D 180 -38.50 16.76 31.00
C MET D 180 -39.49 17.27 29.96
N ALA E 1 -23.07 31.01 -10.38
CA ALA E 1 -23.72 30.23 -9.33
C ALA E 1 -23.80 31.02 -8.04
N ALA E 2 -24.05 30.32 -6.93
CA ALA E 2 -24.17 30.93 -5.62
C ALA E 2 -22.86 30.92 -4.84
N GLY E 3 -21.80 30.32 -5.39
CA GLY E 3 -20.55 30.23 -4.67
C GLY E 3 -19.51 31.21 -5.15
N VAL E 4 -19.93 32.24 -5.86
CA VAL E 4 -18.99 33.20 -6.46
C VAL E 4 -19.37 34.58 -5.94
N ALA E 5 -19.89 34.63 -4.71
CA ALA E 5 -20.36 35.90 -4.15
C ALA E 5 -19.25 36.94 -4.10
N ALA E 6 -18.01 36.51 -3.86
CA ALA E 6 -16.91 37.46 -3.75
C ALA E 6 -16.68 38.25 -5.03
N TRP E 7 -17.13 37.73 -6.18
CA TRP E 7 -17.00 38.41 -7.45
C TRP E 7 -18.27 39.16 -7.85
N LEU E 8 -19.24 39.24 -6.94
CA LEU E 8 -20.48 39.96 -7.24
C LEU E 8 -20.25 41.40 -7.68
N PRO E 9 -19.39 42.19 -7.02
CA PRO E 9 -19.14 43.55 -7.53
C PRO E 9 -18.60 43.55 -8.94
N PHE E 10 -17.74 42.59 -9.29
CA PHE E 10 -17.15 42.58 -10.62
C PHE E 10 -18.23 42.50 -11.69
N ALA E 11 -19.21 41.61 -11.50
CA ALA E 11 -20.35 41.56 -12.42
C ALA E 11 -21.08 42.90 -12.45
N ARG E 12 -21.29 43.50 -11.28
CA ARG E 12 -21.84 44.85 -11.23
C ARG E 12 -21.01 45.79 -12.10
N ALA E 13 -19.70 45.71 -11.97
CA ALA E 13 -18.83 46.53 -12.80
C ALA E 13 -19.04 46.23 -14.27
N ALA E 14 -19.21 44.95 -14.61
CA ALA E 14 -19.44 44.58 -16.01
C ALA E 14 -20.68 45.26 -16.56
N ALA E 15 -21.65 45.59 -15.70
CA ALA E 15 -22.85 46.27 -16.17
C ALA E 15 -22.50 47.58 -16.86
N ILE E 16 -21.47 48.28 -16.36
CA ILE E 16 -21.07 49.56 -16.94
C ILE E 16 -20.69 49.40 -18.40
N GLY E 17 -20.35 48.18 -18.80
CA GLY E 17 -20.01 47.94 -20.20
C GLY E 17 -21.16 48.19 -21.16
N TRP E 18 -22.41 48.08 -20.70
CA TRP E 18 -23.55 48.21 -21.60
C TRP E 18 -24.48 49.36 -21.21
N MET E 19 -24.00 50.30 -20.38
CA MET E 19 -24.81 51.47 -20.07
C MET E 19 -25.17 52.31 -21.28
N PRO E 20 -24.24 52.62 -22.21
CA PRO E 20 -24.66 53.40 -23.39
C PRO E 20 -25.75 52.74 -24.20
N VAL E 21 -25.73 51.41 -24.31
CA VAL E 21 -26.77 50.71 -25.07
C VAL E 21 -28.02 50.48 -24.22
N ALA E 22 -27.94 50.67 -22.92
CA ALA E 22 -29.08 50.41 -22.04
C ALA E 22 -30.21 51.39 -22.32
N SER E 23 -31.44 50.89 -22.21
CA SER E 23 -32.64 51.72 -22.35
C SER E 23 -33.72 51.11 -21.45
N GLY E 24 -33.83 51.62 -20.23
CA GLY E 24 -34.77 51.09 -19.27
C GLY E 24 -34.82 51.88 -17.98
N PRO E 25 -35.74 51.50 -17.09
CA PRO E 25 -35.91 52.24 -15.82
C PRO E 25 -34.80 52.02 -14.81
N MET E 26 -33.93 51.01 -14.99
CA MET E 26 -32.82 50.77 -14.07
C MET E 26 -33.30 50.62 -12.62
N PRO E 27 -33.89 49.48 -12.27
CA PRO E 27 -34.64 49.37 -11.01
C PRO E 27 -33.90 49.71 -9.73
N ALA E 28 -32.58 49.97 -9.81
CA ALA E 28 -31.76 50.47 -8.71
C ALA E 28 -31.57 49.40 -7.63
N PRO E 29 -30.44 49.41 -6.92
CA PRO E 29 -30.16 48.35 -5.94
C PRO E 29 -31.24 48.26 -4.87
N PRO E 30 -31.59 47.05 -4.45
CA PRO E 30 -32.69 46.83 -3.48
C PRO E 30 -32.28 46.87 -2.02
N ARG E 31 -32.10 48.11 -1.52
CA ARG E 31 -31.87 48.42 -0.10
C ARG E 31 -30.89 47.45 0.56
N GLN E 32 -29.69 47.39 0.01
CA GLN E 32 -28.64 46.60 0.62
C GLN E 32 -28.12 47.29 1.89
N GLU E 33 -27.56 46.49 2.79
CA GLU E 33 -27.06 46.98 4.06
C GLU E 33 -25.54 46.91 4.12
N ARG E 34 -24.99 47.63 5.10
CA ARG E 34 -23.55 47.62 5.44
C ARG E 34 -22.67 47.71 4.18
N LYS E 35 -22.73 48.90 3.56
CA LYS E 35 -21.95 49.16 2.36
C LYS E 35 -20.50 48.76 2.54
N ARG E 36 -19.89 49.19 3.65
CA ARG E 36 -18.55 48.72 4.00
C ARG E 36 -18.64 47.40 4.75
N THR E 37 -17.64 46.55 4.55
CA THR E 37 -17.72 45.17 5.04
C THR E 37 -17.49 45.11 6.54
N GLN E 38 -18.43 44.48 7.24
CA GLN E 38 -18.33 44.19 8.67
C GLN E 38 -18.46 42.70 8.92
N ASP E 39 -17.77 41.90 8.10
CA ASP E 39 -17.76 40.46 8.29
C ASP E 39 -16.99 40.09 9.55
N ALA E 40 -17.59 39.24 10.37
CA ALA E 40 -17.00 38.83 11.64
C ALA E 40 -16.60 37.37 11.56
N LEU E 41 -15.50 37.03 12.23
CA LEU E 41 -14.99 35.67 12.18
C LEU E 41 -15.88 34.75 13.01
N ILE E 42 -16.79 34.04 12.35
CA ILE E 42 -17.62 33.09 13.05
C ILE E 42 -16.79 31.85 13.36
N VAL E 43 -16.89 31.37 14.59
CA VAL E 43 -16.06 30.28 15.08
C VAL E 43 -16.93 29.04 15.26
N LEU E 44 -16.47 27.92 14.73
CA LEU E 44 -17.16 26.65 14.78
C LEU E 44 -16.23 25.68 15.50
N ASN E 45 -16.53 25.34 16.75
CA ASN E 45 -15.76 24.34 17.45
C ASN E 45 -16.50 23.02 17.38
N VAL E 46 -15.79 21.96 17.05
CA VAL E 46 -16.39 20.65 16.83
C VAL E 46 -15.82 19.71 17.88
N SER E 47 -16.48 19.65 19.03
CA SER E 47 -16.06 18.83 20.16
C SER E 47 -14.57 19.00 20.42
N GLY E 48 -14.15 20.26 20.62
CA GLY E 48 -12.75 20.53 20.81
C GLY E 48 -12.24 21.71 20.02
N THR E 49 -11.32 21.46 19.09
CA THR E 49 -10.69 22.52 18.34
C THR E 49 -11.72 23.38 17.62
N ARG E 50 -11.32 24.60 17.27
CA ARG E 50 -12.20 25.58 16.68
C ARG E 50 -11.67 26.03 15.32
N PHE E 51 -12.57 26.16 14.36
CA PHE E 51 -12.25 26.67 13.03
C PHE E 51 -12.93 28.02 12.86
N GLN E 52 -12.16 29.02 12.50
CA GLN E 52 -12.69 30.37 12.29
C GLN E 52 -12.84 30.61 10.80
N THR E 53 -14.01 31.13 10.40
CA THR E 53 -14.22 31.44 9.00
C THR E 53 -15.24 32.58 8.89
N TRP E 54 -15.29 33.19 7.72
CA TRP E 54 -16.22 34.28 7.49
C TRP E 54 -17.65 33.77 7.47
N GLN E 55 -18.59 34.70 7.29
CA GLN E 55 -19.99 34.32 7.17
C GLN E 55 -20.40 34.13 5.72
N ASP E 56 -19.96 35.03 4.83
CA ASP E 56 -20.25 34.87 3.41
C ASP E 56 -19.64 33.59 2.86
N THR E 57 -18.44 33.26 3.33
CA THR E 57 -17.81 32.00 2.92
C THR E 57 -18.64 30.81 3.36
N LEU E 58 -19.20 30.88 4.58
CA LEU E 58 -19.96 29.75 5.10
C LEU E 58 -21.37 29.68 4.54
N GLU E 59 -21.87 30.76 3.95
CA GLU E 59 -23.25 30.80 3.50
C GLU E 59 -23.42 30.73 1.99
N ARG E 60 -22.33 30.49 1.23
CA ARG E 60 -22.48 30.43 -0.22
C ARG E 60 -23.14 29.14 -0.69
N TYR E 61 -23.36 28.17 0.19
CA TYR E 61 -23.98 26.89 -0.17
C TYR E 61 -25.16 26.68 0.75
N PRO E 62 -26.31 27.29 0.45
CA PRO E 62 -27.42 27.29 1.41
C PRO E 62 -28.13 25.96 1.56
N ASP E 63 -27.87 24.99 0.69
CA ASP E 63 -28.57 23.72 0.76
C ASP E 63 -28.06 22.82 1.88
N THR E 64 -26.94 23.16 2.50
CA THR E 64 -26.33 22.31 3.51
C THR E 64 -26.69 22.78 4.90
N LEU E 65 -26.19 22.05 5.90
CA LEU E 65 -26.53 22.37 7.28
C LEU E 65 -25.76 23.59 7.78
N LEU E 66 -24.49 23.71 7.40
CA LEU E 66 -23.73 24.88 7.79
C LEU E 66 -24.21 26.15 7.10
N GLY E 67 -24.91 26.01 5.98
CA GLY E 67 -25.63 27.11 5.40
C GLY E 67 -27.03 27.20 5.97
N SER E 68 -27.89 27.94 5.28
CA SER E 68 -29.29 28.07 5.65
C SER E 68 -29.46 28.62 7.06
N SER E 69 -30.66 28.48 7.62
CA SER E 69 -30.92 28.81 9.01
C SER E 69 -30.92 27.59 9.90
N GLU E 70 -30.54 26.43 9.36
CA GLU E 70 -30.49 25.22 10.18
C GLU E 70 -29.41 25.30 11.25
N ARG E 71 -28.26 25.92 10.92
CA ARG E 71 -27.16 25.98 11.87
C ARG E 71 -27.54 26.65 13.17
N ASP E 72 -28.58 27.48 13.17
CA ASP E 72 -28.99 28.16 14.38
C ASP E 72 -29.54 27.19 15.43
N PHE E 73 -29.79 25.93 15.07
CA PHE E 73 -30.08 24.94 16.09
C PHE E 73 -28.88 24.70 16.99
N PHE E 74 -27.67 24.81 16.44
CA PHE E 74 -26.45 24.50 17.16
C PHE E 74 -25.75 25.72 17.73
N TYR E 75 -26.32 26.91 17.60
CA TYR E 75 -25.72 28.08 18.23
C TYR E 75 -25.78 27.90 19.74
N HIS E 76 -24.64 28.07 20.39
CA HIS E 76 -24.57 27.88 21.84
C HIS E 76 -24.45 29.27 22.44
N PRO E 77 -25.49 29.79 23.10
CA PRO E 77 -25.58 31.25 23.25
C PRO E 77 -24.56 31.84 24.21
N GLU E 78 -24.44 31.29 25.41
CA GLU E 78 -23.62 31.94 26.43
C GLU E 78 -22.14 31.96 26.10
N THR E 79 -21.72 31.31 25.02
CA THR E 79 -20.34 31.41 24.57
C THR E 79 -20.21 31.98 23.16
N GLN E 80 -21.31 32.11 22.42
CA GLN E 80 -21.30 32.68 21.07
C GLN E 80 -20.38 31.89 20.13
N GLN E 81 -20.61 30.59 20.07
CA GLN E 81 -19.85 29.74 19.14
C GLN E 81 -20.65 28.48 18.88
N TYR E 82 -20.76 28.09 17.61
CA TYR E 82 -21.48 26.87 17.26
C TYR E 82 -20.70 25.66 17.73
N PHE E 83 -21.31 24.89 18.63
CA PHE E 83 -20.67 23.70 19.20
C PHE E 83 -21.24 22.46 18.54
N PHE E 84 -20.71 22.12 17.36
CA PHE E 84 -21.08 20.88 16.73
C PHE E 84 -20.47 19.71 17.49
N ASP E 85 -21.23 18.64 17.64
CA ASP E 85 -20.79 17.47 18.40
C ASP E 85 -20.25 16.38 17.48
N ARG E 86 -19.55 16.76 16.42
CA ARG E 86 -19.10 15.82 15.40
C ARG E 86 -17.61 15.53 15.57
N ASP E 87 -17.05 14.83 14.59
CA ASP E 87 -15.63 14.51 14.62
C ASP E 87 -14.80 15.76 14.33
N PRO E 88 -13.69 15.95 15.04
CA PRO E 88 -12.88 17.16 14.84
C PRO E 88 -11.93 17.12 13.67
N ASP E 89 -12.01 16.13 12.78
CA ASP E 89 -11.09 16.03 11.66
C ASP E 89 -11.77 16.11 10.30
N ILE E 90 -12.80 15.30 10.07
CA ILE E 90 -13.49 15.34 8.79
C ILE E 90 -14.10 16.72 8.55
N PHE E 91 -14.52 17.37 9.63
CA PHE E 91 -15.05 18.72 9.51
C PHE E 91 -14.05 19.65 8.84
N ARG E 92 -12.76 19.37 8.98
CA ARG E 92 -11.77 20.18 8.28
C ARG E 92 -11.95 20.08 6.78
N HIS E 93 -12.20 18.86 6.27
CA HIS E 93 -12.44 18.70 4.84
C HIS E 93 -13.75 19.35 4.42
N ILE E 94 -14.77 19.30 5.29
CA ILE E 94 -16.02 19.96 4.94
C ILE E 94 -15.82 21.47 4.83
N LEU E 95 -15.09 22.05 5.78
CA LEU E 95 -14.79 23.48 5.68
C LEU E 95 -13.96 23.78 4.44
N ASN E 96 -13.03 22.88 4.10
CA ASN E 96 -12.26 23.05 2.88
C ASN E 96 -13.18 23.09 1.66
N PHE E 97 -14.19 22.22 1.65
CA PHE E 97 -15.15 22.24 0.55
C PHE E 97 -15.88 23.58 0.48
N TYR E 98 -16.34 24.07 1.63
CA TYR E 98 -17.00 25.37 1.64
C TYR E 98 -16.09 26.44 1.07
N ARG E 99 -14.80 26.37 1.39
CA ARG E 99 -13.86 27.34 0.86
C ARG E 99 -13.75 27.23 -0.65
N THR E 100 -13.66 26.01 -1.18
CA THR E 100 -13.44 25.80 -2.62
C THR E 100 -14.73 25.49 -3.37
N GLY E 101 -15.49 24.49 -2.92
CA GLY E 101 -16.59 23.96 -3.66
C GLY E 101 -16.39 22.53 -4.13
N LYS E 102 -15.16 22.03 -4.09
CA LYS E 102 -14.83 20.66 -4.48
C LYS E 102 -14.29 19.94 -3.24
N LEU E 103 -15.16 19.17 -2.60
CA LEU E 103 -14.78 18.43 -1.40
C LEU E 103 -13.79 17.32 -1.76
N HIS E 104 -12.87 17.06 -0.84
CA HIS E 104 -11.84 16.05 -1.03
C HIS E 104 -12.09 14.86 -0.09
N TYR E 105 -11.25 13.86 -0.24
CA TYR E 105 -11.37 12.69 0.62
C TYR E 105 -10.02 12.00 0.79
N PRO E 106 -9.42 12.05 1.98
CA PRO E 106 -8.17 11.34 2.21
C PRO E 106 -8.41 9.85 2.36
N ARG E 107 -7.32 9.09 2.32
CA ARG E 107 -7.42 7.64 2.31
C ARG E 107 -7.55 7.04 3.69
N HIS E 108 -6.90 7.62 4.70
CA HIS E 108 -6.79 7.01 6.02
C HIS E 108 -8.02 7.29 6.89
N GLU E 109 -9.21 7.00 6.37
CA GLU E 109 -10.44 7.30 7.09
C GLU E 109 -11.45 6.18 6.87
N CYS E 110 -12.11 5.77 7.94
CA CYS E 110 -13.14 4.74 7.82
C CYS E 110 -14.33 5.27 7.03
N ILE E 111 -14.81 4.48 6.08
CA ILE E 111 -15.92 4.92 5.23
C ILE E 111 -17.18 5.15 6.04
N SER E 112 -17.49 4.25 6.97
CA SER E 112 -18.72 4.42 7.73
C SER E 112 -18.71 5.76 8.47
N ALA E 113 -17.63 6.05 9.17
CA ALA E 113 -17.55 7.30 9.93
C ALA E 113 -17.53 8.50 8.99
N TYR E 114 -16.73 8.44 7.93
CA TYR E 114 -16.62 9.59 7.04
C TYR E 114 -17.95 9.88 6.38
N ASP E 115 -18.63 8.84 5.91
CA ASP E 115 -19.93 9.03 5.28
C ASP E 115 -20.98 9.50 6.27
N GLU E 116 -20.92 9.00 7.51
CA GLU E 116 -21.85 9.47 8.53
C GLU E 116 -21.67 10.96 8.79
N GLU E 117 -20.41 11.40 8.93
CA GLU E 117 -20.16 12.81 9.17
C GLU E 117 -20.44 13.64 7.92
N LEU E 118 -20.37 13.02 6.75
CA LEU E 118 -20.63 13.75 5.52
C LEU E 118 -22.13 13.94 5.31
N ALA E 119 -22.92 12.93 5.67
CA ALA E 119 -24.38 13.04 5.54
C ALA E 119 -24.99 13.84 6.68
N PHE E 120 -24.37 13.82 7.86
CA PHE E 120 -24.87 14.62 8.98
C PHE E 120 -24.96 16.08 8.58
N PHE E 121 -23.91 16.61 7.98
CA PHE E 121 -23.88 18.01 7.58
C PHE E 121 -24.63 18.27 6.30
N GLY E 122 -25.42 17.30 5.83
CA GLY E 122 -26.27 17.50 4.68
C GLY E 122 -25.57 17.39 3.34
N LEU E 123 -24.28 17.13 3.32
CA LEU E 123 -23.58 17.02 2.06
C LEU E 123 -23.90 15.67 1.40
N ILE E 124 -23.69 15.62 0.08
CA ILE E 124 -23.97 14.40 -0.67
C ILE E 124 -22.69 13.91 -1.32
N PRO E 125 -22.50 12.60 -1.46
CA PRO E 125 -21.20 12.07 -1.90
C PRO E 125 -20.76 12.54 -3.27
N GLU E 126 -21.67 12.81 -4.20
CA GLU E 126 -21.24 13.08 -5.56
C GLU E 126 -20.47 14.38 -5.71
N ILE E 127 -20.43 15.23 -4.69
CA ILE E 127 -19.71 16.50 -4.81
C ILE E 127 -18.20 16.28 -4.77
N ILE E 128 -17.74 15.10 -4.37
CA ILE E 128 -16.31 14.86 -4.23
C ILE E 128 -15.59 15.20 -5.51
N GLY E 129 -14.45 15.87 -5.38
CA GLY E 129 -13.67 16.22 -6.55
C GLY E 129 -13.23 14.99 -7.32
N ASP E 130 -13.13 15.14 -8.64
CA ASP E 130 -12.80 14.01 -9.50
C ASP E 130 -11.48 13.38 -9.12
N CYS E 131 -10.56 14.16 -8.56
CA CYS E 131 -9.25 13.65 -8.18
C CYS E 131 -9.36 12.57 -7.11
N CYS E 132 -10.18 12.79 -6.09
CA CYS E 132 -10.36 11.80 -5.04
C CYS E 132 -11.57 10.89 -5.25
N TYR E 133 -12.38 11.16 -6.26
CA TYR E 133 -13.63 10.44 -6.41
C TYR E 133 -13.39 8.96 -6.71
N GLU E 134 -12.40 8.65 -7.52
CA GLU E 134 -12.14 7.25 -7.87
C GLU E 134 -11.81 6.44 -6.62
N GLU E 135 -10.92 6.98 -5.78
CA GLU E 135 -10.50 6.24 -4.60
C GLU E 135 -11.67 6.14 -3.62
N TYR E 136 -12.45 7.21 -3.50
CA TYR E 136 -13.68 7.13 -2.70
C TYR E 136 -14.59 6.02 -3.18
N LYS E 137 -14.79 5.93 -4.49
CA LYS E 137 -15.76 4.96 -4.98
C LYS E 137 -15.25 3.54 -4.79
N ASP E 138 -13.93 3.34 -4.92
CA ASP E 138 -13.36 2.04 -4.64
C ASP E 138 -13.56 1.64 -3.18
N ARG E 139 -13.28 2.56 -2.25
CA ARG E 139 -13.48 2.26 -0.84
C ARG E 139 -14.94 1.99 -0.53
N ARG E 140 -15.84 2.82 -1.08
CA ARG E 140 -17.26 2.60 -0.87
C ARG E 140 -17.68 1.24 -1.41
N ARG E 141 -17.10 0.84 -2.54
CA ARG E 141 -17.42 -0.46 -3.13
C ARG E 141 -16.98 -1.61 -2.22
N GLU E 142 -15.77 -1.53 -1.68
CA GLU E 142 -15.32 -2.65 -0.85
C GLU E 142 -16.10 -2.71 0.45
N ASN E 143 -16.42 -1.55 1.03
CA ASN E 143 -17.25 -1.58 2.23
C ASN E 143 -18.66 -2.06 1.92
N ALA E 144 -19.18 -1.72 0.73
CA ALA E 144 -20.50 -2.18 0.34
C ALA E 144 -20.53 -3.69 0.17
N GLU E 145 -19.48 -4.27 -0.41
CA GLU E 145 -19.47 -5.73 -0.53
C GLU E 145 -19.30 -6.37 0.84
N ARG E 146 -18.56 -5.72 1.75
CA ARG E 146 -18.49 -6.21 3.12
C ARG E 146 -19.88 -6.26 3.77
N LEU E 147 -20.66 -5.18 3.61
CA LEU E 147 -21.99 -5.18 4.21
C LEU E 147 -22.93 -6.13 3.47
N GLN E 148 -22.68 -6.37 2.19
CA GLN E 148 -23.44 -7.37 1.45
C GLN E 148 -23.22 -8.75 2.06
N ASP E 149 -21.95 -9.11 2.29
CA ASP E 149 -21.65 -10.35 2.98
C ASP E 149 -22.23 -10.34 4.38
N ASP E 150 -22.34 -9.16 4.99
CA ASP E 150 -23.01 -9.05 6.29
C ASP E 150 -24.47 -9.47 6.19
N ALA E 151 -25.15 -9.01 5.14
CA ALA E 151 -26.59 -9.18 5.03
C ALA E 151 -27.00 -10.46 4.30
N ASP E 152 -26.04 -11.24 3.79
CA ASP E 152 -26.42 -12.41 2.99
C ASP E 152 -27.20 -13.49 3.72
N THR E 153 -26.58 -14.16 4.71
CA THR E 153 -27.05 -15.48 5.11
C THR E 153 -27.34 -15.57 6.60
N ASP E 154 -28.31 -16.43 6.92
CA ASP E 154 -28.63 -16.86 8.28
C ASP E 154 -29.09 -18.31 8.21
N THR E 155 -29.06 -18.98 9.35
CA THR E 155 -29.44 -20.38 9.45
C THR E 155 -30.88 -20.48 9.95
N ALA E 156 -31.74 -21.12 9.17
CA ALA E 156 -33.14 -21.27 9.52
C ALA E 156 -33.73 -22.50 8.85
N ALA E 166 -40.93 -29.07 8.86
CA ALA E 166 -41.79 -30.04 8.19
C ALA E 166 -41.01 -30.84 7.16
N ARG E 167 -41.72 -31.35 6.14
CA ARG E 167 -41.04 -32.06 5.06
C ARG E 167 -40.13 -31.14 4.27
N GLN E 168 -40.44 -29.84 4.25
CA GLN E 168 -39.62 -28.87 3.54
C GLN E 168 -38.42 -28.40 4.37
N ARG E 169 -38.37 -28.73 5.66
CA ARG E 169 -37.29 -28.25 6.52
C ARG E 169 -35.98 -28.99 6.27
N VAL E 170 -36.05 -30.26 5.87
CA VAL E 170 -34.84 -31.04 5.63
C VAL E 170 -33.97 -30.41 4.56
N TRP E 171 -34.55 -29.54 3.72
CA TRP E 171 -33.77 -28.80 2.73
C TRP E 171 -32.61 -28.06 3.39
N ARG E 172 -32.83 -27.52 4.59
CA ARG E 172 -31.74 -26.85 5.31
C ARG E 172 -30.58 -27.81 5.54
N ALA E 173 -30.88 -29.03 5.99
CA ALA E 173 -29.83 -30.02 6.15
C ALA E 173 -29.36 -30.59 4.83
N PHE E 174 -30.11 -30.37 3.75
CA PHE E 174 -29.75 -30.92 2.45
C PHE E 174 -28.77 -30.02 1.70
N GLU E 175 -28.59 -28.78 2.17
CA GLU E 175 -27.55 -27.89 1.63
C GLU E 175 -26.42 -27.66 2.60
N ASN E 176 -26.52 -28.15 3.83
CA ASN E 176 -25.41 -28.22 4.77
C ASN E 176 -25.38 -29.63 5.34
N PRO E 177 -24.86 -30.60 4.59
CA PRO E 177 -24.94 -32.01 5.03
C PRO E 177 -24.24 -32.27 6.35
N HIS E 178 -23.32 -31.40 6.78
CA HIS E 178 -22.74 -31.54 8.11
C HIS E 178 -23.67 -30.95 9.17
N THR E 179 -24.93 -31.36 9.14
CA THR E 179 -25.93 -30.90 10.10
C THR E 179 -26.54 -32.05 10.89
N SER E 180 -26.99 -33.10 10.21
CA SER E 180 -27.63 -34.23 10.86
C SER E 180 -26.92 -35.52 10.46
N THR E 181 -27.12 -36.56 11.26
CA THR E 181 -26.53 -37.86 10.96
C THR E 181 -27.02 -38.39 9.62
N MET E 182 -28.33 -38.30 9.38
CA MET E 182 -28.89 -38.83 8.14
C MET E 182 -28.38 -38.03 6.94
N ALA E 183 -28.32 -36.71 7.06
CA ALA E 183 -27.84 -35.90 5.94
C ALA E 183 -26.39 -36.20 5.62
N LEU E 184 -25.53 -36.31 6.64
CA LEU E 184 -24.12 -36.57 6.40
C LEU E 184 -23.90 -37.97 5.86
N VAL E 185 -24.60 -38.97 6.39
CA VAL E 185 -24.43 -40.32 5.87
C VAL E 185 -24.92 -40.39 4.44
N PHE E 186 -26.01 -39.70 4.10
CA PHE E 186 -26.50 -39.70 2.74
C PHE E 186 -25.50 -39.03 1.80
N TYR E 187 -24.93 -37.91 2.23
CA TYR E 187 -23.92 -37.22 1.43
C TYR E 187 -22.72 -38.11 1.18
N TYR E 188 -22.21 -38.75 2.22
CA TYR E 188 -21.04 -39.61 2.08
C TYR E 188 -21.35 -40.81 1.18
N VAL E 189 -22.51 -41.42 1.35
CA VAL E 189 -22.81 -42.63 0.60
C VAL E 189 -23.07 -42.29 -0.86
N THR E 190 -23.68 -41.14 -1.15
CA THR E 190 -23.88 -40.77 -2.55
C THR E 190 -22.56 -40.39 -3.20
N GLY E 191 -21.65 -39.77 -2.45
CA GLY E 191 -20.32 -39.55 -3.00
C GLY E 191 -19.61 -40.86 -3.32
N PHE E 192 -19.72 -41.83 -2.41
CA PHE E 192 -19.16 -43.15 -2.69
C PHE E 192 -19.81 -43.77 -3.92
N PHE E 193 -21.11 -43.56 -4.10
CA PHE E 193 -21.80 -44.15 -5.25
C PHE E 193 -21.35 -43.52 -6.55
N ILE E 194 -21.16 -42.20 -6.57
CA ILE E 194 -20.58 -41.56 -7.74
C ILE E 194 -19.21 -42.15 -8.05
N ALA E 195 -18.38 -42.28 -7.01
CA ALA E 195 -17.03 -42.79 -7.21
C ALA E 195 -17.06 -44.23 -7.73
N VAL E 196 -17.92 -45.07 -7.16
CA VAL E 196 -17.96 -46.46 -7.59
C VAL E 196 -18.54 -46.56 -8.98
N SER E 197 -19.44 -45.65 -9.37
CA SER E 197 -19.96 -45.66 -10.73
C SER E 197 -18.85 -45.34 -11.73
N VAL E 198 -18.08 -44.29 -11.48
CA VAL E 198 -17.05 -43.93 -12.46
C VAL E 198 -15.94 -44.98 -12.48
N ILE E 199 -15.60 -45.53 -11.31
CA ILE E 199 -14.63 -46.62 -11.28
C ILE E 199 -15.18 -47.84 -12.00
N ALA E 200 -16.48 -48.08 -11.89
CA ALA E 200 -17.10 -49.19 -12.61
C ALA E 200 -16.99 -48.99 -14.11
N ASN E 201 -17.16 -47.75 -14.57
CA ASN E 201 -16.95 -47.47 -15.98
C ASN E 201 -15.52 -47.78 -16.41
N VAL E 202 -14.55 -47.24 -15.67
CA VAL E 202 -13.16 -47.40 -16.10
C VAL E 202 -12.72 -48.86 -16.01
N VAL E 203 -13.28 -49.63 -15.07
CA VAL E 203 -12.96 -51.06 -14.99
C VAL E 203 -13.83 -51.90 -15.90
N GLU E 204 -14.90 -51.35 -16.45
CA GLU E 204 -15.52 -51.99 -17.59
C GLU E 204 -14.64 -51.87 -18.82
N THR E 205 -13.94 -50.74 -18.94
CA THR E 205 -13.07 -50.54 -20.09
C THR E 205 -11.79 -51.37 -20.05
N VAL E 206 -11.35 -51.83 -18.87
CA VAL E 206 -10.07 -52.50 -18.73
C VAL E 206 -10.13 -53.82 -19.49
N PRO E 207 -9.04 -54.28 -20.10
CA PRO E 207 -9.11 -55.56 -20.84
C PRO E 207 -9.50 -56.75 -19.98
N CYS E 208 -9.12 -56.76 -18.69
CA CYS E 208 -9.52 -57.85 -17.83
C CYS E 208 -10.99 -57.78 -17.42
N GLY E 209 -11.68 -56.69 -17.75
CA GLY E 209 -13.06 -56.52 -17.34
C GLY E 209 -14.09 -56.84 -18.41
N SER E 210 -13.92 -56.29 -19.60
CA SER E 210 -14.89 -56.52 -20.68
C SER E 210 -14.20 -56.71 -22.02
N SER E 211 -13.15 -57.52 -22.04
CA SER E 211 -12.45 -57.84 -23.28
C SER E 211 -12.21 -59.34 -23.34
N PRO E 212 -11.95 -59.89 -24.54
CA PRO E 212 -11.65 -61.32 -24.62
C PRO E 212 -10.29 -61.68 -24.01
N GLY E 213 -10.23 -61.70 -22.68
CA GLY E 213 -9.03 -62.17 -22.03
C GLY E 213 -8.75 -63.63 -22.30
N HIS E 214 -9.80 -64.44 -22.36
CA HIS E 214 -9.70 -65.85 -22.74
C HIS E 214 -10.93 -66.19 -23.56
N ILE E 215 -10.77 -66.23 -24.89
CA ILE E 215 -11.90 -66.48 -25.77
C ILE E 215 -12.48 -67.87 -25.52
N LYS E 216 -11.62 -68.86 -25.34
CA LYS E 216 -12.04 -70.24 -25.16
C LYS E 216 -12.50 -70.55 -23.74
N GLU E 217 -12.35 -69.61 -22.81
CA GLU E 217 -12.78 -69.83 -21.43
C GLU E 217 -13.85 -68.82 -21.04
N ARG E 223 -13.16 -62.90 -16.08
CA ARG E 223 -13.83 -63.18 -17.34
C ARG E 223 -14.78 -62.04 -17.71
N TYR E 224 -15.37 -62.12 -18.91
CA TYR E 224 -16.26 -61.08 -19.40
C TYR E 224 -17.57 -61.18 -18.63
N ALA E 225 -17.56 -60.66 -17.41
CA ALA E 225 -18.75 -60.65 -16.58
C ALA E 225 -19.63 -59.47 -16.98
N VAL E 226 -20.77 -59.76 -17.62
CA VAL E 226 -21.66 -58.71 -18.09
C VAL E 226 -22.38 -58.03 -16.93
N ALA E 227 -22.07 -58.41 -15.70
CA ALA E 227 -22.76 -57.86 -14.54
C ALA E 227 -22.59 -56.35 -14.41
N PHE E 228 -21.57 -55.75 -15.04
CA PHE E 228 -21.46 -54.31 -15.03
C PHE E 228 -22.73 -53.66 -15.56
N PHE E 229 -23.40 -54.33 -16.50
CA PHE E 229 -24.65 -53.80 -17.05
C PHE E 229 -25.66 -53.50 -15.96
N CYS E 230 -25.61 -54.24 -14.86
CA CYS E 230 -26.47 -53.95 -13.71
C CYS E 230 -25.79 -53.05 -12.69
N LEU E 231 -24.46 -53.13 -12.58
CA LEU E 231 -23.76 -52.44 -11.49
C LEU E 231 -23.98 -50.93 -11.55
N ASP E 232 -23.94 -50.35 -12.74
CA ASP E 232 -24.21 -48.93 -12.88
C ASP E 232 -25.67 -48.60 -12.60
N THR E 233 -26.59 -49.50 -12.99
CA THR E 233 -28.01 -49.18 -12.98
C THR E 233 -28.47 -48.70 -11.62
N ALA E 234 -28.13 -49.46 -10.57
CA ALA E 234 -28.53 -49.08 -9.23
C ALA E 234 -28.13 -47.64 -8.92
N CYS E 235 -26.88 -47.29 -9.24
CA CYS E 235 -26.41 -45.93 -8.98
C CYS E 235 -27.35 -44.90 -9.59
N VAL E 236 -27.72 -45.10 -10.85
CA VAL E 236 -28.65 -44.18 -11.50
C VAL E 236 -29.94 -44.10 -10.69
N MET E 237 -30.51 -45.27 -10.37
CA MET E 237 -31.68 -45.31 -9.52
C MET E 237 -31.43 -44.54 -8.23
N ILE E 238 -30.28 -44.81 -7.59
CA ILE E 238 -29.93 -44.11 -6.36
C ILE E 238 -29.98 -42.61 -6.60
N PHE E 239 -29.34 -42.16 -7.68
CA PHE E 239 -29.31 -40.73 -7.98
C PHE E 239 -30.72 -40.17 -7.99
N THR E 240 -31.64 -40.88 -8.64
CA THR E 240 -32.99 -40.35 -8.82
C THR E 240 -33.56 -39.91 -7.49
N VAL E 241 -33.36 -40.72 -6.44
CA VAL E 241 -34.07 -40.45 -5.19
C VAL E 241 -33.69 -39.07 -4.67
N GLU E 242 -32.39 -38.74 -4.66
CA GLU E 242 -32.04 -37.44 -4.11
C GLU E 242 -32.56 -36.33 -5.01
N TYR E 243 -32.49 -36.53 -6.33
CA TYR E 243 -33.08 -35.55 -7.23
C TYR E 243 -34.57 -35.46 -7.00
N LEU E 244 -35.21 -36.60 -6.73
CA LEU E 244 -36.63 -36.57 -6.39
C LEU E 244 -36.85 -35.74 -5.12
N LEU E 245 -35.95 -35.87 -4.15
CA LEU E 245 -36.03 -35.01 -2.98
C LEU E 245 -35.89 -33.55 -3.37
N ARG E 246 -35.00 -33.24 -4.31
CA ARG E 246 -34.89 -31.89 -4.82
C ARG E 246 -36.16 -31.45 -5.51
N LEU E 247 -36.93 -32.39 -6.07
CA LEU E 247 -38.23 -32.07 -6.64
C LEU E 247 -39.33 -32.03 -5.59
N ALA E 248 -39.08 -32.54 -4.38
CA ALA E 248 -40.06 -32.52 -3.31
C ALA E 248 -39.88 -31.29 -2.42
N ALA E 249 -38.69 -31.13 -1.85
CA ALA E 249 -38.36 -29.97 -1.04
C ALA E 249 -37.81 -28.83 -1.91
N ALA E 250 -38.55 -28.47 -2.95
CA ALA E 250 -38.09 -27.47 -3.90
C ALA E 250 -38.66 -26.11 -3.52
N PRO E 251 -37.84 -25.16 -3.06
CA PRO E 251 -38.35 -23.78 -2.88
C PRO E 251 -38.86 -23.18 -4.16
N SER E 252 -38.28 -23.55 -5.30
CA SER E 252 -38.76 -23.12 -6.61
C SER E 252 -38.91 -24.35 -7.49
N ARG E 253 -40.09 -24.49 -8.10
CA ARG E 253 -40.34 -25.64 -8.96
C ARG E 253 -39.63 -25.55 -10.29
N TYR E 254 -39.50 -24.35 -10.84
CA TYR E 254 -38.85 -24.15 -12.13
C TYR E 254 -37.51 -23.43 -12.05
N ARG E 255 -37.36 -22.46 -11.14
CA ARG E 255 -36.10 -21.75 -11.03
C ARG E 255 -34.97 -22.68 -10.58
N PHE E 256 -35.29 -23.70 -9.79
CA PHE E 256 -34.28 -24.68 -9.41
C PHE E 256 -33.70 -25.39 -10.63
N VAL E 257 -34.56 -25.76 -11.57
CA VAL E 257 -34.08 -26.36 -12.81
C VAL E 257 -33.26 -25.35 -13.60
N ARG E 258 -33.63 -24.07 -13.51
CA ARG E 258 -32.88 -23.04 -14.22
C ARG E 258 -31.42 -23.00 -13.80
N SER E 259 -31.11 -23.49 -12.60
CA SER E 259 -29.72 -23.52 -12.15
C SER E 259 -28.95 -24.62 -12.88
N VAL E 260 -27.62 -24.60 -12.71
CA VAL E 260 -26.75 -25.47 -13.48
C VAL E 260 -26.52 -26.83 -12.80
N MET E 261 -26.57 -26.89 -11.48
CA MET E 261 -26.34 -28.16 -10.79
C MET E 261 -27.41 -29.18 -11.16
N SER E 262 -28.67 -28.75 -11.24
CA SER E 262 -29.72 -29.63 -11.72
C SER E 262 -29.48 -30.05 -13.16
N ILE E 263 -28.88 -29.17 -13.97
CA ILE E 263 -28.54 -29.52 -15.35
C ILE E 263 -27.53 -30.65 -15.36
N ILE E 264 -26.51 -30.56 -14.50
CA ILE E 264 -25.54 -31.65 -14.41
C ILE E 264 -26.21 -32.93 -13.94
N ASP E 265 -27.12 -32.83 -12.98
CA ASP E 265 -27.82 -34.01 -12.49
C ASP E 265 -28.61 -34.68 -13.61
N VAL E 266 -29.36 -33.91 -14.38
CA VAL E 266 -30.19 -34.50 -15.41
C VAL E 266 -29.32 -35.03 -16.56
N VAL E 267 -28.20 -34.37 -16.85
CA VAL E 267 -27.30 -34.89 -17.87
C VAL E 267 -26.69 -36.21 -17.42
N ALA E 268 -26.44 -36.34 -16.11
CA ALA E 268 -25.97 -37.63 -15.59
C ALA E 268 -27.06 -38.70 -15.70
N ILE E 269 -28.30 -38.33 -15.39
CA ILE E 269 -29.38 -39.31 -15.34
C ILE E 269 -29.77 -39.80 -16.74
N LEU E 270 -29.92 -38.87 -17.68
CA LEU E 270 -30.59 -39.21 -18.94
C LEU E 270 -29.95 -40.35 -19.73
N PRO E 271 -28.62 -40.44 -19.89
CA PRO E 271 -28.08 -41.41 -20.86
C PRO E 271 -28.53 -42.83 -20.60
N TYR E 272 -28.62 -43.24 -19.34
CA TYR E 272 -29.09 -44.58 -19.04
C TYR E 272 -30.49 -44.81 -19.58
N TYR E 273 -31.39 -43.86 -19.32
CA TYR E 273 -32.78 -44.02 -19.75
C TYR E 273 -32.91 -43.96 -21.26
N ILE E 274 -32.21 -43.02 -21.91
CA ILE E 274 -32.31 -42.93 -23.35
C ILE E 274 -31.72 -44.17 -24.01
N GLY E 275 -30.65 -44.73 -23.44
CA GLY E 275 -30.11 -45.97 -23.97
C GLY E 275 -31.06 -47.13 -23.79
N LEU E 276 -31.74 -47.19 -22.65
CA LEU E 276 -32.75 -48.23 -22.45
C LEU E 276 -33.86 -48.11 -23.48
N VAL E 277 -34.35 -46.89 -23.72
CA VAL E 277 -35.43 -46.68 -24.68
C VAL E 277 -34.96 -47.05 -26.08
N MET E 278 -33.74 -46.64 -26.44
CA MET E 278 -33.19 -47.00 -27.75
C MET E 278 -33.11 -48.51 -27.91
N THR E 279 -32.45 -49.20 -26.96
CA THR E 279 -32.30 -50.64 -27.08
C THR E 279 -33.63 -51.37 -27.02
N ASP E 280 -34.67 -50.74 -26.46
CA ASP E 280 -36.01 -51.27 -26.59
C ASP E 280 -36.60 -51.03 -27.98
N ASN E 281 -36.15 -49.99 -28.68
CA ASN E 281 -36.69 -49.68 -30.00
C ASN E 281 -35.69 -49.70 -31.14
N GLU E 282 -34.42 -49.35 -30.92
CA GLU E 282 -33.46 -49.23 -32.02
C GLU E 282 -32.11 -49.83 -31.63
N ASP E 283 -31.26 -50.01 -32.63
CA ASP E 283 -29.88 -50.45 -32.48
C ASP E 283 -28.95 -49.60 -33.34
N VAL E 284 -29.13 -48.28 -33.25
CA VAL E 284 -28.39 -47.37 -34.12
C VAL E 284 -26.90 -47.49 -33.85
N SER E 285 -26.12 -47.63 -34.93
CA SER E 285 -24.67 -47.71 -34.82
C SER E 285 -24.09 -46.33 -34.58
N GLY E 286 -23.14 -46.24 -33.66
CA GLY E 286 -22.51 -44.98 -33.33
C GLY E 286 -23.18 -44.20 -32.23
N ALA E 287 -24.37 -44.63 -31.79
CA ALA E 287 -25.04 -43.95 -30.68
C ALA E 287 -24.73 -44.59 -29.34
N PHE E 288 -24.54 -45.91 -29.31
CA PHE E 288 -24.18 -46.57 -28.05
C PHE E 288 -22.82 -46.11 -27.55
N VAL E 289 -21.88 -45.88 -28.46
CA VAL E 289 -20.57 -45.36 -28.05
C VAL E 289 -20.72 -43.94 -27.50
N THR E 290 -21.62 -43.14 -28.09
CA THR E 290 -21.89 -41.82 -27.54
C THR E 290 -22.47 -41.93 -26.14
N LEU E 291 -23.32 -42.94 -25.92
CA LEU E 291 -23.83 -43.18 -24.58
C LEU E 291 -22.70 -43.51 -23.61
N ARG E 292 -21.77 -44.36 -24.05
CA ARG E 292 -20.63 -44.68 -23.19
C ARG E 292 -19.82 -43.43 -22.88
N VAL E 293 -19.63 -42.56 -23.87
CA VAL E 293 -18.87 -41.33 -23.66
C VAL E 293 -19.56 -40.46 -22.62
N PHE E 294 -20.87 -40.29 -22.75
CA PHE E 294 -21.61 -39.49 -21.79
C PHE E 294 -21.81 -40.19 -20.45
N ARG E 295 -21.43 -41.46 -20.35
CA ARG E 295 -21.55 -42.21 -19.12
C ARG E 295 -20.49 -41.85 -18.08
N VAL E 296 -19.85 -40.68 -18.20
CA VAL E 296 -18.74 -40.31 -17.33
C VAL E 296 -19.00 -39.02 -16.56
N PHE E 297 -20.00 -38.24 -16.92
CA PHE E 297 -20.12 -36.90 -16.31
C PHE E 297 -20.52 -36.93 -14.86
N ARG E 298 -20.63 -38.07 -14.17
CA ARG E 298 -20.73 -38.02 -12.71
C ARG E 298 -19.50 -37.40 -12.06
N ILE E 299 -18.38 -37.36 -12.79
CA ILE E 299 -17.20 -36.65 -12.29
C ILE E 299 -17.58 -35.21 -11.96
N PHE E 300 -18.42 -34.59 -12.81
CA PHE E 300 -18.93 -33.28 -12.49
C PHE E 300 -19.97 -33.35 -11.37
N LYS E 301 -20.66 -34.48 -11.24
CA LYS E 301 -21.59 -34.64 -10.12
C LYS E 301 -20.85 -34.58 -8.79
N PHE E 302 -19.55 -34.86 -8.80
CA PHE E 302 -18.73 -34.67 -7.61
C PHE E 302 -18.65 -33.22 -7.15
N SER E 303 -19.29 -32.29 -7.86
CA SER E 303 -19.07 -30.87 -7.58
C SER E 303 -19.48 -30.49 -6.17
N ARG E 304 -20.60 -31.03 -5.68
CA ARG E 304 -21.08 -30.65 -4.36
C ARG E 304 -20.10 -31.06 -3.27
N HIS E 305 -19.51 -32.24 -3.40
CA HIS E 305 -18.54 -32.68 -2.40
C HIS E 305 -17.30 -31.80 -2.38
N SER E 306 -16.81 -31.42 -3.56
CA SER E 306 -15.59 -30.63 -3.66
C SER E 306 -15.89 -29.15 -3.46
N GLN E 307 -15.39 -28.58 -2.38
CA GLN E 307 -15.61 -27.16 -2.13
C GLN E 307 -14.95 -26.30 -3.22
N GLY E 308 -13.78 -26.71 -3.68
CA GLY E 308 -13.05 -25.90 -4.65
C GLY E 308 -13.63 -25.93 -6.04
N LEU E 309 -14.49 -26.90 -6.34
CA LEU E 309 -15.03 -26.99 -7.70
C LEU E 309 -15.97 -25.83 -7.99
N ARG E 310 -16.82 -25.46 -7.03
CA ARG E 310 -17.66 -24.28 -7.22
C ARG E 310 -16.80 -23.03 -7.37
N ILE E 311 -15.71 -22.96 -6.60
CA ILE E 311 -14.81 -21.82 -6.70
C ILE E 311 -14.22 -21.73 -8.10
N LEU E 312 -13.78 -22.87 -8.64
CA LEU E 312 -13.22 -22.89 -9.99
C LEU E 312 -14.27 -22.49 -11.02
N GLY E 313 -15.50 -23.00 -10.87
CA GLY E 313 -16.55 -22.64 -11.80
C GLY E 313 -16.85 -21.16 -11.79
N TYR E 314 -16.97 -20.57 -10.60
CA TYR E 314 -17.18 -19.13 -10.52
C TYR E 314 -15.99 -18.36 -11.07
N THR E 315 -14.78 -18.91 -10.91
CA THR E 315 -13.60 -18.26 -11.48
C THR E 315 -13.69 -18.20 -12.99
N LEU E 316 -14.03 -19.32 -13.62
CA LEU E 316 -14.19 -19.31 -15.08
C LEU E 316 -15.32 -18.40 -15.51
N LYS E 317 -16.45 -18.42 -14.79
CA LYS E 317 -17.57 -17.59 -15.18
C LYS E 317 -17.23 -16.11 -15.08
N SER E 318 -16.47 -15.74 -14.05
CA SER E 318 -16.10 -14.34 -13.86
C SER E 318 -15.23 -13.84 -15.01
N CYS E 319 -14.21 -14.61 -15.39
CA CYS E 319 -13.30 -14.21 -16.46
C CYS E 319 -13.74 -14.79 -17.81
N ALA E 320 -15.01 -14.58 -18.16
CA ALA E 320 -15.51 -15.07 -19.44
C ALA E 320 -14.87 -14.33 -20.61
N SER E 321 -14.72 -13.01 -20.49
CA SER E 321 -14.15 -12.23 -21.58
C SER E 321 -12.70 -12.62 -21.84
N GLU E 322 -11.93 -12.87 -20.78
CA GLU E 322 -10.54 -13.25 -20.95
C GLU E 322 -10.41 -14.59 -21.66
N LEU E 323 -11.25 -15.55 -21.31
CA LEU E 323 -11.22 -16.84 -22.00
C LEU E 323 -11.68 -16.71 -23.44
N GLY E 324 -12.66 -15.84 -23.69
CA GLY E 324 -13.07 -15.59 -25.05
C GLY E 324 -11.94 -15.01 -25.89
N PHE E 325 -11.20 -14.06 -25.33
CA PHE E 325 -10.06 -13.51 -26.05
C PHE E 325 -8.97 -14.55 -26.23
N LEU E 326 -8.79 -15.44 -25.23
CA LEU E 326 -7.89 -16.58 -25.40
C LEU E 326 -8.26 -17.37 -26.64
N LEU E 327 -9.54 -17.75 -26.75
CA LEU E 327 -9.97 -18.56 -27.87
C LEU E 327 -9.78 -17.83 -29.19
N PHE E 328 -10.11 -16.53 -29.22
CA PHE E 328 -9.95 -15.76 -30.44
C PHE E 328 -8.48 -15.68 -30.86
N SER E 329 -7.59 -15.39 -29.91
CA SER E 329 -6.18 -15.26 -30.25
C SER E 329 -5.59 -16.61 -30.66
N LEU E 330 -6.07 -17.70 -30.05
CA LEU E 330 -5.62 -19.02 -30.46
C LEU E 330 -6.04 -19.30 -31.89
N THR E 331 -7.29 -18.99 -32.24
CA THR E 331 -7.72 -19.19 -33.62
C THR E 331 -6.92 -18.31 -34.57
N MET E 332 -6.67 -17.07 -34.18
CA MET E 332 -5.76 -16.19 -34.91
C MET E 332 -4.45 -16.89 -35.25
N ALA E 333 -3.72 -17.28 -34.21
CA ALA E 333 -2.40 -17.84 -34.41
C ALA E 333 -2.46 -19.15 -35.19
N ILE E 334 -3.44 -20.00 -34.89
CA ILE E 334 -3.56 -21.27 -35.58
C ILE E 334 -3.76 -21.03 -37.07
N ILE E 335 -4.70 -20.15 -37.43
CA ILE E 335 -4.96 -19.88 -38.84
C ILE E 335 -3.71 -19.37 -39.52
N ILE E 336 -3.08 -18.34 -38.94
CA ILE E 336 -1.96 -17.69 -39.62
C ILE E 336 -0.82 -18.69 -39.80
N PHE E 337 -0.42 -19.35 -38.71
CA PHE E 337 0.77 -20.18 -38.77
C PHE E 337 0.52 -21.47 -39.54
N ALA E 338 -0.68 -22.04 -39.46
CA ALA E 338 -0.97 -23.21 -40.28
C ALA E 338 -0.95 -22.87 -41.75
N THR E 339 -1.48 -21.71 -42.14
CA THR E 339 -1.39 -21.31 -43.53
C THR E 339 0.06 -21.14 -43.95
N VAL E 340 0.88 -20.51 -43.11
CA VAL E 340 2.28 -20.31 -43.46
C VAL E 340 2.97 -21.66 -43.62
N MET E 341 2.71 -22.59 -42.70
CA MET E 341 3.32 -23.92 -42.80
C MET E 341 2.92 -24.61 -44.09
N PHE E 342 1.62 -24.63 -44.40
CA PHE E 342 1.21 -25.36 -45.59
C PHE E 342 1.82 -24.75 -46.84
N TYR E 343 1.84 -23.42 -46.93
CA TYR E 343 2.39 -22.81 -48.13
C TYR E 343 3.91 -22.84 -48.17
N ALA E 344 4.58 -23.15 -47.06
CA ALA E 344 6.03 -23.22 -47.05
C ALA E 344 6.57 -24.64 -46.94
N GLU E 345 5.69 -25.65 -46.85
CA GLU E 345 6.17 -27.01 -46.68
C GLU E 345 5.39 -28.04 -47.52
N LYS E 346 4.45 -27.61 -48.34
CA LYS E 346 3.74 -28.57 -49.19
C LYS E 346 4.62 -29.11 -50.31
N GLY E 347 5.75 -28.46 -50.59
CA GLY E 347 6.62 -28.89 -51.67
C GLY E 347 7.83 -29.67 -51.21
N SER E 348 7.63 -30.57 -50.25
CA SER E 348 8.70 -31.43 -49.76
C SER E 348 8.47 -32.86 -50.25
N SER E 349 9.49 -33.70 -50.02
CA SER E 349 9.42 -35.08 -50.48
C SER E 349 8.29 -35.83 -49.80
N ALA E 350 8.40 -36.03 -48.48
CA ALA E 350 7.31 -36.66 -47.75
C ALA E 350 6.12 -35.73 -47.63
N SER E 351 6.39 -34.48 -47.24
CA SER E 351 5.40 -33.40 -47.18
C SER E 351 4.09 -33.87 -46.52
N LYS E 352 4.19 -34.25 -45.25
CA LYS E 352 3.01 -34.66 -44.53
C LYS E 352 2.04 -33.51 -44.30
N PHE E 353 2.47 -32.27 -44.56
CA PHE E 353 1.59 -31.10 -44.49
C PHE E 353 0.69 -31.10 -45.73
N THR E 354 -0.24 -32.06 -45.76
CA THR E 354 -1.06 -32.27 -46.94
C THR E 354 -2.16 -31.23 -47.10
N SER E 355 -2.54 -30.54 -46.02
CA SER E 355 -3.63 -29.58 -46.09
C SER E 355 -3.59 -28.71 -44.85
N ILE E 356 -4.11 -27.49 -44.99
CA ILE E 356 -4.20 -26.59 -43.84
C ILE E 356 -4.97 -27.22 -42.69
N PRO E 357 -6.07 -27.95 -42.91
CA PRO E 357 -6.68 -28.67 -41.79
C PRO E 357 -5.77 -29.70 -41.15
N ALA E 358 -4.71 -30.14 -41.84
CA ALA E 358 -3.71 -30.99 -41.22
C ALA E 358 -2.62 -30.18 -40.53
N ALA E 359 -2.25 -29.03 -41.08
CA ALA E 359 -1.30 -28.16 -40.40
C ALA E 359 -1.90 -27.53 -39.15
N PHE E 360 -3.22 -27.56 -38.99
CA PHE E 360 -3.83 -27.16 -37.73
C PHE E 360 -3.24 -27.94 -36.57
N TRP E 361 -3.13 -29.26 -36.73
CA TRP E 361 -2.61 -30.08 -35.64
C TRP E 361 -1.17 -29.73 -35.32
N TYR E 362 -0.34 -29.54 -36.35
CA TYR E 362 1.04 -29.19 -36.08
C TYR E 362 1.15 -27.86 -35.35
N THR E 363 0.41 -26.86 -35.81
CA THR E 363 0.55 -25.56 -35.16
C THR E 363 -0.09 -25.55 -33.78
N ILE E 364 -1.05 -26.44 -33.52
CA ILE E 364 -1.63 -26.45 -32.18
C ILE E 364 -0.78 -27.28 -31.22
N VAL E 365 0.03 -28.21 -31.75
CA VAL E 365 0.95 -28.92 -30.87
C VAL E 365 2.27 -28.18 -30.73
N THR E 366 2.54 -27.17 -31.55
CA THR E 366 3.70 -26.34 -31.32
C THR E 366 3.38 -25.00 -30.68
N MET E 367 2.11 -24.58 -30.70
CA MET E 367 1.71 -23.39 -29.94
C MET E 367 1.64 -23.71 -28.46
N THR E 368 1.28 -24.95 -28.12
CA THR E 368 1.16 -25.38 -26.74
C THR E 368 2.48 -25.82 -26.14
N THR E 369 3.56 -25.75 -26.93
CA THR E 369 4.87 -26.27 -26.53
C THR E 369 4.75 -27.73 -26.09
N LEU E 370 4.02 -28.50 -26.89
CA LEU E 370 3.80 -29.91 -26.58
C LEU E 370 4.82 -30.79 -27.29
N GLY E 371 4.77 -30.83 -28.60
CA GLY E 371 5.79 -31.53 -29.37
C GLY E 371 5.52 -33.01 -29.45
N TYR E 372 5.34 -33.54 -30.65
CA TYR E 372 5.14 -34.98 -30.83
C TYR E 372 6.14 -35.56 -31.81
N GLY E 373 6.53 -34.77 -32.81
CA GLY E 373 7.48 -35.25 -33.79
C GLY E 373 6.88 -36.16 -34.85
N ASP E 374 5.57 -36.38 -34.83
CA ASP E 374 4.94 -37.13 -35.90
C ASP E 374 5.09 -36.40 -37.23
N MET E 375 4.93 -35.08 -37.22
CA MET E 375 5.19 -34.25 -38.39
C MET E 375 5.93 -33.01 -37.95
N VAL E 376 7.10 -32.79 -38.53
CA VAL E 376 7.94 -31.63 -38.23
C VAL E 376 8.35 -31.03 -39.57
N PRO E 377 8.65 -29.74 -39.64
CA PRO E 377 9.11 -29.18 -40.92
C PRO E 377 10.48 -29.72 -41.30
N LYS E 378 10.73 -29.77 -42.60
CA LYS E 378 12.01 -30.23 -43.12
C LYS E 378 12.70 -29.23 -44.02
N THR E 379 12.15 -28.03 -44.18
CA THR E 379 12.76 -27.02 -45.04
C THR E 379 13.15 -25.81 -44.20
N ILE E 380 14.18 -25.10 -44.65
CA ILE E 380 14.64 -23.92 -43.94
C ILE E 380 13.51 -22.91 -43.81
N ALA E 381 12.63 -22.86 -44.80
CA ALA E 381 11.45 -22.01 -44.71
C ALA E 381 10.44 -22.50 -43.68
N GLY E 382 10.61 -23.71 -43.16
CA GLY E 382 9.66 -24.24 -42.20
C GLY E 382 10.09 -24.07 -40.75
N LYS E 383 11.38 -24.32 -40.47
CA LYS E 383 11.84 -24.25 -39.09
C LYS E 383 11.69 -22.84 -38.53
N ILE E 384 11.90 -21.82 -39.34
CA ILE E 384 11.84 -20.44 -38.84
C ILE E 384 10.45 -20.16 -38.28
N PHE E 385 9.41 -20.43 -39.08
CA PHE E 385 8.07 -20.16 -38.60
C PHE E 385 7.63 -21.15 -37.54
N GLY E 386 8.21 -22.36 -37.53
CA GLY E 386 7.91 -23.26 -36.42
C GLY E 386 8.38 -22.72 -35.09
N SER E 387 9.62 -22.23 -35.05
CA SER E 387 10.14 -21.64 -33.82
C SER E 387 9.37 -20.39 -33.43
N ILE E 388 9.08 -19.53 -34.41
CA ILE E 388 8.31 -18.32 -34.11
C ILE E 388 6.93 -18.69 -33.58
N CYS E 389 6.34 -19.75 -34.13
CA CYS E 389 5.04 -20.20 -33.66
C CYS E 389 5.13 -20.70 -32.22
N SER E 390 6.21 -21.40 -31.88
CA SER E 390 6.36 -21.85 -30.50
C SER E 390 6.45 -20.66 -29.55
N LEU E 391 7.24 -19.65 -29.91
CA LEU E 391 7.34 -18.47 -29.04
C LEU E 391 6.01 -17.76 -28.90
N SER E 392 5.30 -17.57 -30.03
CA SER E 392 4.01 -16.92 -29.98
C SER E 392 3.01 -17.73 -29.16
N GLY E 393 3.14 -19.06 -29.19
CA GLY E 393 2.27 -19.88 -28.37
C GLY E 393 2.54 -19.69 -26.89
N VAL E 394 3.81 -19.61 -26.51
CA VAL E 394 4.14 -19.29 -25.13
C VAL E 394 3.46 -17.99 -24.73
N LEU E 395 3.60 -16.95 -25.57
CA LEU E 395 3.02 -15.65 -25.24
C LEU E 395 1.50 -15.74 -25.11
N VAL E 396 0.85 -16.30 -26.12
CA VAL E 396 -0.61 -16.27 -26.17
C VAL E 396 -1.21 -17.07 -25.03
N ILE E 397 -0.67 -18.27 -24.79
CA ILE E 397 -1.22 -19.07 -23.71
C ILE E 397 -0.91 -18.44 -22.36
N ALA E 398 0.23 -17.79 -22.22
CA ALA E 398 0.55 -17.16 -20.94
C ALA E 398 -0.21 -15.87 -20.69
N LEU E 399 -0.84 -15.30 -21.71
CA LEU E 399 -1.59 -14.06 -21.50
C LEU E 399 -2.71 -14.19 -20.48
N PRO E 400 -3.63 -15.18 -20.54
CA PRO E 400 -4.79 -15.15 -19.64
C PRO E 400 -4.62 -15.88 -18.32
N VAL E 401 -3.57 -16.70 -18.20
CA VAL E 401 -3.38 -17.48 -16.97
C VAL E 401 -3.19 -16.60 -15.73
N PRO E 402 -2.43 -15.49 -15.75
CA PRO E 402 -2.37 -14.68 -14.54
C PRO E 402 -3.74 -14.16 -14.13
N VAL E 403 -4.56 -13.77 -15.10
CA VAL E 403 -5.90 -13.29 -14.78
C VAL E 403 -6.72 -14.40 -14.14
N ILE E 404 -6.68 -15.59 -14.74
CA ILE E 404 -7.47 -16.70 -14.22
C ILE E 404 -7.05 -17.04 -12.80
N VAL E 405 -5.74 -17.13 -12.58
CA VAL E 405 -5.28 -17.54 -11.26
C VAL E 405 -5.53 -16.45 -10.22
N SER E 406 -5.41 -15.18 -10.62
CA SER E 406 -5.71 -14.09 -9.70
C SER E 406 -7.17 -14.13 -9.29
N ASN E 407 -8.07 -14.37 -10.27
CA ASN E 407 -9.48 -14.48 -9.93
C ASN E 407 -9.74 -15.65 -9.00
N PHE E 408 -9.08 -16.79 -9.24
CA PHE E 408 -9.30 -17.95 -8.38
C PHE E 408 -8.83 -17.66 -6.95
N SER E 409 -7.65 -17.07 -6.81
CA SER E 409 -7.15 -16.74 -5.48
C SER E 409 -8.09 -15.76 -4.78
N ARG E 410 -8.58 -14.76 -5.52
CA ARG E 410 -9.49 -13.80 -4.94
C ARG E 410 -10.76 -14.48 -4.46
N ILE E 411 -11.32 -15.40 -5.25
CA ILE E 411 -12.56 -16.06 -4.85
C ILE E 411 -12.34 -16.93 -3.62
N TYR E 412 -11.20 -17.63 -3.57
CA TYR E 412 -10.91 -18.42 -2.37
C TYR E 412 -10.80 -17.52 -1.14
N HIS E 413 -10.16 -16.36 -1.29
CA HIS E 413 -10.07 -15.42 -0.18
C HIS E 413 -11.46 -14.94 0.25
N GLN E 414 -12.34 -14.66 -0.72
CA GLN E 414 -13.69 -14.24 -0.36
C GLN E 414 -14.40 -15.32 0.43
N ASN E 415 -14.26 -16.57 0.02
CA ASN E 415 -14.91 -17.65 0.76
C ASN E 415 -14.40 -17.73 2.19
N GLN E 416 -13.07 -17.73 2.36
CA GLN E 416 -12.53 -17.87 3.71
C GLN E 416 -12.91 -16.69 4.60
N ARG E 417 -12.85 -15.48 4.06
CA ARG E 417 -13.23 -14.31 4.86
C ARG E 417 -14.72 -14.31 5.16
N ALA E 418 -15.55 -14.85 4.27
CA ALA E 418 -16.97 -14.96 4.57
C ALA E 418 -17.21 -15.93 5.71
N ASP E 419 -16.47 -17.02 5.75
CA ASP E 419 -16.61 -17.95 6.87
C ASP E 419 -16.22 -17.29 8.19
N LYS E 420 -15.07 -16.59 8.19
CA LYS E 420 -14.65 -15.89 9.40
C LYS E 420 -15.67 -14.83 9.81
N ARG E 421 -16.22 -14.12 8.83
CA ARG E 421 -17.25 -13.12 9.10
C ARG E 421 -18.50 -13.74 9.69
N ARG E 422 -18.92 -14.91 9.21
CA ARG E 422 -20.09 -15.56 9.78
C ARG E 422 -19.84 -15.93 11.23
N ALA E 423 -18.64 -16.43 11.54
CA ALA E 423 -18.30 -16.69 12.94
C ALA E 423 -18.37 -15.41 13.76
N GLN E 424 -17.85 -14.31 13.21
CA GLN E 424 -17.90 -13.03 13.90
C GLN E 424 -19.34 -12.59 14.15
N LYS E 425 -20.21 -12.77 13.17
CA LYS E 425 -21.63 -12.41 13.32
C LYS E 425 -22.29 -13.24 14.40
N LYS E 426 -21.97 -14.53 14.46
CA LYS E 426 -22.49 -15.35 15.56
C LYS E 426 -22.03 -14.81 16.91
N ALA E 427 -20.76 -14.44 17.00
CA ALA E 427 -20.26 -13.86 18.25
C ALA E 427 -21.00 -12.57 18.60
N ARG E 428 -21.27 -11.73 17.60
CA ARG E 428 -21.93 -10.45 17.85
C ARG E 428 -23.36 -10.64 18.32
N LEU E 429 -24.10 -11.55 17.68
CA LEU E 429 -25.47 -11.81 18.14
C LEU E 429 -25.48 -12.41 19.54
N ALA E 430 -24.51 -13.26 19.85
CA ALA E 430 -24.38 -13.76 21.22
C ALA E 430 -24.14 -12.61 22.19
N ARG E 431 -23.29 -11.65 21.80
CA ARG E 431 -23.03 -10.51 22.68
C ARG E 431 -24.28 -9.66 22.90
N ILE E 432 -25.09 -9.47 21.85
CA ILE E 432 -26.33 -8.71 22.00
C ILE E 432 -27.28 -9.43 22.95
N ARG E 433 -27.41 -10.74 22.80
CA ARG E 433 -28.26 -11.51 23.72
C ARG E 433 -27.75 -11.38 25.15
N ALA E 434 -26.43 -11.44 25.33
CA ALA E 434 -25.85 -11.28 26.67
C ALA E 434 -26.14 -9.90 27.23
N ALA E 435 -26.10 -8.86 26.39
CA ALA E 435 -26.38 -7.51 26.86
C ALA E 435 -27.82 -7.38 27.33
N LYS E 436 -28.76 -7.94 26.56
CA LYS E 436 -30.16 -7.92 27.01
C LYS E 436 -30.33 -8.69 28.31
N SER E 437 -29.66 -9.84 28.44
CA SER E 437 -29.75 -10.61 29.68
C SER E 437 -29.21 -9.80 30.85
N GLY E 438 -28.11 -9.07 30.63
CA GLY E 438 -27.54 -8.26 31.68
C GLY E 438 -28.45 -7.12 32.11
N SER E 439 -29.09 -6.46 31.14
CA SER E 439 -30.05 -5.41 31.50
C SER E 439 -31.23 -5.98 32.27
N ALA E 440 -31.73 -7.15 31.85
CA ALA E 440 -32.82 -7.78 32.58
C ALA E 440 -32.42 -8.13 34.01
N ASN E 441 -31.21 -8.66 34.18
CA ASN E 441 -30.75 -9.00 35.52
C ASN E 441 -30.54 -7.75 36.37
N ALA E 442 -30.10 -6.66 35.75
CA ALA E 442 -29.98 -5.40 36.50
C ALA E 442 -31.34 -4.92 36.97
N TYR E 443 -32.36 -5.03 36.11
CA TYR E 443 -33.71 -4.67 36.54
C TYR E 443 -34.19 -5.59 37.66
N MET E 444 -33.84 -6.88 37.58
CA MET E 444 -34.20 -7.80 38.66
C MET E 444 -33.57 -7.38 39.97
N GLN E 445 -32.28 -7.00 39.93
CA GLN E 445 -31.60 -6.54 41.14
C GLN E 445 -32.25 -5.27 41.68
N SER E 446 -32.62 -4.34 40.79
CA SER E 446 -33.31 -3.13 41.24
C SER E 446 -34.65 -3.47 41.88
N LYS E 447 -35.35 -4.47 41.34
CA LYS E 447 -36.59 -4.92 41.95
C LYS E 447 -36.33 -5.50 43.33
N ARG E 448 -35.24 -6.25 43.50
CA ARG E 448 -34.89 -6.78 44.81
C ARG E 448 -34.62 -5.65 45.80
N SER E 449 -33.89 -4.63 45.38
CA SER E 449 -33.57 -3.51 46.25
C SER E 449 -33.39 -2.22 45.46
N SER E 471 -26.94 5.11 38.33
CA SER E 471 -26.93 6.05 37.21
C SER E 471 -28.25 6.79 37.12
N SER E 472 -28.20 8.03 36.62
CA SER E 472 -29.41 8.83 36.50
C SER E 472 -30.40 8.20 35.53
N PHE E 473 -29.91 7.70 34.39
CA PHE E 473 -30.80 7.14 33.37
C PHE E 473 -31.57 5.94 33.90
N GLU E 474 -30.89 5.05 34.61
CA GLU E 474 -31.53 3.81 35.04
C GLU E 474 -32.74 4.08 35.92
N THR E 475 -32.75 5.22 36.62
CA THR E 475 -33.90 5.55 37.45
C THR E 475 -35.17 5.67 36.62
N GLN E 476 -35.14 6.50 35.58
CA GLN E 476 -36.33 6.65 34.76
C GLN E 476 -36.58 5.42 33.89
N HIS E 477 -35.52 4.71 33.50
CA HIS E 477 -35.73 3.48 32.74
C HIS E 477 -36.51 2.46 33.57
N HIS E 478 -36.07 2.25 34.81
CA HIS E 478 -36.78 1.34 35.70
C HIS E 478 -38.16 1.89 36.06
N HIS E 479 -38.32 3.21 36.09
CA HIS E 479 -39.65 3.78 36.32
C HIS E 479 -40.59 3.43 35.19
N LEU E 480 -40.14 3.56 33.95
CA LEU E 480 -40.98 3.17 32.82
C LEU E 480 -41.26 1.67 32.83
N LEU E 481 -40.27 0.87 33.24
CA LEU E 481 -40.51 -0.56 33.36
C LEU E 481 -41.54 -0.87 34.44
N HIS E 482 -41.51 -0.14 35.55
CA HIS E 482 -42.55 -0.29 36.58
C HIS E 482 -43.90 0.13 36.04
N CYS E 483 -43.94 1.19 35.22
CA CYS E 483 -45.20 1.62 34.61
C CYS E 483 -45.76 0.52 33.72
N LEU E 484 -44.91 -0.11 32.92
CA LEU E 484 -45.34 -1.26 32.13
C LEU E 484 -45.80 -2.41 33.02
N GLU E 485 -45.12 -2.60 34.14
CA GLU E 485 -45.51 -3.65 35.09
C GLU E 485 -46.91 -3.40 35.62
N LYS E 486 -47.21 -2.17 36.01
CA LYS E 486 -48.50 -1.86 36.63
C LYS E 486 -49.62 -1.81 35.60
N THR E 487 -49.35 -1.32 34.40
CA THR E 487 -50.40 -1.25 33.39
C THR E 487 -50.89 -2.62 32.97
N THR E 488 -50.13 -3.67 33.27
CA THR E 488 -50.53 -5.05 33.01
C THR E 488 -50.63 -5.87 34.29
N ASN E 489 -50.36 -5.27 35.45
CA ASN E 489 -50.38 -5.92 36.76
C ASN E 489 -49.73 -7.29 36.75
N HIS E 490 -48.60 -7.42 36.04
CA HIS E 490 -47.81 -8.64 36.04
C HIS E 490 -46.36 -8.28 36.33
N GLU E 491 -45.79 -8.88 37.36
CA GLU E 491 -44.43 -8.57 37.78
C GLU E 491 -43.43 -9.49 37.09
N PHE E 492 -42.16 -9.09 37.16
CA PHE E 492 -41.09 -9.76 36.45
C PHE E 492 -40.25 -10.59 37.42
N VAL E 493 -39.96 -11.81 37.03
CA VAL E 493 -39.13 -12.71 37.83
C VAL E 493 -37.83 -12.97 37.06
N ASP E 494 -36.90 -13.66 37.72
CA ASP E 494 -35.61 -13.97 37.12
C ASP E 494 -35.76 -14.96 35.97
N ALA F 1 -20.06 -37.85 14.99
CA ALA F 1 -19.02 -38.03 13.99
C ALA F 1 -18.82 -39.51 13.66
N LYS F 2 -18.29 -40.26 14.62
CA LYS F 2 -18.03 -41.68 14.38
C LYS F 2 -19.32 -42.47 14.25
N GLY F 3 -20.40 -42.03 14.92
CA GLY F 3 -21.68 -42.67 14.71
C GLY F 3 -22.15 -42.57 13.27
N ILE F 4 -21.88 -41.44 12.63
CA ILE F 4 -22.18 -41.30 11.22
C ILE F 4 -21.32 -42.26 10.39
N ALA F 5 -20.07 -42.48 10.82
CA ALA F 5 -19.23 -43.47 10.13
C ALA F 5 -19.82 -44.87 10.26
N ILE F 6 -20.37 -45.20 11.42
CA ILE F 6 -21.04 -46.49 11.59
C ILE F 6 -22.27 -46.56 10.70
N ALA F 7 -22.97 -45.44 10.54
CA ALA F 7 -24.10 -45.40 9.62
C ALA F 7 -23.66 -45.67 8.19
N LEU F 8 -22.52 -45.09 7.78
CA LEU F 8 -21.93 -45.45 6.50
C LEU F 8 -21.65 -46.93 6.41
N LEU F 9 -21.07 -47.51 7.47
CA LEU F 9 -20.79 -48.94 7.44
C LEU F 9 -22.06 -49.74 7.20
N VAL F 10 -23.15 -49.35 7.87
CA VAL F 10 -24.41 -50.07 7.74
C VAL F 10 -24.95 -49.96 6.31
N ILE F 11 -25.01 -48.73 5.77
CA ILE F 11 -25.61 -48.56 4.46
C ILE F 11 -24.74 -49.22 3.39
N LEU F 12 -23.42 -49.14 3.53
CA LEU F 12 -22.53 -49.78 2.56
C LEU F 12 -22.64 -51.30 2.62
N VAL F 13 -22.73 -51.89 3.81
CA VAL F 13 -22.87 -53.34 3.86
C VAL F 13 -24.23 -53.76 3.30
N ILE F 14 -25.27 -52.94 3.50
CA ILE F 14 -26.58 -53.27 2.96
C ILE F 14 -26.54 -53.26 1.43
N CYS F 15 -25.99 -52.18 0.86
CA CYS F 15 -25.95 -52.09 -0.59
C CYS F 15 -25.03 -53.15 -1.19
N SER F 16 -23.92 -53.46 -0.51
CA SER F 16 -23.05 -54.53 -0.98
C SER F 16 -23.78 -55.87 -0.98
N LEU F 17 -24.56 -56.15 0.07
CA LEU F 17 -25.31 -57.40 0.12
C LEU F 17 -26.34 -57.45 -1.01
N ILE F 18 -27.05 -56.35 -1.25
CA ILE F 18 -28.09 -56.40 -2.28
C ILE F 18 -27.49 -56.53 -3.67
N VAL F 19 -26.38 -55.83 -3.94
CA VAL F 19 -25.76 -55.97 -5.25
C VAL F 19 -25.11 -57.34 -5.40
N THR F 20 -24.61 -57.92 -4.31
CA THR F 20 -24.11 -59.29 -4.37
C THR F 20 -25.23 -60.26 -4.71
N SER F 21 -26.42 -60.05 -4.12
CA SER F 21 -27.56 -60.88 -4.48
C SER F 21 -27.91 -60.71 -5.96
N VAL F 22 -27.88 -59.47 -6.46
CA VAL F 22 -28.23 -59.21 -7.84
C VAL F 22 -27.24 -59.90 -8.79
N ILE F 23 -25.94 -59.78 -8.49
CA ILE F 23 -24.94 -60.41 -9.35
C ILE F 23 -24.98 -61.93 -9.22
N LEU F 24 -25.40 -62.45 -8.06
CA LEU F 24 -25.45 -63.89 -7.88
C LEU F 24 -26.66 -64.52 -8.55
N LEU F 25 -27.78 -63.80 -8.66
CA LEU F 25 -28.97 -64.37 -9.27
C LEU F 25 -28.91 -64.43 -10.79
N THR F 26 -28.26 -63.45 -11.43
CA THR F 26 -28.28 -63.39 -12.89
C THR F 26 -27.62 -64.57 -13.60
N PRO F 27 -26.40 -65.08 -13.18
CA PRO F 27 -25.68 -66.06 -14.02
C PRO F 27 -26.21 -67.48 -13.87
N ALA F 28 -27.53 -67.65 -13.99
CA ALA F 28 -28.14 -68.96 -13.87
C ALA F 28 -28.19 -69.67 -15.23
N PRO G 1 0.67 47.86 -5.00
CA PRO G 1 -0.04 46.59 -4.78
C PRO G 1 0.30 45.98 -3.42
N GLU G 2 0.68 46.82 -2.47
CA GLU G 2 1.13 46.36 -1.16
C GLU G 2 0.00 46.23 -0.15
N GLY G 3 -1.23 46.58 -0.52
CA GLY G 3 -2.33 46.56 0.40
C GLY G 3 -2.44 47.77 1.29
N LEU G 4 -1.42 48.62 1.32
CA LEU G 4 -1.46 49.88 2.02
C LEU G 4 -0.96 50.97 1.08
N GLU G 5 -0.18 50.58 0.07
CA GLU G 5 0.22 51.52 -0.96
C GLU G 5 -0.93 51.82 -1.90
N GLN G 6 -1.70 50.80 -2.27
CA GLN G 6 -2.85 50.99 -3.16
C GLN G 6 -4.14 51.12 -2.34
N LEU G 7 -4.13 52.09 -1.44
CA LEU G 7 -5.32 52.48 -0.69
C LEU G 7 -6.11 53.49 -1.49
N GLU G 8 -7.00 54.23 -0.83
CA GLU G 8 -7.77 55.29 -1.49
C GLU G 8 -6.90 56.12 -2.44
N ALA G 9 -5.60 56.22 -2.17
CA ALA G 9 -4.67 56.79 -3.14
C ALA G 9 -4.60 55.88 -4.36
N GLN G 10 -5.13 56.37 -5.49
CA GLN G 10 -5.12 55.72 -6.79
C GLN G 10 -6.08 54.54 -6.88
N THR G 11 -6.69 54.15 -5.76
CA THR G 11 -7.68 53.07 -5.73
C THR G 11 -8.74 53.45 -4.69
N ASN G 12 -9.81 54.09 -5.14
CA ASN G 12 -10.76 54.66 -4.21
C ASN G 12 -11.63 53.61 -3.51
N PHE G 13 -10.98 52.74 -2.74
CA PHE G 13 -11.65 51.79 -1.88
C PHE G 13 -11.12 51.94 -0.46
N THR G 14 -11.99 51.66 0.52
CA THR G 14 -11.51 51.52 1.89
C THR G 14 -10.71 50.23 2.01
N LYS G 15 -9.67 50.27 2.85
CA LYS G 15 -8.80 49.11 2.99
C LYS G 15 -9.54 47.90 3.54
N ARG G 16 -10.58 48.13 4.35
CA ARG G 16 -11.37 47.01 4.86
C ARG G 16 -12.05 46.25 3.73
N GLU G 17 -12.59 46.97 2.75
CA GLU G 17 -13.20 46.32 1.60
C GLU G 17 -12.15 45.77 0.64
N LEU G 18 -11.02 46.48 0.51
CA LEU G 18 -9.98 46.04 -0.41
C LEU G 18 -9.39 44.71 0.02
N GLN G 19 -9.22 44.51 1.33
CA GLN G 19 -8.74 43.22 1.81
C GLN G 19 -9.69 42.10 1.41
N VAL G 20 -10.99 42.33 1.55
CA VAL G 20 -11.97 41.31 1.18
C VAL G 20 -11.93 41.05 -0.32
N LEU G 21 -11.80 42.11 -1.11
CA LEU G 21 -11.70 41.93 -2.56
C LEU G 21 -10.49 41.08 -2.94
N TYR G 22 -9.34 41.36 -2.33
CA TYR G 22 -8.16 40.55 -2.63
C TYR G 22 -8.35 39.11 -2.16
N ARG G 23 -8.95 38.93 -0.99
CA ARG G 23 -9.18 37.58 -0.49
C ARG G 23 -10.06 36.79 -1.44
N GLY G 24 -11.13 37.41 -1.94
CA GLY G 24 -11.97 36.75 -2.91
C GLY G 24 -11.35 36.60 -4.28
N PHE G 25 -10.38 37.44 -4.61
CA PHE G 25 -9.72 37.37 -5.91
C PHE G 25 -8.73 36.21 -5.94
N LYS G 26 -7.81 36.16 -4.99
CA LYS G 26 -6.84 35.08 -4.96
C LYS G 26 -7.49 33.74 -4.68
N ASN G 27 -8.66 33.73 -4.03
CA ASN G 27 -9.36 32.47 -3.77
C ASN G 27 -9.81 31.79 -5.04
N GLU G 28 -9.94 32.51 -6.15
CA GLU G 28 -10.31 31.93 -7.42
C GLU G 28 -9.15 31.85 -8.40
N CYS G 29 -8.17 32.75 -8.29
CA CYS G 29 -6.96 32.71 -9.10
C CYS G 29 -5.78 32.74 -8.16
N PRO G 30 -5.37 31.58 -7.62
CA PRO G 30 -4.30 31.58 -6.62
C PRO G 30 -2.99 32.16 -7.11
N SER G 31 -2.64 31.96 -8.38
CA SER G 31 -1.38 32.48 -8.88
C SER G 31 -1.34 34.00 -8.88
N GLY G 32 -2.49 34.65 -8.73
CA GLY G 32 -2.54 36.09 -8.66
C GLY G 32 -2.62 36.81 -9.99
N VAL G 33 -2.52 36.09 -11.10
CA VAL G 33 -2.62 36.68 -12.43
C VAL G 33 -3.67 35.89 -13.20
N VAL G 34 -4.80 36.54 -13.49
CA VAL G 34 -5.93 35.85 -14.13
C VAL G 34 -5.73 35.84 -15.63
N ASN G 35 -5.90 34.68 -16.24
CA ASN G 35 -5.87 34.56 -17.68
C ASN G 35 -7.28 34.64 -18.24
N GLU G 36 -7.37 34.96 -19.53
CA GLU G 36 -8.68 35.12 -20.17
C GLU G 36 -9.49 33.85 -20.14
N ASP G 37 -8.82 32.68 -20.14
CA ASP G 37 -9.55 31.42 -20.08
C ASP G 37 -10.33 31.30 -18.77
N THR G 38 -9.69 31.65 -17.65
CA THR G 38 -10.39 31.69 -16.38
C THR G 38 -11.43 32.80 -16.38
N PHE G 39 -11.20 33.87 -17.13
CA PHE G 39 -12.09 35.03 -17.12
C PHE G 39 -13.46 34.69 -17.69
N LYS G 40 -13.59 33.54 -18.35
CA LYS G 40 -14.84 33.17 -19.01
C LYS G 40 -15.80 32.45 -18.06
N GLN G 41 -15.35 31.37 -17.42
CA GLN G 41 -16.25 30.56 -16.61
C GLN G 41 -16.54 31.19 -15.26
N ILE G 42 -15.69 32.10 -14.79
CA ILE G 42 -15.99 32.82 -13.56
C ILE G 42 -17.14 33.79 -13.77
N TYR G 43 -17.47 34.07 -15.02
CA TYR G 43 -18.48 35.05 -15.40
C TYR G 43 -19.73 34.38 -15.93
N ALA G 44 -19.58 33.39 -16.81
CA ALA G 44 -20.73 32.77 -17.46
C ALA G 44 -21.62 32.07 -16.46
N GLN G 45 -21.07 31.62 -15.33
CA GLN G 45 -21.84 30.96 -14.30
C GLN G 45 -22.72 31.92 -13.52
N PHE G 46 -22.59 33.23 -13.74
CA PHE G 46 -23.59 34.16 -13.23
C PHE G 46 -24.92 34.00 -13.94
N PHE G 47 -24.89 33.74 -15.25
CA PHE G 47 -26.13 33.68 -16.03
C PHE G 47 -26.45 32.23 -16.38
N PRO G 48 -27.46 31.62 -15.77
CA PRO G 48 -27.89 30.28 -16.19
C PRO G 48 -28.52 30.24 -17.57
N HIS G 49 -28.61 31.37 -18.27
CA HIS G 49 -29.11 31.41 -19.64
C HIS G 49 -27.92 31.19 -20.59
N GLY G 50 -28.08 31.52 -21.86
CA GLY G 50 -27.05 31.31 -22.86
C GLY G 50 -25.67 31.83 -22.49
N ASP G 51 -24.65 31.33 -23.18
CA ASP G 51 -23.27 31.59 -22.79
C ASP G 51 -22.90 33.07 -22.91
N ALA G 52 -21.83 33.44 -22.22
CA ALA G 52 -21.38 34.82 -22.15
C ALA G 52 -19.89 34.96 -22.44
N SER G 53 -19.25 33.92 -22.97
CA SER G 53 -17.82 33.98 -23.22
C SER G 53 -17.47 35.05 -24.25
N THR G 54 -18.39 35.32 -25.19
CA THR G 54 -18.13 36.33 -26.19
C THR G 54 -17.93 37.70 -25.56
N TYR G 55 -18.81 38.09 -24.65
CA TYR G 55 -18.68 39.37 -23.99
C TYR G 55 -17.43 39.40 -23.10
N ALA G 56 -17.17 38.30 -22.40
CA ALA G 56 -16.01 38.25 -21.51
C ALA G 56 -14.71 38.38 -22.28
N HIS G 57 -14.65 37.84 -23.49
CA HIS G 57 -13.43 38.01 -24.30
C HIS G 57 -13.18 39.49 -24.59
N TYR G 58 -14.22 40.22 -24.94
CA TYR G 58 -14.05 41.64 -25.20
C TYR G 58 -13.80 42.42 -23.91
N LEU G 59 -14.25 41.90 -22.78
CA LEU G 59 -13.94 42.52 -21.50
C LEU G 59 -12.46 42.35 -21.14
N PHE G 60 -11.89 41.19 -21.44
CA PHE G 60 -10.55 40.86 -20.96
C PHE G 60 -9.50 41.77 -21.57
N ASN G 61 -9.50 41.89 -22.91
CA ASN G 61 -8.46 42.70 -23.54
C ASN G 61 -8.60 44.17 -23.20
N ALA G 62 -9.82 44.62 -22.89
CA ALA G 62 -9.99 45.95 -22.35
C ALA G 62 -9.39 46.05 -20.95
N PHE G 63 -9.58 45.02 -20.14
CA PHE G 63 -8.94 44.96 -18.83
C PHE G 63 -7.42 44.91 -18.97
N ASP G 64 -6.92 44.09 -19.90
CA ASP G 64 -5.49 43.84 -20.05
C ASP G 64 -4.92 44.81 -21.08
N THR G 65 -4.29 45.87 -20.60
CA THR G 65 -3.60 46.79 -21.49
C THR G 65 -2.26 46.18 -21.92
N THR G 66 -1.74 46.69 -23.03
CA THR G 66 -0.46 46.29 -23.61
C THR G 66 -0.41 44.81 -24.00
N GLN G 67 -1.56 44.14 -24.04
CA GLN G 67 -1.67 42.75 -24.52
C GLN G 67 -0.70 41.83 -23.78
N THR G 68 -0.72 41.91 -22.44
CA THR G 68 0.10 41.02 -21.65
C THR G 68 -0.39 39.57 -21.71
N GLY G 69 -1.63 39.36 -22.12
CA GLY G 69 -2.21 38.03 -22.13
C GLY G 69 -2.82 37.58 -20.83
N SER G 70 -2.65 38.37 -19.76
CA SER G 70 -3.24 38.05 -18.47
C SER G 70 -3.18 39.31 -17.60
N VAL G 71 -4.11 39.40 -16.66
CA VAL G 71 -4.31 40.59 -15.85
C VAL G 71 -3.79 40.35 -14.45
N LYS G 72 -3.03 41.29 -13.92
CA LYS G 72 -2.60 41.24 -12.53
C LYS G 72 -3.59 41.99 -11.66
N PHE G 73 -3.40 41.88 -10.34
CA PHE G 73 -4.37 42.45 -9.42
C PHE G 73 -4.42 43.96 -9.48
N GLU G 74 -3.29 44.60 -9.77
CA GLU G 74 -3.25 46.07 -9.76
C GLU G 74 -4.18 46.68 -10.80
N ASP G 75 -4.08 46.21 -12.05
CA ASP G 75 -4.96 46.70 -13.10
C ASP G 75 -6.42 46.32 -12.85
N PHE G 76 -6.65 45.09 -12.37
CA PHE G 76 -8.00 44.65 -12.07
C PHE G 76 -8.66 45.57 -11.05
N VAL G 77 -7.95 45.85 -9.95
CA VAL G 77 -8.56 46.69 -8.92
C VAL G 77 -8.67 48.13 -9.39
N THR G 78 -7.73 48.60 -10.22
CA THR G 78 -7.85 49.95 -10.76
C THR G 78 -9.12 50.09 -11.58
N ALA G 79 -9.36 49.14 -12.49
CA ALA G 79 -10.56 49.21 -13.32
C ALA G 79 -11.82 49.04 -12.47
N LEU G 80 -11.80 48.11 -11.52
CA LEU G 80 -12.96 47.92 -10.66
C LEU G 80 -13.25 49.20 -9.86
N SER G 81 -12.20 49.89 -9.43
CA SER G 81 -12.40 51.14 -8.71
C SER G 81 -13.03 52.20 -9.60
N ILE G 82 -12.44 52.44 -10.77
CA ILE G 82 -12.94 53.51 -11.63
C ILE G 82 -14.36 53.20 -12.08
N LEU G 83 -14.74 51.93 -12.08
CA LEU G 83 -16.13 51.60 -12.40
C LEU G 83 -17.05 51.79 -11.20
N LEU G 84 -16.84 51.00 -10.15
CA LEU G 84 -17.79 50.96 -9.05
C LEU G 84 -17.87 52.30 -8.33
N ARG G 85 -16.74 52.93 -8.05
CA ARG G 85 -16.73 54.15 -7.26
C ARG G 85 -15.86 55.21 -7.92
N GLY G 86 -15.78 55.18 -9.25
CA GLY G 86 -14.97 56.12 -10.00
C GLY G 86 -15.71 57.38 -10.38
N THR G 87 -15.15 58.10 -11.35
CA THR G 87 -15.71 59.35 -11.83
C THR G 87 -16.65 59.09 -13.00
N VAL G 88 -17.76 59.83 -13.03
CA VAL G 88 -18.74 59.67 -14.10
C VAL G 88 -18.10 59.95 -15.45
N HIS G 89 -17.29 61.01 -15.52
CA HIS G 89 -16.54 61.27 -16.75
C HIS G 89 -15.58 60.12 -17.05
N GLU G 90 -14.79 59.71 -16.06
CA GLU G 90 -13.81 58.66 -16.27
C GLU G 90 -14.45 57.28 -16.42
N LYS G 91 -15.70 57.11 -15.96
CA LYS G 91 -16.37 55.83 -16.12
C LYS G 91 -16.55 55.48 -17.59
N LEU G 92 -16.91 56.47 -18.41
CA LEU G 92 -17.28 56.21 -19.79
C LEU G 92 -16.10 56.23 -20.75
N ARG G 93 -14.96 56.77 -20.34
CA ARG G 93 -13.78 56.74 -21.20
C ARG G 93 -13.33 55.31 -21.45
N TRP G 94 -13.26 54.49 -20.40
CA TRP G 94 -12.82 53.13 -20.61
C TRP G 94 -13.83 52.45 -21.53
N THR G 95 -15.12 52.68 -21.28
CA THR G 95 -16.16 52.02 -22.06
C THR G 95 -16.09 52.41 -23.52
N PHE G 96 -15.68 53.65 -23.80
CA PHE G 96 -15.40 54.02 -25.19
C PHE G 96 -14.24 53.22 -25.74
N ASN G 97 -13.20 53.01 -24.94
CA ASN G 97 -12.12 52.13 -25.37
C ASN G 97 -12.61 50.70 -25.59
N LEU G 98 -13.55 50.25 -24.75
CA LEU G 98 -14.15 48.92 -24.88
C LEU G 98 -14.89 48.78 -26.20
N TYR G 99 -15.77 49.73 -26.49
CA TYR G 99 -16.55 49.65 -27.72
C TYR G 99 -15.65 49.71 -28.94
N ASP G 100 -14.59 50.52 -28.87
CA ASP G 100 -13.61 50.57 -29.94
C ASP G 100 -12.85 49.24 -30.02
N ILE G 101 -12.78 48.69 -31.22
CA ILE G 101 -12.05 47.44 -31.46
C ILE G 101 -10.96 47.61 -32.51
N ASN G 102 -11.02 48.65 -33.34
CA ASN G 102 -10.02 48.93 -34.35
C ASN G 102 -8.79 49.62 -33.79
N LYS G 103 -8.57 49.52 -32.48
CA LYS G 103 -7.43 50.11 -31.79
C LYS G 103 -7.56 51.62 -31.70
N ASP G 104 -7.34 52.33 -32.81
CA ASP G 104 -7.45 53.77 -32.79
C ASP G 104 -8.91 54.19 -32.55
N GLY G 105 -9.08 55.29 -31.83
CA GLY G 105 -10.39 55.69 -31.36
C GLY G 105 -11.30 56.22 -32.44
N TYR G 106 -11.73 55.34 -33.35
CA TYR G 106 -12.60 55.73 -34.45
C TYR G 106 -13.77 54.76 -34.55
N ILE G 107 -14.87 55.25 -35.09
CA ILE G 107 -16.11 54.49 -35.21
C ILE G 107 -16.42 54.33 -36.69
N ASN G 108 -16.54 53.08 -37.13
CA ASN G 108 -16.89 52.76 -38.51
C ASN G 108 -18.08 51.80 -38.58
N LYS G 109 -18.94 51.85 -37.57
CA LYS G 109 -20.24 51.18 -37.53
C LYS G 109 -20.15 49.67 -37.42
N GLU G 110 -18.95 49.08 -37.42
CA GLU G 110 -18.83 47.62 -37.34
C GLU G 110 -18.45 47.14 -35.95
N GLU G 111 -17.86 47.98 -35.11
CA GLU G 111 -17.49 47.57 -33.77
C GLU G 111 -18.69 47.43 -32.83
N MET G 112 -19.87 47.87 -33.24
CA MET G 112 -21.05 47.77 -32.39
C MET G 112 -21.92 46.56 -32.70
N MET G 113 -21.91 46.08 -33.95
CA MET G 113 -22.69 44.89 -34.29
C MET G 113 -22.32 43.71 -33.40
N ASP G 114 -21.02 43.38 -33.33
CA ASP G 114 -20.59 42.24 -32.56
C ASP G 114 -20.86 42.44 -31.08
N ILE G 115 -20.61 43.64 -30.55
CA ILE G 115 -20.80 43.87 -29.13
C ILE G 115 -22.26 43.74 -28.75
N VAL G 116 -23.15 44.34 -29.53
CA VAL G 116 -24.58 44.29 -29.20
C VAL G 116 -25.12 42.88 -29.39
N LYS G 117 -24.65 42.15 -30.41
CA LYS G 117 -25.11 40.78 -30.57
C LYS G 117 -24.60 39.89 -29.45
N ALA G 118 -23.38 40.14 -28.96
CA ALA G 118 -22.88 39.40 -27.80
C ALA G 118 -23.70 39.70 -26.57
N ILE G 119 -24.06 40.97 -26.36
CA ILE G 119 -24.90 41.33 -25.23
C ILE G 119 -26.25 40.65 -25.33
N TYR G 120 -26.83 40.63 -26.53
CA TYR G 120 -28.10 39.94 -26.75
C TYR G 120 -27.96 38.42 -26.70
N ASP G 121 -26.74 37.90 -26.70
CA ASP G 121 -26.54 36.47 -26.66
C ASP G 121 -26.81 35.87 -25.28
N MET G 122 -26.98 36.70 -24.24
CA MET G 122 -27.13 36.18 -22.89
C MET G 122 -28.43 35.39 -22.73
N MET G 123 -29.54 35.95 -23.21
CA MET G 123 -30.85 35.35 -22.91
C MET G 123 -30.99 33.95 -23.49
N GLY G 124 -30.49 33.73 -24.70
CA GLY G 124 -30.48 32.38 -25.27
C GLY G 124 -31.77 32.09 -26.07
N LYS G 125 -32.63 31.24 -25.50
CA LYS G 125 -33.83 30.79 -26.20
C LYS G 125 -35.13 31.03 -25.44
N TYR G 126 -35.09 31.32 -24.14
CA TYR G 126 -36.30 31.44 -23.33
C TYR G 126 -36.73 32.90 -23.16
N THR G 127 -36.52 33.71 -24.18
CA THR G 127 -36.91 35.11 -24.16
C THR G 127 -38.39 35.25 -24.50
N TYR G 128 -39.04 36.29 -23.97
CA TYR G 128 -40.45 36.52 -24.26
C TYR G 128 -40.65 36.97 -25.71
N PRO G 129 -40.05 38.10 -26.17
CA PRO G 129 -40.05 38.37 -27.61
C PRO G 129 -38.90 37.62 -28.27
N VAL G 130 -39.24 36.60 -29.04
CA VAL G 130 -38.22 35.70 -29.59
C VAL G 130 -37.28 36.48 -30.49
N LEU G 131 -35.98 36.33 -30.24
CA LEU G 131 -34.99 37.04 -31.04
C LEU G 131 -35.03 36.59 -32.48
N LYS G 132 -34.85 37.54 -33.39
CA LYS G 132 -34.72 37.27 -34.81
C LYS G 132 -33.44 37.93 -35.30
N GLU G 133 -32.94 37.46 -36.45
CA GLU G 133 -31.66 37.93 -36.95
C GLU G 133 -31.66 39.44 -37.18
N ASP G 134 -32.85 40.02 -37.38
CA ASP G 134 -32.94 41.46 -37.58
C ASP G 134 -32.91 42.24 -36.26
N THR G 135 -33.26 41.59 -35.14
CA THR G 135 -33.27 42.29 -33.86
C THR G 135 -31.92 42.84 -33.43
N PRO G 136 -30.80 42.11 -33.52
CA PRO G 136 -29.52 42.71 -33.09
C PRO G 136 -29.12 43.90 -33.94
N ARG G 137 -29.27 43.80 -35.27
CA ARG G 137 -28.92 44.93 -36.11
C ARG G 137 -29.91 46.09 -35.91
N GLN G 138 -31.15 45.78 -35.53
CA GLN G 138 -32.08 46.85 -35.20
C GLN G 138 -31.66 47.60 -33.94
N HIS G 139 -31.21 46.86 -32.92
CA HIS G 139 -30.70 47.52 -31.73
C HIS G 139 -29.40 48.27 -32.02
N VAL G 140 -28.59 47.74 -32.92
CA VAL G 140 -27.38 48.45 -33.36
C VAL G 140 -27.76 49.76 -34.05
N ASP G 141 -28.83 49.75 -34.84
CA ASP G 141 -29.31 50.98 -35.44
C ASP G 141 -29.87 51.93 -34.39
N VAL G 142 -30.51 51.39 -33.35
CA VAL G 142 -30.96 52.24 -32.25
C VAL G 142 -29.78 52.94 -31.60
N PHE G 143 -28.68 52.21 -31.38
CA PHE G 143 -27.46 52.84 -30.88
C PHE G 143 -26.88 53.83 -31.89
N PHE G 144 -26.97 53.52 -33.18
CA PHE G 144 -26.51 54.42 -34.22
C PHE G 144 -27.32 55.71 -34.25
N GLN G 145 -28.55 55.68 -33.74
CA GLN G 145 -29.35 56.88 -33.66
C GLN G 145 -28.68 57.93 -32.79
N LYS G 146 -28.10 57.53 -31.67
CA LYS G 146 -27.53 58.48 -30.72
C LYS G 146 -26.07 58.81 -31.01
N MET G 147 -25.41 58.09 -31.93
CA MET G 147 -24.06 58.47 -32.29
C MET G 147 -24.08 59.59 -33.34
N ASP G 148 -22.89 60.12 -33.63
CA ASP G 148 -22.78 61.30 -34.49
C ASP G 148 -23.29 61.04 -35.90
N LYS G 149 -24.39 61.71 -36.27
CA LYS G 149 -24.84 61.68 -37.65
C LYS G 149 -23.78 62.29 -38.57
N ASN G 150 -23.20 63.41 -38.15
CA ASN G 150 -22.09 64.01 -38.89
C ASN G 150 -20.84 63.17 -38.75
N LYS G 151 -20.00 63.19 -39.77
CA LYS G 151 -18.75 62.43 -39.76
C LYS G 151 -17.56 63.36 -39.65
N THR G 156 -18.09 59.27 -32.72
CA THR G 156 -17.03 60.16 -32.27
C THR G 156 -17.02 60.24 -30.75
N LEU G 157 -15.82 60.26 -30.17
CA LEU G 157 -15.71 60.26 -28.71
C LEU G 157 -16.26 61.54 -28.11
N ASP G 158 -16.02 62.68 -28.75
CA ASP G 158 -16.43 63.96 -28.17
C ASP G 158 -17.95 64.08 -28.12
N GLU G 159 -18.63 63.74 -29.21
CA GLU G 159 -20.08 63.83 -29.23
C GLU G 159 -20.71 62.84 -28.26
N PHE G 160 -20.13 61.64 -28.16
CA PHE G 160 -20.66 60.65 -27.21
C PHE G 160 -20.48 61.14 -25.77
N LEU G 161 -19.31 61.69 -25.46
CA LEU G 161 -19.06 62.21 -24.12
C LEU G 161 -19.91 63.43 -23.79
N GLU G 162 -20.29 64.22 -24.79
CA GLU G 162 -21.15 65.37 -24.56
C GLU G 162 -22.64 65.04 -24.59
N SER G 163 -23.02 63.92 -25.19
CA SER G 163 -24.43 63.56 -25.28
C SER G 163 -24.83 62.49 -24.27
N CYS G 164 -23.87 61.88 -23.59
CA CYS G 164 -24.22 60.94 -22.53
C CYS G 164 -24.97 61.63 -21.41
N GLN G 165 -24.58 62.87 -21.09
CA GLN G 165 -25.35 63.65 -20.13
C GLN G 165 -26.70 64.05 -20.70
N GLU G 166 -26.78 64.26 -22.02
CA GLU G 166 -28.05 64.61 -22.64
C GLU G 166 -29.06 63.48 -22.48
N ASP G 167 -28.61 62.23 -22.57
CA ASP G 167 -29.46 61.07 -22.33
C ASP G 167 -29.39 60.74 -20.84
N ASP G 168 -30.45 61.10 -20.10
CA ASP G 168 -30.45 60.89 -18.66
C ASP G 168 -30.48 59.41 -18.29
N ASN G 169 -30.79 58.53 -19.24
CA ASN G 169 -30.71 57.10 -18.96
C ASN G 169 -29.31 56.71 -18.52
N ILE G 170 -28.29 57.17 -19.27
CA ILE G 170 -26.91 56.94 -18.87
C ILE G 170 -26.63 57.56 -17.52
N MET G 171 -27.14 58.76 -17.29
CA MET G 171 -26.80 59.50 -16.07
C MET G 171 -27.30 58.79 -14.82
N ARG G 172 -28.56 58.35 -14.81
CA ARG G 172 -28.97 57.65 -13.59
C ARG G 172 -28.81 56.14 -13.69
N SER G 173 -28.23 55.62 -14.78
CA SER G 173 -27.84 54.22 -14.79
C SER G 173 -26.43 54.04 -14.24
N LEU G 174 -25.53 54.99 -14.52
CA LEU G 174 -24.19 54.92 -13.95
C LEU G 174 -24.20 55.06 -12.44
N GLN G 175 -25.21 55.70 -11.87
CA GLN G 175 -25.28 55.94 -10.44
C GLN G 175 -25.90 54.79 -9.65
N LEU G 176 -26.30 53.72 -10.33
CA LEU G 176 -26.84 52.57 -9.60
C LEU G 176 -25.80 51.96 -8.69
N PHE G 177 -24.56 51.83 -9.17
CA PHE G 177 -23.49 51.21 -8.40
C PHE G 177 -22.45 52.20 -7.91
N GLN G 178 -22.53 53.48 -8.31
CA GLN G 178 -21.59 54.47 -7.81
C GLN G 178 -21.78 54.70 -6.32
N ASN G 179 -23.02 54.92 -5.89
CA ASN G 179 -23.29 55.14 -4.47
C ASN G 179 -23.14 53.85 -3.67
N VAL G 180 -23.70 52.75 -4.18
CA VAL G 180 -23.66 51.48 -3.47
C VAL G 180 -22.24 50.92 -3.53
N MET G 181 -21.83 50.27 -2.44
CA MET G 181 -20.52 49.63 -2.35
C MET G 181 -19.40 50.65 -2.53
N ALA H 1 23.43 33.66 1.62
CA ALA H 1 22.10 34.00 1.10
C ALA H 1 21.16 34.34 2.25
N ALA H 2 19.92 34.69 1.91
CA ALA H 2 18.94 35.07 2.90
C ALA H 2 18.41 33.89 3.70
N GLY H 3 18.68 32.66 3.26
CA GLY H 3 18.17 31.49 3.97
C GLY H 3 18.88 31.20 5.28
N VAL H 4 20.02 31.82 5.52
CA VAL H 4 20.77 31.61 6.75
C VAL H 4 20.99 32.95 7.44
N ALA H 5 20.00 33.84 7.34
CA ALA H 5 20.11 35.17 7.92
C ALA H 5 20.30 35.13 9.43
N ALA H 6 20.05 34.00 10.07
CA ALA H 6 20.32 33.88 11.49
C ALA H 6 21.80 33.87 11.83
N TRP H 7 22.68 33.78 10.82
CA TRP H 7 24.11 33.61 11.06
C TRP H 7 24.94 34.78 10.52
N LEU H 8 24.38 35.98 10.50
CA LEU H 8 25.19 37.15 10.21
C LEU H 8 26.29 37.38 11.23
N PRO H 9 26.07 37.30 12.55
CA PRO H 9 27.18 37.55 13.48
C PRO H 9 28.40 36.70 13.21
N PHE H 10 28.20 35.42 12.84
CA PHE H 10 29.30 34.58 12.41
C PHE H 10 30.19 35.30 11.40
N ALA H 11 29.63 35.66 10.25
CA ALA H 11 30.42 36.35 9.23
C ALA H 11 30.96 37.67 9.76
N ARG H 12 30.23 38.33 10.66
CA ARG H 12 30.75 39.54 11.29
C ARG H 12 32.09 39.27 11.94
N ALA H 13 32.17 38.21 12.75
CA ALA H 13 33.46 37.81 13.30
C ALA H 13 34.44 37.50 12.19
N ALA H 14 33.97 36.80 11.15
CA ALA H 14 34.84 36.51 10.01
C ALA H 14 35.41 37.78 9.41
N ALA H 15 34.64 38.88 9.44
CA ALA H 15 35.15 40.13 8.90
C ALA H 15 36.42 40.55 9.63
N ILE H 16 36.42 40.44 10.96
CA ILE H 16 37.58 40.80 11.77
C ILE H 16 38.83 40.05 11.31
N GLY H 17 38.65 38.93 10.60
CA GLY H 17 39.79 38.21 10.09
C GLY H 17 40.66 39.02 9.16
N TRP H 18 40.04 39.77 8.24
CA TRP H 18 40.81 40.48 7.22
C TRP H 18 40.92 41.98 7.49
N MET H 19 41.03 42.38 8.75
CA MET H 19 41.22 43.79 9.06
C MET H 19 42.65 44.27 8.83
N PRO H 20 43.70 43.62 9.36
CA PRO H 20 45.04 44.16 9.16
C PRO H 20 45.48 44.19 7.71
N VAL H 21 44.87 43.36 6.86
CA VAL H 21 45.27 43.28 5.46
C VAL H 21 44.36 44.19 4.62
N ALA H 22 43.62 45.07 5.29
CA ALA H 22 42.71 45.96 4.61
C ALA H 22 43.39 47.27 4.24
N SER H 23 42.88 47.91 3.19
CA SER H 23 43.39 49.21 2.75
C SER H 23 42.24 49.94 2.07
N GLY H 24 41.61 50.85 2.80
CA GLY H 24 40.47 51.58 2.28
C GLY H 24 39.84 52.50 3.31
N PRO H 25 38.62 52.97 3.01
CA PRO H 25 37.91 53.86 3.95
C PRO H 25 37.00 53.17 4.95
N MET H 26 36.75 51.86 4.81
CA MET H 26 35.87 51.12 5.71
C MET H 26 34.50 51.80 5.78
N PRO H 27 33.66 51.65 4.76
CA PRO H 27 32.51 52.54 4.57
C PRO H 27 31.45 52.50 5.67
N ALA H 28 31.69 51.77 6.76
CA ALA H 28 30.88 51.82 7.97
C ALA H 28 29.51 51.16 7.77
N PRO H 29 28.83 50.77 8.85
CA PRO H 29 27.55 50.07 8.72
C PRO H 29 26.49 50.95 8.08
N PRO H 30 25.56 50.35 7.34
CA PRO H 30 24.45 51.12 6.75
C PRO H 30 23.32 51.40 7.73
N ARG H 31 23.62 51.32 9.03
CA ARG H 31 22.71 51.53 10.16
C ARG H 31 21.51 50.58 10.09
N GLN H 32 20.61 50.69 11.06
CA GLN H 32 19.54 49.71 11.20
C GLN H 32 18.40 50.32 12.01
N GLU H 33 17.23 49.67 11.90
CA GLU H 33 16.11 50.03 12.76
C GLU H 33 16.30 49.50 14.18
N ARG H 34 16.89 48.33 14.31
CA ARG H 34 17.15 47.74 15.63
C ARG H 34 18.23 46.69 15.48
N LYS H 35 19.25 46.77 16.33
CA LYS H 35 20.35 45.79 16.32
C LYS H 35 20.07 44.66 17.32
N ARG H 36 18.86 44.09 17.24
CA ARG H 36 18.42 43.07 18.18
C ARG H 36 17.57 42.07 17.43
N THR H 37 17.01 41.11 18.17
CA THR H 37 16.07 40.14 17.63
C THR H 37 14.88 40.00 18.56
N GLN H 38 14.30 41.12 18.97
CA GLN H 38 13.12 41.12 19.82
C GLN H 38 11.83 40.97 19.03
N ASP H 39 11.91 40.84 17.71
CA ASP H 39 10.73 40.68 16.88
C ASP H 39 9.90 39.50 17.39
N ALA H 40 8.72 39.80 17.92
CA ALA H 40 7.94 38.80 18.63
C ALA H 40 7.26 37.84 17.65
N LEU H 41 6.84 36.70 18.19
CA LEU H 41 6.05 35.76 17.42
C LEU H 41 4.77 36.43 16.94
N ILE H 42 4.45 36.23 15.66
CA ILE H 42 3.27 36.82 15.05
C ILE H 42 2.24 35.72 14.85
N VAL H 43 1.10 35.85 15.52
CA VAL H 43 0.07 34.83 15.47
C VAL H 43 -0.57 34.92 14.10
N LEU H 44 -0.22 33.99 13.21
CA LEU H 44 -0.89 33.86 11.92
C LEU H 44 -1.82 32.66 11.99
N ASN H 45 -3.07 32.88 11.63
CA ASN H 45 -4.12 31.91 11.81
C ASN H 45 -4.49 31.30 10.45
N VAL H 46 -4.82 30.01 10.47
CA VAL H 46 -5.31 29.31 9.28
C VAL H 46 -6.60 28.61 9.67
N SER H 47 -7.72 29.13 9.19
CA SER H 47 -9.04 28.52 9.37
C SER H 47 -9.27 28.04 10.80
N GLY H 48 -8.75 28.79 11.77
CA GLY H 48 -9.02 28.51 13.16
C GLY H 48 -7.90 27.87 13.95
N THR H 49 -6.73 27.64 13.35
CA THR H 49 -5.59 27.11 14.07
C THR H 49 -4.45 28.12 14.00
N ARG H 50 -3.88 28.45 15.16
CA ARG H 50 -2.88 29.50 15.24
C ARG H 50 -1.49 28.89 15.09
N PHE H 51 -0.74 29.35 14.10
CA PHE H 51 0.60 28.85 13.83
C PHE H 51 1.58 29.99 14.13
N GLN H 52 1.99 30.09 15.38
CA GLN H 52 2.89 31.15 15.79
C GLN H 52 4.28 30.91 15.23
N THR H 53 4.91 31.97 14.75
CA THR H 53 6.26 31.89 14.22
C THR H 53 6.88 33.27 14.25
N TRP H 54 8.19 33.32 14.07
CA TRP H 54 8.96 34.54 14.22
C TRP H 54 9.04 35.30 12.91
N GLN H 55 9.06 36.63 13.01
CA GLN H 55 9.03 37.48 11.83
C GLN H 55 10.23 37.20 10.93
N ASP H 56 11.43 37.18 11.52
CA ASP H 56 12.65 37.00 10.74
C ASP H 56 12.58 35.73 9.89
N THR H 57 11.98 34.66 10.41
CA THR H 57 11.83 33.45 9.62
C THR H 57 10.95 33.72 8.40
N LEU H 58 9.89 34.51 8.57
CA LEU H 58 8.99 34.76 7.45
C LEU H 58 9.66 35.62 6.37
N GLU H 59 10.36 36.68 6.77
CA GLU H 59 11.08 37.41 5.73
C GLU H 59 12.44 36.81 5.41
N ARG H 60 12.72 35.58 5.86
CA ARG H 60 13.90 34.89 5.36
C ARG H 60 13.82 34.67 3.86
N TYR H 61 12.66 34.22 3.38
CA TYR H 61 12.44 34.04 1.94
C TYR H 61 11.48 35.12 1.45
N PRO H 62 11.94 36.08 0.66
CA PRO H 62 11.08 37.22 0.32
C PRO H 62 9.99 36.91 -0.69
N ASP H 63 10.32 36.16 -1.74
CA ASP H 63 9.44 36.08 -2.91
C ASP H 63 8.15 35.33 -2.65
N THR H 64 8.06 34.58 -1.56
CA THR H 64 6.84 33.85 -1.26
C THR H 64 5.76 34.79 -0.74
N LEU H 65 4.53 34.27 -0.65
CA LEU H 65 3.43 35.10 -0.17
C LEU H 65 3.64 35.55 1.26
N LEU H 66 4.05 34.64 2.13
CA LEU H 66 4.24 35.01 3.53
C LEU H 66 5.39 35.98 3.69
N GLY H 67 6.38 35.91 2.79
CA GLY H 67 7.39 36.92 2.71
C GLY H 67 6.90 38.13 1.91
N SER H 68 7.79 39.09 1.76
CA SER H 68 7.49 40.34 1.03
C SER H 68 6.33 41.04 1.74
N SER H 69 5.49 41.73 0.97
CA SER H 69 4.45 42.57 1.54
C SER H 69 3.04 42.09 1.24
N GLU H 70 2.86 41.13 0.33
CA GLU H 70 1.53 40.72 -0.06
C GLU H 70 0.77 40.02 1.05
N ARG H 71 1.34 39.90 2.24
CA ARG H 71 0.59 39.38 3.38
C ARG H 71 -0.29 40.43 4.04
N ASP H 72 -0.13 41.70 3.66
CA ASP H 72 -0.89 42.76 4.31
C ASP H 72 -2.38 42.62 4.07
N PHE H 73 -2.77 42.11 2.90
CA PHE H 73 -4.19 41.91 2.62
C PHE H 73 -4.81 40.94 3.61
N PHE H 74 -4.07 39.90 3.99
CA PHE H 74 -4.56 38.94 4.96
C PHE H 74 -4.42 39.42 6.40
N TYR H 75 -3.76 40.55 6.62
CA TYR H 75 -3.65 41.09 7.96
C TYR H 75 -5.02 41.48 8.50
N HIS H 76 -5.21 41.31 9.80
CA HIS H 76 -6.50 41.52 10.45
C HIS H 76 -6.29 42.48 11.60
N PRO H 77 -6.24 43.79 11.32
CA PRO H 77 -5.84 44.75 12.35
C PRO H 77 -6.77 44.81 13.54
N GLU H 78 -8.07 44.58 13.35
CA GLU H 78 -9.02 44.74 14.45
C GLU H 78 -8.83 43.69 15.53
N THR H 79 -8.03 42.66 15.29
CA THR H 79 -7.62 41.74 16.34
C THR H 79 -6.14 41.44 16.32
N GLN H 80 -5.38 42.06 15.42
CA GLN H 80 -3.91 42.04 15.44
C GLN H 80 -3.36 40.62 15.32
N GLN H 81 -3.75 39.94 14.24
CA GLN H 81 -3.22 38.62 13.95
C GLN H 81 -3.57 38.26 12.52
N TYR H 82 -2.59 37.75 11.77
CA TYR H 82 -2.83 37.36 10.39
C TYR H 82 -3.89 36.28 10.31
N PHE H 83 -4.73 36.34 9.27
CA PHE H 83 -5.73 35.31 9.04
C PHE H 83 -5.64 34.81 7.61
N PHE H 84 -5.69 33.49 7.47
CA PHE H 84 -5.76 32.82 6.19
C PHE H 84 -6.93 31.86 6.19
N ASP H 85 -7.52 31.65 5.02
CA ASP H 85 -8.70 30.81 4.89
C ASP H 85 -8.36 29.41 4.40
N ARG H 86 -7.08 29.06 4.38
CA ARG H 86 -6.62 27.83 3.74
C ARG H 86 -6.81 26.64 4.67
N ASP H 87 -6.20 25.53 4.34
CA ASP H 87 -6.25 24.25 5.04
C ASP H 87 -5.13 24.19 6.08
N PRO H 88 -5.41 23.86 7.34
CA PRO H 88 -4.33 23.85 8.34
C PRO H 88 -3.24 22.83 8.07
N ASP H 89 -3.60 21.55 7.91
CA ASP H 89 -2.60 20.50 7.77
C ASP H 89 -1.71 20.73 6.56
N ILE H 90 -2.29 21.21 5.45
CA ILE H 90 -1.47 21.55 4.30
C ILE H 90 -0.52 22.67 4.64
N PHE H 91 -1.03 23.74 5.27
CA PHE H 91 -0.22 24.91 5.53
C PHE H 91 0.94 24.62 6.48
N ARG H 92 0.82 23.55 7.29
CA ARG H 92 1.91 23.20 8.20
C ARG H 92 3.21 22.95 7.44
N HIS H 93 3.13 22.29 6.28
CA HIS H 93 4.33 22.01 5.50
C HIS H 93 4.94 23.29 4.95
N ILE H 94 4.12 24.23 4.49
CA ILE H 94 4.65 25.50 4.04
C ILE H 94 5.34 26.21 5.19
N LEU H 95 4.76 26.13 6.39
CA LEU H 95 5.43 26.70 7.55
C LEU H 95 6.78 26.05 7.78
N ASN H 96 6.85 24.73 7.68
CA ASN H 96 8.11 24.02 7.85
C ASN H 96 9.14 24.45 6.81
N PHE H 97 8.69 24.82 5.61
CA PHE H 97 9.62 25.21 4.56
C PHE H 97 10.46 26.40 4.99
N TYR H 98 9.84 27.42 5.58
CA TYR H 98 10.60 28.58 6.03
C TYR H 98 11.59 28.19 7.11
N ARG H 99 11.21 27.30 8.02
CA ARG H 99 12.10 26.88 9.09
C ARG H 99 13.33 26.17 8.52
N THR H 100 13.14 25.28 7.56
CA THR H 100 14.24 24.49 7.03
C THR H 100 14.81 25.06 5.75
N GLY H 101 13.99 25.18 4.72
CA GLY H 101 14.47 25.61 3.42
C GLY H 101 14.14 24.61 2.33
N LYS H 102 13.38 23.58 2.69
CA LYS H 102 12.96 22.57 1.73
C LYS H 102 11.64 21.97 2.21
N LEU H 103 10.67 21.89 1.31
CA LEU H 103 9.36 21.37 1.67
C LEU H 103 9.42 19.86 1.85
N HIS H 104 8.24 19.29 2.03
CA HIS H 104 8.03 17.85 2.00
C HIS H 104 6.68 17.58 1.35
N TYR H 105 6.32 16.32 1.27
CA TYR H 105 5.01 15.98 0.74
C TYR H 105 4.41 14.86 1.57
N PRO H 106 3.24 15.07 2.15
CA PRO H 106 2.59 13.98 2.91
C PRO H 106 2.29 12.81 2.01
N ARG H 107 2.41 11.61 2.59
CA ARG H 107 2.17 10.38 1.84
C ARG H 107 0.73 10.26 1.37
N HIS H 108 -0.18 11.00 2.01
CA HIS H 108 -1.56 10.57 2.13
C HIS H 108 -2.55 11.72 1.96
N GLU H 109 -2.21 12.72 1.16
CA GLU H 109 -3.07 13.88 1.01
C GLU H 109 -3.18 14.23 -0.46
N CYS H 110 -4.38 14.69 -0.84
CA CYS H 110 -4.70 14.86 -2.26
C CYS H 110 -3.74 15.80 -2.94
N ILE H 111 -3.21 15.38 -4.09
CA ILE H 111 -2.19 16.17 -4.77
C ILE H 111 -2.80 17.43 -5.37
N SER H 112 -4.08 17.39 -5.74
CA SER H 112 -4.70 18.58 -6.30
C SER H 112 -4.79 19.68 -5.25
N ALA H 113 -5.32 19.35 -4.08
CA ALA H 113 -5.42 20.33 -3.01
C ALA H 113 -4.05 20.80 -2.56
N TYR H 114 -3.12 19.86 -2.38
CA TYR H 114 -1.78 20.23 -1.93
C TYR H 114 -1.11 21.16 -2.93
N ASP H 115 -1.23 20.85 -4.22
CA ASP H 115 -0.57 21.66 -5.23
C ASP H 115 -1.21 23.03 -5.31
N GLU H 116 -2.53 23.12 -5.23
CA GLU H 116 -3.18 24.42 -5.30
C GLU H 116 -2.82 25.27 -4.08
N GLU H 117 -2.71 24.65 -2.90
CA GLU H 117 -2.27 25.40 -1.73
C GLU H 117 -0.82 25.85 -1.90
N LEU H 118 0.03 24.97 -2.42
CA LEU H 118 1.44 25.29 -2.64
C LEU H 118 1.59 26.46 -3.58
N ALA H 119 0.80 26.49 -4.65
CA ALA H 119 0.85 27.61 -5.58
C ALA H 119 0.20 28.85 -4.99
N PHE H 120 -0.76 28.68 -4.07
CA PHE H 120 -1.43 29.85 -3.49
C PHE H 120 -0.45 30.72 -2.74
N PHE H 121 0.44 30.12 -1.95
CA PHE H 121 1.43 30.88 -1.19
C PHE H 121 2.61 31.29 -2.06
N GLY H 122 2.49 31.18 -3.37
CA GLY H 122 3.48 31.72 -4.29
C GLY H 122 4.88 31.16 -4.13
N LEU H 123 4.99 29.85 -3.95
CA LEU H 123 6.29 29.21 -3.88
C LEU H 123 6.36 28.11 -4.93
N ILE H 124 7.52 27.97 -5.56
CA ILE H 124 7.67 27.18 -6.77
C ILE H 124 7.46 25.70 -6.44
N PRO H 125 6.85 24.91 -7.32
CA PRO H 125 6.58 23.50 -6.97
C PRO H 125 7.82 22.68 -6.68
N GLU H 126 8.94 22.93 -7.36
CA GLU H 126 10.09 22.04 -7.29
C GLU H 126 11.06 22.40 -6.18
N ILE H 127 10.58 23.08 -5.12
CA ILE H 127 11.42 23.32 -3.96
C ILE H 127 11.65 22.05 -3.14
N ILE H 128 10.89 20.99 -3.44
CA ILE H 128 10.96 19.76 -2.65
C ILE H 128 12.39 19.31 -2.49
N GLY H 129 12.74 18.86 -1.28
CA GLY H 129 14.12 18.52 -0.98
C GLY H 129 14.49 17.09 -1.33
N ASP H 130 14.02 16.62 -2.49
CA ASP H 130 14.38 15.32 -3.07
C ASP H 130 14.23 14.17 -2.09
N CYS H 131 13.55 14.40 -0.97
CA CYS H 131 13.17 13.36 -0.04
C CYS H 131 11.76 12.85 -0.29
N CYS H 132 10.85 13.75 -0.66
CA CYS H 132 9.52 13.39 -1.09
C CYS H 132 9.32 13.65 -2.57
N TYR H 133 10.33 14.15 -3.28
CA TYR H 133 10.20 14.43 -4.69
C TYR H 133 9.85 13.18 -5.48
N GLU H 134 10.49 12.05 -5.14
CA GLU H 134 10.21 10.78 -5.79
C GLU H 134 8.74 10.39 -5.69
N GLU H 135 8.04 10.88 -4.68
CA GLU H 135 6.62 10.60 -4.52
C GLU H 135 5.73 11.73 -4.98
N TYR H 136 6.11 12.98 -4.73
CA TYR H 136 5.30 14.10 -5.19
C TYR H 136 5.21 14.11 -6.70
N LYS H 137 6.35 13.93 -7.39
CA LYS H 137 6.31 13.94 -8.84
C LYS H 137 5.57 12.72 -9.37
N ASP H 138 5.68 11.59 -8.69
CA ASP H 138 4.91 10.40 -9.06
C ASP H 138 3.42 10.68 -9.02
N ARG H 139 2.93 11.19 -7.89
CA ARG H 139 1.50 11.45 -7.77
C ARG H 139 1.06 12.57 -8.71
N ARG H 140 1.92 13.56 -8.93
CA ARG H 140 1.57 14.65 -9.84
C ARG H 140 1.44 14.15 -11.27
N ARG H 141 2.36 13.29 -11.71
CA ARG H 141 2.24 12.71 -13.04
C ARG H 141 0.99 11.85 -13.15
N GLU H 142 0.69 11.08 -12.10
CA GLU H 142 -0.53 10.27 -12.12
C GLU H 142 -1.77 11.14 -12.26
N ASN H 143 -1.83 12.23 -11.52
CA ASN H 143 -2.97 13.13 -11.63
C ASN H 143 -3.01 13.80 -13.01
N ALA H 144 -1.85 14.15 -13.55
CA ALA H 144 -1.80 14.79 -14.86
C ALA H 144 -2.36 13.87 -15.93
N GLU H 145 -1.97 12.60 -15.88
CA GLU H 145 -2.51 11.66 -16.86
C GLU H 145 -3.98 11.36 -16.60
N ARG H 146 -4.40 11.41 -15.33
CA ARG H 146 -5.82 11.24 -15.03
C ARG H 146 -6.66 12.35 -15.68
N LEU H 147 -6.20 13.59 -15.57
CA LEU H 147 -6.92 14.70 -16.20
C LEU H 147 -6.73 14.72 -17.71
N GLN H 148 -5.63 14.16 -18.21
CA GLN H 148 -5.49 14.00 -19.66
C GLN H 148 -6.52 13.03 -20.21
N ASP H 149 -6.74 11.92 -19.50
CA ASP H 149 -7.84 11.03 -19.86
C ASP H 149 -9.20 11.66 -19.57
N ASP H 150 -9.23 12.66 -18.68
CA ASP H 150 -10.44 13.46 -18.51
C ASP H 150 -10.69 14.34 -19.73
N ALA H 151 -9.67 14.57 -20.54
CA ALA H 151 -9.74 15.46 -21.70
C ALA H 151 -9.82 14.69 -23.01
N ASP H 152 -10.55 13.58 -23.03
CA ASP H 152 -10.72 12.83 -24.27
C ASP H 152 -11.49 13.60 -25.32
N THR H 153 -12.29 14.59 -24.90
CA THR H 153 -13.03 15.53 -25.77
C THR H 153 -13.57 14.85 -27.02
N ASP H 154 -14.19 13.69 -26.82
CA ASP H 154 -14.78 12.96 -27.93
C ASP H 154 -16.01 13.71 -28.45
N THR H 155 -16.15 13.76 -29.77
CA THR H 155 -17.23 14.50 -30.42
C THR H 155 -18.26 13.54 -30.98
N ALA H 156 -19.24 14.11 -31.69
CA ALA H 156 -20.31 13.32 -32.30
C ALA H 156 -20.57 13.77 -33.73
N ALA H 166 -21.01 18.48 -42.77
CA ALA H 166 -21.87 17.47 -43.36
C ALA H 166 -21.30 16.07 -43.13
N ARG H 167 -20.39 15.65 -44.01
CA ARG H 167 -19.78 14.33 -43.90
C ARG H 167 -18.81 14.23 -42.73
N GLN H 168 -18.41 15.35 -42.12
CA GLN H 168 -17.48 15.32 -41.01
C GLN H 168 -18.03 14.53 -39.84
N ARG H 169 -19.31 14.73 -39.54
CA ARG H 169 -19.98 13.92 -38.54
C ARG H 169 -20.44 12.57 -39.08
N VAL H 170 -20.71 12.47 -40.39
CA VAL H 170 -21.18 11.21 -40.96
C VAL H 170 -20.11 10.13 -40.86
N TRP H 171 -18.87 10.47 -41.24
CA TRP H 171 -17.81 9.48 -41.18
C TRP H 171 -17.49 9.08 -39.75
N ARG H 172 -17.57 10.04 -38.82
CA ARG H 172 -17.36 9.71 -37.41
C ARG H 172 -18.45 8.77 -36.89
N ALA H 173 -19.71 9.04 -37.27
CA ALA H 173 -20.79 8.15 -36.86
C ALA H 173 -20.62 6.77 -37.46
N PHE H 174 -20.09 6.70 -38.68
CA PHE H 174 -19.71 5.40 -39.25
C PHE H 174 -18.63 4.74 -38.41
N GLU H 175 -17.65 5.53 -37.96
CA GLU H 175 -16.60 5.01 -37.08
C GLU H 175 -17.13 4.71 -35.68
N ASN H 176 -18.24 5.34 -35.30
CA ASN H 176 -18.82 5.10 -33.99
C ASN H 176 -19.18 3.62 -33.84
N PRO H 177 -18.65 2.94 -32.83
CA PRO H 177 -18.92 1.49 -32.72
C PRO H 177 -20.38 1.13 -32.58
N HIS H 178 -21.18 1.94 -31.88
CA HIS H 178 -22.57 1.60 -31.58
C HIS H 178 -23.47 2.80 -31.90
N THR H 179 -24.08 2.78 -33.08
CA THR H 179 -25.18 3.68 -33.42
C THR H 179 -26.47 2.88 -33.57
N SER H 180 -26.61 1.83 -32.76
CA SER H 180 -27.78 0.97 -32.76
C SER H 180 -28.03 0.34 -34.12
N THR H 181 -28.90 0.97 -34.93
CA THR H 181 -29.33 0.34 -36.18
C THR H 181 -28.25 0.43 -37.26
N MET H 182 -27.51 1.53 -37.32
CA MET H 182 -26.63 1.78 -38.47
C MET H 182 -25.26 1.13 -38.28
N ALA H 183 -24.54 1.54 -37.23
CA ALA H 183 -23.16 1.08 -37.07
C ALA H 183 -23.10 -0.42 -36.83
N LEU H 184 -24.09 -0.98 -36.14
CA LEU H 184 -24.10 -2.42 -35.92
C LEU H 184 -24.17 -3.18 -37.23
N VAL H 185 -25.04 -2.75 -38.15
CA VAL H 185 -25.07 -3.36 -39.47
C VAL H 185 -23.75 -3.17 -40.18
N PHE H 186 -23.22 -1.94 -40.12
CA PHE H 186 -22.00 -1.61 -40.86
C PHE H 186 -20.83 -2.46 -40.40
N TYR H 187 -20.81 -2.84 -39.12
CA TYR H 187 -19.73 -3.68 -38.60
C TYR H 187 -20.00 -5.16 -38.80
N TYR H 188 -21.25 -5.60 -38.63
CA TYR H 188 -21.57 -7.02 -38.77
C TYR H 188 -21.34 -7.50 -40.20
N VAL H 189 -21.69 -6.68 -41.19
CA VAL H 189 -21.47 -7.12 -42.58
C VAL H 189 -19.99 -7.36 -42.82
N THR H 190 -19.14 -6.42 -42.39
CA THR H 190 -17.71 -6.56 -42.59
C THR H 190 -17.17 -7.76 -41.82
N GLY H 191 -17.64 -7.97 -40.58
CA GLY H 191 -17.16 -9.09 -39.80
C GLY H 191 -17.49 -10.42 -40.44
N PHE H 192 -18.74 -10.57 -40.88
CA PHE H 192 -19.13 -11.81 -41.56
C PHE H 192 -18.32 -12.01 -42.83
N PHE H 193 -18.10 -10.94 -43.58
CA PHE H 193 -17.44 -11.09 -44.88
C PHE H 193 -15.96 -11.40 -44.74
N ILE H 194 -15.28 -10.78 -43.77
CA ILE H 194 -13.88 -11.15 -43.53
C ILE H 194 -13.80 -12.58 -43.00
N ALA H 195 -14.77 -12.98 -42.16
CA ALA H 195 -14.76 -14.35 -41.66
C ALA H 195 -14.93 -15.36 -42.79
N VAL H 196 -15.86 -15.09 -43.71
CA VAL H 196 -16.05 -16.05 -44.79
C VAL H 196 -14.86 -16.03 -45.73
N SER H 197 -14.22 -14.87 -45.91
CA SER H 197 -13.02 -14.84 -46.75
C SER H 197 -11.92 -15.73 -46.17
N VAL H 198 -11.64 -15.58 -44.87
CA VAL H 198 -10.55 -16.35 -44.28
C VAL H 198 -10.91 -17.83 -44.21
N ILE H 199 -12.17 -18.16 -43.91
CA ILE H 199 -12.55 -19.56 -43.90
C ILE H 199 -12.52 -20.15 -45.30
N ALA H 200 -12.75 -19.33 -46.34
CA ALA H 200 -12.58 -19.82 -47.70
C ALA H 200 -11.12 -20.12 -47.99
N ASN H 201 -10.23 -19.22 -47.58
CA ASN H 201 -8.80 -19.49 -47.73
C ASN H 201 -8.39 -20.76 -46.98
N VAL H 202 -9.02 -21.03 -45.84
CA VAL H 202 -8.73 -22.26 -45.11
C VAL H 202 -9.23 -23.48 -45.89
N VAL H 203 -10.48 -23.43 -46.35
CA VAL H 203 -11.09 -24.61 -46.97
C VAL H 203 -10.70 -24.78 -48.42
N GLU H 204 -10.01 -23.81 -49.02
CA GLU H 204 -9.60 -23.97 -50.40
C GLU H 204 -8.44 -24.93 -50.56
N THR H 205 -8.13 -25.66 -49.49
CA THR H 205 -7.00 -26.58 -49.46
C THR H 205 -7.40 -28.02 -49.17
N VAL H 206 -8.51 -28.24 -48.47
CA VAL H 206 -8.96 -29.59 -48.16
C VAL H 206 -9.15 -30.38 -49.45
N PRO H 207 -8.77 -31.67 -49.52
CA PRO H 207 -8.83 -32.40 -50.78
C PRO H 207 -10.16 -32.31 -51.53
N CYS H 208 -11.26 -32.67 -50.87
CA CYS H 208 -12.55 -32.65 -51.55
C CYS H 208 -12.99 -31.23 -51.88
N GLY H 209 -12.49 -30.24 -51.14
CA GLY H 209 -12.89 -28.87 -51.35
C GLY H 209 -12.39 -28.28 -52.65
N SER H 210 -11.09 -28.02 -52.74
CA SER H 210 -10.50 -27.55 -54.00
C SER H 210 -9.06 -28.05 -54.07
N SER H 211 -8.89 -29.24 -54.65
CA SER H 211 -7.60 -29.84 -54.98
C SER H 211 -7.88 -31.21 -55.60
N PRO H 212 -6.91 -31.80 -56.31
CA PRO H 212 -7.17 -33.12 -56.90
C PRO H 212 -7.28 -34.21 -55.85
N GLY H 213 -8.41 -34.27 -55.16
CA GLY H 213 -8.61 -35.25 -54.11
C GLY H 213 -9.49 -36.40 -54.53
N HIS H 214 -10.48 -36.13 -55.39
CA HIS H 214 -11.38 -37.18 -55.85
C HIS H 214 -11.67 -37.09 -57.35
N ILE H 215 -10.82 -36.40 -58.10
CA ILE H 215 -11.00 -36.23 -59.54
C ILE H 215 -10.05 -37.11 -60.34
N LYS H 216 -9.09 -37.77 -59.68
CA LYS H 216 -8.16 -38.63 -60.40
C LYS H 216 -8.89 -39.72 -61.18
N GLU H 217 -9.99 -40.23 -60.62
CA GLU H 217 -10.80 -41.21 -61.33
C GLU H 217 -11.42 -40.60 -62.57
N LEU H 218 -11.94 -39.38 -62.47
CA LEU H 218 -12.61 -38.72 -63.59
C LEU H 218 -11.89 -37.43 -63.98
N ARG H 223 -17.37 -31.65 -55.36
CA ARG H 223 -16.61 -31.61 -56.61
C ARG H 223 -15.59 -30.47 -56.58
N TYR H 224 -14.59 -30.56 -57.45
CA TYR H 224 -13.56 -29.52 -57.52
C TYR H 224 -14.17 -28.26 -58.14
N ALA H 225 -15.01 -27.61 -57.35
CA ALA H 225 -15.73 -26.42 -57.79
C ALA H 225 -14.88 -25.20 -57.52
N VAL H 226 -14.32 -24.62 -58.58
CA VAL H 226 -13.48 -23.42 -58.43
C VAL H 226 -14.43 -22.23 -58.48
N ALA H 227 -15.07 -21.98 -57.35
CA ALA H 227 -15.85 -20.76 -57.13
C ALA H 227 -15.23 -19.89 -56.06
N PHE H 228 -14.21 -20.38 -55.35
CA PHE H 228 -13.53 -19.58 -54.37
C PHE H 228 -12.87 -18.37 -55.00
N PHE H 229 -12.55 -18.45 -56.29
CA PHE H 229 -12.09 -17.27 -57.00
C PHE H 229 -13.18 -16.20 -57.06
N CYS H 230 -14.42 -16.63 -57.33
CA CYS H 230 -15.53 -15.68 -57.36
C CYS H 230 -15.76 -15.08 -55.99
N LEU H 231 -15.72 -15.91 -54.94
CA LEU H 231 -15.91 -15.42 -53.58
C LEU H 231 -14.80 -14.45 -53.18
N ASP H 232 -13.56 -14.76 -53.55
CA ASP H 232 -12.44 -13.89 -53.26
C ASP H 232 -12.59 -12.55 -53.98
N THR H 233 -13.01 -12.58 -55.25
CA THR H 233 -13.21 -11.35 -55.98
C THR H 233 -14.30 -10.51 -55.34
N ALA H 234 -15.41 -11.13 -54.96
CA ALA H 234 -16.48 -10.39 -54.31
C ALA H 234 -16.00 -9.77 -53.00
N CYS H 235 -15.35 -10.57 -52.17
CA CYS H 235 -14.89 -10.09 -50.87
C CYS H 235 -13.92 -8.92 -51.04
N VAL H 236 -12.93 -9.07 -51.92
CA VAL H 236 -11.94 -8.00 -52.08
C VAL H 236 -12.58 -6.76 -52.69
N MET H 237 -13.61 -6.92 -53.51
CA MET H 237 -14.35 -5.75 -53.97
C MET H 237 -15.01 -5.04 -52.79
N ILE H 238 -15.53 -5.82 -51.85
CA ILE H 238 -16.12 -5.24 -50.64
C ILE H 238 -15.05 -4.50 -49.82
N PHE H 239 -13.88 -5.10 -49.67
CA PHE H 239 -12.79 -4.43 -48.97
C PHE H 239 -12.41 -3.12 -49.65
N THR H 240 -12.28 -3.14 -50.98
CA THR H 240 -11.80 -1.94 -51.65
C THR H 240 -12.84 -0.84 -51.64
N VAL H 241 -14.13 -1.19 -51.73
CA VAL H 241 -15.14 -0.14 -51.61
C VAL H 241 -15.19 0.40 -50.19
N GLU H 242 -15.01 -0.46 -49.19
CA GLU H 242 -14.94 0.01 -47.81
C GLU H 242 -13.76 0.96 -47.62
N TYR H 243 -12.62 0.62 -48.21
CA TYR H 243 -11.45 1.49 -48.06
C TYR H 243 -11.58 2.77 -48.87
N LEU H 244 -12.29 2.76 -50.00
CA LEU H 244 -12.57 4.01 -50.69
C LEU H 244 -13.47 4.90 -49.85
N LEU H 245 -14.46 4.30 -49.18
CA LEU H 245 -15.28 5.06 -48.24
C LEU H 245 -14.43 5.65 -47.13
N ARG H 246 -13.48 4.86 -46.61
CA ARG H 246 -12.58 5.37 -45.59
C ARG H 246 -11.69 6.50 -46.12
N LEU H 247 -11.18 6.35 -47.34
CA LEU H 247 -10.34 7.38 -47.94
C LEU H 247 -11.10 8.69 -48.12
N ALA H 248 -12.36 8.63 -48.55
CA ALA H 248 -13.20 9.81 -48.56
C ALA H 248 -13.62 10.25 -47.17
N ALA H 249 -13.49 9.37 -46.16
CA ALA H 249 -13.87 9.70 -44.80
C ALA H 249 -12.72 10.26 -43.98
N ALA H 250 -11.50 10.21 -44.51
CA ALA H 250 -10.34 10.67 -43.74
C ALA H 250 -10.32 12.19 -43.69
N PRO H 251 -10.24 12.79 -42.49
CA PRO H 251 -10.06 14.25 -42.43
C PRO H 251 -8.81 14.73 -43.14
N SER H 252 -7.73 13.96 -43.05
CA SER H 252 -6.52 14.20 -43.82
C SER H 252 -6.27 12.97 -44.67
N ARG H 253 -6.38 13.14 -45.99
CA ARG H 253 -6.38 12.01 -46.90
C ARG H 253 -5.07 11.23 -46.81
N TYR H 254 -3.96 11.86 -47.22
CA TYR H 254 -2.68 11.16 -47.21
C TYR H 254 -2.09 11.07 -45.81
N ARG H 255 -2.34 12.05 -44.94
CA ARG H 255 -1.68 12.08 -43.65
C ARG H 255 -2.13 10.94 -42.74
N PHE H 256 -3.38 10.51 -42.87
CA PHE H 256 -3.91 9.43 -42.04
C PHE H 256 -3.82 8.07 -42.74
N VAL H 257 -3.19 8.01 -43.91
CA VAL H 257 -2.95 6.72 -44.56
C VAL H 257 -1.96 5.89 -43.75
N ARG H 258 -0.93 6.54 -43.21
CA ARG H 258 0.15 5.85 -42.50
C ARG H 258 -0.33 5.19 -41.20
N SER H 259 -1.60 5.24 -40.83
CA SER H 259 -2.04 4.64 -39.59
C SER H 259 -1.92 3.11 -39.65
N VAL H 260 -1.88 2.50 -38.47
CA VAL H 260 -1.68 1.05 -38.39
C VAL H 260 -2.88 0.32 -39.01
N MET H 261 -4.09 0.69 -38.60
CA MET H 261 -5.26 0.03 -39.15
C MET H 261 -5.39 0.29 -40.65
N SER H 262 -5.09 1.51 -41.09
CA SER H 262 -5.16 1.83 -42.50
C SER H 262 -4.16 1.02 -43.31
N ILE H 263 -2.93 0.88 -42.81
CA ILE H 263 -1.94 0.11 -43.55
C ILE H 263 -2.31 -1.38 -43.56
N ILE H 264 -2.89 -1.90 -42.47
CA ILE H 264 -3.40 -3.26 -42.50
C ILE H 264 -4.47 -3.40 -43.58
N ASP H 265 -5.37 -2.42 -43.67
CA ASP H 265 -6.43 -2.50 -44.68
C ASP H 265 -5.85 -2.47 -46.09
N VAL H 266 -4.87 -1.60 -46.33
CA VAL H 266 -4.34 -1.46 -47.68
C VAL H 266 -3.52 -2.70 -48.06
N VAL H 267 -2.86 -3.33 -47.08
CA VAL H 267 -2.18 -4.58 -47.38
C VAL H 267 -3.13 -5.77 -47.34
N ALA H 268 -4.36 -5.58 -46.86
CA ALA H 268 -5.38 -6.60 -46.96
C ALA H 268 -6.08 -6.59 -48.32
N ILE H 269 -5.79 -5.61 -49.16
CA ILE H 269 -6.40 -5.52 -50.48
C ILE H 269 -5.37 -5.56 -51.61
N LEU H 270 -4.14 -5.12 -51.37
CA LEU H 270 -3.14 -5.10 -52.43
C LEU H 270 -2.86 -6.47 -53.05
N PRO H 271 -2.75 -7.57 -52.29
CA PRO H 271 -2.36 -8.85 -52.92
C PRO H 271 -3.27 -9.28 -54.06
N TYR H 272 -4.58 -9.03 -53.95
CA TYR H 272 -5.49 -9.44 -55.02
C TYR H 272 -5.22 -8.67 -56.30
N TYR H 273 -5.07 -7.35 -56.20
CA TYR H 273 -4.79 -6.54 -57.38
C TYR H 273 -3.44 -6.91 -57.98
N ILE H 274 -2.43 -7.12 -57.12
CA ILE H 274 -1.10 -7.47 -57.62
C ILE H 274 -1.14 -8.84 -58.29
N GLY H 275 -1.93 -9.76 -57.75
CA GLY H 275 -2.09 -11.05 -58.41
C GLY H 275 -2.75 -10.92 -59.78
N LEU H 276 -3.78 -10.09 -59.88
CA LEU H 276 -4.39 -9.86 -61.19
C LEU H 276 -3.39 -9.28 -62.17
N VAL H 277 -2.60 -8.31 -61.72
CA VAL H 277 -1.60 -7.70 -62.60
C VAL H 277 -0.55 -8.72 -63.01
N MET H 278 -0.21 -9.64 -62.11
CA MET H 278 0.76 -10.68 -62.45
C MET H 278 0.19 -11.69 -63.44
N THR H 279 -1.10 -11.96 -63.37
CA THR H 279 -1.71 -12.96 -64.25
C THR H 279 -1.52 -12.59 -65.72
N ASP H 280 -1.77 -11.34 -66.07
CA ASP H 280 -1.59 -10.89 -67.45
C ASP H 280 -0.19 -10.33 -67.70
N ASN H 281 0.70 -10.38 -66.72
CA ASN H 281 2.10 -10.03 -66.93
C ASN H 281 2.91 -11.29 -67.21
N GLU H 282 4.22 -11.15 -67.36
CA GLU H 282 5.07 -12.31 -67.59
C GLU H 282 5.05 -13.22 -66.37
N ASP H 283 4.91 -14.52 -66.62
CA ASP H 283 4.79 -15.47 -65.52
C ASP H 283 6.16 -15.85 -65.00
N VAL H 284 6.34 -15.73 -63.69
CA VAL H 284 7.58 -16.07 -63.01
C VAL H 284 7.33 -17.29 -62.13
N SER H 285 8.13 -18.33 -62.32
CA SER H 285 7.95 -19.56 -61.56
C SER H 285 8.30 -19.35 -60.09
N GLY H 286 7.55 -20.02 -59.21
CA GLY H 286 7.81 -19.92 -57.78
C GLY H 286 7.59 -18.54 -57.20
N ALA H 287 6.52 -17.87 -57.62
CA ALA H 287 6.18 -16.55 -57.08
C ALA H 287 4.73 -16.43 -56.64
N PHE H 288 3.82 -17.24 -57.19
CA PHE H 288 2.43 -17.14 -56.78
C PHE H 288 2.20 -17.63 -55.35
N VAL H 289 3.09 -18.48 -54.84
CA VAL H 289 2.93 -18.98 -53.48
C VAL H 289 3.03 -17.83 -52.48
N THR H 290 3.96 -16.91 -52.70
CA THR H 290 4.07 -15.75 -51.84
C THR H 290 2.79 -14.92 -51.87
N LEU H 291 2.21 -14.75 -53.06
CA LEU H 291 0.96 -14.01 -53.16
C LEU H 291 -0.16 -14.70 -52.40
N ARG H 292 -0.26 -16.02 -52.54
CA ARG H 292 -1.31 -16.75 -51.84
C ARG H 292 -1.12 -16.72 -50.34
N VAL H 293 0.13 -16.60 -49.88
CA VAL H 293 0.38 -16.52 -48.45
C VAL H 293 -0.32 -15.31 -47.86
N PHE H 294 -0.26 -14.17 -48.56
CA PHE H 294 -0.85 -12.94 -48.04
C PHE H 294 -2.37 -12.98 -48.00
N ARG H 295 -3.00 -14.01 -48.58
CA ARG H 295 -4.44 -14.14 -48.47
C ARG H 295 -4.89 -14.31 -47.03
N VAL H 296 -4.00 -14.75 -46.14
CA VAL H 296 -4.40 -14.97 -44.75
C VAL H 296 -4.40 -13.67 -43.95
N PHE H 297 -3.72 -12.63 -44.43
CA PHE H 297 -3.64 -11.39 -43.68
C PHE H 297 -4.98 -10.67 -43.57
N ARG H 298 -5.99 -11.10 -44.34
CA ARG H 298 -7.32 -10.54 -44.17
C ARG H 298 -7.84 -10.75 -42.76
N ILE H 299 -7.34 -11.78 -42.07
CA ILE H 299 -7.80 -12.07 -40.72
C ILE H 299 -7.40 -10.96 -39.76
N PHE H 300 -6.35 -10.20 -40.09
CA PHE H 300 -5.91 -9.11 -39.23
C PHE H 300 -6.96 -8.01 -39.13
N LYS H 301 -7.89 -7.93 -40.09
CA LYS H 301 -8.89 -6.89 -40.06
C LYS H 301 -9.79 -7.00 -38.84
N PHE H 302 -9.79 -8.15 -38.15
CA PHE H 302 -10.57 -8.31 -36.93
C PHE H 302 -10.11 -7.39 -35.81
N SER H 303 -9.11 -6.54 -36.03
CA SER H 303 -8.69 -5.60 -35.00
C SER H 303 -9.83 -4.71 -34.57
N ARG H 304 -10.63 -4.23 -35.53
CA ARG H 304 -11.79 -3.41 -35.20
C ARG H 304 -12.90 -4.22 -34.55
N HIS H 305 -12.90 -5.55 -34.72
CA HIS H 305 -13.95 -6.36 -34.13
C HIS H 305 -13.83 -6.41 -32.61
N SER H 306 -12.71 -6.93 -32.10
CA SER H 306 -12.48 -7.05 -30.66
C SER H 306 -11.35 -6.13 -30.25
N GLN H 307 -11.56 -5.37 -29.19
CA GLN H 307 -10.55 -4.43 -28.70
C GLN H 307 -9.31 -5.11 -28.15
N GLY H 308 -9.38 -6.42 -27.87
CA GLY H 308 -8.22 -7.11 -27.33
C GLY H 308 -7.02 -7.03 -28.25
N LEU H 309 -7.26 -7.10 -29.56
CA LEU H 309 -6.16 -6.97 -30.51
C LEU H 309 -5.50 -5.60 -30.40
N ARG H 310 -6.31 -4.55 -30.23
CA ARG H 310 -5.74 -3.20 -30.08
C ARG H 310 -4.95 -3.10 -28.78
N ILE H 311 -5.47 -3.71 -27.70
CA ILE H 311 -4.74 -3.70 -26.44
C ILE H 311 -3.41 -4.43 -26.60
N LEU H 312 -3.42 -5.54 -27.33
CA LEU H 312 -2.18 -6.28 -27.57
C LEU H 312 -1.20 -5.48 -28.39
N GLY H 313 -1.69 -4.77 -29.41
CA GLY H 313 -0.81 -3.90 -30.18
C GLY H 313 -0.20 -2.81 -29.33
N TYR H 314 -1.01 -2.19 -28.47
CA TYR H 314 -0.50 -1.17 -27.57
C TYR H 314 0.52 -1.75 -26.60
N THR H 315 0.31 -2.98 -26.15
CA THR H 315 1.27 -3.63 -25.26
C THR H 315 2.60 -3.86 -25.99
N LEU H 316 2.55 -4.47 -27.18
CA LEU H 316 3.77 -4.79 -27.89
C LEU H 316 4.50 -3.56 -28.36
N LYS H 317 3.80 -2.44 -28.57
CA LYS H 317 4.48 -1.20 -28.91
C LYS H 317 4.67 -0.28 -27.71
N SER H 318 4.33 -0.73 -26.52
CA SER H 318 4.63 -0.01 -25.29
C SER H 318 5.88 -0.59 -24.63
N CYS H 319 5.86 -1.90 -24.37
CA CYS H 319 7.06 -2.60 -23.92
C CYS H 319 7.83 -3.15 -25.10
N ALA H 320 8.11 -2.27 -26.06
CA ALA H 320 8.91 -2.62 -27.22
C ALA H 320 10.41 -2.50 -26.97
N SER H 321 10.80 -2.04 -25.77
CA SER H 321 12.22 -1.95 -25.43
C SER H 321 12.79 -3.32 -25.11
N GLU H 322 12.20 -4.02 -24.14
CA GLU H 322 12.76 -5.29 -23.69
C GLU H 322 12.48 -6.42 -24.67
N LEU H 323 11.60 -6.23 -25.65
CA LEU H 323 11.44 -7.26 -26.67
C LEU H 323 12.71 -7.38 -27.52
N GLY H 324 13.36 -6.26 -27.80
CA GLY H 324 14.66 -6.32 -28.45
C GLY H 324 15.66 -7.08 -27.62
N PHE H 325 15.63 -6.89 -26.30
CA PHE H 325 16.51 -7.67 -25.44
C PHE H 325 16.18 -9.15 -25.48
N LEU H 326 14.88 -9.48 -25.51
CA LEU H 326 14.48 -10.87 -25.67
C LEU H 326 15.11 -11.47 -26.91
N LEU H 327 14.95 -10.79 -28.05
CA LEU H 327 15.47 -11.32 -29.30
C LEU H 327 16.99 -11.45 -29.24
N PHE H 328 17.66 -10.44 -28.69
CA PHE H 328 19.12 -10.45 -28.67
C PHE H 328 19.67 -11.54 -27.77
N SER H 329 19.11 -11.67 -26.55
CA SER H 329 19.56 -12.71 -25.65
C SER H 329 19.20 -14.09 -26.17
N LEU H 330 18.06 -14.24 -26.85
CA LEU H 330 17.74 -15.50 -27.47
C LEU H 330 18.77 -15.86 -28.53
N THR H 331 19.18 -14.88 -29.35
CA THR H 331 20.21 -15.16 -30.35
C THR H 331 21.52 -15.54 -29.67
N MET H 332 21.89 -14.84 -28.61
CA MET H 332 23.09 -15.20 -27.87
C MET H 332 23.04 -16.64 -27.40
N ALA H 333 21.96 -17.01 -26.71
CA ALA H 333 21.85 -18.35 -26.17
C ALA H 333 21.83 -19.40 -27.27
N ILE H 334 21.11 -19.11 -28.37
CA ILE H 334 21.03 -20.05 -29.48
C ILE H 334 22.41 -20.29 -30.05
N ILE H 335 23.16 -19.23 -30.33
CA ILE H 335 24.47 -19.37 -30.92
C ILE H 335 25.39 -20.13 -29.96
N ILE H 336 25.39 -19.75 -28.69
CA ILE H 336 26.31 -20.33 -27.72
C ILE H 336 26.05 -21.81 -27.57
N PHE H 337 24.79 -22.20 -27.46
CA PHE H 337 24.50 -23.62 -27.26
C PHE H 337 24.63 -24.43 -28.55
N ALA H 338 24.32 -23.84 -29.70
CA ALA H 338 24.49 -24.58 -30.94
C ALA H 338 25.96 -24.83 -31.23
N THR H 339 26.82 -23.83 -31.00
CA THR H 339 28.22 -24.00 -31.34
C THR H 339 28.91 -25.02 -30.45
N VAL H 340 28.33 -25.32 -29.29
CA VAL H 340 28.88 -26.37 -28.46
C VAL H 340 28.19 -27.71 -28.72
N MET H 341 26.91 -27.71 -29.10
CA MET H 341 26.24 -28.96 -29.43
C MET H 341 26.85 -29.59 -30.68
N PHE H 342 27.09 -28.78 -31.71
CA PHE H 342 27.61 -29.32 -32.96
C PHE H 342 28.99 -29.93 -32.76
N TYR H 343 29.90 -29.19 -32.12
CA TYR H 343 31.21 -29.76 -31.84
C TYR H 343 31.15 -30.88 -30.82
N ALA H 344 30.08 -30.95 -30.02
CA ALA H 344 29.98 -32.00 -29.03
C ALA H 344 29.75 -33.36 -29.68
N GLU H 345 28.91 -33.42 -30.72
CA GLU H 345 28.64 -34.69 -31.38
C GLU H 345 28.61 -34.52 -32.90
N LYS H 346 29.59 -33.79 -33.44
CA LYS H 346 29.72 -33.71 -34.89
C LYS H 346 30.00 -35.10 -35.47
N GLY H 347 30.84 -35.87 -34.81
CA GLY H 347 31.14 -37.22 -35.24
C GLY H 347 30.40 -38.26 -34.44
N SER H 348 29.42 -38.91 -35.07
CA SER H 348 28.64 -39.95 -34.41
C SER H 348 28.07 -40.87 -35.49
N SER H 349 27.23 -41.81 -35.06
CA SER H 349 26.65 -42.77 -35.99
C SER H 349 25.78 -42.06 -37.02
N ALA H 350 24.67 -41.46 -36.57
CA ALA H 350 23.83 -40.69 -37.47
C ALA H 350 24.45 -39.33 -37.76
N SER H 351 25.08 -38.72 -36.76
CA SER H 351 25.68 -37.40 -36.89
C SER H 351 24.70 -36.40 -37.46
N LYS H 352 23.51 -36.37 -36.87
CA LYS H 352 22.44 -35.50 -37.37
C LYS H 352 22.87 -34.04 -37.35
N PHE H 353 23.71 -33.65 -36.40
CA PHE H 353 24.12 -32.26 -36.27
C PHE H 353 25.20 -32.01 -37.32
N THR H 354 24.76 -31.93 -38.58
CA THR H 354 25.70 -31.80 -39.69
C THR H 354 26.44 -30.47 -39.63
N SER H 355 25.77 -29.41 -39.22
CA SER H 355 26.40 -28.10 -39.21
C SER H 355 25.65 -27.20 -38.22
N ILE H 356 26.27 -26.05 -37.94
CA ILE H 356 25.68 -25.12 -36.98
C ILE H 356 24.29 -24.66 -37.40
N PRO H 357 24.05 -24.22 -38.64
CA PRO H 357 22.67 -23.90 -39.02
C PRO H 357 21.74 -25.10 -38.96
N ALA H 358 22.29 -26.32 -39.02
CA ALA H 358 21.48 -27.51 -38.76
C ALA H 358 21.34 -27.80 -37.28
N ALA H 359 22.12 -27.14 -36.43
CA ALA H 359 21.96 -27.26 -34.99
C ALA H 359 21.14 -26.12 -34.39
N PHE H 360 20.91 -25.05 -35.15
CA PHE H 360 19.98 -24.02 -34.71
C PHE H 360 18.63 -24.63 -34.41
N TRP H 361 18.17 -25.53 -35.28
CA TRP H 361 16.88 -26.15 -35.10
C TRP H 361 16.83 -26.96 -33.81
N TYR H 362 17.90 -27.69 -33.49
CA TYR H 362 17.89 -28.42 -32.22
C TYR H 362 17.94 -27.48 -31.04
N THR H 363 18.85 -26.52 -31.06
CA THR H 363 18.98 -25.64 -29.90
C THR H 363 17.78 -24.72 -29.73
N ILE H 364 16.89 -24.64 -30.72
CA ILE H 364 15.66 -23.89 -30.56
C ILE H 364 14.44 -24.78 -30.29
N VAL H 365 14.48 -26.05 -30.69
CA VAL H 365 13.38 -26.94 -30.38
C VAL H 365 13.48 -27.42 -28.93
N THR H 366 14.64 -27.29 -28.30
CA THR H 366 14.80 -27.67 -26.91
C THR H 366 14.96 -26.48 -25.98
N MET H 367 15.34 -25.32 -26.49
CA MET H 367 15.37 -24.13 -25.65
C MET H 367 13.97 -23.68 -25.31
N THR H 368 13.01 -23.94 -26.19
CA THR H 368 11.61 -23.59 -25.98
C THR H 368 10.90 -24.64 -25.14
N THR H 369 11.61 -25.68 -24.70
CA THR H 369 11.02 -26.81 -24.00
C THR H 369 9.94 -27.48 -24.83
N LEU H 370 10.15 -27.50 -26.15
CA LEU H 370 9.16 -28.09 -27.03
C LEU H 370 9.32 -29.60 -27.10
N GLY H 371 10.41 -30.07 -27.71
CA GLY H 371 10.74 -31.47 -27.60
C GLY H 371 10.10 -32.31 -28.70
N TYR H 372 10.87 -32.70 -29.71
CA TYR H 372 10.36 -33.52 -30.79
C TYR H 372 10.94 -34.91 -30.82
N GLY H 373 12.26 -35.03 -30.86
CA GLY H 373 12.91 -36.30 -31.08
C GLY H 373 13.43 -36.50 -32.49
N ASP H 374 13.26 -35.51 -33.37
CA ASP H 374 13.85 -35.62 -34.69
C ASP H 374 15.37 -35.69 -34.62
N MET H 375 15.97 -34.86 -33.78
CA MET H 375 17.40 -34.92 -33.51
C MET H 375 17.63 -34.74 -32.02
N VAL H 376 18.34 -35.69 -31.42
CA VAL H 376 18.60 -35.70 -29.99
C VAL H 376 20.10 -35.95 -29.79
N PRO H 377 20.68 -35.51 -28.69
CA PRO H 377 22.11 -35.75 -28.48
C PRO H 377 22.40 -37.24 -28.31
N LYS H 378 23.60 -37.63 -28.73
CA LYS H 378 24.05 -39.01 -28.67
C LYS H 378 25.23 -39.21 -27.71
N THR H 379 26.27 -38.40 -27.85
CA THR H 379 27.41 -38.50 -26.96
C THR H 379 27.03 -38.04 -25.55
N ILE H 380 27.81 -38.48 -24.57
CA ILE H 380 27.55 -38.08 -23.19
C ILE H 380 27.68 -36.56 -23.06
N ALA H 381 28.72 -35.98 -23.66
CA ALA H 381 28.87 -34.53 -23.63
C ALA H 381 27.70 -33.81 -24.24
N GLY H 382 26.93 -34.50 -25.09
CA GLY H 382 25.70 -33.90 -25.59
C GLY H 382 24.62 -33.76 -24.53
N LYS H 383 24.48 -34.77 -23.67
CA LYS H 383 23.39 -34.76 -22.70
C LYS H 383 23.49 -33.61 -21.72
N ILE H 384 24.67 -33.39 -21.14
CA ILE H 384 24.82 -32.35 -20.14
C ILE H 384 24.43 -31.00 -20.72
N PHE H 385 24.96 -30.68 -21.89
CA PHE H 385 24.70 -29.38 -22.45
C PHE H 385 23.29 -29.26 -23.00
N GLY H 386 22.67 -30.37 -23.40
CA GLY H 386 21.27 -30.31 -23.78
C GLY H 386 20.38 -29.97 -22.59
N SER H 387 20.61 -30.61 -21.45
CA SER H 387 19.84 -30.29 -20.26
C SER H 387 20.09 -28.85 -19.80
N ILE H 388 21.36 -28.42 -19.85
CA ILE H 388 21.67 -27.04 -19.51
C ILE H 388 20.94 -26.08 -20.45
N CYS H 389 20.89 -26.42 -21.73
CA CYS H 389 20.18 -25.60 -22.69
C CYS H 389 18.70 -25.52 -22.38
N SER H 390 18.09 -26.64 -21.99
CA SER H 390 16.67 -26.62 -21.66
C SER H 390 16.40 -25.70 -20.48
N LEU H 391 17.22 -25.81 -19.43
CA LEU H 391 17.00 -24.94 -18.28
C LEU H 391 17.24 -23.47 -18.62
N SER H 392 18.30 -23.18 -19.39
CA SER H 392 18.55 -21.81 -19.79
C SER H 392 17.41 -21.28 -20.66
N GLY H 393 16.81 -22.15 -21.46
CA GLY H 393 15.67 -21.72 -22.25
C GLY H 393 14.48 -21.38 -21.40
N VAL H 394 14.18 -22.20 -20.39
CA VAL H 394 13.12 -21.85 -19.46
C VAL H 394 13.38 -20.47 -18.87
N LEU H 395 14.61 -20.24 -18.42
CA LEU H 395 14.93 -18.97 -17.78
C LEU H 395 14.74 -17.80 -18.74
N VAL H 396 15.36 -17.87 -19.92
CA VAL H 396 15.36 -16.73 -20.82
C VAL H 396 13.97 -16.48 -21.38
N ILE H 397 13.22 -17.56 -21.65
CA ILE H 397 11.88 -17.39 -22.20
C ILE H 397 10.94 -16.78 -21.16
N ALA H 398 10.97 -17.29 -19.92
CA ALA H 398 10.06 -16.80 -18.91
C ALA H 398 10.52 -15.51 -18.27
N LEU H 399 11.73 -15.04 -18.56
CA LEU H 399 12.19 -13.78 -17.98
C LEU H 399 11.36 -12.57 -18.43
N PRO H 400 11.17 -12.30 -19.72
CA PRO H 400 10.39 -11.13 -20.12
C PRO H 400 8.89 -11.37 -20.28
N VAL H 401 8.35 -12.47 -19.77
CA VAL H 401 6.91 -12.71 -19.82
C VAL H 401 6.17 -11.71 -18.94
N PRO H 402 6.44 -11.63 -17.63
CA PRO H 402 5.60 -10.77 -16.79
C PRO H 402 5.62 -9.31 -17.20
N VAL H 403 6.75 -8.81 -17.72
CA VAL H 403 6.78 -7.44 -18.21
C VAL H 403 5.83 -7.23 -19.37
N ILE H 404 5.40 -8.30 -20.03
CA ILE H 404 4.41 -8.18 -21.10
C ILE H 404 3.00 -8.40 -20.59
N VAL H 405 2.77 -9.47 -19.83
CA VAL H 405 1.40 -9.77 -19.41
C VAL H 405 0.91 -8.76 -18.37
N SER H 406 1.78 -8.36 -17.44
CA SER H 406 1.39 -7.33 -16.48
C SER H 406 1.16 -6.00 -17.18
N ASN H 407 2.00 -5.66 -18.16
CA ASN H 407 1.78 -4.44 -18.93
C ASN H 407 0.44 -4.50 -19.65
N PHE H 408 0.11 -5.65 -20.23
CA PHE H 408 -1.17 -5.81 -20.93
C PHE H 408 -2.34 -5.65 -19.97
N SER H 409 -2.25 -6.27 -18.79
CA SER H 409 -3.33 -6.13 -17.81
C SER H 409 -3.47 -4.69 -17.35
N ARG H 410 -2.35 -4.00 -17.14
CA ARG H 410 -2.41 -2.60 -16.73
C ARG H 410 -3.06 -1.74 -17.81
N ILE H 411 -2.72 -2.00 -19.08
CA ILE H 411 -3.30 -1.22 -20.16
C ILE H 411 -4.79 -1.50 -20.27
N TYR H 412 -5.19 -2.76 -20.09
CA TYR H 412 -6.62 -3.08 -20.11
C TYR H 412 -7.36 -2.38 -18.97
N HIS H 413 -6.76 -2.35 -17.79
CA HIS H 413 -7.38 -1.62 -16.68
C HIS H 413 -7.48 -0.14 -16.97
N GLN H 414 -6.45 0.43 -17.62
CA GLN H 414 -6.52 1.82 -18.03
C GLN H 414 -7.69 2.06 -18.97
N ASN H 415 -7.87 1.17 -19.94
CA ASN H 415 -8.94 1.35 -20.92
C ASN H 415 -10.32 1.12 -20.32
N GLN H 416 -10.42 0.33 -19.25
CA GLN H 416 -11.69 0.25 -18.53
C GLN H 416 -11.96 1.50 -17.68
N ARG H 417 -10.91 1.99 -17.02
CA ARG H 417 -11.04 3.19 -16.19
C ARG H 417 -11.42 4.40 -17.03
N ALA H 418 -10.89 4.48 -18.26
CA ALA H 418 -11.24 5.60 -19.12
C ALA H 418 -12.73 5.63 -19.41
N ASP H 419 -13.32 4.48 -19.73
CA ASP H 419 -14.76 4.43 -19.96
C ASP H 419 -15.54 4.78 -18.71
N LYS H 420 -15.12 4.25 -17.56
CA LYS H 420 -15.84 4.55 -16.32
C LYS H 420 -15.82 6.05 -16.04
N ARG H 421 -14.66 6.69 -16.17
CA ARG H 421 -14.60 8.12 -15.92
C ARG H 421 -15.29 8.93 -16.99
N ARG H 422 -15.37 8.45 -18.23
CA ARG H 422 -16.16 9.15 -19.23
C ARG H 422 -17.63 9.14 -18.86
N ALA H 423 -18.15 8.00 -18.40
CA ALA H 423 -19.53 7.96 -17.94
C ALA H 423 -19.76 8.88 -16.75
N GLN H 424 -18.84 8.87 -15.79
CA GLN H 424 -18.96 9.74 -14.63
C GLN H 424 -18.92 11.21 -15.04
N LYS H 425 -18.04 11.57 -15.97
CA LYS H 425 -17.94 12.95 -16.43
C LYS H 425 -19.22 13.40 -17.12
N LYS H 426 -19.80 12.52 -17.94
CA LYS H 426 -21.07 12.87 -18.57
C LYS H 426 -22.17 13.05 -17.53
N ALA H 427 -22.22 12.20 -16.50
CA ALA H 427 -23.21 12.39 -15.44
C ALA H 427 -22.98 13.71 -14.70
N ARG H 428 -21.73 14.06 -14.45
CA ARG H 428 -21.42 15.33 -13.80
C ARG H 428 -21.87 16.51 -14.67
N LEU H 429 -21.62 16.44 -15.97
CA LEU H 429 -22.05 17.51 -16.86
C LEU H 429 -23.57 17.64 -16.88
N ALA H 430 -24.27 16.50 -16.86
CA ALA H 430 -25.72 16.55 -16.78
C ALA H 430 -26.17 17.21 -15.48
N ARG H 431 -25.49 16.92 -14.37
CA ARG H 431 -25.82 17.58 -13.11
C ARG H 431 -25.55 19.08 -13.17
N ILE H 432 -24.47 19.48 -13.86
CA ILE H 432 -24.21 20.91 -14.03
C ILE H 432 -25.34 21.58 -14.80
N ARG H 433 -25.78 20.94 -15.88
CA ARG H 433 -26.91 21.49 -16.64
C ARG H 433 -28.17 21.56 -15.78
N ALA H 434 -28.40 20.54 -14.95
CA ALA H 434 -29.57 20.54 -14.07
C ALA H 434 -29.49 21.69 -13.07
N ALA H 435 -28.30 21.93 -12.50
CA ALA H 435 -28.16 23.04 -11.56
C ALA H 435 -28.37 24.38 -12.25
N LYS H 436 -27.88 24.51 -13.48
CA LYS H 436 -28.12 25.74 -14.24
C LYS H 436 -29.61 25.96 -14.50
N SER H 437 -30.32 24.90 -14.88
CA SER H 437 -31.76 25.00 -15.07
C SER H 437 -32.45 25.35 -13.77
N GLY H 438 -31.98 24.81 -12.65
CA GLY H 438 -32.53 25.17 -11.36
C GLY H 438 -32.30 26.63 -11.03
N SER H 439 -31.15 27.17 -11.40
CA SER H 439 -30.90 28.59 -11.20
C SER H 439 -31.86 29.44 -12.02
N ALA H 440 -32.09 29.06 -13.27
CA ALA H 440 -33.06 29.78 -14.09
C ALA H 440 -34.46 29.70 -13.49
N ASN H 441 -34.82 28.51 -13.00
CA ASN H 441 -36.12 28.34 -12.35
C ASN H 441 -36.23 29.22 -11.11
N ALA H 442 -35.17 29.30 -10.32
CA ALA H 442 -35.19 30.15 -9.13
C ALA H 442 -35.36 31.62 -9.51
N TYR H 443 -34.68 32.05 -10.58
CA TYR H 443 -34.85 33.44 -11.00
C TYR H 443 -36.28 33.70 -11.46
N MET H 444 -36.87 32.77 -12.21
CA MET H 444 -38.25 32.95 -12.64
C MET H 444 -39.20 32.99 -11.44
N GLN H 445 -38.96 32.13 -10.44
CA GLN H 445 -39.78 32.15 -9.23
C GLN H 445 -39.65 33.49 -8.51
N SER H 446 -38.42 34.02 -8.45
CA SER H 446 -38.23 35.33 -7.83
C SER H 446 -38.97 36.42 -8.59
N LYS H 447 -38.94 36.36 -9.92
CA LYS H 447 -39.66 37.34 -10.73
C LYS H 447 -41.16 37.27 -10.47
N ARG H 448 -41.72 36.05 -10.41
CA ARG H 448 -43.15 35.92 -10.19
C ARG H 448 -43.56 36.47 -8.82
N SER H 449 -42.81 36.14 -7.78
CA SER H 449 -43.13 36.60 -6.43
C SER H 449 -42.30 37.81 -6.06
N SER H 471 -28.82 35.05 2.70
CA SER H 471 -29.94 34.91 1.77
C SER H 471 -30.09 36.15 0.90
N SER H 472 -29.04 36.96 0.87
CA SER H 472 -29.09 38.20 0.10
C SER H 472 -28.49 38.05 -1.29
N PHE H 473 -27.55 37.11 -1.46
CA PHE H 473 -26.87 36.98 -2.74
C PHE H 473 -27.84 36.63 -3.86
N GLU H 474 -28.81 35.75 -3.57
CA GLU H 474 -29.81 35.43 -4.58
C GLU H 474 -30.63 36.66 -4.95
N THR H 475 -30.97 37.50 -3.96
CA THR H 475 -31.68 38.72 -4.25
C THR H 475 -30.88 39.64 -5.16
N GLN H 476 -29.60 39.82 -4.86
CA GLN H 476 -28.77 40.70 -5.69
C GLN H 476 -28.54 40.12 -7.08
N HIS H 477 -28.42 38.80 -7.19
CA HIS H 477 -28.27 38.16 -8.50
C HIS H 477 -29.53 38.35 -9.33
N HIS H 478 -30.70 38.14 -8.72
CA HIS H 478 -31.95 38.39 -9.41
C HIS H 478 -32.05 39.85 -9.83
N HIS H 479 -31.57 40.76 -8.98
CA HIS H 479 -31.58 42.17 -9.33
C HIS H 479 -30.70 42.46 -10.54
N LEU H 480 -29.52 41.84 -10.58
CA LEU H 480 -28.65 42.06 -11.73
C LEU H 480 -29.30 41.53 -13.01
N LEU H 481 -29.91 40.35 -12.93
CA LEU H 481 -30.61 39.83 -14.10
C LEU H 481 -31.78 40.73 -14.49
N HIS H 482 -32.43 41.33 -13.51
CA HIS H 482 -33.49 42.30 -13.80
C HIS H 482 -32.93 43.50 -14.56
N CYS H 483 -31.74 43.95 -14.16
CA CYS H 483 -31.08 45.02 -14.91
C CYS H 483 -30.78 44.59 -16.34
N LEU H 484 -30.34 43.35 -16.53
CA LEU H 484 -30.18 42.83 -17.88
C LEU H 484 -31.50 42.89 -18.65
N GLU H 485 -32.61 42.55 -17.99
CA GLU H 485 -33.90 42.61 -18.65
C GLU H 485 -34.17 44.00 -19.22
N LYS H 486 -33.89 45.04 -18.44
CA LYS H 486 -34.17 46.40 -18.89
C LYS H 486 -33.20 46.84 -19.97
N THR H 487 -31.91 46.50 -19.82
CA THR H 487 -30.94 47.00 -20.80
C THR H 487 -31.08 46.32 -22.16
N THR H 488 -31.74 45.17 -22.23
CA THR H 488 -31.96 44.47 -23.49
C THR H 488 -33.43 44.24 -23.79
N ASN H 489 -34.32 44.91 -23.06
CA ASN H 489 -35.78 44.91 -23.23
C ASN H 489 -36.34 43.54 -23.65
N HIS H 490 -35.92 42.48 -22.96
CA HIS H 490 -36.45 41.15 -23.18
C HIS H 490 -36.73 40.50 -21.83
N GLU H 491 -37.76 39.65 -21.80
CA GLU H 491 -38.20 39.01 -20.57
C GLU H 491 -37.95 37.51 -20.61
N PHE H 492 -37.98 36.90 -19.43
CA PHE H 492 -37.57 35.51 -19.24
C PHE H 492 -38.77 34.67 -18.87
N VAL H 493 -39.00 33.59 -19.60
CA VAL H 493 -40.11 32.69 -19.38
C VAL H 493 -39.61 31.25 -19.39
N ASP H 494 -40.17 30.43 -18.51
CA ASP H 494 -39.83 29.01 -18.43
C ASP H 494 -39.94 28.31 -19.78
N ALA I 1 -31.19 -5.36 -27.16
CA ALA I 1 -31.65 -6.73 -27.01
C ALA I 1 -32.61 -7.11 -28.12
N ALA I 2 -33.90 -7.15 -27.80
CA ALA I 2 -34.92 -7.49 -28.80
C ALA I 2 -34.94 -6.45 -29.91
N ALA I 3 -34.86 -5.17 -29.57
CA ALA I 3 -34.74 -4.13 -30.58
C ALA I 3 -33.46 -4.31 -31.39
N ALA I 4 -32.35 -4.65 -30.71
CA ALA I 4 -31.13 -4.98 -31.43
C ALA I 4 -31.27 -6.29 -32.18
N LYS I 5 -32.05 -7.23 -31.66
CA LYS I 5 -32.27 -8.50 -32.36
C LYS I 5 -32.99 -8.28 -33.68
N GLY I 6 -33.93 -7.35 -33.72
CA GLY I 6 -34.64 -7.08 -34.97
C GLY I 6 -33.71 -6.61 -36.07
N ILE I 7 -32.86 -5.64 -35.76
CA ILE I 7 -31.92 -5.16 -36.77
C ILE I 7 -30.84 -6.21 -37.03
N ALA I 8 -30.57 -7.08 -36.05
CA ALA I 8 -29.65 -8.19 -36.29
C ALA I 8 -30.21 -9.14 -37.34
N ILE I 9 -31.50 -9.46 -37.25
CA ILE I 9 -32.14 -10.28 -38.29
C ILE I 9 -32.17 -9.51 -39.61
N ALA I 10 -32.42 -8.21 -39.55
CA ALA I 10 -32.46 -7.41 -40.77
C ALA I 10 -31.12 -7.44 -41.50
N LEU I 11 -30.02 -7.31 -40.76
CA LEU I 11 -28.70 -7.41 -41.37
C LEU I 11 -28.36 -8.84 -41.77
N LEU I 12 -28.82 -9.84 -41.02
CA LEU I 12 -28.66 -11.22 -41.47
C LEU I 12 -29.26 -11.40 -42.86
N VAL I 13 -30.43 -10.80 -43.08
CA VAL I 13 -31.09 -10.91 -44.38
C VAL I 13 -30.26 -10.26 -45.48
N ILE I 14 -29.67 -9.08 -45.22
CA ILE I 14 -28.89 -8.45 -46.27
C ILE I 14 -27.60 -9.20 -46.54
N LEU I 15 -26.98 -9.76 -45.51
CA LEU I 15 -25.85 -10.64 -45.73
C LEU I 15 -26.24 -11.86 -46.58
N VAL I 16 -27.40 -12.45 -46.30
CA VAL I 16 -27.87 -13.60 -47.07
C VAL I 16 -28.11 -13.20 -48.53
N ILE I 17 -28.71 -12.03 -48.77
CA ILE I 17 -28.99 -11.67 -50.15
C ILE I 17 -27.69 -11.34 -50.89
N CYS I 18 -26.70 -10.77 -50.20
CA CYS I 18 -25.40 -10.60 -50.83
C CYS I 18 -24.78 -11.94 -51.21
N SER I 19 -24.87 -12.93 -50.31
CA SER I 19 -24.35 -14.25 -50.61
C SER I 19 -25.10 -14.88 -51.77
N LEU I 20 -26.42 -14.67 -51.84
CA LEU I 20 -27.21 -15.19 -52.95
C LEU I 20 -26.83 -14.51 -54.26
N ILE I 21 -26.49 -13.22 -54.22
CA ILE I 21 -25.96 -12.56 -55.40
C ILE I 21 -24.68 -13.24 -55.84
N VAL I 22 -23.80 -13.55 -54.89
CA VAL I 22 -22.55 -14.25 -55.23
C VAL I 22 -22.84 -15.60 -55.85
N THR I 23 -23.79 -16.35 -55.28
CA THR I 23 -24.15 -17.65 -55.84
C THR I 23 -24.71 -17.52 -57.24
N SER I 24 -25.52 -16.49 -57.49
CA SER I 24 -26.00 -16.24 -58.85
C SER I 24 -24.84 -15.99 -59.80
N VAL I 25 -23.86 -15.19 -59.35
CA VAL I 25 -22.71 -14.89 -60.21
C VAL I 25 -21.95 -16.17 -60.54
N ILE I 26 -21.76 -17.04 -59.55
CA ILE I 26 -21.06 -18.30 -59.86
C ILE I 26 -21.92 -19.18 -60.75
N LEU I 27 -23.24 -19.08 -60.65
CA LEU I 27 -24.11 -19.85 -61.53
C LEU I 27 -24.06 -19.34 -62.96
N LEU I 28 -23.73 -18.07 -63.17
CA LEU I 28 -23.57 -17.57 -64.53
C LEU I 28 -22.41 -18.26 -65.26
N THR I 29 -21.50 -18.90 -64.52
CA THR I 29 -20.34 -19.57 -65.10
C THR I 29 -20.28 -21.00 -64.58
N PRO I 30 -21.14 -21.89 -65.10
CA PRO I 30 -21.04 -23.30 -64.74
C PRO I 30 -20.12 -24.06 -65.68
N ALA I 31 -20.00 -25.36 -65.46
CA ALA I 31 -19.16 -26.20 -66.32
C ALA I 31 -19.57 -27.66 -66.23
N GLU J 1 25.76 26.09 29.77
CA GLU J 1 24.56 25.62 30.48
C GLU J 1 23.33 26.41 30.05
N GLY J 2 23.48 27.73 29.95
CA GLY J 2 22.40 28.60 29.57
C GLY J 2 21.62 29.18 30.73
N LEU J 3 21.70 28.57 31.91
CA LEU J 3 21.10 29.12 33.12
C LEU J 3 22.08 29.93 33.96
N GLU J 4 23.35 29.55 33.96
CA GLU J 4 24.39 30.33 34.60
C GLU J 4 25.26 31.09 33.61
N GLN J 5 25.28 30.66 32.35
CA GLN J 5 26.12 31.31 31.34
C GLN J 5 25.37 32.54 30.86
N LEU J 6 25.29 33.56 31.70
CA LEU J 6 24.69 34.83 31.28
C LEU J 6 25.75 35.78 30.77
N GLU J 7 26.78 36.02 31.57
CA GLU J 7 27.92 36.82 31.15
C GLU J 7 29.25 36.25 31.62
N ALA J 8 29.25 35.10 32.30
CA ALA J 8 30.50 34.56 32.82
C ALA J 8 31.45 34.17 31.70
N GLN J 9 30.92 33.60 30.61
CA GLN J 9 31.74 33.16 29.49
C GLN J 9 31.41 33.93 28.21
N THR J 10 30.67 35.03 28.32
CA THR J 10 30.19 35.73 27.14
C THR J 10 29.91 37.19 27.49
N ASN J 11 29.75 37.99 26.45
CA ASN J 11 29.35 39.40 26.57
C ASN J 11 27.99 39.63 25.91
N PHE J 12 27.13 38.63 25.96
CA PHE J 12 25.84 38.67 25.26
C PHE J 12 24.70 38.69 26.26
N THR J 13 23.63 39.41 25.91
CA THR J 13 22.43 39.42 26.71
C THR J 13 21.73 38.07 26.61
N LYS J 14 20.84 37.82 27.58
CA LYS J 14 20.16 36.53 27.64
C LYS J 14 19.32 36.29 26.39
N ARG J 15 18.56 37.29 25.97
CA ARG J 15 17.73 37.14 24.77
C ARG J 15 18.59 36.95 23.53
N GLU J 16 19.64 37.76 23.38
CA GLU J 16 20.55 37.58 22.26
C GLU J 16 21.21 36.21 22.29
N LEU J 17 21.59 35.76 23.49
CA LEU J 17 22.21 34.45 23.61
C LEU J 17 21.27 33.35 23.14
N GLN J 18 20.02 33.37 23.60
CA GLN J 18 19.11 32.29 23.26
C GLN J 18 18.71 32.34 21.79
N VAL J 19 18.54 33.54 21.22
CA VAL J 19 18.19 33.60 19.80
C VAL J 19 19.37 33.15 18.95
N LEU J 20 20.60 33.50 19.34
CA LEU J 20 21.76 32.99 18.62
C LEU J 20 21.87 31.49 18.74
N TYR J 21 21.54 30.95 19.92
CA TYR J 21 21.55 29.50 20.09
C TYR J 21 20.55 28.83 19.17
N ARG J 22 19.34 29.38 19.06
CA ARG J 22 18.34 28.79 18.17
C ARG J 22 18.80 28.88 16.72
N GLY J 23 19.39 30.01 16.33
CA GLY J 23 19.94 30.10 14.99
C GLY J 23 21.01 29.07 14.71
N PHE J 24 21.89 28.83 15.69
CA PHE J 24 22.92 27.81 15.54
C PHE J 24 22.30 26.42 15.46
N LYS J 25 21.31 26.15 16.30
CA LYS J 25 20.73 24.82 16.36
C LYS J 25 19.95 24.48 15.10
N ASN J 26 19.28 25.47 14.49
CA ASN J 26 18.54 25.22 13.27
C ASN J 26 19.42 24.70 12.14
N GLU J 27 20.72 24.98 12.20
CA GLU J 27 21.66 24.51 11.19
C GLU J 27 22.35 23.21 11.57
N CYS J 28 22.67 23.02 12.85
CA CYS J 28 23.35 21.81 13.31
C CYS J 28 22.57 21.26 14.51
N PRO J 29 21.48 20.52 14.24
CA PRO J 29 20.63 20.07 15.34
C PRO J 29 21.35 19.20 16.36
N SER J 30 22.43 18.53 15.97
CA SER J 30 23.20 17.75 16.93
C SER J 30 23.89 18.61 17.96
N GLY J 31 23.97 19.92 17.74
CA GLY J 31 24.56 20.84 18.69
C GLY J 31 26.04 21.11 18.49
N VAL J 32 26.69 20.39 17.57
CA VAL J 32 28.11 20.56 17.29
C VAL J 32 28.29 20.72 15.79
N VAL J 33 28.97 21.78 15.38
CA VAL J 33 29.16 22.10 13.96
C VAL J 33 30.48 21.54 13.49
N ASN J 34 30.48 20.98 12.29
CA ASN J 34 31.68 20.46 11.65
C ASN J 34 32.20 21.46 10.62
N GLU J 35 33.25 21.06 9.91
CA GLU J 35 33.88 21.94 8.93
C GLU J 35 33.06 22.05 7.65
N ASP J 36 32.37 20.99 7.26
CA ASP J 36 31.56 21.03 6.04
C ASP J 36 30.44 22.06 6.15
N THR J 37 29.77 22.09 7.30
CA THR J 37 28.79 23.14 7.54
C THR J 37 29.44 24.52 7.45
N PHE J 38 30.70 24.63 7.86
CA PHE J 38 31.40 25.90 7.75
C PHE J 38 31.56 26.31 6.29
N LYS J 39 32.00 25.38 5.44
CA LYS J 39 32.09 25.76 4.02
C LYS J 39 30.73 26.14 3.49
N GLN J 40 29.70 25.36 3.84
CA GLN J 40 28.37 25.61 3.31
C GLN J 40 27.90 27.02 3.66
N ILE J 41 27.95 27.37 4.95
CA ILE J 41 27.45 28.67 5.38
C ILE J 41 28.29 29.80 4.78
N TYR J 42 29.61 29.68 4.90
CA TYR J 42 30.47 30.77 4.48
C TYR J 42 30.37 31.02 2.98
N ALA J 43 30.31 29.94 2.19
CA ALA J 43 30.11 30.10 0.75
C ALA J 43 28.74 30.65 0.45
N GLN J 44 27.71 30.22 1.19
CA GLN J 44 26.37 30.71 0.92
C GLN J 44 26.26 32.21 1.20
N PHE J 45 27.09 32.73 2.12
CA PHE J 45 27.14 34.17 2.30
C PHE J 45 27.76 34.88 1.10
N PHE J 46 28.66 34.22 0.38
CA PHE J 46 29.36 34.82 -0.75
C PHE J 46 29.16 33.96 -2.00
N PRO J 47 28.00 34.06 -2.62
CA PRO J 47 27.68 33.22 -3.79
C PRO J 47 28.25 33.76 -5.10
N HIS J 48 29.53 34.14 -5.07
CA HIS J 48 30.19 34.65 -6.25
C HIS J 48 31.58 34.07 -6.49
N GLY J 49 32.23 33.52 -5.48
CA GLY J 49 33.52 32.87 -5.66
C GLY J 49 33.65 31.63 -4.80
N ASP J 50 34.88 31.24 -4.47
CA ASP J 50 35.12 30.09 -3.62
C ASP J 50 36.00 30.53 -2.46
N ALA J 51 35.59 30.20 -1.24
CA ALA J 51 36.32 30.57 -0.03
C ALA J 51 36.35 29.41 0.95
N SER J 52 36.55 28.19 0.43
CA SER J 52 36.56 27.02 1.31
C SER J 52 37.77 27.05 2.25
N THR J 53 38.93 27.46 1.74
CA THR J 53 40.13 27.44 2.57
C THR J 53 40.09 28.49 3.68
N TYR J 54 39.50 29.66 3.40
CA TYR J 54 39.36 30.66 4.45
C TYR J 54 38.44 30.15 5.55
N ALA J 55 37.34 29.50 5.18
CA ALA J 55 36.46 28.90 6.17
C ALA J 55 37.19 27.80 6.94
N HIS J 56 38.08 27.06 6.27
CA HIS J 56 38.89 26.07 6.96
C HIS J 56 39.73 26.72 8.04
N TYR J 57 40.40 27.82 7.68
CA TYR J 57 41.20 28.55 8.67
C TYR J 57 40.33 29.06 9.82
N LEU J 58 39.15 29.57 9.48
CA LEU J 58 38.25 30.08 10.51
C LEU J 58 37.83 28.99 11.48
N PHE J 59 37.48 27.81 10.96
CA PHE J 59 37.11 26.72 11.85
C PHE J 59 38.30 26.26 12.68
N ASN J 60 39.48 26.17 12.07
CA ASN J 60 40.66 25.76 12.83
C ASN J 60 40.95 26.72 13.97
N ALA J 61 40.74 28.01 13.73
CA ALA J 61 40.81 28.97 14.83
C ALA J 61 39.70 28.71 15.85
N PHE J 62 38.49 28.46 15.36
CA PHE J 62 37.36 28.18 16.24
C PHE J 62 37.57 26.89 17.02
N ASP J 63 38.05 25.85 16.35
CA ASP J 63 38.15 24.52 16.93
C ASP J 63 39.37 24.53 17.84
N THR J 64 39.13 24.83 19.11
CA THR J 64 40.19 24.66 20.11
C THR J 64 40.33 23.18 20.46
N THR J 65 41.50 22.84 21.01
CA THR J 65 41.86 21.48 21.41
C THR J 65 41.90 20.50 20.24
N GLN J 66 41.77 20.99 19.00
CA GLN J 66 41.84 20.16 17.81
C GLN J 66 40.88 18.97 17.88
N THR J 67 39.68 19.23 18.39
CA THR J 67 38.71 18.16 18.59
C THR J 67 38.11 17.70 17.26
N GLY J 68 38.16 18.53 16.23
CA GLY J 68 37.58 18.21 14.95
C GLY J 68 36.16 18.68 14.75
N SER J 69 35.49 19.15 15.81
CA SER J 69 34.14 19.68 15.70
C SER J 69 33.84 20.46 16.97
N VAL J 70 33.59 21.75 16.84
CA VAL J 70 33.46 22.63 18.00
C VAL J 70 32.02 22.60 18.52
N LYS J 71 31.89 22.55 19.84
CA LYS J 71 30.60 22.63 20.49
C LYS J 71 30.15 24.08 20.58
N PHE J 72 28.99 24.32 21.21
CA PHE J 72 28.45 25.67 21.27
C PHE J 72 29.20 26.54 22.27
N GLU J 73 29.76 25.93 23.32
CA GLU J 73 30.40 26.73 24.37
C GLU J 73 31.54 27.56 23.80
N ASP J 74 32.48 26.90 23.11
CA ASP J 74 33.62 27.61 22.56
C ASP J 74 33.20 28.54 21.43
N PHE J 75 32.19 28.14 20.65
CA PHE J 75 31.71 28.98 19.56
C PHE J 75 31.17 30.30 20.09
N VAL J 76 30.31 30.25 21.11
CA VAL J 76 29.76 31.47 21.66
C VAL J 76 30.83 32.27 22.40
N THR J 77 31.79 31.59 23.03
CA THR J 77 32.90 32.33 23.66
C THR J 77 33.68 33.11 22.62
N ALA J 78 33.97 32.48 21.47
CA ALA J 78 34.69 33.16 20.41
C ALA J 78 33.87 34.33 19.86
N LEU J 79 32.57 34.13 19.67
CA LEU J 79 31.74 35.23 19.20
C LEU J 79 31.74 36.40 20.18
N SER J 80 31.65 36.09 21.48
CA SER J 80 31.63 37.16 22.48
C SER J 80 32.94 37.93 22.48
N ILE J 81 34.07 37.22 22.46
CA ILE J 81 35.35 37.92 22.49
C ILE J 81 35.58 38.67 21.19
N LEU J 82 35.00 38.20 20.08
CA LEU J 82 35.19 38.87 18.81
C LEU J 82 34.33 40.12 18.69
N LEU J 83 33.10 40.08 19.20
CA LEU J 83 32.12 41.12 18.90
C LEU J 83 31.84 42.07 20.06
N ARG J 84 32.05 41.65 21.31
CA ARG J 84 31.70 42.50 22.44
C ARG J 84 32.72 42.42 23.56
N GLY J 85 34.00 42.18 23.21
CA GLY J 85 35.07 42.15 24.17
C GLY J 85 35.97 43.37 24.07
N THR J 86 37.22 43.19 24.51
CA THR J 86 38.22 44.24 24.41
C THR J 86 39.10 44.00 23.20
N VAL J 87 39.76 45.08 22.75
CA VAL J 87 40.56 44.99 21.53
C VAL J 87 41.71 44.01 21.69
N HIS J 88 42.22 43.87 22.92
CA HIS J 88 43.28 42.88 23.16
C HIS J 88 42.80 41.47 22.86
N GLU J 89 41.53 41.18 23.20
CA GLU J 89 40.99 39.87 22.88
C GLU J 89 40.90 39.65 21.37
N LYS J 90 40.49 40.68 20.63
CA LYS J 90 40.49 40.56 19.16
C LYS J 90 41.88 40.32 18.62
N LEU J 91 42.89 41.03 19.15
CA LEU J 91 44.24 40.81 18.67
C LEU J 91 44.75 39.42 19.02
N ARG J 92 44.40 38.90 20.19
CA ARG J 92 44.76 37.53 20.53
C ARG J 92 44.12 36.55 19.58
N TRP J 93 42.84 36.78 19.23
CA TRP J 93 42.17 35.91 18.28
C TRP J 93 42.83 35.98 16.90
N THR J 94 43.26 37.17 16.48
CA THR J 94 43.98 37.28 15.22
C THR J 94 45.30 36.52 15.27
N PHE J 95 45.99 36.59 16.42
CA PHE J 95 47.17 35.74 16.62
C PHE J 95 46.84 34.28 16.39
N ASN J 96 45.79 33.79 17.07
CA ASN J 96 45.46 32.38 16.97
C ASN J 96 45.07 31.98 15.55
N LEU J 97 44.29 32.84 14.87
CA LEU J 97 43.84 32.52 13.52
C LEU J 97 45.01 32.51 12.54
N TYR J 98 45.88 33.52 12.60
CA TYR J 98 47.00 33.60 11.67
C TYR J 98 48.07 32.57 11.96
N ASP J 99 48.04 31.93 13.12
CA ASP J 99 49.11 31.03 13.53
C ASP J 99 48.61 29.63 13.19
N ILE J 100 48.72 29.26 11.91
CA ILE J 100 48.16 28.01 11.41
C ILE J 100 48.76 26.79 12.11
N ASN J 101 49.93 26.95 12.70
CA ASN J 101 50.64 25.92 13.47
C ASN J 101 50.59 26.31 14.94
N LYS J 102 51.47 25.72 15.74
CA LYS J 102 51.68 26.18 17.11
C LYS J 102 53.03 26.89 17.29
N ASP J 103 53.43 27.72 16.32
CA ASP J 103 54.70 28.43 16.40
C ASP J 103 54.50 29.82 17.01
N GLY J 104 55.58 30.58 17.10
CA GLY J 104 55.49 31.96 17.54
C GLY J 104 55.60 32.95 16.41
N TYR J 105 56.59 32.76 15.55
CA TYR J 105 56.85 33.68 14.45
C TYR J 105 55.92 33.39 13.27
N ILE J 106 55.81 34.39 12.40
CA ILE J 106 54.95 34.33 11.22
C ILE J 106 55.83 34.45 9.99
N ASN J 107 55.66 33.53 9.05
CA ASN J 107 56.52 33.47 7.88
C ASN J 107 55.76 33.85 6.60
N LYS J 108 56.44 33.69 5.46
CA LYS J 108 55.91 34.13 4.18
C LYS J 108 54.67 33.34 3.79
N GLU J 109 54.72 32.01 3.94
CA GLU J 109 53.66 31.15 3.41
C GLU J 109 52.32 31.36 4.13
N GLU J 110 52.35 31.80 5.39
CA GLU J 110 51.10 32.07 6.09
C GLU J 110 50.35 33.22 5.43
N MET J 111 51.04 34.33 5.19
CA MET J 111 50.42 35.40 4.40
C MET J 111 50.10 34.93 2.98
N MET J 112 50.89 34.01 2.42
CA MET J 112 50.56 33.48 1.10
C MET J 112 49.18 32.83 1.10
N ASP J 113 48.94 31.88 1.99
CA ASP J 113 47.68 31.13 1.88
C ASP J 113 46.52 31.96 2.42
N ILE J 114 46.77 32.88 3.36
CA ILE J 114 45.70 33.78 3.78
C ILE J 114 45.29 34.71 2.63
N VAL J 115 46.27 35.28 1.92
CA VAL J 115 45.91 36.19 0.84
C VAL J 115 45.29 35.43 -0.31
N LYS J 116 45.64 34.16 -0.51
CA LYS J 116 44.91 33.34 -1.47
C LYS J 116 43.47 33.11 -1.02
N ALA J 117 43.28 32.83 0.27
CA ALA J 117 41.92 32.66 0.80
C ALA J 117 41.11 33.93 0.65
N ILE J 118 41.76 35.08 0.61
CA ILE J 118 41.05 36.32 0.39
C ILE J 118 40.78 36.55 -1.09
N TYR J 119 41.78 36.29 -1.94
CA TYR J 119 41.68 36.67 -3.35
C TYR J 119 40.80 35.71 -4.14
N ASP J 120 40.73 34.43 -3.75
CA ASP J 120 39.84 33.50 -4.43
C ASP J 120 38.37 33.78 -4.15
N MET J 121 38.07 34.67 -3.20
CA MET J 121 36.69 34.97 -2.86
C MET J 121 35.96 35.65 -4.01
N MET J 122 36.67 36.49 -4.77
CA MET J 122 36.01 37.29 -5.80
C MET J 122 35.61 36.46 -7.01
N GLY J 123 36.60 35.87 -7.70
CA GLY J 123 36.38 35.18 -8.95
C GLY J 123 37.13 35.86 -10.09
N LYS J 124 36.49 35.88 -11.26
CA LYS J 124 37.08 36.45 -12.46
C LYS J 124 36.16 37.49 -13.10
N TYR J 125 35.44 38.26 -12.29
CA TYR J 125 34.53 39.30 -12.76
C TYR J 125 34.77 40.60 -12.01
N THR J 126 36.03 41.02 -11.93
CA THR J 126 36.40 42.29 -11.33
C THR J 126 37.19 43.11 -12.34
N TYR J 127 37.00 44.43 -12.29
CA TYR J 127 37.66 45.30 -13.25
C TYR J 127 39.19 45.28 -13.15
N PRO J 128 39.81 45.39 -11.97
CA PRO J 128 41.27 45.39 -11.93
C PRO J 128 41.91 44.10 -12.43
N VAL J 129 41.16 43.00 -12.50
CA VAL J 129 41.66 41.72 -12.98
C VAL J 129 42.81 41.27 -12.08
N LEU J 130 42.48 40.71 -10.93
CA LEU J 130 43.50 40.25 -10.00
C LEU J 130 44.27 39.08 -10.59
N LYS J 131 45.56 39.01 -10.25
CA LYS J 131 46.43 37.94 -10.72
C LYS J 131 47.34 37.55 -9.56
N GLU J 132 48.39 36.78 -9.87
CA GLU J 132 49.36 36.40 -8.84
C GLU J 132 50.26 37.55 -8.43
N ASP J 133 50.28 38.64 -9.19
CA ASP J 133 51.14 39.77 -8.88
C ASP J 133 50.69 40.47 -7.60
N THR J 134 49.41 40.81 -7.52
CA THR J 134 48.92 41.62 -6.40
C THR J 134 49.10 41.00 -5.03
N PRO J 135 48.87 39.69 -4.80
CA PRO J 135 48.95 39.16 -3.44
C PRO J 135 50.28 39.42 -2.76
N ARG J 136 51.39 39.29 -3.48
CA ARG J 136 52.67 39.47 -2.79
C ARG J 136 53.21 40.90 -2.82
N GLN J 137 52.66 41.81 -3.64
CA GLN J 137 52.77 43.22 -3.25
C GLN J 137 52.06 43.48 -1.93
N HIS J 138 50.86 42.93 -1.75
CA HIS J 138 50.14 43.14 -0.51
C HIS J 138 50.93 42.58 0.67
N VAL J 139 51.46 41.37 0.52
CA VAL J 139 52.23 40.74 1.59
C VAL J 139 53.53 41.50 1.83
N ASP J 140 54.16 42.01 0.76
CA ASP J 140 55.35 42.81 0.96
C ASP J 140 55.05 44.06 1.77
N VAL J 141 53.99 44.78 1.42
CA VAL J 141 53.63 46.00 2.15
C VAL J 141 53.35 45.66 3.60
N PHE J 142 52.64 44.56 3.85
CA PHE J 142 52.48 44.06 5.20
C PHE J 142 53.85 43.88 5.88
N PHE J 143 54.84 43.39 5.13
CA PHE J 143 56.12 43.09 5.72
C PHE J 143 56.92 44.35 6.05
N GLN J 144 56.85 45.38 5.20
CA GLN J 144 57.46 46.64 5.63
C GLN J 144 56.68 47.29 6.76
N LYS J 145 55.38 47.02 6.87
CA LYS J 145 54.69 47.41 8.10
C LYS J 145 55.06 46.48 9.24
N MET J 146 55.42 45.24 8.91
CA MET J 146 55.96 44.30 9.89
C MET J 146 57.39 44.69 10.24
N ASP J 147 57.95 44.03 11.25
CA ASP J 147 59.31 44.34 11.68
C ASP J 147 60.31 44.00 10.59
N LYS J 148 61.35 44.83 10.48
CA LYS J 148 62.44 44.53 9.56
C LYS J 148 63.19 43.27 9.98
N ASN J 149 63.38 43.10 11.28
CA ASN J 149 64.08 41.93 11.80
C ASN J 149 63.26 40.66 11.54
N LYS J 150 63.95 39.59 11.17
CA LYS J 150 63.30 38.30 10.96
C LYS J 150 63.40 37.44 12.21
N THR J 155 57.06 38.90 14.41
CA THR J 155 56.97 39.09 15.85
C THR J 155 55.55 39.48 16.25
N LEU J 156 54.92 38.62 17.06
CA LEU J 156 53.54 38.84 17.46
C LEU J 156 53.39 40.14 18.24
N ASP J 157 54.34 40.44 19.12
CA ASP J 157 54.30 41.71 19.85
C ASP J 157 54.47 42.89 18.91
N GLU J 158 55.35 42.76 17.90
CA GLU J 158 55.51 43.83 16.92
C GLU J 158 54.24 44.02 16.11
N PHE J 159 53.58 42.93 15.72
CA PHE J 159 52.32 43.05 14.99
C PHE J 159 51.27 43.72 15.86
N LEU J 160 51.23 43.37 17.15
CA LEU J 160 50.34 44.04 18.09
C LEU J 160 50.60 45.55 18.12
N GLU J 161 51.83 45.94 18.46
CA GLU J 161 52.14 47.36 18.60
C GLU J 161 51.91 48.11 17.30
N SER J 162 52.06 47.43 16.16
CA SER J 162 51.67 48.05 14.89
C SER J 162 50.15 48.23 14.82
N CYS J 163 49.40 47.30 15.40
CA CYS J 163 47.93 47.46 15.42
C CYS J 163 47.51 48.64 16.29
N GLN J 164 48.12 48.80 17.47
CA GLN J 164 47.80 49.98 18.25
C GLN J 164 48.66 51.20 17.90
N GLU J 165 49.39 51.16 16.78
CA GLU J 165 50.04 52.36 16.28
C GLU J 165 49.33 52.98 15.09
N ASP J 166 48.34 52.29 14.51
CA ASP J 166 47.59 52.79 13.37
C ASP J 166 46.14 53.02 13.77
N ASP J 167 45.61 54.19 13.41
CA ASP J 167 44.24 54.52 13.78
C ASP J 167 43.22 53.81 12.92
N ASN J 168 43.52 53.58 11.64
CA ASN J 168 42.53 52.99 10.74
C ASN J 168 42.13 51.59 11.19
N ILE J 169 43.12 50.77 11.57
CA ILE J 169 42.81 49.42 12.04
C ILE J 169 42.06 49.48 13.36
N MET J 170 42.39 50.43 14.24
CA MET J 170 41.70 50.53 15.52
C MET J 170 40.23 50.89 15.32
N ARG J 171 39.95 51.81 14.40
CA ARG J 171 38.56 52.19 14.13
C ARG J 171 37.84 51.19 13.25
N SER J 172 38.56 50.21 12.69
CA SER J 172 37.98 49.17 11.86
C SER J 172 37.36 48.05 12.67
N LEU J 173 37.14 48.26 13.96
CA LEU J 173 36.70 47.18 14.82
C LEU J 173 35.44 47.51 15.59
N GLN J 174 35.24 48.77 15.97
CA GLN J 174 34.06 49.12 16.77
C GLN J 174 32.79 49.11 15.94
N LEU J 175 32.89 49.36 14.64
CA LEU J 175 31.70 49.48 13.81
C LEU J 175 30.91 48.18 13.78
N PHE J 176 31.58 47.04 14.02
CA PHE J 176 30.88 45.79 14.26
C PHE J 176 30.63 45.52 15.73
N GLN J 177 31.37 46.21 16.62
CA GLN J 177 31.22 45.96 18.05
C GLN J 177 29.83 46.35 18.55
N ASN J 178 29.36 47.54 18.16
CA ASN J 178 28.10 48.04 18.70
C ASN J 178 26.90 47.27 18.15
N VAL J 179 26.87 47.04 16.84
CA VAL J 179 25.70 46.47 16.18
C VAL J 179 25.71 44.97 16.34
N MET J 180 24.55 44.42 16.70
CA MET J 180 24.36 42.97 16.86
C MET J 180 25.37 42.35 17.81
N ALA K 1 15.22 2.15 36.95
CA ALA K 1 15.80 3.18 36.10
C ALA K 1 15.37 4.57 36.55
N ALA K 2 15.56 5.55 35.68
CA ALA K 2 15.20 6.94 35.96
C ALA K 2 13.81 7.31 35.47
N GLY K 3 13.11 6.39 34.80
CA GLY K 3 11.81 6.70 34.25
C GLY K 3 10.67 6.13 35.06
N VAL K 4 10.94 5.76 36.31
CA VAL K 4 9.92 5.11 37.15
C VAL K 4 9.78 5.95 38.41
N ALA K 5 9.97 7.26 38.28
CA ALA K 5 9.93 8.14 39.44
C ALA K 5 8.60 8.07 40.16
N ALA K 6 7.51 7.87 39.42
CA ALA K 6 6.18 7.84 40.05
C ALA K 6 6.04 6.70 41.05
N TRP K 7 6.86 5.65 40.94
CA TRP K 7 6.83 4.54 41.87
C TRP K 7 7.89 4.66 42.94
N LEU K 8 8.58 5.80 43.02
CA LEU K 8 9.60 5.98 44.05
C LEU K 8 9.08 5.76 45.46
N PRO K 9 7.92 6.29 45.86
CA PRO K 9 7.41 5.97 47.21
C PRO K 9 7.23 4.49 47.44
N PHE K 10 6.77 3.75 46.42
CA PHE K 10 6.52 2.33 46.60
C PHE K 10 7.80 1.61 47.03
N ALA K 11 8.91 1.90 46.36
CA ALA K 11 10.19 1.35 46.80
C ALA K 11 10.50 1.75 48.23
N ARG K 12 10.28 3.03 48.56
CA ARG K 12 10.40 3.46 49.94
C ARG K 12 9.56 2.59 50.85
N ALA K 13 8.32 2.32 50.46
CA ALA K 13 7.46 1.44 51.24
C ALA K 13 8.08 0.06 51.36
N ALA K 14 8.67 -0.44 50.27
CA ALA K 14 9.30 -1.76 50.31
C ALA K 14 10.40 -1.82 51.37
N ALA K 15 11.01 -0.67 51.69
CA ALA K 15 12.05 -0.66 52.71
C ALA K 15 11.51 -1.17 54.04
N ILE K 16 10.25 -0.86 54.35
CA ILE K 16 9.65 -1.30 55.61
C ILE K 16 9.66 -2.81 55.73
N GLY K 17 9.78 -3.51 54.60
CA GLY K 17 9.84 -4.96 54.64
C GLY K 17 11.06 -5.50 55.37
N TRP K 18 12.16 -4.74 55.43
CA TRP K 18 13.38 -5.24 56.03
C TRP K 18 13.84 -4.41 57.22
N MET K 19 12.95 -3.60 57.80
CA MET K 19 13.31 -2.87 59.01
C MET K 19 13.68 -3.77 60.18
N PRO K 20 12.94 -4.84 60.49
CA PRO K 20 13.37 -5.70 61.61
C PRO K 20 14.76 -6.28 61.42
N VAL K 21 15.14 -6.62 60.18
CA VAL K 21 16.47 -7.17 59.95
C VAL K 21 17.51 -6.07 59.81
N ALA K 22 17.09 -4.82 59.65
CA ALA K 22 18.02 -3.73 59.45
C ALA K 22 18.88 -3.50 60.68
N SER K 23 20.13 -3.14 60.46
CA SER K 23 21.06 -2.79 61.55
C SER K 23 22.04 -1.76 60.98
N GLY K 24 21.72 -0.48 61.20
CA GLY K 24 22.53 0.60 60.67
C GLY K 24 22.07 1.97 61.12
N PRO K 25 22.85 3.00 60.76
CA PRO K 25 22.51 4.37 61.19
C PRO K 25 21.31 4.97 60.48
N MET K 26 20.82 4.38 59.38
CA MET K 26 19.64 4.89 58.67
C MET K 26 19.81 6.37 58.30
N PRO K 27 20.60 6.66 57.25
CA PRO K 27 21.05 8.04 57.02
C PRO K 27 19.96 9.11 56.86
N ALA K 28 18.69 8.71 56.84
CA ALA K 28 17.54 9.61 56.85
C ALA K 28 17.42 10.39 55.54
N PRO K 29 16.20 10.75 55.12
CA PRO K 29 16.02 11.40 53.81
C PRO K 29 16.81 12.69 53.72
N PRO K 30 17.38 12.97 52.54
CA PRO K 30 18.25 14.15 52.35
C PRO K 30 17.53 15.43 51.94
N ARG K 31 16.91 16.07 52.94
CA ARG K 31 16.29 17.40 52.84
C ARG K 31 15.49 17.58 51.54
N GLN K 32 14.51 16.71 51.36
CA GLN K 32 13.61 16.86 50.23
C GLN K 32 12.66 18.03 50.45
N GLU K 33 12.15 18.58 49.35
CA GLU K 33 11.27 19.73 49.39
C GLU K 33 9.85 19.35 48.98
N ARG K 34 8.92 20.25 49.29
CA ARG K 34 7.51 20.16 48.89
C ARG K 34 6.94 18.75 49.07
N LYS K 35 6.80 18.40 50.36
CA LYS K 35 6.27 17.08 50.73
C LYS K 35 4.97 16.78 49.98
N ARG K 36 4.04 17.74 49.97
CA ARG K 36 2.85 17.61 49.15
C ARG K 36 3.13 18.11 47.74
N THR K 37 2.48 17.49 46.77
CA THR K 37 2.83 17.73 45.36
C THR K 37 2.30 19.07 44.89
N GLN K 38 3.19 19.88 44.33
CA GLN K 38 2.86 21.15 43.69
C GLN K 38 3.34 21.16 42.24
N ASP K 39 3.10 20.05 41.54
CA ASP K 39 3.46 19.97 40.14
C ASP K 39 2.56 20.88 39.31
N ALA K 40 3.17 21.67 38.43
CA ALA K 40 2.45 22.63 37.61
C ALA K 40 2.50 22.19 36.16
N LEU K 41 1.42 22.45 35.43
CA LEU K 41 1.33 22.02 34.04
C LEU K 41 2.24 22.88 33.17
N ILE K 42 3.43 22.39 32.87
CA ILE K 42 4.32 23.11 31.98
C ILE K 42 3.81 22.95 30.55
N VAL K 43 3.77 24.06 29.82
CA VAL K 43 3.19 24.09 28.48
C VAL K 43 4.31 24.28 27.47
N LEU K 44 4.31 23.46 26.44
CA LEU K 44 5.29 23.47 25.38
C LEU K 44 4.53 23.72 24.08
N ASN K 45 4.64 24.91 23.53
CA ASN K 45 4.03 25.19 22.24
C ASN K 45 5.11 25.10 21.18
N VAL K 46 4.82 24.40 20.09
CA VAL K 46 5.78 24.13 19.05
C VAL K 46 5.28 24.79 17.78
N SER K 47 5.67 26.05 17.59
CA SER K 47 5.23 26.85 16.44
C SER K 47 3.74 26.71 16.21
N GLY K 48 2.96 27.01 17.25
CA GLY K 48 1.53 26.85 17.14
C GLY K 48 0.90 26.17 18.34
N THR K 49 0.33 24.99 18.13
CA THR K 49 -0.40 24.29 19.17
C THR K 49 0.49 24.05 20.39
N ARG K 50 -0.14 23.83 21.53
CA ARG K 50 0.54 23.69 22.81
C ARG K 50 0.21 22.34 23.43
N PHE K 51 1.24 21.71 23.99
CA PHE K 51 1.09 20.46 24.72
C PHE K 51 1.39 20.72 26.19
N GLN K 52 0.47 20.34 27.07
CA GLN K 52 0.64 20.53 28.50
C GLN K 52 1.04 19.22 29.13
N THR K 53 2.07 19.25 29.97
CA THR K 53 2.51 18.05 30.66
C THR K 53 3.16 18.43 31.98
N TRP K 54 3.31 17.46 32.85
CA TRP K 54 3.91 17.68 34.15
C TRP K 54 5.40 17.98 33.99
N GLN K 55 6.06 18.24 35.13
CA GLN K 55 7.50 18.44 35.11
C GLN K 55 8.25 17.15 35.38
N ASP K 56 7.79 16.35 36.34
CA ASP K 56 8.43 15.07 36.60
C ASP K 56 8.34 14.15 35.39
N THR K 57 7.20 14.19 34.69
CA THR K 57 7.06 13.41 33.47
C THR K 57 8.07 13.85 32.42
N LEU K 58 8.30 15.16 32.31
CA LEU K 58 9.20 15.67 31.29
C LEU K 58 10.67 15.52 31.67
N GLU K 59 10.97 15.29 32.95
CA GLU K 59 12.35 15.26 33.41
C GLU K 59 12.86 13.87 33.74
N ARG K 60 12.08 12.81 33.46
CA ARG K 60 12.56 11.48 33.80
C ARG K 60 13.64 10.98 32.85
N TYR K 61 13.92 11.70 31.76
CA TYR K 61 14.93 11.31 30.77
C TYR K 61 15.89 12.47 30.61
N PRO K 62 16.86 12.61 31.52
CA PRO K 62 17.69 13.83 31.54
C PRO K 62 18.68 13.93 30.41
N ASP K 63 18.91 12.86 29.65
CA ASP K 63 19.90 12.89 28.59
C ASP K 63 19.43 13.66 27.35
N THR K 64 18.15 13.99 27.27
CA THR K 64 17.59 14.61 26.08
C THR K 64 17.48 16.12 26.27
N LEU K 65 17.00 16.79 25.22
CA LEU K 65 16.92 18.25 25.27
C LEU K 65 15.74 18.72 26.12
N LEU K 66 14.61 18.03 26.05
CA LEU K 66 13.47 18.39 26.88
C LEU K 66 13.73 18.10 28.36
N GLY K 67 14.66 17.21 28.66
CA GLY K 67 15.18 17.06 30.00
C GLY K 67 16.33 18.01 30.25
N SER K 68 17.07 17.73 31.31
CA SER K 68 18.27 18.49 31.66
C SER K 68 17.95 19.96 31.87
N SER K 69 18.99 20.80 31.86
CA SER K 69 18.83 22.24 31.90
C SER K 69 18.98 22.87 30.53
N GLU K 70 19.06 22.05 29.48
CA GLU K 70 19.17 22.59 28.13
C GLU K 70 17.90 23.31 27.71
N ARG K 71 16.73 22.80 28.12
CA ARG K 71 15.47 23.39 27.69
C ARG K 71 15.33 24.84 28.10
N ASP K 72 16.09 25.29 29.10
CA ASP K 72 16.01 26.67 29.54
C ASP K 72 16.56 27.63 28.49
N PHE K 73 17.23 27.14 27.45
CA PHE K 73 17.55 28.01 26.33
C PHE K 73 16.29 28.47 25.62
N PHE K 74 15.25 27.64 25.59
CA PHE K 74 14.04 27.93 24.84
C PHE K 74 12.92 28.49 25.70
N TYR K 75 13.14 28.73 26.99
CA TYR K 75 12.12 29.37 27.80
C TYR K 75 11.89 30.77 27.27
N HIS K 76 10.63 31.11 27.02
CA HIS K 76 10.29 32.42 26.48
C HIS K 76 9.66 33.20 27.61
N PRO K 77 10.34 34.20 28.19
CA PRO K 77 9.98 34.63 29.54
C PRO K 77 8.65 35.36 29.64
N GLU K 78 8.42 36.36 28.79
CA GLU K 78 7.25 37.21 28.98
C GLU K 78 5.93 36.49 28.74
N THR K 79 5.96 35.23 28.30
CA THR K 79 4.75 34.44 28.20
C THR K 79 4.78 33.18 29.05
N GLN K 80 5.94 32.81 29.60
CA GLN K 80 6.07 31.64 30.46
C GLN K 80 5.65 30.35 29.75
N GLN K 81 6.23 30.12 28.58
CA GLN K 81 5.97 28.89 27.84
C GLN K 81 7.13 28.64 26.89
N TYR K 82 7.62 27.40 26.85
CA TYR K 82 8.70 27.05 25.95
C TYR K 82 8.22 27.07 24.52
N PHE K 83 8.80 27.95 23.71
CA PHE K 83 8.41 28.09 22.30
C PHE K 83 9.44 27.41 21.43
N PHE K 84 9.30 26.09 21.28
CA PHE K 84 10.13 25.38 20.33
C PHE K 84 9.70 25.71 18.91
N ASP K 85 10.68 25.88 18.03
CA ASP K 85 10.44 26.27 16.64
C ASP K 85 10.44 25.06 15.72
N ARG K 86 9.92 23.92 16.18
CA ARG K 86 9.99 22.68 15.45
C ARG K 86 8.64 22.36 14.79
N ASP K 87 8.53 21.16 14.24
CA ASP K 87 7.29 20.74 13.62
C ASP K 87 6.23 20.45 14.69
N PRO K 88 4.98 20.84 14.45
CA PRO K 88 3.93 20.65 15.45
C PRO K 88 3.31 19.27 15.49
N ASP K 89 3.86 18.27 14.79
CA ASP K 89 3.28 16.94 14.77
C ASP K 89 4.20 15.87 15.32
N ILE K 90 5.44 15.79 14.84
CA ILE K 90 6.36 14.78 15.35
C ILE K 90 6.60 14.97 16.84
N PHE K 91 6.57 16.22 17.29
CA PHE K 91 6.72 16.50 18.71
C PHE K 91 5.67 15.76 19.52
N ARG K 92 4.51 15.48 18.94
CA ARG K 92 3.52 14.69 19.65
C ARG K 92 4.05 13.30 19.96
N HIS K 93 4.73 12.67 18.99
CA HIS K 93 5.32 11.36 19.24
C HIS K 93 6.46 11.45 20.25
N ILE K 94 7.23 12.54 20.22
CA ILE K 94 8.29 12.68 21.21
C ILE K 94 7.72 12.78 22.62
N LEU K 95 6.66 13.58 22.78
CA LEU K 95 5.99 13.66 24.08
C LEU K 95 5.41 12.31 24.48
N ASN K 96 4.88 11.57 23.51
CA ASN K 96 4.38 10.23 23.79
C ASN K 96 5.49 9.35 24.33
N PHE K 97 6.69 9.46 23.74
CA PHE K 97 7.83 8.69 24.24
C PHE K 97 8.14 9.07 25.68
N TYR K 98 8.18 10.37 25.97
CA TYR K 98 8.44 10.80 27.34
C TYR K 98 7.41 10.20 28.29
N ARG K 99 6.16 10.13 27.85
CA ARG K 99 5.13 9.54 28.69
C ARG K 99 5.40 8.05 28.93
N THR K 100 5.77 7.32 27.89
CA THR K 100 5.95 5.87 27.99
C THR K 100 7.40 5.46 28.17
N GLY K 101 8.29 5.92 27.29
CA GLY K 101 9.64 5.43 27.21
C GLY K 101 9.95 4.68 25.93
N LYS K 102 8.93 4.28 25.18
CA LYS K 102 9.10 3.58 23.90
C LYS K 102 8.52 4.47 22.80
N LEU K 103 9.39 5.18 22.11
CA LEU K 103 8.98 6.07 21.04
C LEU K 103 8.44 5.27 19.85
N HIS K 104 7.46 5.84 19.18
CA HIS K 104 6.82 5.19 18.04
C HIS K 104 7.17 5.92 16.76
N TYR K 105 6.70 5.38 15.65
CA TYR K 105 6.94 6.01 14.37
C TYR K 105 5.83 5.67 13.37
N PRO K 106 5.01 6.63 13.00
CA PRO K 106 3.98 6.38 11.99
C PRO K 106 4.59 6.32 10.60
N ARG K 107 3.78 5.85 9.65
CA ARG K 107 4.28 5.61 8.31
C ARG K 107 4.26 6.84 7.43
N HIS K 108 3.27 7.71 7.58
CA HIS K 108 3.05 8.82 6.66
C HIS K 108 3.92 10.03 6.99
N GLU K 109 5.22 9.83 7.11
CA GLU K 109 6.13 10.90 7.49
C GLU K 109 7.43 10.77 6.72
N CYS K 110 7.93 11.89 6.21
CA CYS K 110 9.21 11.89 5.50
C CYS K 110 10.34 11.57 6.46
N ILE K 111 11.23 10.67 6.05
CA ILE K 111 12.33 10.25 6.93
C ILE K 111 13.26 11.41 7.22
N SER K 112 13.60 12.21 6.22
CA SER K 112 14.52 13.30 6.47
C SER K 112 13.98 14.24 7.55
N ALA K 113 12.73 14.65 7.41
CA ALA K 113 12.14 15.56 8.39
C ALA K 113 12.00 14.88 9.75
N TYR K 114 11.49 13.65 9.77
CA TYR K 114 11.28 12.98 11.04
C TYR K 114 12.58 12.78 11.78
N ASP K 115 13.62 12.35 11.07
CA ASP K 115 14.91 12.14 11.69
C ASP K 115 15.54 13.45 12.12
N GLU K 116 15.34 14.51 11.34
CA GLU K 116 15.86 15.82 11.74
C GLU K 116 15.22 16.28 13.04
N GLU K 117 13.89 16.14 13.14
CA GLU K 117 13.21 16.55 14.35
C GLU K 117 13.51 15.60 15.51
N LEU K 118 13.88 14.37 15.19
CA LEU K 118 14.21 13.41 16.24
C LEU K 118 15.60 13.66 16.81
N ALA K 119 16.54 14.04 15.94
CA ALA K 119 17.89 14.35 16.40
C ALA K 119 17.99 15.73 17.02
N PHE K 120 17.15 16.67 16.57
CA PHE K 120 17.14 18.00 17.17
C PHE K 120 16.91 17.92 18.66
N PHE K 121 15.92 17.15 19.08
CA PHE K 121 15.59 17.01 20.48
C PHE K 121 16.51 16.05 21.21
N GLY K 122 17.61 15.66 20.59
CA GLY K 122 18.61 14.85 21.24
C GLY K 122 18.29 13.37 21.31
N LEU K 123 17.16 12.95 20.78
CA LEU K 123 16.82 11.54 20.82
C LEU K 123 17.64 10.76 19.80
N ILE K 124 17.76 9.46 20.02
CA ILE K 124 18.52 8.62 19.11
C ILE K 124 17.60 7.55 18.53
N PRO K 125 17.83 7.13 17.27
CA PRO K 125 16.86 6.27 16.59
C PRO K 125 16.62 4.93 17.27
N GLU K 126 17.60 4.36 17.95
CA GLU K 126 17.43 3.00 18.45
C GLU K 126 16.38 2.88 19.54
N ILE K 127 15.89 3.98 20.09
CA ILE K 127 14.88 3.89 21.14
C ILE K 127 13.53 3.46 20.60
N ILE K 128 13.33 3.51 19.28
CA ILE K 128 12.04 3.20 18.69
C ILE K 128 11.55 1.85 19.17
N GLY K 129 10.28 1.77 19.52
CA GLY K 129 9.71 0.52 19.96
C GLY K 129 9.82 -0.55 18.88
N ASP K 130 9.97 -1.80 19.33
CA ASP K 130 10.17 -2.91 18.41
C ASP K 130 9.03 -3.02 17.41
N CYS K 131 7.83 -2.61 17.81
CA CYS K 131 6.66 -2.71 16.95
C CYS K 131 6.82 -1.87 15.69
N CYS K 132 7.31 -0.64 15.83
CA CYS K 132 7.51 0.23 14.68
C CYS K 132 8.94 0.20 14.14
N TYR K 133 9.85 -0.47 14.83
CA TYR K 133 11.26 -0.39 14.46
C TYR K 133 11.51 -1.00 13.08
N GLU K 134 10.85 -2.10 12.77
CA GLU K 134 11.08 -2.75 11.48
C GLU K 134 10.71 -1.81 10.33
N GLU K 135 9.55 -1.17 10.43
CA GLU K 135 9.10 -0.30 9.35
C GLU K 135 9.99 0.93 9.28
N TYR K 136 10.40 1.46 10.44
CA TYR K 136 11.39 2.53 10.44
C TYR K 136 12.66 2.14 9.72
N LYS K 137 13.17 0.94 10.00
CA LYS K 137 14.45 0.57 9.42
C LYS K 137 14.33 0.36 7.92
N ASP K 138 13.18 -0.16 7.47
CA ASP K 138 12.95 -0.29 6.04
C ASP K 138 12.92 1.07 5.35
N ARG K 139 12.20 2.03 5.94
CA ARG K 139 12.15 3.37 5.35
C ARG K 139 13.52 4.02 5.35
N ARG K 140 14.25 3.90 6.46
CA ARG K 140 15.59 4.46 6.52
C ARG K 140 16.49 3.81 5.47
N ARG K 141 16.31 2.51 5.24
CA ARG K 141 17.10 1.82 4.22
C ARG K 141 16.81 2.35 2.82
N GLU K 142 15.53 2.54 2.49
CA GLU K 142 15.24 3.00 1.13
C GLU K 142 15.69 4.43 0.93
N ASN K 143 15.54 5.28 1.96
CA ASN K 143 16.06 6.64 1.82
C ASN K 143 17.58 6.65 1.75
N ALA K 144 18.23 5.73 2.48
CA ALA K 144 19.68 5.65 2.43
C ALA K 144 20.17 5.23 1.06
N GLU K 145 19.48 4.28 0.42
CA GLU K 145 19.90 3.91 -0.93
C GLU K 145 19.60 5.05 -1.91
N ARG K 146 18.54 5.82 -1.68
CA ARG K 146 18.30 7.00 -2.49
C ARG K 146 19.47 7.99 -2.38
N LEU K 147 19.93 8.25 -1.16
CA LEU K 147 21.05 9.19 -1.01
C LEU K 147 22.35 8.58 -1.51
N GLN K 148 22.47 7.25 -1.48
CA GLN K 148 23.62 6.60 -2.08
C GLN K 148 23.66 6.86 -3.58
N ASP K 149 22.53 6.66 -4.25
CA ASP K 149 22.44 7.01 -5.66
C ASP K 149 22.66 8.50 -5.87
N ASP K 150 22.31 9.32 -4.87
CA ASP K 150 22.61 10.74 -4.93
C ASP K 150 24.10 10.98 -4.98
N ALA K 151 24.86 10.27 -4.14
CA ALA K 151 26.27 10.53 -3.95
C ALA K 151 27.17 9.73 -4.88
N ASP K 152 26.61 8.84 -5.72
CA ASP K 152 27.46 7.98 -6.54
C ASP K 152 28.33 8.70 -7.56
N THR K 153 27.73 9.34 -8.58
CA THR K 153 28.44 9.61 -9.81
C THR K 153 28.40 11.09 -10.20
N ASP K 154 29.47 11.50 -10.87
CA ASP K 154 29.60 12.79 -11.52
C ASP K 154 30.44 12.61 -12.78
N THR K 155 30.34 13.56 -13.70
CA THR K 155 31.07 13.50 -14.96
C THR K 155 32.33 14.36 -14.85
N ALA K 156 33.48 13.75 -15.07
CA ALA K 156 34.75 14.45 -14.99
C ALA K 156 35.80 13.76 -15.86
N ALA K 166 44.35 14.61 -20.45
CA ALA K 166 45.58 14.04 -21.01
C ALA K 166 45.30 12.71 -21.69
N ARG K 167 46.33 11.86 -21.77
CA ARG K 167 46.14 10.53 -22.33
C ARG K 167 45.21 9.69 -21.46
N GLN K 168 45.14 9.99 -20.16
CA GLN K 168 44.25 9.26 -19.26
C GLN K 168 42.83 9.79 -19.28
N ARG K 169 42.59 10.94 -19.92
CA ARG K 169 41.24 11.52 -19.91
C ARG K 169 40.29 10.79 -20.84
N VAL K 170 40.80 10.21 -21.93
CA VAL K 170 39.94 9.50 -22.89
C VAL K 170 39.19 8.37 -22.22
N TRP K 171 39.67 7.89 -21.07
CA TRP K 171 38.96 6.88 -20.30
C TRP K 171 37.53 7.30 -20.02
N ARG K 172 37.31 8.59 -19.76
CA ARG K 172 35.94 9.09 -19.54
C ARG K 172 35.08 8.81 -20.76
N ALA K 173 35.60 9.10 -21.96
CA ALA K 173 34.85 8.79 -23.17
C ALA K 173 34.87 7.30 -23.49
N PHE K 174 35.75 6.53 -22.85
CA PHE K 174 35.86 5.11 -23.13
C PHE K 174 34.87 4.29 -22.31
N GLU K 175 34.24 4.90 -21.31
CA GLU K 175 33.15 4.27 -20.57
C GLU K 175 31.80 4.91 -20.84
N ASN K 176 31.76 6.01 -21.59
CA ASN K 176 30.52 6.57 -22.12
C ASN K 176 30.78 6.85 -23.60
N PRO K 177 30.73 5.82 -24.44
CA PRO K 177 31.10 6.02 -25.86
C PRO K 177 30.21 7.02 -26.59
N HIS K 178 29.03 7.32 -26.08
CA HIS K 178 28.22 8.39 -26.66
C HIS K 178 28.68 9.75 -26.16
N THR K 179 29.99 10.00 -26.25
CA THR K 179 30.58 11.26 -25.83
C THR K 179 31.29 11.98 -26.97
N SER K 180 32.15 11.27 -27.70
CA SER K 180 32.93 11.86 -28.78
C SER K 180 32.70 11.06 -30.05
N THR K 181 33.01 11.69 -31.19
CA THR K 181 32.89 11.01 -32.47
C THR K 181 33.79 9.79 -32.54
N MET K 182 35.05 9.95 -32.10
CA MET K 182 35.99 8.83 -32.17
C MET K 182 35.56 7.70 -31.25
N ALA K 183 35.11 8.03 -30.04
CA ALA K 183 34.69 6.99 -29.11
C ALA K 183 33.49 6.22 -29.64
N LEU K 184 32.49 6.94 -30.18
CA LEU K 184 31.30 6.27 -30.68
C LEU K 184 31.60 5.44 -31.92
N VAL K 185 32.41 5.97 -32.84
CA VAL K 185 32.75 5.19 -34.03
C VAL K 185 33.54 3.95 -33.63
N PHE K 186 34.44 4.06 -32.65
CA PHE K 186 35.21 2.92 -32.21
C PHE K 186 34.31 1.87 -31.58
N TYR K 187 33.36 2.31 -30.75
CA TYR K 187 32.40 1.40 -30.12
C TYR K 187 31.58 0.67 -31.18
N TYR K 188 31.05 1.40 -32.15
CA TYR K 188 30.23 0.78 -33.18
C TYR K 188 31.05 -0.19 -34.03
N VAL K 189 32.28 0.19 -34.39
CA VAL K 189 33.06 -0.65 -35.29
C VAL K 189 33.53 -1.90 -34.55
N THR K 190 33.85 -1.79 -33.26
CA THR K 190 34.24 -2.99 -32.53
C THR K 190 33.05 -3.91 -32.29
N GLY K 191 31.86 -3.35 -32.10
CA GLY K 191 30.67 -4.20 -32.05
C GLY K 191 30.45 -4.93 -33.37
N PHE K 192 30.62 -4.21 -34.49
CA PHE K 192 30.52 -4.87 -35.78
C PHE K 192 31.58 -5.96 -35.93
N PHE K 193 32.78 -5.72 -35.39
CA PHE K 193 33.84 -6.71 -35.51
C PHE K 193 33.54 -7.96 -34.70
N ILE K 194 33.00 -7.80 -33.50
CA ILE K 194 32.54 -8.96 -32.73
C ILE K 194 31.50 -9.73 -33.53
N ALA K 195 30.52 -9.01 -34.08
CA ALA K 195 29.45 -9.66 -34.82
C ALA K 195 29.99 -10.40 -36.04
N VAL K 196 30.90 -9.77 -36.79
CA VAL K 196 31.42 -10.41 -37.98
C VAL K 196 32.30 -11.59 -37.61
N SER K 197 32.98 -11.54 -36.46
CA SER K 197 33.77 -12.68 -36.02
C SER K 197 32.88 -13.88 -35.71
N VAL K 198 31.80 -13.67 -34.96
CA VAL K 198 30.95 -14.81 -34.62
C VAL K 198 30.21 -15.33 -35.85
N ILE K 199 29.79 -14.42 -36.73
CA ILE K 199 29.18 -14.85 -37.99
C ILE K 199 30.20 -15.60 -38.83
N ALA K 200 31.46 -15.17 -38.80
CA ALA K 200 32.51 -15.87 -39.53
C ALA K 200 32.69 -17.29 -39.00
N ASN K 201 32.60 -17.45 -37.68
CA ASN K 201 32.64 -18.80 -37.11
C ASN K 201 31.49 -19.65 -37.62
N VAL K 202 30.27 -19.13 -37.51
CA VAL K 202 29.10 -19.95 -37.87
C VAL K 202 29.08 -20.24 -39.37
N VAL K 203 29.62 -19.35 -40.20
CA VAL K 203 29.68 -19.61 -41.63
C VAL K 203 30.94 -20.37 -42.02
N GLU K 204 31.91 -20.50 -41.12
CA GLU K 204 32.93 -21.52 -41.31
C GLU K 204 32.34 -22.90 -41.09
N THR K 205 31.40 -23.01 -40.16
CA THR K 205 30.79 -24.30 -39.88
C THR K 205 29.81 -24.76 -40.96
N VAL K 206 29.27 -23.86 -41.77
CA VAL K 206 28.22 -24.21 -42.72
C VAL K 206 28.82 -25.13 -43.78
N PRO K 207 28.07 -26.10 -44.31
CA PRO K 207 28.65 -27.00 -45.32
C PRO K 207 29.15 -26.29 -46.56
N CYS K 208 28.53 -25.19 -46.96
CA CYS K 208 29.01 -24.45 -48.12
C CYS K 208 30.27 -23.65 -47.82
N GLY K 209 30.68 -23.57 -46.56
CA GLY K 209 31.84 -22.77 -46.20
C GLY K 209 33.12 -23.55 -46.00
N SER K 210 33.09 -24.63 -45.23
CA SER K 210 34.29 -25.41 -44.97
C SER K 210 33.99 -26.91 -44.98
N SER K 211 33.24 -27.36 -45.97
CA SER K 211 32.96 -28.78 -46.13
C SER K 211 33.17 -29.17 -47.59
N PRO K 212 33.35 -30.47 -47.87
CA PRO K 212 33.48 -30.89 -49.27
C PRO K 212 32.19 -30.76 -50.05
N GLY K 213 31.83 -29.52 -50.42
CA GLY K 213 30.69 -29.32 -51.29
C GLY K 213 30.90 -29.92 -52.66
N HIS K 214 32.12 -29.83 -53.18
CA HIS K 214 32.50 -30.46 -54.44
C HIS K 214 33.93 -30.95 -54.28
N ILE K 215 34.08 -32.26 -54.03
CA ILE K 215 35.41 -32.82 -53.80
C ILE K 215 36.29 -32.67 -55.04
N LYS K 216 35.71 -32.91 -56.22
CA LYS K 216 36.46 -32.87 -57.47
C LYS K 216 36.65 -31.46 -58.00
N GLU K 217 36.04 -30.46 -57.38
CA GLU K 217 36.20 -29.08 -57.82
C GLU K 217 36.83 -28.22 -56.72
N ARG K 223 33.43 -22.69 -52.50
CA ARG K 223 34.41 -23.74 -52.30
C ARG K 223 35.06 -23.62 -50.93
N TYR K 224 35.90 -24.60 -50.58
CA TYR K 224 36.56 -24.64 -49.29
C TYR K 224 37.64 -23.57 -49.27
N ALA K 225 37.21 -22.33 -49.08
CA ALA K 225 38.14 -21.21 -49.02
C ALA K 225 38.71 -21.13 -47.61
N VAL K 226 40.00 -21.47 -47.47
CA VAL K 226 40.63 -21.47 -46.17
C VAL K 226 40.86 -20.07 -45.64
N ALA K 227 40.41 -19.04 -46.37
CA ALA K 227 40.65 -17.66 -45.97
C ALA K 227 40.03 -17.31 -44.62
N PHE K 228 39.05 -18.09 -44.13
CA PHE K 228 38.54 -17.84 -42.79
C PHE K 228 39.67 -17.89 -41.77
N PHE K 229 40.69 -18.71 -42.02
CA PHE K 229 41.83 -18.79 -41.12
C PHE K 229 42.46 -17.42 -40.87
N CYS K 230 42.37 -16.52 -41.84
CA CYS K 230 42.83 -15.15 -41.66
C CYS K 230 41.72 -14.22 -41.21
N LEU K 231 40.47 -14.50 -41.61
CA LEU K 231 39.39 -13.55 -41.38
C LEU K 231 39.18 -13.27 -39.90
N ASP K 232 39.24 -14.30 -39.06
CA ASP K 232 39.14 -14.10 -37.63
C ASP K 232 40.35 -13.38 -37.06
N THR K 233 41.54 -13.64 -37.61
CA THR K 233 42.78 -13.19 -36.99
C THR K 233 42.76 -11.69 -36.76
N ALA K 234 42.43 -10.93 -37.81
CA ALA K 234 42.40 -9.48 -37.70
C ALA K 234 41.55 -9.04 -36.51
N CYS K 235 40.36 -9.63 -36.37
CA CYS K 235 39.48 -9.28 -35.26
C CYS K 235 40.21 -9.40 -33.93
N VAL K 236 40.89 -10.53 -33.72
CA VAL K 236 41.65 -10.71 -32.49
C VAL K 236 42.65 -9.58 -32.32
N MET K 237 43.43 -9.33 -33.37
CA MET K 237 44.35 -8.20 -33.36
C MET K 237 43.61 -6.92 -33.01
N ILE K 238 42.47 -6.69 -33.67
CA ILE K 238 41.68 -5.51 -33.38
C ILE K 238 41.36 -5.45 -31.91
N PHE K 239 40.87 -6.56 -31.36
CA PHE K 239 40.51 -6.59 -29.95
C PHE K 239 41.67 -6.10 -29.10
N THR K 240 42.87 -6.60 -29.40
CA THR K 240 44.02 -6.30 -28.56
C THR K 240 44.13 -4.81 -28.34
N VAL K 241 43.95 -4.01 -29.40
CA VAL K 241 44.26 -2.59 -29.28
C VAL K 241 43.40 -1.95 -28.20
N GLU K 242 42.09 -2.25 -28.19
CA GLU K 242 41.27 -1.58 -27.18
C GLU K 242 41.64 -2.10 -25.80
N TYR K 243 41.92 -3.40 -25.68
CA TYR K 243 42.34 -3.92 -24.40
C TYR K 243 43.69 -3.31 -24.03
N LEU K 244 44.55 -3.09 -25.02
CA LEU K 244 45.80 -2.38 -24.76
C LEU K 244 45.51 -0.99 -24.25
N LEU K 245 44.49 -0.33 -24.80
CA LEU K 245 44.08 0.97 -24.27
C LEU K 245 43.65 0.83 -22.82
N ARG K 246 42.94 -0.25 -22.49
CA ARG K 246 42.57 -0.51 -21.11
C ARG K 246 43.79 -0.72 -20.23
N LEU K 247 44.90 -1.17 -20.81
CA LEU K 247 46.16 -1.27 -20.09
C LEU K 247 46.93 0.04 -20.05
N ALA K 248 46.56 1.01 -20.88
CA ALA K 248 47.22 2.31 -20.91
C ALA K 248 46.49 3.31 -20.02
N ALA K 249 45.21 3.53 -20.28
CA ALA K 249 44.39 4.41 -19.44
C ALA K 249 43.76 3.63 -18.29
N ALA K 250 44.59 2.93 -17.53
CA ALA K 250 44.10 2.07 -16.46
C ALA K 250 44.17 2.83 -15.14
N PRO K 251 43.03 3.19 -14.53
CA PRO K 251 43.08 3.74 -13.17
C PRO K 251 43.69 2.79 -12.18
N SER K 252 43.50 1.48 -12.37
CA SER K 252 44.12 0.46 -11.55
C SER K 252 44.81 -0.55 -12.46
N ARG K 253 46.09 -0.82 -12.18
CA ARG K 253 46.84 -1.76 -13.00
C ARG K 253 46.43 -3.20 -12.75
N TYR K 254 46.10 -3.55 -11.50
CA TYR K 254 45.73 -4.92 -11.16
C TYR K 254 44.25 -5.07 -10.80
N ARG K 255 43.64 -4.09 -10.14
CA ARG K 255 42.23 -4.21 -9.78
C ARG K 255 41.34 -4.26 -11.02
N PHE K 256 41.75 -3.61 -12.11
CA PHE K 256 41.00 -3.71 -13.35
C PHE K 256 40.93 -5.15 -13.84
N VAL K 257 42.06 -5.87 -13.77
CA VAL K 257 42.05 -7.28 -14.14
C VAL K 257 41.18 -8.08 -13.18
N ARG K 258 41.14 -7.66 -11.91
CA ARG K 258 40.32 -8.35 -10.92
C ARG K 258 38.84 -8.35 -11.32
N SER K 259 38.42 -7.39 -12.15
CA SER K 259 37.03 -7.36 -12.60
C SER K 259 36.78 -8.46 -13.63
N VAL K 260 35.50 -8.67 -13.95
CA VAL K 260 35.09 -9.79 -14.78
C VAL K 260 35.12 -9.46 -16.27
N MET K 261 34.87 -8.20 -16.64
CA MET K 261 34.87 -7.85 -18.06
C MET K 261 36.23 -8.08 -18.69
N SER K 262 37.30 -7.71 -17.98
CA SER K 262 38.63 -8.03 -18.47
C SER K 262 38.86 -9.53 -18.56
N ILE K 263 38.23 -10.30 -17.67
CA ILE K 263 38.33 -11.76 -17.74
C ILE K 263 37.70 -12.26 -19.04
N ILE K 264 36.53 -11.72 -19.39
CA ILE K 264 35.89 -12.10 -20.65
C ILE K 264 36.78 -11.70 -21.83
N ASP K 265 37.37 -10.50 -21.77
CA ASP K 265 38.24 -10.06 -22.85
C ASP K 265 39.41 -11.01 -23.04
N VAL K 266 40.08 -11.38 -21.95
CA VAL K 266 41.26 -12.23 -22.07
C VAL K 266 40.87 -13.64 -22.47
N VAL K 267 39.71 -14.12 -22.03
CA VAL K 267 39.24 -15.43 -22.46
C VAL K 267 38.93 -15.42 -23.95
N ALA K 268 38.43 -14.30 -24.46
CA ALA K 268 38.24 -14.17 -25.90
C ALA K 268 39.57 -14.14 -26.64
N ILE K 269 40.56 -13.45 -26.10
CA ILE K 269 41.83 -13.27 -26.80
C ILE K 269 42.64 -14.57 -26.82
N LEU K 270 42.73 -15.25 -25.69
CA LEU K 270 43.73 -16.31 -25.55
C LEU K 270 43.62 -17.45 -26.57
N PRO K 271 42.44 -17.99 -26.92
CA PRO K 271 42.43 -19.22 -27.72
C PRO K 271 43.19 -19.10 -29.03
N TYR K 272 43.11 -17.96 -29.70
CA TYR K 272 43.85 -17.78 -30.94
C TYR K 272 45.35 -17.94 -30.70
N TYR K 273 45.87 -17.28 -29.67
CA TYR K 273 47.31 -17.32 -29.40
C TYR K 273 47.75 -18.70 -28.95
N ILE K 274 46.97 -19.35 -28.06
CA ILE K 274 47.37 -20.66 -27.60
C ILE K 274 47.30 -21.67 -28.74
N GLY K 275 46.33 -21.53 -29.65
CA GLY K 275 46.30 -22.40 -30.81
C GLY K 275 47.47 -22.17 -31.74
N LEU K 276 47.87 -20.91 -31.92
CA LEU K 276 49.06 -20.63 -32.73
C LEU K 276 50.29 -21.27 -32.11
N VAL K 277 50.45 -21.14 -30.79
CA VAL K 277 51.62 -21.71 -30.13
C VAL K 277 51.60 -23.23 -30.24
N MET K 278 50.43 -23.84 -30.03
CA MET K 278 50.31 -25.29 -30.18
C MET K 278 50.68 -25.73 -31.59
N THR K 279 50.06 -25.14 -32.60
CA THR K 279 50.34 -25.55 -33.97
C THR K 279 51.78 -25.25 -34.38
N ASP K 280 52.44 -24.32 -33.68
CA ASP K 280 53.87 -24.17 -33.86
C ASP K 280 54.67 -25.27 -33.16
N ASN K 281 54.11 -25.87 -32.11
CA ASN K 281 54.83 -26.91 -31.37
C ASN K 281 54.15 -28.27 -31.34
N GLU K 282 52.82 -28.36 -31.35
CA GLU K 282 52.13 -29.64 -31.18
C GLU K 282 50.96 -29.75 -32.14
N ASP K 283 50.44 -30.97 -32.25
CA ASP K 283 49.23 -31.29 -33.02
C ASP K 283 48.33 -32.21 -32.21
N VAL K 284 48.10 -31.84 -30.95
CA VAL K 284 47.35 -32.71 -30.04
C VAL K 284 45.93 -32.89 -30.56
N SER K 285 45.49 -34.15 -30.60
CA SER K 285 44.13 -34.46 -31.03
C SER K 285 43.15 -34.16 -29.91
N GLY K 286 42.03 -33.54 -30.27
CA GLY K 286 41.01 -33.18 -29.30
C GLY K 286 41.18 -31.81 -28.68
N ALA K 287 42.30 -31.14 -28.92
CA ALA K 287 42.50 -29.79 -28.40
C ALA K 287 42.09 -28.72 -29.40
N PHE K 288 42.27 -28.98 -30.70
CA PHE K 288 41.84 -28.01 -31.69
C PHE K 288 40.33 -27.83 -31.70
N VAL K 289 39.58 -28.92 -31.47
CA VAL K 289 38.13 -28.80 -31.37
C VAL K 289 37.75 -27.99 -30.13
N THR K 290 38.49 -28.16 -29.04
CA THR K 290 38.26 -27.32 -27.87
C THR K 290 38.52 -25.86 -28.18
N LEU K 291 39.55 -25.60 -28.99
CA LEU K 291 39.79 -24.23 -29.44
C LEU K 291 38.61 -23.69 -30.23
N ARG K 292 38.07 -24.51 -31.14
CA ARG K 292 36.91 -24.08 -31.91
C ARG K 292 35.73 -23.78 -30.98
N VAL K 293 35.53 -24.62 -29.96
CA VAL K 293 34.43 -24.41 -29.02
C VAL K 293 34.60 -23.09 -28.30
N PHE K 294 35.81 -22.81 -27.82
CA PHE K 294 36.07 -21.56 -27.13
C PHE K 294 36.15 -20.37 -28.07
N ARG K 295 36.12 -20.60 -29.38
CA ARG K 295 36.17 -19.54 -30.36
C ARG K 295 34.83 -18.80 -30.51
N VAL K 296 33.95 -18.87 -29.52
CA VAL K 296 32.63 -18.29 -29.64
C VAL K 296 32.33 -17.26 -28.55
N PHE K 297 33.13 -17.19 -27.49
CA PHE K 297 32.73 -16.35 -26.35
C PHE K 297 32.78 -14.86 -26.64
N ARG K 298 33.05 -14.38 -27.86
CA ARG K 298 32.81 -12.97 -28.15
C ARG K 298 31.34 -12.60 -28.00
N ILE K 299 30.44 -13.59 -28.03
CA ILE K 299 29.05 -13.32 -27.74
C ILE K 299 28.91 -12.65 -26.38
N PHE K 300 29.71 -13.11 -25.42
CA PHE K 300 29.75 -12.42 -24.13
C PHE K 300 30.49 -11.09 -24.24
N LYS K 301 31.42 -10.97 -25.18
CA LYS K 301 32.09 -9.69 -25.40
C LYS K 301 31.08 -8.63 -25.84
N PHE K 302 29.95 -9.06 -26.39
CA PHE K 302 28.85 -8.13 -26.68
C PHE K 302 28.28 -7.46 -25.44
N SER K 303 28.77 -7.78 -24.24
CA SER K 303 28.11 -7.33 -23.02
C SER K 303 28.08 -5.81 -22.92
N ARG K 304 29.16 -5.13 -23.30
CA ARG K 304 29.21 -3.69 -23.15
C ARG K 304 28.17 -3.00 -24.02
N HIS K 305 27.97 -3.50 -25.24
CA HIS K 305 26.96 -2.91 -26.11
C HIS K 305 25.57 -3.08 -25.56
N SER K 306 25.26 -4.26 -25.03
CA SER K 306 23.92 -4.55 -24.54
C SER K 306 23.75 -4.02 -23.12
N GLN K 307 22.87 -3.03 -22.95
CA GLN K 307 22.63 -2.49 -21.62
C GLN K 307 22.02 -3.54 -20.70
N GLY K 308 21.14 -4.38 -21.23
CA GLY K 308 20.45 -5.35 -20.40
C GLY K 308 21.30 -6.51 -19.95
N LEU K 309 22.45 -6.73 -20.61
CA LEU K 309 23.29 -7.87 -20.24
C LEU K 309 23.90 -7.68 -18.86
N ARG K 310 24.39 -6.47 -18.55
CA ARG K 310 24.88 -6.21 -17.21
C ARG K 310 23.76 -6.36 -16.19
N ILE K 311 22.55 -5.93 -16.55
CA ILE K 311 21.42 -6.07 -15.65
C ILE K 311 21.15 -7.54 -15.36
N LEU K 312 21.18 -8.38 -16.40
CA LEU K 312 20.97 -9.81 -16.21
C LEU K 312 22.07 -10.42 -15.35
N GLY K 313 23.32 -10.02 -15.59
CA GLY K 313 24.40 -10.55 -14.79
C GLY K 313 24.28 -10.19 -13.32
N TYR K 314 23.95 -8.93 -13.04
CA TYR K 314 23.73 -8.53 -11.65
C TYR K 314 22.53 -9.25 -11.06
N THR K 315 21.51 -9.54 -11.88
CA THR K 315 20.36 -10.28 -11.39
C THR K 315 20.76 -11.67 -10.94
N LEU K 316 21.53 -12.38 -11.78
CA LEU K 316 22.00 -13.70 -11.39
C LEU K 316 22.90 -13.64 -10.16
N LYS K 317 23.80 -12.65 -10.10
CA LYS K 317 24.71 -12.55 -8.97
C LYS K 317 23.95 -12.29 -7.68
N SER K 318 22.90 -11.46 -7.74
CA SER K 318 22.13 -11.14 -6.55
C SER K 318 21.42 -12.37 -6.00
N CYS K 319 20.79 -13.15 -6.87
CA CYS K 319 20.07 -14.35 -6.44
C CYS K 319 20.95 -15.60 -6.55
N ALA K 320 22.14 -15.54 -5.96
CA ALA K 320 23.03 -16.69 -6.00
C ALA K 320 22.50 -17.84 -5.17
N SER K 321 21.96 -17.53 -3.97
CA SER K 321 21.45 -18.58 -3.09
C SER K 321 20.27 -19.30 -3.72
N GLU K 322 19.38 -18.57 -4.38
CA GLU K 322 18.22 -19.19 -5.02
C GLU K 322 18.65 -20.14 -6.13
N LEU K 323 19.62 -19.73 -6.94
CA LEU K 323 20.11 -20.61 -8.01
C LEU K 323 20.83 -21.82 -7.42
N GLY K 324 21.56 -21.63 -6.33
CA GLY K 324 22.18 -22.77 -5.68
C GLY K 324 21.16 -23.77 -5.17
N PHE K 325 20.08 -23.27 -4.56
CA PHE K 325 19.02 -24.17 -4.13
C PHE K 325 18.35 -24.84 -5.32
N LEU K 326 18.18 -24.11 -6.42
CA LEU K 326 17.69 -24.72 -7.66
C LEU K 326 18.54 -25.92 -8.04
N LEU K 327 19.87 -25.72 -8.09
CA LEU K 327 20.75 -26.80 -8.50
C LEU K 327 20.68 -27.97 -7.53
N PHE K 328 20.66 -27.68 -6.24
CA PHE K 328 20.61 -28.76 -5.26
C PHE K 328 19.31 -29.55 -5.37
N SER K 329 18.18 -28.85 -5.50
CA SER K 329 16.90 -29.55 -5.59
C SER K 329 16.80 -30.33 -6.89
N LEU K 330 17.37 -29.81 -7.97
CA LEU K 330 17.37 -30.55 -9.23
C LEU K 330 18.17 -31.83 -9.09
N THR K 331 19.35 -31.76 -8.47
CA THR K 331 20.13 -32.98 -8.25
C THR K 331 19.38 -33.94 -7.35
N MET K 332 18.75 -33.42 -6.29
CA MET K 332 17.89 -34.21 -5.42
C MET K 332 16.88 -35.02 -6.22
N ALA K 333 16.05 -34.32 -7.00
CA ALA K 333 14.98 -34.97 -7.73
C ALA K 333 15.52 -35.91 -8.79
N ILE K 334 16.59 -35.51 -9.49
CA ILE K 334 17.17 -36.36 -10.51
C ILE K 334 17.63 -37.68 -9.90
N ILE K 335 18.35 -37.60 -8.78
CA ILE K 335 18.83 -38.81 -8.13
C ILE K 335 17.66 -39.70 -7.77
N ILE K 336 16.67 -39.15 -7.07
CA ILE K 336 15.58 -39.99 -6.58
C ILE K 336 14.86 -40.65 -7.74
N PHE K 337 14.45 -39.85 -8.72
CA PHE K 337 13.59 -40.39 -9.76
C PHE K 337 14.35 -41.28 -10.73
N ALA K 338 15.61 -40.97 -11.02
CA ALA K 338 16.41 -41.87 -11.85
C ALA K 338 16.60 -43.21 -11.17
N THR K 339 16.86 -43.22 -9.87
CA THR K 339 16.97 -44.49 -9.16
C THR K 339 15.66 -45.27 -9.24
N VAL K 340 14.53 -44.58 -9.03
CA VAL K 340 13.25 -45.26 -9.08
C VAL K 340 13.01 -45.85 -10.47
N MET K 341 13.31 -45.07 -11.51
CA MET K 341 13.14 -45.56 -12.87
C MET K 341 14.00 -46.79 -13.13
N PHE K 342 15.28 -46.73 -12.78
CA PHE K 342 16.14 -47.87 -13.09
C PHE K 342 15.67 -49.11 -12.35
N TYR K 343 15.30 -48.96 -11.08
CA TYR K 343 14.89 -50.14 -10.33
C TYR K 343 13.49 -50.61 -10.68
N ALA K 344 12.70 -49.80 -11.38
CA ALA K 344 11.36 -50.21 -11.78
C ALA K 344 11.23 -50.50 -13.27
N GLU K 345 12.30 -50.36 -14.06
CA GLU K 345 12.20 -50.58 -15.49
C GLU K 345 13.39 -51.32 -16.08
N LYS K 346 14.35 -51.76 -15.27
CA LYS K 346 15.46 -52.54 -15.80
C LYS K 346 15.04 -53.94 -16.23
N GLY K 347 13.87 -54.40 -15.81
CA GLY K 347 13.43 -55.74 -16.13
C GLY K 347 12.41 -55.78 -17.27
N SER K 348 12.64 -54.98 -18.30
CA SER K 348 11.77 -54.97 -19.47
C SER K 348 12.48 -55.63 -20.65
N SER K 349 11.71 -55.84 -21.72
CA SER K 349 12.26 -56.51 -22.90
C SER K 349 13.38 -55.67 -23.53
N ALA K 350 13.03 -54.50 -24.06
CA ALA K 350 14.06 -53.62 -24.59
C ALA K 350 14.89 -53.00 -23.47
N SER K 351 14.20 -52.48 -22.44
CA SER K 351 14.81 -51.97 -21.23
C SER K 351 16.02 -51.07 -21.53
N LYS K 352 15.75 -49.97 -22.22
CA LYS K 352 16.80 -49.02 -22.53
C LYS K 352 17.34 -48.34 -21.27
N PHE K 353 16.65 -48.48 -20.14
CA PHE K 353 17.13 -47.96 -18.86
C PHE K 353 18.25 -48.88 -18.36
N THR K 354 19.39 -48.82 -19.04
CA THR K 354 20.48 -49.74 -18.77
C THR K 354 21.25 -49.40 -17.51
N SER K 355 21.17 -48.15 -17.04
CA SER K 355 21.93 -47.75 -15.87
C SER K 355 21.38 -46.43 -15.36
N ILE K 356 21.55 -46.20 -14.06
CA ILE K 356 21.13 -44.93 -13.46
C ILE K 356 21.78 -43.74 -14.16
N PRO K 357 23.06 -43.77 -14.55
CA PRO K 357 23.58 -42.67 -15.38
C PRO K 357 22.87 -42.52 -16.71
N ALA K 358 22.17 -43.54 -17.19
CA ALA K 358 21.33 -43.38 -18.37
C ALA K 358 19.94 -42.90 -18.02
N ALA K 359 19.38 -43.32 -16.88
CA ALA K 359 18.10 -42.78 -16.44
C ALA K 359 18.21 -41.32 -16.03
N PHE K 360 19.41 -40.82 -15.80
CA PHE K 360 19.58 -39.38 -15.59
C PHE K 360 19.00 -38.59 -16.74
N TRP K 361 19.28 -39.01 -17.98
CA TRP K 361 18.79 -38.26 -19.12
C TRP K 361 17.28 -38.30 -19.19
N TYR K 362 16.67 -39.45 -18.94
CA TYR K 362 15.22 -39.52 -18.99
C TYR K 362 14.60 -38.64 -17.92
N THR K 363 15.11 -38.69 -16.71
CA THR K 363 14.49 -37.89 -15.67
C THR K 363 14.78 -36.42 -15.84
N ILE K 364 15.85 -36.06 -16.55
CA ILE K 364 16.10 -34.64 -16.75
C ILE K 364 15.32 -34.11 -17.94
N VAL K 365 14.93 -34.99 -18.88
CA VAL K 365 14.06 -34.54 -19.95
C VAL K 365 12.59 -34.64 -19.58
N THR K 366 12.25 -35.29 -18.46
CA THR K 366 10.88 -35.22 -17.97
C THR K 366 10.72 -34.28 -16.78
N MET K 367 11.80 -33.91 -16.10
CA MET K 367 11.74 -32.85 -15.10
C MET K 367 11.55 -31.49 -15.76
N THR K 368 12.07 -31.32 -16.97
CA THR K 368 11.99 -30.06 -17.69
C THR K 368 10.74 -29.96 -18.54
N THR K 369 9.88 -30.98 -18.50
CA THR K 369 8.71 -31.06 -19.38
C THR K 369 9.12 -30.88 -20.84
N LEU K 370 10.19 -31.57 -21.21
CA LEU K 370 10.73 -31.47 -22.56
C LEU K 370 10.17 -32.56 -23.46
N GLY K 371 10.52 -33.82 -23.17
CA GLY K 371 9.94 -34.93 -23.88
C GLY K 371 10.62 -35.20 -25.20
N TYR K 372 11.21 -36.38 -25.37
CA TYR K 372 11.83 -36.75 -26.63
C TYR K 372 11.28 -38.05 -27.17
N GLY K 373 10.92 -38.97 -26.28
CA GLY K 373 10.40 -40.24 -26.69
C GLY K 373 11.44 -41.23 -27.15
N ASP K 374 12.73 -40.88 -27.08
CA ASP K 374 13.77 -41.85 -27.39
C ASP K 374 13.72 -43.03 -26.42
N MET K 375 13.49 -42.74 -25.14
CA MET K 375 13.28 -43.76 -24.13
C MET K 375 12.14 -43.33 -23.23
N VAL K 376 11.12 -44.17 -23.14
CA VAL K 376 9.95 -43.92 -22.30
C VAL K 376 9.70 -45.19 -21.50
N PRO K 377 9.08 -45.12 -20.33
CA PRO K 377 8.77 -46.34 -19.60
C PRO K 377 7.73 -47.18 -20.32
N LYS K 378 7.80 -48.49 -20.11
CA LYS K 378 6.85 -49.42 -20.71
C LYS K 378 6.12 -50.28 -19.69
N THR K 379 6.34 -50.07 -18.39
CA THR K 379 5.68 -50.86 -17.37
C THR K 379 4.79 -49.96 -16.53
N ILE K 380 3.73 -50.55 -15.97
CA ILE K 380 2.81 -49.81 -15.13
C ILE K 380 3.56 -49.18 -13.96
N ALA K 381 4.59 -49.87 -13.47
CA ALA K 381 5.43 -49.30 -12.43
C ALA K 381 6.28 -48.13 -12.92
N GLY K 382 6.35 -47.91 -14.23
CA GLY K 382 7.17 -46.83 -14.76
C GLY K 382 6.39 -45.55 -15.04
N LYS K 383 5.20 -45.69 -15.62
CA LYS K 383 4.43 -44.50 -16.00
C LYS K 383 4.06 -43.68 -14.78
N ILE K 384 3.76 -44.33 -13.64
CA ILE K 384 3.33 -43.61 -12.47
C ILE K 384 4.41 -42.63 -12.02
N PHE K 385 5.63 -43.14 -11.85
CA PHE K 385 6.71 -42.27 -11.42
C PHE K 385 7.15 -41.32 -12.51
N GLY K 386 6.95 -41.67 -13.78
CA GLY K 386 7.24 -40.71 -14.84
C GLY K 386 6.35 -39.49 -14.76
N SER K 387 5.04 -39.72 -14.59
CA SER K 387 4.12 -38.60 -14.45
C SER K 387 4.39 -37.79 -13.19
N ILE K 388 4.65 -38.49 -12.07
CA ILE K 388 4.96 -37.78 -10.83
C ILE K 388 6.23 -36.95 -11.00
N CYS K 389 7.21 -37.48 -11.73
CA CYS K 389 8.44 -36.75 -11.99
C CYS K 389 8.17 -35.51 -12.81
N SER K 390 7.27 -35.62 -13.81
CA SER K 390 6.94 -34.44 -14.61
C SER K 390 6.31 -33.35 -13.74
N LEU K 391 5.38 -33.73 -12.87
CA LEU K 391 4.75 -32.75 -11.99
C LEU K 391 5.78 -32.11 -11.06
N SER K 392 6.62 -32.94 -10.45
CA SER K 392 7.64 -32.41 -9.55
C SER K 392 8.61 -31.51 -10.31
N GLY K 393 8.85 -31.81 -11.59
CA GLY K 393 9.69 -30.94 -12.39
C GLY K 393 9.07 -29.58 -12.61
N VAL K 394 7.77 -29.56 -12.91
CA VAL K 394 7.07 -28.28 -13.00
C VAL K 394 7.28 -27.49 -11.72
N LEU K 395 7.05 -28.14 -10.57
CA LEU K 395 7.17 -27.44 -9.29
C LEU K 395 8.57 -26.92 -9.07
N VAL K 396 9.57 -27.79 -9.20
CA VAL K 396 10.93 -27.43 -8.84
C VAL K 396 11.47 -26.34 -9.75
N ILE K 397 11.25 -26.48 -11.06
CA ILE K 397 11.75 -25.44 -11.96
C ILE K 397 11.00 -24.14 -11.76
N ALA K 398 9.71 -24.20 -11.43
CA ALA K 398 8.96 -22.97 -11.23
C ALA K 398 9.25 -22.30 -9.90
N LEU K 399 9.91 -22.99 -8.97
CA LEU K 399 10.21 -22.36 -7.68
C LEU K 399 11.06 -21.10 -7.79
N PRO K 400 12.20 -21.07 -8.51
CA PRO K 400 13.07 -19.90 -8.43
C PRO K 400 12.84 -18.82 -9.49
N VAL K 401 12.04 -19.15 -10.52
CA VAL K 401 11.81 -18.18 -11.59
C VAL K 401 11.12 -16.91 -11.12
N PRO K 402 10.11 -16.94 -10.24
CA PRO K 402 9.56 -15.66 -9.78
C PRO K 402 10.59 -14.81 -9.08
N VAL K 403 11.47 -15.43 -8.29
CA VAL K 403 12.52 -14.68 -7.62
C VAL K 403 13.45 -14.04 -8.64
N ILE K 404 13.88 -14.82 -9.63
CA ILE K 404 14.82 -14.31 -10.63
C ILE K 404 14.20 -13.15 -11.39
N VAL K 405 12.95 -13.31 -11.82
CA VAL K 405 12.34 -12.27 -12.63
C VAL K 405 12.04 -11.03 -11.80
N SER K 406 11.65 -11.22 -10.53
CA SER K 406 11.44 -10.07 -9.66
C SER K 406 12.72 -9.29 -9.47
N ASN K 407 13.84 -9.99 -9.26
CA ASN K 407 15.11 -9.30 -9.12
C ASN K 407 15.47 -8.56 -10.40
N PHE K 408 15.23 -9.17 -11.56
CA PHE K 408 15.56 -8.50 -12.82
C PHE K 408 14.72 -7.24 -13.00
N SER K 409 13.42 -7.32 -12.74
CA SER K 409 12.57 -6.15 -12.86
C SER K 409 13.01 -5.06 -11.90
N ARG K 410 13.35 -5.45 -10.67
CA ARG K 410 13.82 -4.47 -9.70
C ARG K 410 15.09 -3.78 -10.17
N ILE K 411 16.04 -4.53 -10.72
CA ILE K 411 17.28 -3.94 -11.16
C ILE K 411 17.05 -2.99 -12.34
N TYR K 412 16.17 -3.38 -13.26
CA TYR K 412 15.85 -2.48 -14.37
C TYR K 412 15.22 -1.18 -13.84
N HIS K 413 14.34 -1.30 -12.86
CA HIS K 413 13.75 -0.11 -12.25
C HIS K 413 14.82 0.77 -11.60
N GLN K 414 15.77 0.15 -10.91
CA GLN K 414 16.83 0.94 -10.29
C GLN K 414 17.62 1.70 -11.35
N ASN K 415 17.94 1.05 -12.46
CA ASN K 415 18.68 1.73 -13.51
C ASN K 415 17.90 2.93 -14.05
N GLN K 416 16.62 2.72 -14.39
CA GLN K 416 15.86 3.82 -14.97
C GLN K 416 15.68 4.97 -13.99
N ARG K 417 15.42 4.66 -12.72
CA ARG K 417 15.26 5.73 -11.74
C ARG K 417 16.59 6.43 -11.48
N ALA K 418 17.71 5.72 -11.57
CA ALA K 418 19.00 6.38 -11.44
C ALA K 418 19.24 7.35 -12.57
N ASP K 419 18.84 7.00 -13.79
CA ASP K 419 18.98 7.93 -14.91
C ASP K 419 18.14 9.18 -14.69
N LYS K 420 16.87 8.99 -14.29
CA LYS K 420 16.01 10.13 -14.01
C LYS K 420 16.58 10.99 -12.89
N ARG K 421 17.11 10.35 -11.85
CA ARG K 421 17.74 11.06 -10.75
C ARG K 421 18.95 11.86 -11.20
N ARG K 422 19.77 11.31 -12.09
CA ARG K 422 20.92 12.07 -12.58
C ARG K 422 20.47 13.30 -13.34
N ALA K 423 19.41 13.17 -14.15
CA ALA K 423 18.85 14.35 -14.81
C ALA K 423 18.38 15.37 -13.79
N GLN K 424 17.71 14.90 -12.74
CA GLN K 424 17.25 15.80 -11.68
C GLN K 424 18.41 16.50 -11.00
N LYS K 425 19.50 15.79 -10.75
CA LYS K 425 20.68 16.39 -10.12
C LYS K 425 21.29 17.45 -11.03
N LYS K 426 21.34 17.19 -12.33
CA LYS K 426 21.81 18.23 -13.25
C LYS K 426 20.93 19.47 -13.18
N ALA K 427 19.62 19.27 -13.13
CA ALA K 427 18.71 20.40 -13.00
C ALA K 427 18.97 21.17 -11.70
N ARG K 428 19.20 20.45 -10.60
CA ARG K 428 19.41 21.10 -9.32
C ARG K 428 20.69 21.92 -9.29
N LEU K 429 21.78 21.36 -9.83
CA LEU K 429 23.03 22.12 -9.88
C LEU K 429 22.89 23.34 -10.78
N ALA K 430 22.15 23.21 -11.88
CA ALA K 430 21.87 24.37 -12.71
C ALA K 430 21.10 25.43 -11.92
N ARG K 431 20.14 25.00 -11.11
CA ARG K 431 19.37 25.96 -10.30
C ARG K 431 20.25 26.66 -9.28
N ILE K 432 21.19 25.94 -8.66
CA ILE K 432 22.10 26.56 -7.71
C ILE K 432 22.98 27.59 -8.40
N ARG K 433 23.52 27.25 -9.57
CA ARG K 433 24.30 28.22 -10.33
C ARG K 433 23.47 29.44 -10.68
N ALA K 434 22.21 29.24 -11.07
CA ALA K 434 21.33 30.36 -11.37
C ALA K 434 21.10 31.23 -10.14
N ALA K 435 20.95 30.61 -8.97
CA ALA K 435 20.73 31.37 -7.75
C ALA K 435 21.94 32.23 -7.41
N LYS K 436 23.14 31.68 -7.55
CA LYS K 436 24.34 32.50 -7.32
C LYS K 436 24.42 33.64 -8.32
N SER K 437 24.10 33.36 -9.59
CA SER K 437 24.11 34.42 -10.60
C SER K 437 23.12 35.52 -10.25
N GLY K 438 21.94 35.13 -9.75
CA GLY K 438 20.95 36.11 -9.37
C GLY K 438 21.39 36.97 -8.20
N SER K 439 22.01 36.35 -7.19
CA SER K 439 22.53 37.14 -6.07
C SER K 439 23.63 38.10 -6.53
N ALA K 440 24.51 37.64 -7.42
CA ALA K 440 25.55 38.51 -7.95
C ALA K 440 24.95 39.69 -8.72
N ASN K 441 23.93 39.42 -9.53
CA ASN K 441 23.29 40.50 -10.28
C ASN K 441 22.56 41.47 -9.36
N ALA K 442 21.98 40.95 -8.27
CA ALA K 442 21.35 41.84 -7.30
C ALA K 442 22.39 42.76 -6.65
N TYR K 443 23.56 42.21 -6.32
CA TYR K 443 24.63 43.05 -5.78
C TYR K 443 25.08 44.08 -6.82
N MET K 444 25.13 43.68 -8.10
CA MET K 444 25.48 44.63 -9.15
C MET K 444 24.48 45.77 -9.21
N GLN K 445 23.18 45.44 -9.13
CA GLN K 445 22.14 46.47 -9.14
C GLN K 445 22.28 47.39 -7.93
N SER K 446 22.56 46.82 -6.76
CA SER K 446 22.77 47.65 -5.57
C SER K 446 23.97 48.57 -5.75
N LYS K 447 25.03 48.07 -6.40
CA LYS K 447 26.17 48.92 -6.70
C LYS K 447 25.79 50.05 -7.64
N ARG K 448 24.93 49.77 -8.63
CA ARG K 448 24.47 50.81 -9.53
C ARG K 448 23.68 51.87 -8.77
N SER K 449 22.81 51.45 -7.86
CA SER K 449 21.99 52.38 -7.08
C SER K 449 21.64 51.81 -5.72
N SER K 471 15.18 44.59 1.50
CA SER K 471 15.15 43.70 2.65
C SER K 471 16.20 44.11 3.67
N SER K 472 15.92 43.85 4.95
CA SER K 472 16.85 44.22 6.01
C SER K 472 18.17 43.47 5.87
N PHE K 473 18.11 42.16 5.56
CA PHE K 473 19.32 41.35 5.48
C PHE K 473 20.25 41.85 4.39
N GLU K 474 19.71 42.17 3.22
CA GLU K 474 20.56 42.54 2.09
C GLU K 474 21.41 43.76 2.40
N THR K 475 20.95 44.62 3.32
CA THR K 475 21.75 45.79 3.68
C THR K 475 23.08 45.37 4.28
N GLN K 476 23.06 44.53 5.31
CA GLN K 476 24.31 44.11 5.92
C GLN K 476 25.08 43.15 5.03
N HIS K 477 24.38 42.36 4.21
CA HIS K 477 25.09 41.48 3.29
C HIS K 477 25.91 42.30 2.29
N HIS K 478 25.28 43.31 1.70
CA HIS K 478 26.00 44.19 0.78
C HIS K 478 27.05 45.01 1.51
N HIS K 479 26.83 45.32 2.79
CA HIS K 479 27.86 46.01 3.57
C HIS K 479 29.10 45.14 3.72
N LEU K 480 28.91 43.86 4.05
CA LEU K 480 30.06 42.96 4.15
C LEU K 480 30.74 42.78 2.80
N LEU K 481 29.95 42.76 1.72
CA LEU K 481 30.53 42.68 0.40
C LEU K 481 31.35 43.93 0.07
N HIS K 482 30.87 45.10 0.47
CA HIS K 482 31.64 46.33 0.32
C HIS K 482 32.92 46.28 1.15
N CYS K 483 32.84 45.71 2.35
CA CYS K 483 34.03 45.56 3.19
C CYS K 483 35.06 44.68 2.49
N LEU K 484 34.63 43.58 1.90
CA LEU K 484 35.52 42.74 1.11
C LEU K 484 36.07 43.50 -0.09
N GLU K 485 35.24 44.34 -0.70
CA GLU K 485 35.69 45.16 -1.83
C GLU K 485 36.80 46.10 -1.42
N LYS K 486 36.66 46.76 -0.27
CA LYS K 486 37.63 47.76 0.15
C LYS K 486 38.90 47.11 0.70
N THR K 487 38.78 45.99 1.40
CA THR K 487 39.96 45.35 1.95
C THR K 487 40.89 44.84 0.85
N THR K 488 40.41 44.72 -0.38
CA THR K 488 41.23 44.35 -1.52
C THR K 488 41.25 45.43 -2.59
N ASN K 489 40.59 46.56 -2.36
CA ASN K 489 40.49 47.69 -3.29
C ASN K 489 40.27 47.25 -4.73
N HIS K 490 39.41 46.25 -4.94
CA HIS K 490 39.01 45.81 -6.26
C HIS K 490 37.49 45.74 -6.31
N GLU K 491 36.90 46.45 -7.26
CA GLU K 491 35.45 46.52 -7.37
C GLU K 491 34.92 45.42 -8.29
N PHE K 492 33.62 45.22 -8.22
CA PHE K 492 32.95 44.12 -8.92
C PHE K 492 32.18 44.65 -10.12
N VAL K 493 32.34 43.99 -11.25
CA VAL K 493 31.63 44.34 -12.47
C VAL K 493 30.67 43.22 -12.83
N ASP K 494 29.85 43.46 -13.85
CA ASP K 494 28.86 42.48 -14.28
C ASP K 494 29.53 41.26 -14.90
N ALA L 1 25.93 13.01 -34.90
CA ALA L 1 25.24 11.75 -35.05
C ALA L 1 25.55 11.12 -36.40
N LYS L 2 25.04 11.74 -37.47
CA LYS L 2 25.25 11.19 -38.81
C LYS L 2 26.71 11.29 -39.24
N GLY L 3 27.44 12.30 -38.75
CA GLY L 3 28.86 12.34 -39.02
C GLY L 3 29.59 11.13 -38.46
N ILE L 4 29.17 10.66 -37.30
CA ILE L 4 29.71 9.42 -36.75
C ILE L 4 29.38 8.24 -37.65
N ALA L 5 28.18 8.25 -38.25
CA ALA L 5 27.82 7.20 -39.20
C ALA L 5 28.73 7.23 -40.42
N ILE L 6 29.07 8.42 -40.89
CA ILE L 6 30.02 8.54 -42.00
C ILE L 6 31.39 8.03 -41.57
N ALA L 7 31.77 8.27 -40.32
CA ALA L 7 33.02 7.73 -39.80
C ALA L 7 33.00 6.20 -39.81
N LEU L 8 31.87 5.61 -39.42
CA LEU L 8 31.70 4.17 -39.58
C LEU L 8 31.87 3.74 -41.03
N LEU L 9 31.26 4.48 -41.95
CA LEU L 9 31.40 4.11 -43.35
C LEU L 9 32.86 4.10 -43.77
N VAL L 10 33.62 5.12 -43.33
CA VAL L 10 35.03 5.21 -43.68
C VAL L 10 35.82 4.03 -43.11
N ILE L 11 35.66 3.76 -41.81
CA ILE L 11 36.46 2.71 -41.20
C ILE L 11 36.08 1.35 -41.75
N LEU L 12 34.79 1.12 -42.00
CA LEU L 12 34.35 -0.15 -42.57
C LEU L 12 34.86 -0.34 -43.99
N VAL L 13 34.84 0.71 -44.82
CA VAL L 13 35.37 0.54 -46.17
C VAL L 13 36.88 0.31 -46.12
N ILE L 14 37.58 0.94 -45.18
CA ILE L 14 39.02 0.73 -45.06
C ILE L 14 39.32 -0.71 -44.68
N CYS L 15 38.62 -1.22 -43.65
CA CYS L 15 38.89 -2.59 -43.22
C CYS L 15 38.47 -3.60 -44.28
N SER L 16 37.37 -3.32 -44.98
CA SER L 16 36.96 -4.19 -46.08
C SER L 16 38.01 -4.23 -47.17
N LEU L 17 38.58 -3.07 -47.52
CA LEU L 17 39.61 -3.04 -48.54
C LEU L 17 40.84 -3.82 -48.09
N ILE L 18 41.25 -3.66 -46.83
CA ILE L 18 42.47 -4.34 -46.39
C ILE L 18 42.26 -5.85 -46.32
N VAL L 19 41.08 -6.29 -45.84
CA VAL L 19 40.84 -7.72 -45.78
C VAL L 19 40.65 -8.29 -47.19
N THR L 20 40.10 -7.50 -48.11
CA THR L 20 40.03 -7.94 -49.50
C THR L 20 41.42 -8.12 -50.08
N SER L 21 42.33 -7.20 -49.76
CA SER L 21 43.72 -7.37 -50.20
C SER L 21 44.33 -8.64 -49.61
N VAL L 22 44.06 -8.89 -48.32
CA VAL L 22 44.63 -10.06 -47.66
C VAL L 22 44.11 -11.35 -48.31
N ILE L 23 42.79 -11.41 -48.55
CA ILE L 23 42.23 -12.61 -49.16
C ILE L 23 42.67 -12.75 -50.61
N LEU L 24 42.94 -11.63 -51.29
CA LEU L 24 43.35 -11.70 -52.69
C LEU L 24 44.80 -12.10 -52.85
N LEU L 25 45.66 -11.77 -51.89
CA LEU L 25 47.08 -12.11 -52.02
C LEU L 25 47.38 -13.58 -51.71
N THR L 26 46.64 -14.19 -50.78
CA THR L 26 46.97 -15.55 -50.36
C THR L 26 46.83 -16.62 -51.45
N PRO L 27 45.75 -16.65 -52.31
CA PRO L 27 45.54 -17.82 -53.19
C PRO L 27 46.39 -17.78 -54.45
N ALA L 28 47.69 -17.56 -54.28
CA ALA L 28 48.61 -17.50 -55.41
C ALA L 28 49.14 -18.90 -55.74
#